data_6UDA
#
_entry.id   6UDA
#
loop_
_entity.id
_entity.type
_entity.pdbx_description
1 polymer 'CH505.N279K.G458Y.SOSIP.664 gp120'
2 polymer 'CH235 UCA heavy chain Fab'
3 polymer 'CH505.N279K.G458Y.SOSIP.664 gp41'
4 polymer 'CH235 UCA light chain Fab'
5 branched alpha-D-mannopyranose-(1-3)-beta-D-mannopyranose-(1-4)-2-acetamido-2-deoxy-beta-D-glucopyranose-(1-4)-2-acetamido-2-deoxy-beta-D-glucopyranose
6 non-polymer 2-acetamido-2-deoxy-beta-D-glucopyranose
#
loop_
_entity_poly.entity_id
_entity_poly.type
_entity_poly.pdbx_seq_one_letter_code
_entity_poly.pdbx_strand_id
1 'polypeptide(L)'
;MPMGSLQPLATLYLLGMLVASVLAAENLWVTVYYGVPVWKEAKTTLFCASDAKAYEKEVHNVWATHACVPTDPNPQEMVL
KNVTENFNMWKNDMVDQMHEDVISLWDQSLKPCVKLTPLCVTLNCTNATASNSSIIEGMKNCSFNITTELRDKREKKNAL
FYKLDIVQLDGNSSQYRLINCNTSVITQACPKVSFDPIPIHYCAPAGYAILKCNNKTFTGTGPCNNVSTVQCTHGIKPVV
STQLLLNGSLAEGEIIIRSENITKNVKTIIVHLNESVKIECTRPNNKTRTSIRIGPGQAFYATGQVIGDIREAYCNINES
KWNETLQRVSKKLKEYFPHKNITFQPSSGGDLEITTHSFNCGGEFFYCNTSSLFNRTYMANSTDMANSTETNSTRTITIH
CRIKQIINMWQEVGRAMYAPPIAGNITCISNITGLLLTRDYGKNNTETFRPGGGNMKDNWRSELYKYKVVKIEPLGVAPT
RCKRRVV
;
A,E,I
2 'polypeptide(L)'
;METDTLLLWVLLLWVPGSTGDQVQLVQSGAEVKKPGASVKVSCKASGYTFTSYYMHWVRQAPGQGLEWMGIINPSGGSTS
YAQKFQGRVTMTRDTSTSTVYMELSSLRSEDTAVYYCARDVGTEGSLLHFDYWGQGTLVTVSSASTKGPSVFPLAPSSKS
TSGGTAALGCLVKDYFPEPVTVSWNSGALTSGVHTFPAVLQSSGLYSLSSVVTVPSSSLGTQTYICNVNHKPSNTKVDKR
VEPKSCDKT
;
C,G,K
3 'polypeptide(L)'
;GRRRRRRAVGIGAVFLGFLGAAGSTMGAASMTLTVQARNLLSGIVQQQSNLLRAPEAQQHLLKLTVWGIKQLQARVLAVE
RYLRDQQLLGIWGCSGKLICCTNVPWNSSWSNRNLSEIWDNMTWLQWDKEISNYTQIIYGLLEESQNQQEKNEQDLLALD
;
Z,F,J
4 'polypeptide(L)'
;METDTLLLWVLLLWVPGSTGDEIVMTQSPATLSVSPGERATLSCRASQSVSSNLAWYQQKPGQAPRLLIYGASTRATGIP
ARFSGSGSGTEFTLTISSLQSEDFAVYYCQQYNNWWTFGQGTKVEIKRTVAAPSVFIFPPSDEQLKSGTASVVCLLNNFY
PREAKVQWKVDNALQSGNSQESVTEQDSKDSTYSLSSTLTLSKADYEKHKVYACEVTHQGLSSPVTKSFNRGEC
;
D,H,L
#
# COMPACT_ATOMS: atom_id res chain seq x y z
N GLU A 26 -19.89 -17.05 59.24
CA GLU A 26 -21.05 -16.16 59.21
C GLU A 26 -20.63 -14.72 58.92
N ASN A 27 -21.61 -13.81 58.86
CA ASN A 27 -21.33 -12.40 58.66
C ASN A 27 -20.42 -12.14 57.48
N LEU A 28 -20.72 -12.81 56.36
CA LEU A 28 -19.90 -12.67 55.16
C LEU A 28 -20.24 -11.43 54.37
N TRP A 29 -19.19 -10.87 53.79
CA TRP A 29 -19.21 -9.67 52.97
C TRP A 29 -18.52 -9.94 51.66
N VAL A 30 -18.82 -9.14 50.66
CA VAL A 30 -18.18 -9.26 49.36
C VAL A 30 -16.75 -8.73 49.38
N THR A 31 -15.84 -9.51 48.83
CA THR A 31 -14.47 -9.05 48.66
C THR A 31 -14.12 -9.26 47.21
N VAL A 32 -13.27 -8.40 46.70
CA VAL A 32 -12.89 -8.48 45.32
C VAL A 32 -11.42 -8.77 45.16
N TYR A 33 -11.12 -9.67 44.24
CA TYR A 33 -9.73 -10.02 43.96
C TYR A 33 -9.35 -9.74 42.54
N TYR A 34 -8.11 -9.29 42.35
CA TYR A 34 -7.59 -9.10 41.02
C TYR A 34 -6.32 -9.89 40.81
N GLY A 35 -6.29 -10.72 39.77
CA GLY A 35 -5.16 -11.59 39.47
C GLY A 35 -5.52 -13.07 39.64
N VAL A 36 -6.80 -13.38 39.51
CA VAL A 36 -7.33 -14.73 39.64
C VAL A 36 -6.98 -15.58 38.40
N PRO A 37 -6.43 -16.80 38.54
CA PRO A 37 -6.03 -17.70 37.45
C PRO A 37 -7.21 -18.40 36.81
N VAL A 38 -8.04 -17.64 36.13
CA VAL A 38 -9.21 -18.16 35.47
C VAL A 38 -9.21 -17.79 34.00
N TRP A 39 -9.66 -18.70 33.15
CA TRP A 39 -9.64 -18.45 31.71
C TRP A 39 -10.83 -19.02 30.96
N LYS A 40 -11.03 -18.47 29.76
CA LYS A 40 -12.09 -18.88 28.84
C LYS A 40 -11.57 -19.11 27.42
N GLU A 41 -12.26 -19.94 26.64
CA GLU A 41 -11.83 -20.09 25.25
C GLU A 41 -12.08 -18.83 24.48
N ALA A 42 -11.16 -18.49 23.56
CA ALA A 42 -11.43 -17.29 22.79
C ALA A 42 -10.73 -17.28 21.45
N LYS A 43 -11.31 -16.55 20.53
CA LYS A 43 -10.73 -16.33 19.22
C LYS A 43 -9.85 -15.11 19.26
N THR A 44 -8.64 -15.20 18.76
CA THR A 44 -7.76 -14.06 18.75
C THR A 44 -6.76 -14.12 17.60
N THR A 45 -5.81 -13.21 17.62
CA THR A 45 -4.77 -13.16 16.61
C THR A 45 -3.47 -13.61 17.21
N LEU A 46 -2.83 -14.58 16.61
CA LEU A 46 -1.55 -15.06 17.08
C LEU A 46 -0.47 -14.49 16.22
N PHE A 47 0.71 -14.32 16.79
CA PHE A 47 1.80 -13.80 16.01
C PHE A 47 2.92 -14.77 15.87
N CYS A 48 3.60 -14.66 14.76
CA CYS A 48 4.75 -15.49 14.49
C CYS A 48 5.92 -15.08 15.35
N ALA A 49 6.83 -16.01 15.50
CA ALA A 49 8.11 -15.84 16.17
C ALA A 49 9.10 -16.67 15.37
N SER A 50 10.40 -16.35 15.39
CA SER A 50 11.31 -17.16 14.57
C SER A 50 12.60 -17.61 15.22
N ASP A 51 13.45 -18.20 14.39
CA ASP A 51 14.73 -18.74 14.82
C ASP A 51 15.76 -17.63 14.82
N ALA A 52 16.86 -17.85 15.52
CA ALA A 52 17.95 -16.89 15.67
C ALA A 52 18.63 -16.49 14.37
N LYS A 53 18.74 -17.40 13.40
CA LYS A 53 19.43 -17.06 12.17
C LYS A 53 18.51 -16.41 11.14
N ALA A 54 18.93 -15.25 10.67
CA ALA A 54 18.24 -14.46 9.67
C ALA A 54 18.42 -15.03 8.27
N TYR A 55 17.46 -14.72 7.40
CA TYR A 55 17.47 -15.07 5.98
C TYR A 55 18.61 -14.32 5.27
N GLU A 56 18.75 -13.05 5.65
CA GLU A 56 19.75 -12.08 5.19
C GLU A 56 19.80 -11.79 3.69
N LYS A 57 18.67 -11.78 2.99
CA LYS A 57 18.67 -11.47 1.56
C LYS A 57 17.93 -10.16 1.22
N GLU A 58 17.46 -9.47 2.26
CA GLU A 58 16.64 -8.24 2.13
C GLU A 58 15.41 -8.45 1.23
N VAL A 59 14.76 -9.59 1.44
CA VAL A 59 13.54 -10.00 0.76
C VAL A 59 12.33 -9.66 1.61
N HIS A 60 11.40 -8.92 1.04
CA HIS A 60 10.26 -8.43 1.78
C HIS A 60 9.32 -9.53 2.27
N ASN A 61 9.24 -10.65 1.56
CA ASN A 61 8.35 -11.70 2.00
C ASN A 61 9.03 -12.71 2.90
N VAL A 62 10.31 -12.53 3.18
CA VAL A 62 10.97 -13.47 4.06
C VAL A 62 11.81 -12.71 5.06
N TRP A 63 12.76 -11.93 4.58
CA TRP A 63 13.63 -11.24 5.51
C TRP A 63 12.83 -10.28 6.38
N ALA A 64 11.95 -9.51 5.76
CA ALA A 64 11.15 -8.55 6.50
C ALA A 64 9.90 -9.18 7.12
N THR A 65 9.67 -10.46 6.86
CA THR A 65 8.48 -11.15 7.31
C THR A 65 8.75 -12.17 8.41
N HIS A 66 9.90 -12.85 8.34
CA HIS A 66 10.29 -13.84 9.32
C HIS A 66 11.63 -13.48 9.98
N ALA A 67 12.58 -12.93 9.22
CA ALA A 67 13.92 -12.70 9.80
C ALA A 67 13.98 -11.46 10.66
N CYS A 68 12.95 -10.64 10.59
CA CYS A 68 12.86 -9.41 11.36
C CYS A 68 11.85 -9.56 12.48
N VAL A 69 11.48 -10.79 12.73
CA VAL A 69 10.56 -11.18 13.76
C VAL A 69 11.40 -11.53 14.97
N PRO A 70 11.02 -11.17 16.20
CA PRO A 70 11.78 -11.50 17.39
C PRO A 70 12.07 -12.98 17.35
N THR A 71 13.27 -13.33 17.74
CA THR A 71 13.73 -14.69 17.64
C THR A 71 13.94 -15.41 18.95
N ASP A 72 14.00 -16.73 18.83
CA ASP A 72 14.30 -17.66 19.90
C ASP A 72 13.47 -17.44 21.15
N PRO A 73 12.12 -17.54 21.09
CA PRO A 73 11.27 -17.40 22.25
C PRO A 73 11.62 -18.61 23.07
N ASN A 74 11.57 -18.50 24.39
CA ASN A 74 11.96 -19.64 25.22
C ASN A 74 10.74 -20.36 25.82
N PRO A 75 10.39 -21.60 25.38
CA PRO A 75 9.22 -22.35 25.78
C PRO A 75 9.38 -22.95 27.16
N GLN A 76 9.45 -22.09 28.15
CA GLN A 76 9.61 -22.54 29.52
C GLN A 76 8.29 -22.98 30.07
N GLU A 77 7.91 -24.16 29.65
CA GLU A 77 6.66 -24.78 29.96
C GLU A 77 6.41 -24.93 31.44
N MET A 78 5.23 -24.50 31.85
CA MET A 78 4.80 -24.65 33.23
C MET A 78 3.76 -25.73 33.30
N VAL A 79 4.00 -26.75 34.13
CA VAL A 79 3.07 -27.86 34.25
C VAL A 79 2.14 -27.62 35.41
N LEU A 80 0.84 -27.74 35.18
CA LEU A 80 -0.12 -27.42 36.20
C LEU A 80 -0.67 -28.63 36.94
N LYS A 81 -0.47 -28.62 38.24
CA LYS A 81 -0.98 -29.72 39.04
C LYS A 81 -2.49 -29.69 39.03
N ASN A 82 -3.14 -30.83 38.89
CA ASN A 82 -4.60 -30.87 38.98
C ASN A 82 -5.38 -29.95 38.01
N VAL A 83 -4.97 -29.89 36.76
CA VAL A 83 -5.72 -29.12 35.77
C VAL A 83 -6.18 -30.03 34.65
N THR A 84 -7.48 -29.99 34.37
CA THR A 84 -8.09 -30.77 33.29
C THR A 84 -8.69 -29.81 32.28
N GLU A 85 -8.43 -30.05 31.00
CA GLU A 85 -8.95 -29.18 29.93
C GLU A 85 -9.31 -29.97 28.67
N ASN A 86 -10.26 -29.46 27.87
CA ASN A 86 -10.74 -30.11 26.64
C ASN A 86 -10.09 -29.64 25.35
N PHE A 87 -9.47 -30.56 24.62
CA PHE A 87 -8.79 -30.17 23.40
C PHE A 87 -9.42 -30.76 22.15
N ASN A 88 -10.00 -29.90 21.33
CA ASN A 88 -10.67 -30.27 20.09
C ASN A 88 -9.77 -29.98 18.91
N MET A 89 -9.23 -30.98 18.24
CA MET A 89 -8.31 -30.61 17.17
C MET A 89 -8.99 -30.48 15.82
N TRP A 90 -10.29 -30.74 15.75
CA TRP A 90 -10.91 -30.62 14.44
C TRP A 90 -11.31 -29.18 14.26
N LYS A 91 -11.82 -28.61 15.32
CA LYS A 91 -12.27 -27.23 15.28
C LYS A 91 -11.53 -26.37 16.28
N ASN A 92 -10.74 -25.43 15.77
CA ASN A 92 -10.01 -24.54 16.65
C ASN A 92 -9.82 -23.24 15.91
N ASP A 93 -9.24 -22.25 16.58
CA ASP A 93 -9.06 -20.95 15.98
C ASP A 93 -7.66 -20.62 15.48
N MET A 94 -6.77 -21.60 15.40
CA MET A 94 -5.44 -21.25 14.90
C MET A 94 -5.01 -21.93 13.60
N VAL A 95 -5.66 -23.01 13.18
CA VAL A 95 -5.24 -23.66 11.93
C VAL A 95 -5.45 -22.70 10.79
N ASP A 96 -6.54 -21.96 10.83
CA ASP A 96 -6.86 -21.00 9.80
C ASP A 96 -5.81 -19.90 9.68
N GLN A 97 -5.08 -19.60 10.76
CA GLN A 97 -4.11 -18.54 10.70
C GLN A 97 -2.90 -19.07 9.98
N MET A 98 -2.57 -20.34 10.22
CA MET A 98 -1.43 -20.91 9.52
C MET A 98 -1.72 -20.88 8.03
N HIS A 99 -2.96 -21.13 7.68
CA HIS A 99 -3.36 -21.14 6.29
C HIS A 99 -3.20 -19.75 5.68
N GLU A 100 -3.70 -18.72 6.37
CA GLU A 100 -3.58 -17.39 5.81
C GLU A 100 -2.14 -16.91 5.75
N ASP A 101 -1.30 -17.26 6.73
CA ASP A 101 0.08 -16.80 6.68
C ASP A 101 0.83 -17.41 5.51
N VAL A 102 0.56 -18.67 5.21
CA VAL A 102 1.22 -19.31 4.09
C VAL A 102 0.79 -18.67 2.77
N ILE A 103 -0.51 -18.38 2.62
CA ILE A 103 -0.95 -17.77 1.39
C ILE A 103 -0.34 -16.39 1.23
N SER A 104 -0.33 -15.60 2.29
CA SER A 104 0.21 -14.26 2.20
C SER A 104 1.65 -14.27 1.73
N LEU A 105 2.47 -15.17 2.26
CA LEU A 105 3.85 -15.21 1.82
C LEU A 105 3.94 -15.54 0.36
N TRP A 106 3.20 -16.53 -0.11
CA TRP A 106 3.33 -16.89 -1.50
C TRP A 106 2.84 -15.81 -2.44
N ASP A 107 1.88 -14.99 -2.02
CA ASP A 107 1.48 -13.93 -2.92
C ASP A 107 2.54 -12.83 -2.96
N GLN A 108 3.13 -12.52 -1.80
CA GLN A 108 4.12 -11.47 -1.74
C GLN A 108 5.42 -11.84 -2.43
N SER A 109 5.76 -13.11 -2.45
CA SER A 109 7.01 -13.53 -3.06
C SER A 109 7.08 -13.25 -4.54
N LEU A 110 5.95 -13.06 -5.22
CA LEU A 110 6.04 -12.80 -6.65
C LEU A 110 5.88 -11.34 -6.97
N LYS A 111 5.70 -10.51 -5.93
CA LYS A 111 5.45 -9.10 -6.09
C LYS A 111 6.48 -8.35 -6.95
N PRO A 112 7.81 -8.47 -6.74
CA PRO A 112 8.83 -7.80 -7.49
C PRO A 112 9.32 -8.57 -8.71
N CYS A 113 8.66 -9.67 -9.06
CA CYS A 113 9.28 -10.53 -10.06
C CYS A 113 8.67 -10.32 -11.43
N VAL A 114 9.46 -10.61 -12.45
CA VAL A 114 9.04 -10.42 -13.83
C VAL A 114 7.85 -11.28 -14.24
N LYS A 115 6.92 -10.66 -14.96
CA LYS A 115 5.74 -11.35 -15.48
C LYS A 115 6.16 -11.98 -16.80
N LEU A 116 5.56 -13.09 -17.19
CA LEU A 116 5.96 -13.69 -18.45
C LEU A 116 4.99 -13.44 -19.58
N THR A 117 4.14 -12.43 -19.43
CA THR A 117 3.18 -12.09 -20.46
C THR A 117 3.78 -12.03 -21.89
N PRO A 118 4.96 -11.42 -22.14
CA PRO A 118 5.61 -11.33 -23.44
C PRO A 118 5.94 -12.69 -24.06
N LEU A 119 5.94 -13.74 -23.24
CA LEU A 119 6.24 -15.09 -23.66
C LEU A 119 5.01 -15.80 -24.19
N CYS A 120 3.80 -15.30 -23.93
CA CYS A 120 2.62 -16.01 -24.36
C CYS A 120 2.32 -15.72 -25.82
N VAL A 121 3.12 -16.36 -26.65
CA VAL A 121 3.12 -16.18 -28.09
C VAL A 121 2.99 -17.54 -28.73
N THR A 122 2.72 -17.59 -30.01
CA THR A 122 2.59 -18.89 -30.62
C THR A 122 3.96 -19.54 -30.69
N LEU A 123 4.04 -20.78 -30.23
CA LEU A 123 5.28 -21.52 -30.20
C LEU A 123 5.36 -22.52 -31.36
N ASN A 124 6.57 -22.76 -31.83
CA ASN A 124 6.83 -23.74 -32.90
C ASN A 124 7.84 -24.76 -32.45
N CYS A 125 7.34 -25.84 -31.86
CA CYS A 125 8.18 -26.86 -31.24
C CYS A 125 8.04 -28.17 -32.00
N THR A 126 9.10 -28.57 -32.69
CA THR A 126 9.01 -29.75 -33.54
C THR A 126 9.60 -30.98 -32.91
N ASN A 127 10.48 -30.80 -31.94
CA ASN A 127 11.18 -31.89 -31.26
C ASN A 127 11.98 -32.75 -32.23
N ALA A 128 12.45 -32.14 -33.32
CA ALA A 128 13.20 -32.83 -34.37
C ALA A 128 14.48 -33.47 -33.85
N THR A 129 15.07 -32.87 -32.83
CA THR A 129 16.33 -33.32 -32.26
C THR A 129 16.15 -34.10 -30.94
N ALA A 130 14.92 -34.47 -30.59
CA ALA A 130 14.69 -35.25 -29.39
C ALA A 130 15.31 -36.63 -29.55
N SER A 131 15.94 -37.14 -28.50
CA SER A 131 16.57 -38.46 -28.50
C SER A 131 15.85 -39.50 -27.64
N ASN A 132 14.69 -39.14 -27.13
CA ASN A 132 13.95 -40.04 -26.24
C ASN A 132 12.45 -39.81 -26.32
N SER A 133 11.67 -40.86 -26.01
CA SER A 133 10.21 -40.80 -25.99
C SER A 133 9.67 -39.86 -24.91
N SER A 134 10.48 -39.63 -23.86
CA SER A 134 10.09 -38.74 -22.78
C SER A 134 10.33 -37.29 -23.14
N ILE A 135 11.02 -37.07 -24.25
CA ILE A 135 11.39 -35.74 -24.68
C ILE A 135 10.52 -35.30 -25.85
N ILE A 136 10.43 -36.18 -26.86
CA ILE A 136 9.82 -35.91 -28.17
C ILE A 136 8.36 -35.56 -28.10
N GLU A 137 7.70 -35.90 -27.00
CA GLU A 137 6.31 -35.55 -26.81
C GLU A 137 6.15 -34.02 -26.83
N GLY A 138 7.17 -33.29 -26.37
CA GLY A 138 7.10 -31.83 -26.34
C GLY A 138 8.11 -31.24 -25.39
N MET A 139 9.27 -30.88 -25.91
CA MET A 139 10.31 -30.23 -25.13
C MET A 139 11.41 -29.55 -25.93
N LYS A 140 11.94 -30.20 -26.97
CA LYS A 140 13.14 -29.70 -27.65
C LYS A 140 12.96 -28.62 -28.67
N ASN A 141 13.82 -27.61 -28.56
CA ASN A 141 13.89 -26.50 -29.48
C ASN A 141 12.54 -25.88 -29.69
N CYS A 142 11.82 -25.56 -28.63
CA CYS A 142 10.53 -24.96 -28.87
C CYS A 142 10.82 -23.51 -29.15
N SER A 143 10.50 -23.05 -30.37
CA SER A 143 10.89 -21.71 -30.75
C SER A 143 9.81 -20.64 -30.66
N PHE A 144 10.28 -19.41 -30.59
CA PHE A 144 9.43 -18.24 -30.55
C PHE A 144 10.09 -16.95 -31.03
N ASN A 145 9.25 -15.97 -31.40
CA ASN A 145 9.72 -14.65 -31.80
C ASN A 145 9.59 -13.64 -30.67
N ILE A 146 10.72 -13.17 -30.16
CA ILE A 146 10.69 -12.23 -29.04
C ILE A 146 11.28 -10.87 -29.38
N THR A 147 10.54 -9.81 -29.01
CA THR A 147 11.00 -8.44 -29.25
C THR A 147 11.76 -7.98 -28.03
N THR A 148 13.01 -7.59 -28.22
CA THR A 148 13.87 -7.18 -27.11
C THR A 148 15.23 -6.64 -27.64
N GLU A 149 15.94 -5.72 -26.93
CA GLU A 149 15.55 -4.98 -25.72
C GLU A 149 14.92 -3.63 -26.07
N LEU A 150 15.02 -3.22 -27.34
CA LEU A 150 14.64 -1.87 -27.75
C LEU A 150 13.29 -1.67 -28.40
N ARG A 151 12.38 -2.64 -28.33
CA ARG A 151 11.01 -2.51 -28.90
C ARG A 151 10.96 -2.62 -30.46
N ASP A 152 11.99 -2.11 -31.12
CA ASP A 152 12.16 -2.03 -32.56
C ASP A 152 12.47 -3.35 -33.25
N LYS A 153 13.22 -4.22 -32.57
CA LYS A 153 13.70 -5.42 -33.22
C LYS A 153 13.36 -6.68 -32.44
N ARG A 154 13.19 -7.77 -33.21
CA ARG A 154 12.91 -9.07 -32.64
C ARG A 154 13.82 -10.13 -33.20
N GLU A 155 13.99 -11.19 -32.42
CA GLU A 155 14.81 -12.33 -32.83
C GLU A 155 14.13 -13.66 -32.56
N LYS A 156 14.51 -14.67 -33.35
CA LYS A 156 14.03 -16.02 -33.13
C LYS A 156 14.90 -16.73 -32.10
N LYS A 157 14.26 -17.20 -31.05
CA LYS A 157 14.89 -17.87 -29.93
C LYS A 157 14.24 -19.20 -29.68
N ASN A 158 14.92 -20.11 -28.99
CA ASN A 158 14.24 -21.34 -28.61
C ASN A 158 14.73 -21.79 -27.27
N ALA A 159 13.96 -22.68 -26.66
CA ALA A 159 14.31 -23.21 -25.35
C ALA A 159 13.63 -24.54 -25.05
N LEU A 160 14.07 -25.20 -24.00
CA LEU A 160 13.42 -26.42 -23.59
C LEU A 160 12.46 -26.19 -22.43
N PHE A 161 11.28 -26.75 -22.62
CA PHE A 161 10.18 -26.71 -21.65
C PHE A 161 9.72 -28.12 -21.34
N TYR A 162 9.30 -28.40 -20.13
CA TYR A 162 8.80 -29.77 -19.93
C TYR A 162 7.41 -29.94 -20.50
N LYS A 163 7.16 -31.14 -21.04
CA LYS A 163 5.93 -31.46 -21.77
C LYS A 163 4.62 -31.27 -21.04
N LEU A 164 4.60 -31.38 -19.73
CA LEU A 164 3.32 -31.28 -19.04
C LEU A 164 2.78 -29.86 -19.08
N ASP A 165 3.63 -28.89 -19.39
CA ASP A 165 3.22 -27.50 -19.43
C ASP A 165 2.97 -26.95 -20.83
N ILE A 166 3.09 -27.80 -21.85
CA ILE A 166 2.89 -27.31 -23.21
C ILE A 166 1.67 -27.94 -23.81
N VAL A 167 0.82 -27.12 -24.41
CA VAL A 167 -0.37 -27.67 -24.99
C VAL A 167 -0.46 -27.31 -26.45
N GLN A 168 -1.19 -28.12 -27.19
CA GLN A 168 -1.38 -27.87 -28.60
C GLN A 168 -2.33 -26.72 -28.78
N LEU A 169 -2.03 -25.85 -29.72
CA LEU A 169 -2.91 -24.75 -30.05
C LEU A 169 -4.13 -25.36 -30.70
N ASP A 170 -5.33 -24.82 -30.45
CA ASP A 170 -6.51 -25.40 -31.09
C ASP A 170 -6.61 -24.89 -32.53
N GLY A 171 -5.77 -25.49 -33.36
CA GLY A 171 -5.53 -25.18 -34.75
C GLY A 171 -4.59 -26.23 -35.32
N ASN A 172 -3.66 -25.82 -36.15
CA ASN A 172 -2.69 -26.74 -36.74
C ASN A 172 -1.84 -27.35 -35.64
N SER A 173 -1.60 -28.66 -35.73
CA SER A 173 -0.84 -29.46 -34.75
C SER A 173 0.62 -29.07 -34.60
N SER A 174 1.14 -28.29 -35.53
CA SER A 174 2.50 -27.82 -35.45
C SER A 174 2.61 -26.60 -34.50
N GLN A 175 1.46 -26.02 -34.12
CA GLN A 175 1.47 -24.82 -33.29
C GLN A 175 1.17 -25.13 -31.82
N TYR A 176 1.94 -24.51 -30.92
CA TYR A 176 1.83 -24.72 -29.48
C TYR A 176 1.66 -23.45 -28.65
N ARG A 177 1.08 -23.63 -27.47
CA ARG A 177 0.84 -22.55 -26.52
C ARG A 177 1.24 -22.96 -25.11
N LEU A 178 1.54 -21.99 -24.25
CA LEU A 178 1.82 -22.30 -22.85
C LEU A 178 0.51 -22.73 -22.23
N ILE A 179 0.53 -23.75 -21.38
CA ILE A 179 -0.69 -24.29 -20.79
C ILE A 179 -1.67 -23.36 -20.09
N ASN A 180 -1.19 -22.34 -19.38
CA ASN A 180 -2.13 -21.45 -18.71
C ASN A 180 -2.18 -20.03 -19.27
N CYS A 181 -1.57 -19.76 -20.43
CA CYS A 181 -1.51 -18.32 -20.70
C CYS A 181 -2.72 -17.73 -21.40
N ASN A 182 -3.68 -18.52 -21.82
CA ASN A 182 -4.84 -17.91 -22.43
C ASN A 182 -5.92 -17.62 -21.38
N THR A 183 -5.68 -18.01 -20.12
CA THR A 183 -6.69 -17.77 -19.09
C THR A 183 -6.18 -17.02 -17.87
N SER A 184 -4.88 -17.02 -17.62
CA SER A 184 -4.38 -16.42 -16.40
C SER A 184 -3.02 -15.79 -16.59
N VAL A 185 -2.50 -15.15 -15.55
CA VAL A 185 -1.19 -14.55 -15.68
C VAL A 185 -0.18 -15.52 -15.13
N ILE A 186 0.93 -15.66 -15.83
CA ILE A 186 1.99 -16.54 -15.40
C ILE A 186 3.15 -15.64 -15.07
N THR A 187 3.70 -15.78 -13.87
CA THR A 187 4.86 -14.97 -13.54
C THR A 187 6.00 -15.88 -13.18
N GLN A 188 7.21 -15.35 -13.19
CA GLN A 188 8.38 -16.14 -12.84
C GLN A 188 8.74 -15.82 -11.41
N ALA A 189 9.76 -16.47 -10.88
CA ALA A 189 10.17 -16.17 -9.52
C ALA A 189 11.58 -15.65 -9.52
N CYS A 190 11.84 -14.77 -8.60
CA CYS A 190 13.15 -14.18 -8.41
C CYS A 190 14.00 -15.24 -7.69
N PRO A 191 15.27 -15.46 -8.04
CA PRO A 191 16.13 -16.39 -7.34
C PRO A 191 16.16 -16.16 -5.83
N LYS A 192 16.09 -14.88 -5.43
CA LYS A 192 16.14 -14.49 -4.03
C LYS A 192 14.91 -14.86 -3.23
N VAL A 193 13.81 -15.22 -3.88
CA VAL A 193 12.62 -15.53 -3.13
C VAL A 193 12.38 -17.02 -3.15
N SER A 194 13.34 -17.81 -3.66
CA SER A 194 13.10 -19.24 -3.63
C SER A 194 12.84 -19.54 -2.17
N PHE A 195 11.77 -20.26 -1.88
CA PHE A 195 11.42 -20.45 -0.49
C PHE A 195 11.43 -21.87 0.01
N ASP A 196 12.37 -22.17 0.90
CA ASP A 196 12.41 -23.49 1.47
C ASP A 196 11.63 -23.32 2.78
N PRO A 197 11.36 -24.36 3.55
CA PRO A 197 10.66 -24.23 4.80
C PRO A 197 11.46 -23.47 5.83
N ILE A 198 10.77 -22.64 6.60
CA ILE A 198 11.31 -21.94 7.74
C ILE A 198 10.34 -22.26 8.85
N PRO A 199 10.75 -22.89 9.96
CA PRO A 199 9.83 -23.24 11.02
C PRO A 199 9.30 -21.96 11.64
N ILE A 200 8.00 -21.89 11.83
CA ILE A 200 7.41 -20.70 12.42
C ILE A 200 6.86 -21.04 13.78
N HIS A 201 7.22 -20.26 14.77
CA HIS A 201 6.77 -20.49 16.13
C HIS A 201 5.62 -19.53 16.39
N TYR A 202 4.61 -19.91 17.15
CA TYR A 202 3.59 -18.92 17.44
C TYR A 202 3.50 -18.52 18.90
N CYS A 203 3.26 -17.23 19.08
CA CYS A 203 3.11 -16.61 20.40
C CYS A 203 1.80 -15.88 20.60
N ALA A 204 1.29 -15.96 21.82
CA ALA A 204 0.08 -15.26 22.18
C ALA A 204 0.38 -13.80 22.59
N PRO A 205 -0.53 -12.84 22.33
CA PRO A 205 -0.49 -11.47 22.80
C PRO A 205 -0.80 -11.44 24.29
N ALA A 206 -0.46 -10.35 25.00
CA ALA A 206 -0.74 -10.35 26.42
C ALA A 206 -2.21 -10.54 26.69
N GLY A 207 -2.49 -11.32 27.74
CA GLY A 207 -3.85 -11.63 28.15
C GLY A 207 -4.26 -13.00 27.64
N TYR A 208 -3.46 -13.55 26.75
CA TYR A 208 -3.73 -14.87 26.19
C TYR A 208 -2.64 -15.86 26.53
N ALA A 209 -3.02 -17.13 26.54
CA ALA A 209 -2.07 -18.19 26.80
C ALA A 209 -2.36 -19.41 25.94
N ILE A 210 -1.30 -20.17 25.65
CA ILE A 210 -1.46 -21.37 24.86
C ILE A 210 -1.24 -22.63 25.70
N LEU A 211 -2.23 -23.52 25.65
CA LEU A 211 -2.20 -24.76 26.44
C LEU A 211 -1.85 -25.94 25.51
N LYS A 212 -1.08 -26.93 26.04
CA LYS A 212 -0.59 -28.05 25.18
C LYS A 212 -1.13 -29.52 25.23
N CYS A 213 -1.77 -29.96 26.31
CA CYS A 213 -2.20 -31.36 26.47
C CYS A 213 -1.07 -32.38 26.41
N ASN A 214 -0.45 -32.68 27.55
CA ASN A 214 0.66 -33.64 27.54
C ASN A 214 0.19 -35.07 27.65
N ASN A 215 -0.37 -35.56 26.57
CA ASN A 215 -0.91 -36.90 26.53
C ASN A 215 -0.49 -37.62 25.26
N LYS A 216 0.40 -38.57 25.43
CA LYS A 216 1.04 -39.32 24.36
C LYS A 216 0.08 -40.17 23.55
N THR A 217 -1.11 -40.40 24.08
CA THR A 217 -2.11 -41.21 23.42
C THR A 217 -3.31 -40.37 23.01
N PHE A 218 -3.16 -39.05 23.02
CA PHE A 218 -4.25 -38.15 22.65
C PHE A 218 -4.60 -38.23 21.17
N THR A 219 -5.91 -38.39 20.90
CA THR A 219 -6.44 -38.59 19.56
C THR A 219 -7.19 -37.39 19.02
N GLY A 220 -7.07 -36.26 19.68
CA GLY A 220 -7.74 -35.07 19.17
C GLY A 220 -9.08 -34.70 19.78
N THR A 221 -9.54 -35.39 20.81
CA THR A 221 -10.81 -35.01 21.39
C THR A 221 -10.91 -35.40 22.84
N GLY A 222 -11.72 -34.67 23.57
CA GLY A 222 -11.96 -34.97 24.97
C GLY A 222 -10.91 -34.29 25.84
N PRO A 223 -10.98 -34.51 27.17
CA PRO A 223 -10.13 -33.94 28.17
C PRO A 223 -8.73 -34.50 28.20
N CYS A 224 -7.80 -33.67 28.66
CA CYS A 224 -6.45 -34.07 28.96
C CYS A 224 -6.25 -33.80 30.43
N ASN A 225 -5.60 -34.72 31.13
CA ASN A 225 -5.36 -34.57 32.56
C ASN A 225 -3.94 -34.12 32.89
N ASN A 226 -3.24 -33.63 31.89
CA ASN A 226 -1.90 -33.12 32.06
C ASN A 226 -1.84 -31.88 31.21
N VAL A 227 -2.02 -30.76 31.87
CA VAL A 227 -2.11 -29.50 31.19
C VAL A 227 -0.97 -28.64 31.62
N SER A 228 -0.39 -28.00 30.64
CA SER A 228 0.71 -27.12 30.82
C SER A 228 0.56 -25.97 29.87
N THR A 229 1.23 -24.86 30.19
CA THR A 229 1.19 -23.67 29.35
C THR A 229 2.55 -23.21 28.89
N VAL A 230 2.55 -22.55 27.74
CA VAL A 230 3.76 -22.00 27.16
C VAL A 230 3.62 -20.56 26.71
N GLN A 231 4.75 -19.88 26.53
CA GLN A 231 4.76 -18.53 25.98
C GLN A 231 4.86 -18.56 24.46
N CYS A 232 5.19 -19.73 23.94
CA CYS A 232 5.35 -19.94 22.52
C CYS A 232 5.22 -21.40 22.21
N THR A 233 4.85 -21.72 20.99
CA THR A 233 4.85 -23.09 20.54
C THR A 233 6.19 -23.34 19.89
N HIS A 234 6.48 -24.61 19.64
CA HIS A 234 7.67 -24.94 18.88
C HIS A 234 7.40 -24.54 17.47
N GLY A 235 8.41 -24.59 16.63
CA GLY A 235 8.18 -24.20 15.26
C GLY A 235 7.52 -25.30 14.46
N ILE A 236 6.66 -24.87 13.54
CA ILE A 236 5.99 -25.71 12.56
C ILE A 236 6.37 -25.26 11.17
N LYS A 237 6.82 -26.17 10.34
CA LYS A 237 7.25 -25.79 9.01
C LYS A 237 6.08 -25.73 8.02
N PRO A 238 6.04 -24.73 7.12
CA PRO A 238 5.02 -24.55 6.11
C PRO A 238 5.22 -25.46 4.91
N VAL A 239 5.04 -26.71 5.20
CA VAL A 239 5.34 -27.67 4.16
C VAL A 239 4.01 -28.14 3.53
N VAL A 240 3.99 -28.17 2.20
CA VAL A 240 2.79 -28.56 1.50
C VAL A 240 2.99 -29.80 0.65
N SER A 241 2.13 -30.78 0.90
CA SER A 241 2.12 -32.06 0.23
C SER A 241 0.72 -32.64 0.27
N THR A 242 0.52 -33.70 -0.51
CA THR A 242 -0.69 -34.50 -0.56
C THR A 242 -0.25 -35.94 -0.31
N GLN A 243 -1.17 -36.84 0.05
CA GLN A 243 -0.92 -38.26 0.31
C GLN A 243 0.01 -38.57 1.50
N LEU A 244 1.24 -38.11 1.44
CA LEU A 244 2.18 -38.37 2.52
C LEU A 244 2.56 -37.10 3.27
N LEU A 245 2.71 -37.24 4.58
CA LEU A 245 3.15 -36.16 5.44
C LEU A 245 4.64 -36.28 5.65
N LEU A 246 5.48 -35.30 5.30
CA LEU A 246 6.94 -35.53 5.48
C LEU A 246 7.63 -34.44 6.33
N ASN A 247 8.73 -34.79 6.97
CA ASN A 247 9.68 -34.02 7.77
C ASN A 247 9.19 -33.66 9.12
N GLY A 248 8.01 -34.11 9.52
CA GLY A 248 7.29 -33.67 10.74
C GLY A 248 7.77 -34.38 11.99
N SER A 249 7.09 -34.19 13.12
CA SER A 249 7.47 -34.90 14.31
C SER A 249 6.87 -36.28 14.29
N LEU A 250 7.39 -37.17 15.12
CA LEU A 250 6.85 -38.53 15.26
C LEU A 250 6.06 -38.70 16.53
N ALA A 251 5.12 -39.64 16.50
CA ALA A 251 4.32 -39.97 17.66
C ALA A 251 5.22 -40.55 18.74
N GLU A 252 4.96 -40.17 20.00
CA GLU A 252 5.77 -40.62 21.14
C GLU A 252 5.70 -42.12 21.45
N GLY A 253 4.53 -42.70 21.24
CA GLY A 253 4.28 -44.11 21.53
C GLY A 253 4.20 -44.92 20.26
N GLU A 254 2.99 -45.42 19.99
CA GLU A 254 2.65 -46.21 18.81
C GLU A 254 1.93 -45.37 17.77
N ILE A 255 1.58 -45.98 16.65
CA ILE A 255 0.95 -45.22 15.59
C ILE A 255 -0.43 -44.76 16.07
N ILE A 256 -0.71 -43.48 15.88
CA ILE A 256 -1.98 -42.93 16.29
C ILE A 256 -2.81 -42.54 15.09
N ILE A 257 -4.02 -43.05 15.02
CA ILE A 257 -4.88 -42.68 13.93
C ILE A 257 -5.95 -41.77 14.48
N ARG A 258 -6.03 -40.58 13.92
CA ARG A 258 -6.96 -39.57 14.38
C ARG A 258 -8.08 -39.42 13.36
N SER A 259 -9.30 -39.32 13.86
CA SER A 259 -10.46 -39.23 13.01
C SER A 259 -11.57 -38.45 13.70
N GLU A 260 -12.70 -38.23 13.02
CA GLU A 260 -13.92 -37.60 13.61
C GLU A 260 -14.77 -38.72 14.23
N ASN A 261 -15.56 -38.43 15.27
CA ASN A 261 -16.37 -39.46 16.00
C ASN A 261 -17.88 -39.14 16.01
N ILE A 262 -18.42 -38.50 14.97
CA ILE A 262 -19.88 -38.21 14.86
C ILE A 262 -20.56 -39.26 13.95
N THR A 263 -20.13 -39.31 12.68
CA THR A 263 -20.59 -40.24 11.67
C THR A 263 -19.36 -40.89 11.08
N LYS A 264 -19.50 -41.98 10.34
CA LYS A 264 -18.32 -42.57 9.72
C LYS A 264 -18.04 -41.99 8.35
N ASN A 265 -18.91 -41.12 7.87
CA ASN A 265 -18.69 -40.53 6.57
C ASN A 265 -17.80 -39.34 6.74
N VAL A 266 -16.50 -39.61 6.71
CA VAL A 266 -15.53 -38.57 7.02
C VAL A 266 -14.69 -38.20 5.83
N LYS A 267 -14.09 -37.03 5.88
CA LYS A 267 -13.29 -36.58 4.77
C LYS A 267 -11.83 -37.00 4.84
N THR A 268 -11.25 -36.94 6.03
CA THR A 268 -9.83 -37.25 6.19
C THR A 268 -9.56 -38.13 7.40
N ILE A 269 -8.70 -39.11 7.22
CA ILE A 269 -8.17 -39.94 8.29
C ILE A 269 -6.69 -39.62 8.39
N ILE A 270 -6.24 -39.22 9.57
CA ILE A 270 -4.83 -38.85 9.68
C ILE A 270 -4.03 -39.90 10.41
N VAL A 271 -3.02 -40.44 9.76
CA VAL A 271 -2.23 -41.47 10.40
C VAL A 271 -0.87 -40.91 10.76
N HIS A 272 -0.57 -40.91 12.05
CA HIS A 272 0.68 -40.35 12.55
C HIS A 272 1.61 -41.47 13.03
N LEU A 273 2.73 -41.65 12.35
CA LEU A 273 3.62 -42.75 12.66
C LEU A 273 4.52 -42.42 13.83
N ASN A 274 4.98 -43.45 14.53
CA ASN A 274 5.91 -43.32 15.64
C ASN A 274 7.35 -43.67 15.26
N GLU A 275 7.57 -43.86 13.97
CA GLU A 275 8.84 -44.19 13.40
C GLU A 275 8.84 -43.64 12.02
N SER A 276 9.93 -43.03 11.59
CA SER A 276 9.97 -42.52 10.24
C SER A 276 10.40 -43.56 9.23
N VAL A 277 10.04 -43.31 7.99
CA VAL A 277 10.54 -44.11 6.89
C VAL A 277 11.30 -43.16 5.98
N LYS A 278 12.55 -43.46 5.72
CA LYS A 278 13.34 -42.59 4.89
C LYS A 278 13.03 -42.82 3.44
N ILE A 279 12.85 -41.74 2.69
CA ILE A 279 12.63 -41.84 1.26
C ILE A 279 13.72 -41.08 0.54
N GLU A 280 14.31 -41.72 -0.46
CA GLU A 280 15.37 -41.06 -1.21
C GLU A 280 14.91 -40.82 -2.64
N CYS A 281 14.96 -39.58 -3.08
CA CYS A 281 14.53 -39.24 -4.42
C CYS A 281 15.61 -38.56 -5.24
N THR A 282 15.53 -38.74 -6.54
CA THR A 282 16.47 -38.08 -7.42
C THR A 282 15.96 -37.84 -8.83
N ARG A 283 16.59 -36.87 -9.46
CA ARG A 283 16.38 -36.49 -10.84
C ARG A 283 17.76 -36.64 -11.49
N PRO A 284 18.09 -37.84 -12.01
CA PRO A 284 19.41 -38.28 -12.43
C PRO A 284 20.06 -37.61 -13.64
N ASN A 285 19.30 -36.88 -14.44
CA ASN A 285 19.90 -36.26 -15.60
C ASN A 285 20.55 -34.94 -15.18
N ASN A 286 21.21 -34.25 -16.12
CA ASN A 286 21.87 -32.99 -15.81
C ASN A 286 21.47 -31.91 -16.79
N LYS A 287 20.88 -30.84 -16.30
CA LYS A 287 20.41 -29.84 -17.25
C LYS A 287 21.29 -28.61 -17.32
N THR A 288 21.37 -28.02 -18.51
CA THR A 288 22.03 -26.75 -18.71
C THR A 288 21.00 -25.66 -18.58
N ARG A 289 21.31 -24.61 -17.84
CA ARG A 289 20.39 -23.49 -17.73
C ARG A 289 20.70 -22.47 -18.79
N THR A 290 19.67 -21.94 -19.45
CA THR A 290 19.92 -20.86 -20.38
C THR A 290 19.07 -19.66 -20.00
N SER A 291 19.29 -18.55 -20.72
CA SER A 291 18.55 -17.33 -20.41
C SER A 291 18.25 -16.49 -21.64
N ILE A 292 16.98 -16.15 -21.77
CA ILE A 292 16.53 -15.33 -22.89
C ILE A 292 16.18 -13.96 -22.38
N ARG A 293 16.84 -12.93 -22.87
CA ARG A 293 16.56 -11.62 -22.33
C ARG A 293 15.19 -11.12 -22.72
N ILE A 294 14.58 -10.40 -21.79
CA ILE A 294 13.30 -9.77 -22.01
C ILE A 294 13.50 -8.26 -22.13
N GLY A 295 14.26 -7.70 -21.18
CA GLY A 295 14.40 -6.25 -21.11
C GLY A 295 15.34 -5.77 -19.99
N PRO A 296 15.23 -4.50 -19.58
CA PRO A 296 16.10 -3.82 -18.63
C PRO A 296 15.95 -4.31 -17.20
N GLY A 297 16.56 -5.47 -16.94
CA GLY A 297 16.49 -6.15 -15.65
C GLY A 297 15.57 -7.36 -15.68
N GLN A 298 15.15 -7.77 -16.88
CA GLN A 298 14.26 -8.91 -17.01
C GLN A 298 14.81 -9.97 -17.95
N ALA A 299 14.68 -11.23 -17.54
CA ALA A 299 15.07 -12.35 -18.38
C ALA A 299 14.22 -13.56 -18.07
N PHE A 300 14.01 -14.37 -19.08
CA PHE A 300 13.29 -15.62 -18.98
C PHE A 300 14.22 -16.80 -18.88
N TYR A 301 14.02 -17.60 -17.86
CA TYR A 301 14.88 -18.75 -17.70
C TYR A 301 14.21 -20.00 -18.21
N ALA A 302 14.98 -20.79 -18.92
CA ALA A 302 14.49 -22.01 -19.54
C ALA A 302 15.63 -23.00 -19.73
N THR A 303 15.29 -24.23 -20.07
CA THR A 303 16.33 -25.24 -20.22
C THR A 303 17.08 -25.14 -21.55
N GLY A 304 18.39 -25.35 -21.49
CA GLY A 304 19.28 -25.38 -22.63
C GLY A 304 19.67 -26.84 -22.92
N GLN A 305 20.91 -27.08 -23.31
CA GLN A 305 21.35 -28.43 -23.63
C GLN A 305 21.21 -29.41 -22.46
N VAL A 306 20.64 -30.57 -22.74
CA VAL A 306 20.51 -31.62 -21.74
C VAL A 306 21.67 -32.62 -21.80
N ILE A 307 22.22 -32.92 -20.63
CA ILE A 307 23.29 -33.87 -20.47
C ILE A 307 22.65 -35.14 -19.87
N GLY A 308 22.91 -36.33 -20.43
CA GLY A 308 23.90 -36.66 -21.46
C GLY A 308 23.53 -38.05 -21.93
N ASP A 309 22.68 -38.66 -21.12
CA ASP A 309 21.97 -39.89 -21.40
C ASP A 309 20.66 -39.61 -20.72
N ILE A 310 19.70 -40.50 -20.82
CA ILE A 310 18.39 -40.24 -20.21
C ILE A 310 17.91 -41.28 -19.22
N ARG A 311 17.57 -40.81 -18.04
CA ARG A 311 17.03 -41.65 -16.99
C ARG A 311 15.82 -40.93 -16.41
N GLU A 312 14.78 -41.66 -16.03
CA GLU A 312 13.61 -41.04 -15.43
C GLU A 312 13.84 -40.72 -13.98
N ALA A 313 13.13 -39.73 -13.46
CA ALA A 313 13.20 -39.40 -12.05
C ALA A 313 12.59 -40.54 -11.25
N TYR A 314 13.11 -40.77 -10.05
CA TYR A 314 12.59 -41.85 -9.24
C TYR A 314 12.82 -41.69 -7.75
N CYS A 315 12.07 -42.48 -6.98
CA CYS A 315 12.23 -42.54 -5.54
C CYS A 315 12.36 -43.98 -5.02
N ASN A 316 13.23 -44.14 -4.02
CA ASN A 316 13.53 -45.41 -3.35
C ASN A 316 13.01 -45.57 -1.91
N ILE A 317 12.26 -46.66 -1.68
CA ILE A 317 11.68 -47.02 -0.37
C ILE A 317 12.12 -48.44 0.13
N ASN A 318 12.58 -48.56 1.38
CA ASN A 318 12.99 -49.89 1.92
C ASN A 318 11.78 -50.83 1.99
N GLU A 319 11.89 -52.08 1.49
CA GLU A 319 10.69 -52.93 1.51
C GLU A 319 10.18 -53.37 2.85
N SER A 320 11.06 -53.78 3.75
CA SER A 320 10.55 -54.33 4.99
C SER A 320 9.92 -53.27 5.85
N LYS A 321 10.42 -52.05 5.76
CA LYS A 321 9.85 -51.00 6.56
C LYS A 321 8.52 -50.59 5.98
N TRP A 322 8.42 -50.57 4.65
CA TRP A 322 7.15 -50.19 4.07
C TRP A 322 6.08 -51.19 4.47
N ASN A 323 6.41 -52.49 4.35
CA ASN A 323 5.40 -53.48 4.67
C ASN A 323 5.09 -53.54 6.16
N GLU A 324 6.09 -53.42 7.02
CA GLU A 324 5.81 -53.49 8.44
C GLU A 324 4.96 -52.32 8.87
N THR A 325 5.28 -51.14 8.34
CA THR A 325 4.57 -49.95 8.74
C THR A 325 3.12 -50.08 8.35
N LEU A 326 2.82 -50.52 7.14
CA LEU A 326 1.43 -50.61 6.76
C LEU A 326 0.70 -51.68 7.55
N GLN A 327 1.37 -52.78 7.91
CA GLN A 327 0.69 -53.79 8.71
C GLN A 327 0.29 -53.22 10.07
N ARG A 328 1.18 -52.41 10.65
CA ARG A 328 0.88 -51.79 11.93
C ARG A 328 -0.25 -50.76 11.78
N VAL A 329 -0.29 -50.03 10.67
CA VAL A 329 -1.35 -49.07 10.49
C VAL A 329 -2.67 -49.80 10.41
N SER A 330 -2.72 -50.92 9.68
CA SER A 330 -3.95 -51.70 9.53
C SER A 330 -4.43 -52.19 10.88
N LYS A 331 -3.51 -52.67 11.70
CA LYS A 331 -3.86 -53.14 13.03
C LYS A 331 -4.58 -52.06 13.84
N LYS A 332 -4.15 -50.82 13.72
CA LYS A 332 -4.83 -49.75 14.44
C LYS A 332 -6.05 -49.22 13.69
N LEU A 333 -6.04 -49.24 12.38
CA LEU A 333 -7.15 -48.69 11.60
C LEU A 333 -8.43 -49.48 11.87
N LYS A 334 -8.29 -50.79 12.03
CA LYS A 334 -9.45 -51.63 12.28
C LYS A 334 -10.13 -51.31 13.61
N GLU A 335 -9.52 -50.53 14.50
CA GLU A 335 -10.19 -50.16 15.75
C GLU A 335 -11.39 -49.27 15.45
N TYR A 336 -11.30 -48.44 14.41
CA TYR A 336 -12.39 -47.55 14.04
C TYR A 336 -13.41 -48.31 13.25
N PHE A 337 -12.94 -49.37 12.59
CA PHE A 337 -13.81 -50.20 11.81
C PHE A 337 -13.69 -51.68 12.26
N PRO A 338 -14.14 -52.01 13.49
CA PRO A 338 -13.95 -53.28 14.17
C PRO A 338 -14.86 -54.38 13.68
N HIS A 339 -14.64 -54.83 12.46
CA HIS A 339 -15.52 -55.84 11.90
C HIS A 339 -14.87 -56.77 10.86
N LYS A 340 -14.88 -56.40 9.59
CA LYS A 340 -14.30 -57.20 8.52
C LYS A 340 -12.91 -56.70 8.18
N ASN A 341 -12.32 -57.23 7.13
CA ASN A 341 -10.93 -56.94 6.82
C ASN A 341 -10.67 -55.59 6.18
N ILE A 342 -9.38 -55.29 5.93
CA ILE A 342 -8.94 -54.04 5.34
C ILE A 342 -8.19 -54.18 4.03
N THR A 343 -8.67 -53.44 3.05
CA THR A 343 -8.07 -53.39 1.73
C THR A 343 -7.65 -51.99 1.35
N PHE A 344 -6.45 -51.86 0.84
CA PHE A 344 -5.98 -50.59 0.35
C PHE A 344 -6.04 -50.57 -1.16
N GLN A 345 -6.33 -49.40 -1.72
CA GLN A 345 -6.34 -49.20 -3.16
C GLN A 345 -5.56 -47.95 -3.58
N PRO A 346 -5.06 -47.90 -4.82
CA PRO A 346 -4.39 -46.79 -5.46
C PRO A 346 -5.35 -45.68 -5.85
N SER A 347 -4.80 -44.53 -6.23
CA SER A 347 -5.58 -43.37 -6.64
C SER A 347 -6.58 -43.70 -7.74
N SER A 348 -7.81 -43.16 -7.61
CA SER A 348 -8.89 -43.43 -8.57
C SER A 348 -9.10 -42.39 -9.66
N GLY A 349 -8.63 -41.17 -9.46
CA GLY A 349 -8.86 -40.12 -10.45
C GLY A 349 -8.69 -38.75 -9.84
N GLY A 350 -8.75 -37.72 -10.68
CA GLY A 350 -8.56 -36.34 -10.26
C GLY A 350 -7.35 -35.76 -10.97
N ASP A 351 -6.97 -34.52 -10.62
CA ASP A 351 -5.83 -33.88 -11.28
C ASP A 351 -4.57 -34.45 -10.67
N LEU A 352 -3.40 -34.03 -11.09
CA LEU A 352 -2.23 -34.72 -10.53
C LEU A 352 -1.96 -34.45 -9.05
N GLU A 353 -2.18 -33.24 -8.53
CA GLU A 353 -1.82 -33.05 -7.13
C GLU A 353 -2.56 -33.99 -6.18
N ILE A 354 -3.80 -34.30 -6.49
CA ILE A 354 -4.58 -35.19 -5.66
C ILE A 354 -4.33 -36.69 -5.96
N THR A 355 -3.64 -37.04 -7.06
CA THR A 355 -3.46 -38.46 -7.37
C THR A 355 -2.03 -38.94 -7.22
N THR A 356 -1.06 -38.02 -7.28
CA THR A 356 0.36 -38.35 -7.16
C THR A 356 0.93 -37.79 -5.88
N HIS A 357 2.15 -38.18 -5.57
CA HIS A 357 2.82 -37.59 -4.43
C HIS A 357 3.61 -36.39 -4.87
N SER A 358 3.16 -35.23 -4.43
CA SER A 358 3.72 -33.95 -4.81
C SER A 358 4.68 -33.37 -3.78
N PHE A 359 5.83 -32.94 -4.28
CA PHE A 359 6.88 -32.32 -3.47
C PHE A 359 7.76 -31.41 -4.32
N ASN A 360 8.58 -30.58 -3.69
CA ASN A 360 9.42 -29.63 -4.44
C ASN A 360 10.94 -29.74 -4.24
N CYS A 361 11.49 -30.94 -4.22
CA CYS A 361 12.91 -31.07 -3.98
C CYS A 361 13.76 -30.33 -4.99
N GLY A 362 14.71 -29.57 -4.49
CA GLY A 362 15.66 -28.86 -5.34
C GLY A 362 15.11 -27.58 -5.93
N GLY A 363 13.85 -27.27 -5.64
CA GLY A 363 13.22 -26.09 -6.21
C GLY A 363 12.35 -26.43 -7.43
N GLU A 364 12.38 -27.70 -7.86
CA GLU A 364 11.54 -28.10 -9.00
C GLU A 364 10.39 -28.92 -8.45
N PHE A 365 9.28 -28.99 -9.16
CA PHE A 365 8.16 -29.75 -8.67
C PHE A 365 8.05 -31.14 -9.24
N PHE A 366 7.88 -32.09 -8.34
CA PHE A 366 7.76 -33.51 -8.63
C PHE A 366 6.37 -34.04 -8.39
N TYR A 367 5.97 -34.95 -9.26
CA TYR A 367 4.70 -35.67 -9.23
C TYR A 367 4.93 -37.17 -9.33
N CYS A 368 5.14 -37.86 -8.20
CA CYS A 368 5.52 -39.27 -8.26
C CYS A 368 4.32 -40.21 -8.24
N ASN A 369 4.42 -41.28 -9.03
CA ASN A 369 3.37 -42.28 -9.11
C ASN A 369 3.49 -43.30 -8.00
N THR A 370 2.59 -43.19 -7.04
CA THR A 370 2.54 -43.98 -5.83
C THR A 370 1.52 -45.08 -5.91
N SER A 371 0.99 -45.31 -7.10
CA SER A 371 -0.04 -46.33 -7.26
C SER A 371 0.44 -47.74 -6.96
N SER A 372 1.74 -48.00 -7.04
CA SER A 372 2.23 -49.33 -6.74
C SER A 372 2.36 -49.58 -5.23
N LEU A 373 2.32 -48.53 -4.43
CA LEU A 373 2.57 -48.64 -3.00
C LEU A 373 1.40 -49.04 -2.11
N PHE A 374 0.15 -48.88 -2.57
CA PHE A 374 -1.01 -49.16 -1.75
C PHE A 374 -1.90 -50.25 -2.32
N ASN A 375 -1.32 -51.39 -2.68
CA ASN A 375 -2.07 -52.51 -3.27
C ASN A 375 -2.14 -53.70 -2.35
N ARG A 376 -1.91 -53.45 -1.07
CA ARG A 376 -1.88 -54.49 -0.09
C ARG A 376 -3.23 -54.75 0.54
N THR A 377 -3.42 -55.98 0.98
CA THR A 377 -4.60 -56.38 1.71
C THR A 377 -4.14 -56.99 3.00
N TYR A 378 -4.95 -56.88 4.04
CA TYR A 378 -4.64 -57.43 5.33
C TYR A 378 -5.84 -58.19 5.83
N MET A 379 -5.64 -59.14 6.73
CA MET A 379 -6.79 -59.87 7.24
C MET A 379 -6.73 -60.22 8.70
N ALA A 380 -7.91 -60.40 9.29
CA ALA A 380 -8.02 -60.89 10.64
C ALA A 380 -7.53 -62.31 10.66
N ASN A 381 -6.90 -62.71 11.76
CA ASN A 381 -6.43 -64.07 11.90
C ASN A 381 -5.69 -64.53 10.66
N ASN A 392 16.87 -53.94 6.64
CA ASN A 392 16.08 -52.78 6.23
C ASN A 392 16.48 -52.33 4.85
N SER A 393 17.76 -52.09 4.67
CA SER A 393 18.27 -51.60 3.39
C SER A 393 18.39 -52.72 2.36
N THR A 394 17.25 -53.26 1.95
CA THR A 394 17.17 -54.37 1.01
C THR A 394 15.88 -54.35 0.19
N ARG A 395 15.95 -54.96 -1.00
CA ARG A 395 14.79 -55.11 -1.87
C ARG A 395 14.09 -53.79 -2.09
N THR A 396 14.86 -52.79 -2.47
CA THR A 396 14.33 -51.46 -2.64
C THR A 396 13.16 -51.40 -3.60
N ILE A 397 12.11 -50.74 -3.14
CA ILE A 397 10.91 -50.51 -3.90
C ILE A 397 11.12 -49.25 -4.67
N THR A 398 10.87 -49.26 -5.95
CA THR A 398 11.09 -48.03 -6.67
C THR A 398 9.82 -47.58 -7.34
N ILE A 399 9.68 -46.27 -7.44
CA ILE A 399 8.56 -45.67 -8.15
C ILE A 399 9.08 -44.67 -9.17
N HIS A 400 8.27 -44.40 -10.20
CA HIS A 400 8.63 -43.47 -11.27
C HIS A 400 7.99 -42.10 -11.08
N CYS A 401 8.77 -41.05 -11.35
CA CYS A 401 8.32 -39.68 -11.16
C CYS A 401 8.40 -38.80 -12.40
N ARG A 402 7.50 -37.82 -12.46
CA ARG A 402 7.52 -36.79 -13.51
C ARG A 402 7.69 -35.42 -12.89
N ILE A 403 8.12 -34.44 -13.69
CA ILE A 403 8.27 -33.08 -13.18
C ILE A 403 7.52 -32.05 -14.01
N LYS A 404 7.24 -30.90 -13.41
CA LYS A 404 6.48 -29.84 -14.06
C LYS A 404 7.04 -28.46 -13.67
N GLN A 405 6.86 -27.43 -14.52
CA GLN A 405 7.36 -26.10 -14.18
C GLN A 405 6.26 -25.10 -13.84
N ILE A 406 5.14 -25.13 -14.55
CA ILE A 406 4.08 -24.15 -14.28
C ILE A 406 3.08 -24.72 -13.31
N ILE A 407 3.06 -24.13 -12.14
CA ILE A 407 2.27 -24.65 -11.07
C ILE A 407 1.11 -23.76 -10.68
N ASN A 408 -0.07 -24.34 -10.66
CA ASN A 408 -1.24 -23.64 -10.17
C ASN A 408 -1.24 -24.04 -8.73
N MET A 409 -0.74 -23.16 -7.89
CA MET A 409 -0.53 -23.52 -6.52
C MET A 409 -1.83 -23.66 -5.77
N TRP A 410 -1.77 -24.48 -4.73
CA TRP A 410 -2.86 -24.83 -3.83
C TRP A 410 -3.51 -23.62 -3.19
N GLN A 411 -2.73 -22.57 -3.06
CA GLN A 411 -3.11 -21.32 -2.43
C GLN A 411 -4.10 -20.45 -3.23
N GLU A 412 -4.10 -20.50 -4.58
CA GLU A 412 -4.94 -19.58 -5.34
C GLU A 412 -5.25 -20.04 -6.78
N VAL A 413 -6.08 -19.28 -7.49
CA VAL A 413 -6.31 -19.52 -8.92
C VAL A 413 -6.17 -18.19 -9.70
N GLY A 414 -5.77 -18.26 -10.97
CA GLY A 414 -5.69 -17.05 -11.80
C GLY A 414 -4.30 -16.40 -11.80
N ARG A 415 -3.43 -16.88 -10.91
CA ARG A 415 -2.07 -16.41 -10.76
C ARG A 415 -1.12 -17.60 -10.70
N ALA A 416 -0.61 -18.03 -11.86
CA ALA A 416 0.21 -19.23 -11.96
C ALA A 416 1.66 -18.88 -11.73
N MET A 417 2.39 -19.79 -11.11
CA MET A 417 3.81 -19.55 -10.89
C MET A 417 4.65 -20.41 -11.81
N TYR A 418 5.65 -19.82 -12.44
CA TYR A 418 6.54 -20.63 -13.26
C TYR A 418 7.76 -20.95 -12.44
N ALA A 419 8.66 -21.71 -13.00
CA ALA A 419 9.87 -22.00 -12.29
C ALA A 419 10.97 -22.24 -13.28
N PRO A 420 12.16 -21.68 -13.06
CA PRO A 420 13.32 -21.83 -13.88
C PRO A 420 13.81 -23.22 -13.62
N PRO A 421 14.54 -23.84 -14.53
CA PRO A 421 15.19 -25.10 -14.32
C PRO A 421 16.36 -24.92 -13.40
N ILE A 422 16.68 -25.98 -12.70
CA ILE A 422 17.85 -26.03 -11.87
C ILE A 422 18.89 -26.82 -12.61
N ALA A 423 20.04 -26.21 -12.83
CA ALA A 423 21.10 -26.81 -13.60
C ALA A 423 21.71 -27.98 -12.85
N GLY A 424 22.22 -28.95 -13.60
CA GLY A 424 22.83 -30.13 -13.02
C GLY A 424 21.73 -31.09 -12.63
N ASN A 425 22.02 -32.00 -11.70
CA ASN A 425 21.05 -33.01 -11.30
C ASN A 425 20.45 -32.65 -9.95
N ILE A 426 19.43 -33.39 -9.52
CA ILE A 426 18.81 -33.14 -8.21
C ILE A 426 18.82 -34.36 -7.31
N THR A 427 19.28 -34.17 -6.08
CA THR A 427 19.23 -35.25 -5.09
C THR A 427 18.46 -34.74 -3.89
N CYS A 428 17.71 -35.61 -3.23
CA CYS A 428 16.92 -35.18 -2.08
C CYS A 428 16.54 -36.30 -1.11
N ILE A 429 16.79 -36.08 0.17
CA ILE A 429 16.43 -37.08 1.17
C ILE A 429 15.50 -36.50 2.22
N SER A 430 14.39 -37.14 2.56
CA SER A 430 13.47 -36.59 3.60
C SER A 430 12.91 -37.73 4.43
N ASN A 431 12.21 -37.44 5.52
CA ASN A 431 11.62 -38.49 6.36
C ASN A 431 10.11 -38.50 6.23
N ILE A 432 9.47 -39.66 6.17
CA ILE A 432 8.01 -39.81 5.98
C ILE A 432 7.42 -40.04 7.38
N THR A 433 6.46 -39.23 7.84
CA THR A 433 5.97 -39.33 9.22
C THR A 433 4.51 -39.72 9.27
N GLY A 434 3.80 -39.60 8.16
CA GLY A 434 2.40 -39.96 8.20
C GLY A 434 1.68 -40.05 6.87
N LEU A 435 0.41 -40.39 6.95
CA LEU A 435 -0.43 -40.60 5.78
C LEU A 435 -1.73 -39.82 5.84
N LEU A 436 -2.23 -39.38 4.69
CA LEU A 436 -3.56 -38.81 4.63
C LEU A 436 -4.43 -39.77 3.85
N LEU A 437 -5.33 -40.41 4.55
CA LEU A 437 -6.17 -41.42 3.93
C LEU A 437 -7.63 -41.00 3.88
N THR A 438 -8.35 -41.55 2.91
CA THR A 438 -9.78 -41.36 2.80
C THR A 438 -10.43 -42.72 2.70
N ARG A 439 -11.75 -42.76 2.52
CA ARG A 439 -12.40 -44.06 2.45
C ARG A 439 -13.28 -44.16 1.21
N ASP A 440 -13.53 -45.39 0.77
CA ASP A 440 -14.33 -45.66 -0.42
C ASP A 440 -15.11 -46.97 -0.27
N TYR A 441 -15.88 -47.35 -1.29
CA TYR A 441 -16.65 -48.57 -1.25
C TYR A 441 -15.85 -49.74 -1.75
N GLY A 442 -15.95 -50.88 -1.07
CA GLY A 442 -15.24 -52.06 -1.53
C GLY A 442 -16.13 -52.86 -2.46
N LYS A 443 -15.62 -54.00 -2.92
CA LYS A 443 -16.39 -54.87 -3.82
C LYS A 443 -17.14 -55.93 -3.03
N ASN A 444 -16.92 -55.92 -1.74
CA ASN A 444 -17.44 -56.87 -0.78
C ASN A 444 -17.76 -56.14 0.52
N ASN A 445 -17.78 -56.87 1.63
CA ASN A 445 -18.14 -56.34 2.92
C ASN A 445 -16.95 -55.83 3.74
N THR A 446 -15.78 -55.71 3.13
CA THR A 446 -14.61 -55.21 3.82
C THR A 446 -14.48 -53.71 3.61
N GLU A 447 -13.62 -53.06 4.39
CA GLU A 447 -13.44 -51.61 4.24
C GLU A 447 -12.39 -51.29 3.20
N THR A 448 -12.57 -50.17 2.50
CA THR A 448 -11.59 -49.78 1.52
C THR A 448 -11.01 -48.41 1.79
N PHE A 449 -9.69 -48.35 1.77
CA PHE A 449 -9.00 -47.09 2.01
C PHE A 449 -8.04 -46.78 0.90
N ARG A 450 -7.78 -45.51 0.73
CA ARG A 450 -6.83 -45.07 -0.28
C ARG A 450 -6.30 -43.69 0.05
N PRO A 451 -5.17 -43.25 -0.52
CA PRO A 451 -4.60 -41.93 -0.33
C PRO A 451 -5.50 -40.82 -0.79
N GLY A 452 -5.50 -39.72 -0.04
CA GLY A 452 -6.25 -38.53 -0.37
C GLY A 452 -5.38 -37.30 -0.18
N GLY A 453 -6.01 -36.12 -0.15
CA GLY A 453 -5.24 -34.90 0.05
C GLY A 453 -5.77 -33.72 -0.75
N GLY A 454 -4.99 -32.64 -0.71
CA GLY A 454 -5.27 -31.36 -1.37
C GLY A 454 -5.73 -30.34 -0.35
N ASN A 455 -6.18 -30.82 0.78
CA ASN A 455 -6.60 -29.91 1.80
C ASN A 455 -5.39 -29.54 2.59
N MET A 456 -4.82 -28.39 2.27
CA MET A 456 -3.59 -27.99 2.93
C MET A 456 -3.81 -27.87 4.43
N LYS A 457 -5.02 -27.53 4.83
CA LYS A 457 -5.34 -27.40 6.23
C LYS A 457 -5.13 -28.71 6.98
N ASP A 458 -5.19 -29.87 6.33
CA ASP A 458 -5.01 -31.12 7.04
C ASP A 458 -3.55 -31.42 7.29
N ASN A 459 -2.66 -30.66 6.68
CA ASN A 459 -1.27 -30.86 6.98
C ASN A 459 -1.00 -30.06 8.23
N TRP A 460 -1.50 -28.85 8.26
CA TRP A 460 -1.23 -27.97 9.40
C TRP A 460 -1.97 -28.43 10.64
N ARG A 461 -3.15 -28.99 10.42
CA ARG A 461 -3.97 -29.49 11.48
C ARG A 461 -3.35 -30.73 12.10
N SER A 462 -2.36 -31.35 11.44
CA SER A 462 -1.74 -32.53 11.97
C SER A 462 -0.64 -32.19 12.95
N GLU A 463 -0.24 -30.91 13.02
CA GLU A 463 0.80 -30.49 13.98
C GLU A 463 0.22 -29.55 15.04
N LEU A 464 -0.84 -28.82 14.69
CA LEU A 464 -1.47 -27.86 15.58
C LEU A 464 -2.53 -28.48 16.48
N TYR A 465 -2.68 -29.79 16.38
CA TYR A 465 -3.65 -30.57 17.14
C TYR A 465 -3.40 -30.48 18.63
N LYS A 466 -2.18 -30.13 19.01
CA LYS A 466 -1.82 -30.02 20.40
C LYS A 466 -2.10 -28.65 21.00
N TYR A 467 -2.56 -27.66 20.24
CA TYR A 467 -2.64 -26.37 20.91
C TYR A 467 -4.02 -25.71 20.95
N LYS A 468 -4.30 -25.07 22.08
CA LYS A 468 -5.53 -24.28 22.23
C LYS A 468 -5.20 -22.91 22.82
N VAL A 469 -5.91 -21.87 22.40
CA VAL A 469 -5.65 -20.54 22.95
C VAL A 469 -6.82 -20.03 23.76
N VAL A 470 -6.49 -19.54 24.95
CA VAL A 470 -7.51 -19.03 25.87
C VAL A 470 -7.19 -17.64 26.34
N LYS A 471 -8.21 -16.95 26.85
CA LYS A 471 -8.02 -15.61 27.40
C LYS A 471 -8.12 -15.64 28.91
N ILE A 472 -7.42 -14.73 29.55
CA ILE A 472 -7.42 -14.63 30.99
C ILE A 472 -8.26 -13.47 31.46
N GLU A 473 -9.14 -13.74 32.42
CA GLU A 473 -10.03 -12.72 33.01
C GLU A 473 -9.85 -12.64 34.52
N PRO A 474 -8.84 -11.89 34.99
CA PRO A 474 -8.30 -11.85 36.34
C PRO A 474 -9.19 -11.26 37.43
N LEU A 475 -10.28 -10.58 37.08
CA LEU A 475 -11.12 -9.95 38.10
C LEU A 475 -12.31 -10.82 38.50
N GLY A 476 -12.57 -10.92 39.80
CA GLY A 476 -13.74 -11.68 40.26
C GLY A 476 -14.01 -11.47 41.74
N VAL A 477 -15.11 -12.04 42.23
CA VAL A 477 -15.51 -11.86 43.63
C VAL A 477 -15.77 -13.16 44.35
N ALA A 478 -15.73 -13.06 45.67
CA ALA A 478 -15.97 -14.18 46.56
C ALA A 478 -16.37 -13.62 47.94
N PRO A 479 -17.04 -14.36 48.83
CA PRO A 479 -17.36 -13.98 50.19
C PRO A 479 -16.19 -14.02 51.13
N THR A 480 -16.22 -13.21 52.16
CA THR A 480 -15.21 -13.29 53.20
C THR A 480 -15.64 -12.75 54.55
N ARG A 481 -14.97 -13.20 55.59
CA ARG A 481 -15.21 -12.69 56.92
C ARG A 481 -14.39 -11.41 57.16
N CYS A 482 -14.81 -10.33 56.52
CA CYS A 482 -14.17 -9.01 56.57
C CYS A 482 -15.14 -7.88 56.27
N LYS A 483 -15.09 -6.81 57.08
CA LYS A 483 -15.87 -5.61 56.76
C LYS A 483 -14.91 -4.44 56.63
N ARG A 484 -15.32 -3.41 55.93
CA ARG A 484 -14.50 -2.23 55.72
C ARG A 484 -14.80 -1.13 56.72
N ARG A 485 -13.75 -0.47 57.20
CA ARG A 485 -13.94 0.63 58.13
C ARG A 485 -14.42 1.88 57.40
N VAL A 486 -15.37 2.58 57.99
CA VAL A 486 -15.92 3.80 57.42
C VAL A 486 -15.05 5.04 57.63
N VAL A 487 -14.55 5.18 58.86
CA VAL A 487 -13.73 6.32 59.27
C VAL A 487 -12.73 6.78 58.20
N GLN B 22 -28.92 -16.69 -2.07
CA GLN B 22 -29.15 -16.84 -3.50
C GLN B 22 -28.56 -18.13 -4.02
N VAL B 23 -28.68 -19.19 -3.25
CA VAL B 23 -28.16 -20.47 -3.69
C VAL B 23 -29.13 -21.10 -4.64
N GLN B 24 -28.62 -21.40 -5.83
CA GLN B 24 -29.38 -21.96 -6.91
C GLN B 24 -28.67 -23.10 -7.61
N LEU B 25 -29.47 -24.06 -8.06
CA LEU B 25 -28.95 -25.14 -8.87
C LEU B 25 -29.74 -25.16 -10.17
N VAL B 26 -29.05 -25.35 -11.29
CA VAL B 26 -29.67 -25.39 -12.60
C VAL B 26 -29.33 -26.64 -13.40
N GLN B 27 -30.35 -27.31 -13.92
CA GLN B 27 -30.13 -28.51 -14.73
C GLN B 27 -30.70 -28.40 -16.13
N SER B 28 -30.04 -29.07 -17.08
CA SER B 28 -30.54 -29.16 -18.45
C SER B 28 -31.40 -30.40 -18.60
N GLY B 29 -32.20 -30.48 -19.66
CA GLY B 29 -33.02 -31.65 -19.93
C GLY B 29 -32.28 -32.67 -20.79
N ALA B 30 -32.95 -33.76 -21.16
CA ALA B 30 -32.33 -34.77 -22.00
C ALA B 30 -33.38 -35.53 -22.80
N GLU B 31 -32.91 -36.12 -23.88
CA GLU B 31 -33.69 -36.90 -24.80
C GLU B 31 -33.81 -38.36 -24.39
N VAL B 32 -34.52 -39.10 -25.24
CA VAL B 32 -34.67 -40.52 -25.05
C VAL B 32 -33.60 -41.17 -25.90
N LYS B 33 -32.83 -42.04 -25.30
CA LYS B 33 -31.72 -42.69 -25.98
C LYS B 33 -32.03 -44.14 -26.31
N LYS B 34 -31.33 -44.69 -27.28
CA LYS B 34 -31.51 -46.10 -27.58
C LYS B 34 -30.68 -46.94 -26.62
N PRO B 35 -31.06 -48.16 -26.27
CA PRO B 35 -30.29 -49.01 -25.41
C PRO B 35 -28.88 -49.15 -25.96
N GLY B 36 -27.91 -49.06 -25.05
CA GLY B 36 -26.49 -49.15 -25.32
C GLY B 36 -25.82 -47.78 -25.49
N ALA B 37 -26.65 -46.74 -25.65
CA ALA B 37 -26.24 -45.35 -25.84
C ALA B 37 -25.74 -44.69 -24.57
N SER B 38 -25.04 -43.58 -24.73
CA SER B 38 -24.63 -42.81 -23.56
C SER B 38 -25.40 -41.50 -23.46
N VAL B 39 -25.49 -40.99 -22.24
CA VAL B 39 -26.11 -39.68 -21.97
C VAL B 39 -25.22 -38.84 -21.08
N LYS B 40 -25.23 -37.55 -21.32
CA LYS B 40 -24.52 -36.62 -20.48
C LYS B 40 -25.51 -35.65 -19.88
N VAL B 41 -25.44 -35.48 -18.57
CA VAL B 41 -26.31 -34.54 -17.86
C VAL B 41 -25.41 -33.64 -17.03
N SER B 42 -25.91 -32.50 -16.64
CA SER B 42 -25.08 -31.60 -15.87
C SER B 42 -25.86 -30.74 -14.95
N CYS B 43 -25.14 -30.10 -14.06
CA CYS B 43 -25.72 -29.16 -13.14
C CYS B 43 -24.80 -28.01 -12.83
N LYS B 44 -25.34 -26.81 -12.96
CA LYS B 44 -24.62 -25.59 -12.67
C LYS B 44 -25.08 -25.08 -11.33
N ALA B 45 -24.19 -24.48 -10.57
CA ALA B 45 -24.69 -23.98 -9.31
C ALA B 45 -23.98 -22.71 -8.90
N SER B 46 -24.70 -21.89 -8.15
CA SER B 46 -24.12 -20.65 -7.64
C SER B 46 -24.68 -20.24 -6.29
N GLY B 47 -24.25 -19.07 -5.83
CA GLY B 47 -24.63 -18.48 -4.54
C GLY B 47 -23.73 -18.92 -3.39
N TYR B 48 -22.74 -19.73 -3.72
CA TYR B 48 -21.78 -20.27 -2.75
C TYR B 48 -20.52 -20.63 -3.53
N THR B 49 -19.35 -20.47 -2.94
CA THR B 49 -18.15 -20.85 -3.68
C THR B 49 -18.19 -22.32 -4.09
N PHE B 50 -18.00 -22.57 -5.36
CA PHE B 50 -18.07 -23.89 -5.96
C PHE B 50 -17.12 -24.89 -5.35
N THR B 51 -15.90 -24.48 -5.12
CA THR B 51 -14.86 -25.36 -4.66
C THR B 51 -14.87 -25.55 -3.16
N SER B 52 -15.83 -24.95 -2.47
CA SER B 52 -15.90 -25.08 -1.04
C SER B 52 -16.84 -26.19 -0.57
N TYR B 53 -17.49 -26.92 -1.48
CA TYR B 53 -18.39 -27.98 -1.01
C TYR B 53 -18.47 -29.18 -1.94
N TYR B 54 -18.97 -30.29 -1.42
CA TYR B 54 -19.16 -31.53 -2.20
C TYR B 54 -20.49 -31.59 -2.89
N MET B 55 -20.56 -32.27 -4.04
CA MET B 55 -21.85 -32.45 -4.70
C MET B 55 -22.24 -33.90 -4.86
N HIS B 56 -23.54 -34.15 -4.72
CA HIS B 56 -24.11 -35.48 -4.85
C HIS B 56 -25.04 -35.66 -6.01
N TRP B 57 -25.04 -36.87 -6.54
CA TRP B 57 -26.03 -37.27 -7.52
C TRP B 57 -26.82 -38.43 -6.99
N VAL B 58 -28.13 -38.35 -7.20
CA VAL B 58 -29.07 -39.38 -6.79
C VAL B 58 -29.99 -39.74 -7.93
N ARG B 59 -30.67 -40.87 -7.80
CA ARG B 59 -31.59 -41.32 -8.83
C ARG B 59 -32.87 -41.90 -8.30
N GLN B 60 -33.98 -41.58 -8.96
CA GLN B 60 -35.26 -42.21 -8.62
C GLN B 60 -36.11 -42.40 -9.87
N ALA B 61 -36.80 -43.51 -9.96
CA ALA B 61 -37.67 -43.77 -11.09
C ALA B 61 -39.11 -43.72 -10.61
N PRO B 62 -40.08 -43.35 -11.44
CA PRO B 62 -41.46 -43.35 -11.04
C PRO B 62 -41.82 -44.72 -10.51
N GLY B 63 -42.51 -44.73 -9.36
CA GLY B 63 -42.95 -45.96 -8.73
C GLY B 63 -41.89 -46.60 -7.83
N GLN B 64 -40.68 -46.04 -7.82
CA GLN B 64 -39.58 -46.59 -7.05
C GLN B 64 -39.13 -45.69 -5.92
N GLY B 65 -38.17 -46.17 -5.14
CA GLY B 65 -37.61 -45.40 -4.03
C GLY B 65 -36.41 -44.61 -4.48
N LEU B 66 -35.59 -44.18 -3.53
CA LEU B 66 -34.45 -43.37 -3.89
C LEU B 66 -33.16 -44.17 -3.79
N GLU B 67 -32.22 -43.90 -4.70
CA GLU B 67 -30.90 -44.50 -4.62
C GLU B 67 -29.82 -43.45 -4.68
N TRP B 68 -28.71 -43.71 -4.01
CA TRP B 68 -27.58 -42.82 -4.09
C TRP B 68 -26.64 -43.30 -5.20
N MET B 69 -26.12 -42.40 -6.05
CA MET B 69 -25.21 -42.85 -7.11
C MET B 69 -23.77 -42.55 -6.85
N GLY B 70 -23.50 -41.35 -6.35
CA GLY B 70 -22.11 -40.97 -6.17
C GLY B 70 -21.87 -39.55 -5.72
N ILE B 71 -20.63 -39.30 -5.36
CA ILE B 71 -20.15 -38.01 -4.88
C ILE B 71 -18.92 -37.53 -5.62
N ILE B 72 -18.91 -36.26 -5.96
CA ILE B 72 -17.76 -35.62 -6.60
C ILE B 72 -17.27 -34.41 -5.84
N ASN B 73 -15.96 -34.31 -5.66
CA ASN B 73 -15.41 -33.17 -4.95
C ASN B 73 -14.81 -32.14 -5.92
N PRO B 74 -15.49 -31.04 -6.24
CA PRO B 74 -15.13 -30.06 -7.23
C PRO B 74 -13.89 -29.29 -6.88
N SER B 75 -13.47 -29.39 -5.63
CA SER B 75 -12.29 -28.70 -5.17
C SER B 75 -11.04 -29.18 -5.89
N GLY B 76 -10.98 -30.49 -6.15
CA GLY B 76 -9.81 -31.08 -6.75
C GLY B 76 -10.08 -31.50 -8.20
N GLY B 77 -10.48 -32.76 -8.41
CA GLY B 77 -10.67 -33.69 -7.31
C GLY B 77 -11.19 -35.03 -7.74
N SER B 78 -11.29 -35.88 -6.73
CA SER B 78 -11.70 -37.26 -6.80
C SER B 78 -13.18 -37.49 -6.69
N THR B 79 -13.55 -38.74 -7.02
CA THR B 79 -14.92 -39.23 -6.94
C THR B 79 -15.02 -40.57 -6.21
N SER B 80 -16.23 -40.90 -5.81
CA SER B 80 -16.60 -42.20 -5.21
C SER B 80 -18.01 -42.56 -5.61
N TYR B 81 -18.22 -43.84 -5.96
CA TYR B 81 -19.53 -44.26 -6.46
C TYR B 81 -20.08 -45.48 -5.79
N ALA B 82 -21.39 -45.60 -5.79
CA ALA B 82 -22.01 -46.81 -5.30
C ALA B 82 -21.63 -47.92 -6.26
N GLN B 83 -21.45 -49.13 -5.75
CA GLN B 83 -21.06 -50.27 -6.60
C GLN B 83 -22.08 -50.59 -7.67
N LYS B 84 -23.29 -50.15 -7.47
CA LYS B 84 -24.39 -50.40 -8.37
C LYS B 84 -24.14 -49.88 -9.78
N PHE B 85 -23.43 -48.76 -9.88
CA PHE B 85 -23.19 -48.12 -11.17
C PHE B 85 -21.71 -48.18 -11.49
N GLN B 86 -20.97 -49.01 -10.77
CA GLN B 86 -19.54 -48.94 -10.97
C GLN B 86 -19.19 -49.47 -12.34
N GLY B 87 -18.44 -48.66 -13.06
CA GLY B 87 -18.03 -48.98 -14.41
C GLY B 87 -18.96 -48.37 -15.46
N ARG B 88 -20.13 -47.87 -15.03
CA ARG B 88 -21.05 -47.29 -16.01
C ARG B 88 -21.14 -45.78 -15.80
N VAL B 89 -20.86 -45.32 -14.58
CA VAL B 89 -20.96 -43.90 -14.31
C VAL B 89 -19.61 -43.27 -14.10
N THR B 90 -19.45 -42.09 -14.65
CA THR B 90 -18.25 -41.32 -14.46
C THR B 90 -18.64 -39.88 -14.17
N MET B 91 -17.77 -39.14 -13.49
CA MET B 91 -18.06 -37.76 -13.15
C MET B 91 -16.86 -36.87 -13.32
N THR B 92 -17.11 -35.65 -13.77
CA THR B 92 -16.09 -34.64 -13.93
C THR B 92 -16.56 -33.32 -13.38
N ARG B 93 -15.63 -32.39 -13.24
CA ARG B 93 -15.94 -31.06 -12.75
C ARG B 93 -15.21 -29.99 -13.55
N ASP B 94 -15.74 -28.78 -13.55
CA ASP B 94 -15.05 -27.66 -14.16
C ASP B 94 -15.25 -26.41 -13.29
N THR B 95 -14.17 -26.00 -12.63
CA THR B 95 -14.22 -24.93 -11.65
C THR B 95 -14.33 -23.56 -12.30
N SER B 96 -14.12 -23.49 -13.61
CA SER B 96 -14.20 -22.21 -14.29
C SER B 96 -15.64 -21.86 -14.68
N THR B 97 -16.55 -22.84 -14.62
CA THR B 97 -17.94 -22.65 -15.03
C THR B 97 -18.89 -22.89 -13.87
N SER B 98 -18.32 -23.27 -12.74
CA SER B 98 -19.06 -23.68 -11.55
C SER B 98 -20.06 -24.79 -11.86
N THR B 99 -19.59 -25.81 -12.58
CA THR B 99 -20.45 -26.94 -12.94
C THR B 99 -19.87 -28.32 -12.65
N VAL B 100 -20.78 -29.28 -12.58
CA VAL B 100 -20.40 -30.68 -12.50
C VAL B 100 -21.12 -31.45 -13.59
N TYR B 101 -20.50 -32.53 -14.04
CA TYR B 101 -21.08 -33.34 -15.10
C TYR B 101 -21.12 -34.79 -14.72
N MET B 102 -22.15 -35.47 -15.17
CA MET B 102 -22.26 -36.91 -14.99
C MET B 102 -22.51 -37.57 -16.31
N GLU B 103 -21.87 -38.69 -16.54
CA GLU B 103 -22.11 -39.41 -17.77
C GLU B 103 -22.38 -40.86 -17.50
N LEU B 104 -23.36 -41.40 -18.21
CA LEU B 104 -23.72 -42.80 -18.07
C LEU B 104 -23.56 -43.54 -19.38
N SER B 105 -22.80 -44.62 -19.35
CA SER B 105 -22.59 -45.45 -20.52
C SER B 105 -23.52 -46.65 -20.50
N SER B 106 -23.64 -47.31 -21.65
CA SER B 106 -24.42 -48.54 -21.76
C SER B 106 -25.82 -48.42 -21.17
N LEU B 107 -26.58 -47.40 -21.58
CA LEU B 107 -27.92 -47.19 -21.03
C LEU B 107 -28.90 -48.30 -21.33
N ARG B 108 -29.73 -48.58 -20.35
CA ARG B 108 -30.77 -49.58 -20.46
C ARG B 108 -32.10 -48.98 -19.98
N SER B 109 -33.24 -49.61 -20.30
CA SER B 109 -34.55 -49.08 -19.90
C SER B 109 -34.73 -49.00 -18.38
N GLU B 110 -33.93 -49.78 -17.66
CA GLU B 110 -33.88 -49.81 -16.20
C GLU B 110 -33.45 -48.47 -15.62
N ASP B 111 -32.77 -47.65 -16.42
CA ASP B 111 -32.26 -46.37 -15.96
C ASP B 111 -33.20 -45.22 -16.28
N THR B 112 -34.41 -45.54 -16.75
CA THR B 112 -35.35 -44.46 -17.01
C THR B 112 -35.59 -43.86 -15.66
N ALA B 113 -35.33 -42.57 -15.51
CA ALA B 113 -35.45 -41.96 -14.20
C ALA B 113 -35.33 -40.47 -14.23
N VAL B 114 -35.62 -39.86 -13.08
CA VAL B 114 -35.34 -38.47 -12.90
C VAL B 114 -34.08 -38.39 -12.05
N TYR B 115 -33.16 -37.60 -12.53
CA TYR B 115 -31.89 -37.46 -11.85
C TYR B 115 -31.81 -36.13 -11.15
N TYR B 116 -31.24 -36.15 -9.97
CA TYR B 116 -31.08 -34.94 -9.20
C TYR B 116 -29.66 -34.71 -8.83
N CYS B 117 -29.35 -33.45 -8.67
CA CYS B 117 -28.06 -33.00 -8.26
C CYS B 117 -28.28 -32.09 -7.06
N ALA B 118 -27.43 -32.22 -6.04
CA ALA B 118 -27.59 -31.39 -4.85
C ALA B 118 -26.29 -31.07 -4.12
N ARG B 119 -26.30 -29.95 -3.40
CA ARG B 119 -25.13 -29.48 -2.64
C ARG B 119 -25.03 -30.17 -1.31
N ASP B 120 -23.85 -30.61 -0.88
CA ASP B 120 -23.76 -31.25 0.44
C ASP B 120 -23.56 -30.25 1.57
N VAL B 121 -23.47 -30.75 2.79
CA VAL B 121 -23.26 -29.93 3.98
C VAL B 121 -22.09 -30.39 4.86
N GLY B 122 -21.25 -29.42 5.22
CA GLY B 122 -20.10 -29.63 6.09
C GLY B 122 -18.79 -29.35 5.39
N THR B 123 -17.94 -28.56 6.05
CA THR B 123 -16.64 -28.18 5.55
C THR B 123 -15.64 -28.53 6.65
N GLU B 124 -16.23 -28.80 7.81
CA GLU B 124 -15.53 -29.06 9.07
C GLU B 124 -14.73 -30.37 9.24
N GLY B 125 -14.96 -31.40 8.43
CA GLY B 125 -14.20 -32.63 8.64
C GLY B 125 -15.00 -33.90 8.32
N SER B 126 -16.32 -33.81 8.38
CA SER B 126 -17.17 -34.94 8.07
C SER B 126 -18.40 -34.42 7.37
N LEU B 127 -19.11 -35.29 6.66
CA LEU B 127 -20.27 -34.83 5.91
C LEU B 127 -21.57 -35.37 6.45
N LEU B 128 -22.64 -34.56 6.38
CA LEU B 128 -23.98 -34.96 6.84
C LEU B 128 -24.95 -34.97 5.65
N HIS B 129 -25.87 -33.99 5.56
CA HIS B 129 -26.69 -33.97 4.36
C HIS B 129 -27.31 -32.62 4.13
N PHE B 130 -28.05 -32.53 3.04
CA PHE B 130 -28.51 -31.28 2.48
C PHE B 130 -29.93 -30.91 2.14
N ASP B 131 -30.09 -29.58 2.08
CA ASP B 131 -31.28 -28.89 1.68
C ASP B 131 -31.28 -28.09 0.36
N TYR B 132 -30.25 -28.17 -0.47
CA TYR B 132 -30.31 -27.43 -1.74
C TYR B 132 -30.27 -28.39 -2.90
N TRP B 133 -31.44 -28.58 -3.48
CA TRP B 133 -31.66 -29.54 -4.54
C TRP B 133 -31.96 -28.84 -5.85
N GLY B 134 -31.57 -29.44 -6.97
CA GLY B 134 -31.92 -28.91 -8.28
C GLY B 134 -33.34 -29.35 -8.57
N GLN B 135 -33.82 -29.04 -9.76
CA GLN B 135 -35.21 -29.29 -10.14
C GLN B 135 -35.55 -30.73 -10.47
N GLY B 136 -34.59 -31.44 -11.03
CA GLY B 136 -34.75 -32.80 -11.49
C GLY B 136 -34.80 -32.81 -13.00
N THR B 137 -34.01 -33.69 -13.60
CA THR B 137 -33.96 -33.78 -15.06
C THR B 137 -34.28 -35.18 -15.49
N LEU B 138 -34.98 -35.33 -16.61
CA LEU B 138 -35.30 -36.66 -17.05
C LEU B 138 -34.39 -37.21 -18.09
N VAL B 139 -34.11 -38.49 -17.96
CA VAL B 139 -33.40 -39.26 -18.94
C VAL B 139 -34.22 -40.47 -19.23
N THR B 140 -34.50 -40.75 -20.50
CA THR B 140 -35.28 -41.95 -20.73
C THR B 140 -34.55 -42.82 -21.75
N VAL B 141 -34.83 -44.11 -21.75
CA VAL B 141 -34.19 -45.01 -22.68
C VAL B 141 -35.28 -45.85 -23.34
N SER B 142 -35.27 -45.95 -24.65
CA SER B 142 -36.29 -46.74 -25.35
C SER B 142 -35.92 -47.19 -26.73
N SER B 143 -36.45 -48.34 -27.13
CA SER B 143 -36.26 -48.85 -28.48
C SER B 143 -37.14 -48.10 -29.49
N ALA B 144 -38.16 -47.40 -28.98
CA ALA B 144 -39.11 -46.66 -29.82
C ALA B 144 -38.43 -45.41 -30.37
N SER B 145 -38.87 -44.98 -31.56
CA SER B 145 -38.36 -43.75 -32.17
C SER B 145 -39.33 -42.62 -31.89
N THR B 146 -40.33 -42.47 -32.74
CA THR B 146 -41.37 -41.48 -32.51
C THR B 146 -42.63 -41.83 -33.28
N LYS B 147 -43.77 -41.49 -32.70
CA LYS B 147 -45.07 -41.70 -33.32
C LYS B 147 -46.05 -40.58 -33.01
N GLY B 148 -46.90 -40.21 -33.97
CA GLY B 148 -47.94 -39.26 -33.63
C GLY B 148 -49.03 -40.10 -32.98
N PRO B 149 -50.02 -39.52 -32.32
CA PRO B 149 -51.12 -40.20 -31.68
C PRO B 149 -52.13 -40.75 -32.65
N SER B 150 -52.76 -41.85 -32.28
CA SER B 150 -53.92 -42.36 -33.01
C SER B 150 -55.10 -42.10 -32.09
N VAL B 151 -56.01 -41.24 -32.53
CA VAL B 151 -57.07 -40.79 -31.65
C VAL B 151 -58.42 -41.28 -32.08
N PHE B 152 -59.16 -41.85 -31.14
CA PHE B 152 -60.48 -42.32 -31.44
C PHE B 152 -61.44 -41.67 -30.44
N PRO B 153 -62.68 -41.38 -30.81
CA PRO B 153 -63.73 -40.89 -29.94
C PRO B 153 -64.27 -42.01 -29.05
N LEU B 154 -64.77 -41.64 -27.87
CA LEU B 154 -65.48 -42.55 -26.99
C LEU B 154 -66.86 -41.99 -26.64
N ALA B 155 -67.92 -42.74 -26.87
CA ALA B 155 -69.21 -42.21 -26.50
C ALA B 155 -70.21 -43.36 -26.27
N PRO B 156 -71.26 -43.17 -25.44
CA PRO B 156 -72.37 -44.09 -25.23
C PRO B 156 -73.24 -44.25 -26.45
N SER B 157 -73.89 -45.39 -26.57
CA SER B 157 -74.89 -45.57 -27.60
C SER B 157 -76.21 -45.08 -27.02
N SER B 158 -77.20 -44.81 -27.86
CA SER B 158 -78.51 -44.40 -27.37
C SER B 158 -79.56 -44.48 -28.47
N SER B 162 -81.26 -41.70 -21.24
CA SER B 162 -80.75 -40.61 -20.42
C SER B 162 -79.66 -41.04 -19.44
N GLY B 163 -80.09 -41.63 -18.32
CA GLY B 163 -79.17 -42.08 -17.28
C GLY B 163 -78.81 -40.95 -16.31
N GLY B 164 -79.39 -39.77 -16.51
CA GLY B 164 -79.12 -38.60 -15.70
C GLY B 164 -77.87 -37.88 -16.22
N THR B 165 -76.74 -38.58 -16.14
CA THR B 165 -75.45 -38.12 -16.62
C THR B 165 -74.75 -39.22 -17.41
N ALA B 166 -73.77 -38.81 -18.21
CA ALA B 166 -72.89 -39.74 -18.91
C ALA B 166 -71.62 -39.03 -19.23
N ALA B 167 -70.55 -39.76 -19.49
CA ALA B 167 -69.36 -39.06 -19.90
C ALA B 167 -69.04 -39.36 -21.34
N LEU B 168 -68.48 -38.38 -22.01
CA LEU B 168 -67.96 -38.56 -23.36
C LEU B 168 -66.47 -38.51 -23.26
N GLY B 169 -65.76 -39.09 -24.19
CA GLY B 169 -64.33 -39.03 -24.08
C GLY B 169 -63.58 -39.34 -25.34
N CYS B 170 -62.33 -39.63 -25.15
CA CYS B 170 -61.45 -40.01 -26.24
C CYS B 170 -60.35 -40.93 -25.77
N LEU B 171 -59.88 -41.73 -26.70
CA LEU B 171 -58.82 -42.69 -26.47
C LEU B 171 -57.67 -42.43 -27.40
N VAL B 172 -56.49 -42.22 -26.84
CA VAL B 172 -55.34 -41.95 -27.67
C VAL B 172 -54.33 -43.03 -27.48
N LYS B 173 -53.87 -43.63 -28.56
CA LYS B 173 -52.89 -44.69 -28.39
C LYS B 173 -51.68 -44.54 -29.29
N ASP B 174 -50.64 -45.26 -28.90
CA ASP B 174 -49.39 -45.41 -29.60
C ASP B 174 -48.60 -44.16 -29.95
N TYR B 175 -48.49 -43.19 -29.03
CA TYR B 175 -47.70 -41.99 -29.34
C TYR B 175 -46.35 -42.09 -28.65
N PHE B 176 -45.36 -41.40 -29.20
CA PHE B 176 -44.05 -41.42 -28.55
C PHE B 176 -43.13 -40.30 -29.02
N PRO B 177 -42.41 -39.62 -28.11
CA PRO B 177 -42.36 -39.65 -26.64
C PRO B 177 -43.54 -38.89 -26.10
N GLU B 178 -43.76 -38.97 -24.81
CA GLU B 178 -44.84 -38.19 -24.21
C GLU B 178 -44.22 -36.81 -23.91
N PRO B 179 -44.99 -35.86 -23.36
CA PRO B 179 -46.41 -35.76 -23.08
C PRO B 179 -47.23 -35.45 -24.31
N VAL B 180 -48.50 -35.74 -24.25
CA VAL B 180 -49.45 -35.24 -25.23
C VAL B 180 -50.45 -34.42 -24.40
N THR B 181 -50.79 -33.22 -24.85
CA THR B 181 -51.70 -32.35 -24.09
C THR B 181 -53.14 -32.43 -24.55
N VAL B 182 -54.05 -32.67 -23.62
CA VAL B 182 -55.47 -32.78 -23.96
C VAL B 182 -56.30 -31.67 -23.35
N SER B 183 -57.18 -31.13 -24.17
CA SER B 183 -58.12 -30.11 -23.75
C SER B 183 -59.42 -30.38 -24.48
N TRP B 184 -60.49 -29.76 -24.02
CA TRP B 184 -61.76 -29.96 -24.69
C TRP B 184 -62.31 -28.68 -25.33
N ASN B 185 -62.99 -28.87 -26.47
CA ASN B 185 -63.63 -27.78 -27.21
C ASN B 185 -62.68 -26.62 -27.47
N SER B 186 -61.46 -26.95 -27.87
CA SER B 186 -60.40 -26.00 -28.16
C SER B 186 -60.10 -25.01 -27.02
N GLY B 187 -60.22 -25.46 -25.77
CA GLY B 187 -59.93 -24.62 -24.62
C GLY B 187 -61.18 -24.03 -23.99
N ALA B 188 -62.32 -24.21 -24.65
CA ALA B 188 -63.58 -23.71 -24.14
C ALA B 188 -64.15 -24.58 -23.01
N LEU B 189 -63.84 -25.88 -22.99
CA LEU B 189 -64.40 -26.75 -21.98
C LEU B 189 -63.32 -27.13 -20.98
N THR B 190 -63.39 -26.48 -19.83
CA THR B 190 -62.38 -26.57 -18.79
C THR B 190 -62.85 -27.19 -17.48
N SER B 191 -64.07 -27.70 -17.46
CA SER B 191 -64.60 -28.27 -16.22
C SER B 191 -65.39 -29.53 -16.50
N GLY B 192 -65.40 -30.42 -15.51
CA GLY B 192 -66.11 -31.72 -15.59
C GLY B 192 -65.21 -32.72 -16.31
N VAL B 193 -64.01 -32.25 -16.64
CA VAL B 193 -63.00 -32.98 -17.38
C VAL B 193 -62.03 -33.71 -16.45
N HIS B 194 -61.84 -34.98 -16.74
CA HIS B 194 -60.93 -35.85 -16.00
C HIS B 194 -59.92 -36.45 -16.95
N THR B 195 -58.65 -36.34 -16.58
CA THR B 195 -57.61 -36.87 -17.43
C THR B 195 -56.73 -37.81 -16.65
N PHE B 196 -56.16 -38.73 -17.37
CA PHE B 196 -55.25 -39.72 -16.84
C PHE B 196 -53.85 -39.43 -17.38
N PRO B 197 -52.78 -39.88 -16.70
CA PRO B 197 -51.38 -39.74 -17.06
C PRO B 197 -51.04 -40.57 -18.28
N ALA B 198 -49.96 -40.23 -18.96
CA ALA B 198 -49.52 -41.05 -20.07
C ALA B 198 -49.10 -42.42 -19.52
N VAL B 199 -49.50 -43.47 -20.21
CA VAL B 199 -49.15 -44.84 -19.81
C VAL B 199 -48.51 -45.66 -20.91
N LEU B 200 -47.43 -46.37 -20.60
CA LEU B 200 -46.83 -47.26 -21.59
C LEU B 200 -47.45 -48.62 -21.61
N GLN B 201 -47.55 -49.15 -22.82
CA GLN B 201 -47.95 -50.51 -23.08
C GLN B 201 -46.76 -51.30 -23.59
N SER B 202 -46.95 -52.58 -23.87
CA SER B 202 -45.88 -53.49 -24.30
C SER B 202 -45.24 -53.11 -25.62
N SER B 203 -45.92 -52.26 -26.39
CA SER B 203 -45.41 -51.78 -27.66
C SER B 203 -44.28 -50.78 -27.48
N GLY B 204 -44.14 -50.24 -26.26
CA GLY B 204 -43.14 -49.23 -25.95
C GLY B 204 -43.66 -47.84 -26.24
N LEU B 205 -44.92 -47.78 -26.67
CA LEU B 205 -45.57 -46.54 -27.00
C LEU B 205 -46.57 -46.18 -25.89
N TYR B 206 -46.97 -44.90 -25.84
CA TYR B 206 -47.88 -44.39 -24.81
C TYR B 206 -49.34 -44.20 -25.19
N SER B 207 -50.22 -44.29 -24.19
CA SER B 207 -51.63 -43.97 -24.35
C SER B 207 -52.08 -42.83 -23.42
N LEU B 208 -53.19 -42.18 -23.82
CA LEU B 208 -53.89 -41.13 -23.06
C LEU B 208 -55.38 -41.47 -22.94
N SER B 209 -55.95 -41.12 -21.80
CA SER B 209 -57.38 -41.30 -21.54
C SER B 209 -57.97 -40.01 -20.99
N SER B 210 -59.04 -39.53 -21.63
CA SER B 210 -59.72 -38.29 -21.21
C SER B 210 -61.24 -38.37 -21.38
N VAL B 211 -61.95 -38.03 -20.31
CA VAL B 211 -63.41 -38.00 -20.34
C VAL B 211 -63.97 -36.73 -19.73
N VAL B 212 -65.16 -36.36 -20.16
CA VAL B 212 -65.86 -35.25 -19.55
C VAL B 212 -67.27 -35.67 -19.15
N THR B 213 -67.66 -35.38 -17.91
CA THR B 213 -68.98 -35.76 -17.47
C THR B 213 -69.92 -34.60 -17.72
N VAL B 214 -71.00 -34.91 -18.42
CA VAL B 214 -71.99 -33.94 -18.82
C VAL B 214 -73.40 -34.51 -18.50
N PRO B 215 -74.38 -33.69 -18.06
CA PRO B 215 -75.79 -34.07 -17.89
C PRO B 215 -76.35 -34.57 -19.19
N SER B 216 -77.28 -35.53 -19.15
CA SER B 216 -77.84 -36.07 -20.40
C SER B 216 -78.58 -35.01 -21.21
N SER B 217 -79.12 -33.99 -20.54
CA SER B 217 -79.83 -32.88 -21.17
C SER B 217 -78.89 -31.98 -22.00
N SER B 218 -77.58 -32.13 -21.78
CA SER B 218 -76.54 -31.39 -22.47
C SER B 218 -75.71 -32.31 -23.37
N LEU B 219 -76.14 -33.57 -23.52
CA LEU B 219 -75.48 -34.56 -24.38
C LEU B 219 -76.32 -34.99 -25.55
N GLY B 220 -77.59 -35.28 -25.33
CA GLY B 220 -78.42 -35.76 -26.44
C GLY B 220 -78.83 -34.59 -27.34
N THR B 221 -78.47 -33.41 -26.87
CA THR B 221 -78.73 -32.12 -27.44
C THR B 221 -77.47 -31.40 -27.94
N GLN B 222 -76.27 -31.99 -27.77
CA GLN B 222 -75.04 -31.28 -28.14
C GLN B 222 -73.95 -32.23 -28.62
N THR B 223 -72.80 -31.68 -29.04
CA THR B 223 -71.64 -32.49 -29.39
C THR B 223 -70.43 -31.91 -28.69
N TYR B 224 -69.43 -32.74 -28.43
CA TYR B 224 -68.20 -32.30 -27.78
C TYR B 224 -66.94 -32.72 -28.55
N ILE B 225 -65.89 -31.91 -28.45
CA ILE B 225 -64.63 -32.21 -29.15
C ILE B 225 -63.42 -32.47 -28.25
N CYS B 226 -62.76 -33.60 -28.49
CA CYS B 226 -61.51 -33.94 -27.78
C CYS B 226 -60.34 -33.46 -28.61
N ASN B 227 -59.51 -32.58 -28.05
CA ASN B 227 -58.38 -32.02 -28.79
C ASN B 227 -57.03 -32.40 -28.18
N VAL B 228 -56.22 -33.18 -28.92
CA VAL B 228 -54.92 -33.58 -28.37
C VAL B 228 -53.74 -33.06 -29.19
N ASN B 229 -52.85 -32.33 -28.53
CA ASN B 229 -51.69 -31.73 -29.17
C ASN B 229 -50.39 -32.47 -28.83
N HIS B 230 -49.88 -33.22 -29.78
CA HIS B 230 -48.69 -33.98 -29.50
C HIS B 230 -47.52 -33.12 -29.92
N LYS B 231 -47.23 -32.14 -29.07
CA LYS B 231 -46.18 -31.18 -29.37
C LYS B 231 -44.86 -31.84 -29.83
N PRO B 232 -44.34 -32.91 -29.18
CA PRO B 232 -43.09 -33.58 -29.52
C PRO B 232 -42.99 -34.13 -30.95
N SER B 233 -44.12 -34.33 -31.64
CA SER B 233 -44.09 -34.86 -32.99
C SER B 233 -44.64 -33.82 -33.96
N ASN B 234 -44.84 -32.61 -33.45
CA ASN B 234 -45.38 -31.48 -34.20
C ASN B 234 -46.74 -31.73 -34.86
N THR B 235 -47.66 -32.41 -34.17
CA THR B 235 -48.96 -32.63 -34.79
C THR B 235 -50.12 -32.54 -33.81
N LYS B 236 -51.30 -32.22 -34.32
CA LYS B 236 -52.51 -32.11 -33.51
C LYS B 236 -53.65 -32.89 -34.16
N VAL B 237 -54.36 -33.65 -33.32
CA VAL B 237 -55.46 -34.49 -33.78
C VAL B 237 -56.72 -34.28 -32.92
N ASP B 238 -57.90 -34.28 -33.55
CA ASP B 238 -59.12 -34.15 -32.76
C ASP B 238 -60.25 -35.04 -33.26
N LYS B 239 -61.16 -35.39 -32.33
CA LYS B 239 -62.34 -36.19 -32.64
C LYS B 239 -63.62 -35.71 -31.96
N ARG B 240 -64.74 -35.93 -32.65
CA ARG B 240 -66.05 -35.58 -32.12
C ARG B 240 -66.79 -36.72 -31.43
N VAL B 241 -67.39 -36.40 -30.29
CA VAL B 241 -68.23 -37.31 -29.52
C VAL B 241 -69.64 -36.82 -29.19
N GLU B 242 -70.56 -37.78 -29.25
CA GLU B 242 -71.97 -37.58 -28.93
C GLU B 242 -72.49 -38.95 -28.50
N PRO B 243 -73.54 -39.06 -27.68
CA PRO B 243 -74.13 -40.31 -27.25
C PRO B 243 -74.98 -40.91 -28.36
N LYS B 244 -74.34 -41.33 -29.44
CA LYS B 244 -75.05 -41.87 -30.60
C LYS B 244 -76.27 -42.65 -30.15
N VAL C 14 11.31 -15.84 40.21
CA VAL C 14 10.74 -16.94 39.45
C VAL C 14 9.65 -16.45 38.51
N PHE C 15 9.81 -16.75 37.23
CA PHE C 15 8.78 -16.38 36.26
C PHE C 15 7.81 -17.53 36.12
N LEU C 16 6.62 -17.35 36.66
CA LEU C 16 5.60 -18.39 36.63
C LEU C 16 4.65 -18.21 35.46
N GLY C 17 4.88 -17.16 34.70
CA GLY C 17 4.01 -16.86 33.57
C GLY C 17 2.61 -16.61 34.05
N PHE C 18 1.67 -17.34 33.49
CA PHE C 18 0.28 -17.20 33.85
C PHE C 18 -0.29 -18.52 34.22
N LEU C 19 -1.32 -18.49 35.03
CA LEU C 19 -2.08 -19.65 35.41
C LEU C 19 -1.20 -20.67 36.09
N GLY C 20 -0.24 -20.23 36.90
CA GLY C 20 0.66 -21.16 37.59
C GLY C 20 -0.07 -22.06 38.59
N ALA C 21 -1.11 -21.52 39.24
CA ALA C 21 -1.85 -22.27 40.24
C ALA C 21 -3.26 -21.72 40.42
N ALA C 22 -4.33 -22.18 39.70
CA ALA C 22 -4.47 -23.24 38.69
C ALA C 22 -4.29 -24.64 39.25
N GLY C 23 -5.35 -25.18 39.81
CA GLY C 23 -5.37 -26.51 40.41
C GLY C 23 -5.27 -26.47 41.93
N SER C 24 -4.86 -25.32 42.43
CA SER C 24 -4.71 -25.07 43.86
C SER C 24 -6.02 -24.61 44.45
N THR C 25 -6.05 -24.54 45.75
CA THR C 25 -7.17 -24.07 46.54
C THR C 25 -7.13 -22.55 46.57
N MET C 26 -8.17 -21.85 47.07
CA MET C 26 -8.02 -20.39 47.02
C MET C 26 -6.91 -19.95 47.96
N GLY C 27 -6.72 -20.74 49.01
CA GLY C 27 -5.79 -20.59 50.11
C GLY C 27 -4.72 -19.50 50.06
N ALA C 28 -3.51 -19.64 49.43
CA ALA C 28 -2.87 -20.63 48.51
C ALA C 28 -2.77 -20.15 47.06
N ALA C 29 -3.86 -19.79 46.41
CA ALA C 29 -3.76 -19.35 45.02
C ALA C 29 -3.47 -17.87 44.97
N SER C 30 -3.92 -17.17 46.01
CA SER C 30 -3.80 -15.70 46.12
C SER C 30 -2.33 -15.24 46.25
N MET C 31 -1.47 -16.18 46.50
CA MET C 31 -0.05 -15.96 46.70
C MET C 31 0.63 -15.43 45.44
N THR C 32 0.00 -15.64 44.28
CA THR C 32 0.57 -15.20 43.01
C THR C 32 -0.24 -14.11 42.32
N LEU C 33 -1.07 -13.36 43.04
CA LEU C 33 -1.87 -12.35 42.35
C LEU C 33 -0.98 -11.31 41.66
N THR C 34 0.21 -11.03 42.23
CA THR C 34 1.13 -10.05 41.66
C THR C 34 1.79 -10.57 40.39
N VAL C 35 1.74 -11.87 40.16
CA VAL C 35 2.37 -12.43 38.99
C VAL C 35 1.47 -12.21 37.81
N GLN C 36 0.20 -12.54 38.00
CA GLN C 36 -0.69 -12.42 36.88
C GLN C 36 -1.02 -10.96 36.62
N ALA C 37 -1.00 -10.13 37.67
CA ALA C 37 -1.27 -8.73 37.46
C ALA C 37 -0.17 -8.11 36.59
N ARG C 38 1.10 -8.47 36.80
CA ARG C 38 2.18 -7.84 36.05
C ARG C 38 2.50 -8.43 34.69
N ASN C 39 2.23 -9.70 34.48
CA ASN C 39 2.59 -10.28 33.20
C ASN C 39 1.56 -9.92 32.13
N LEU C 40 0.52 -9.23 32.55
CA LEU C 40 -0.57 -8.81 31.71
C LEU C 40 -0.24 -7.59 30.86
N LEU C 41 0.78 -6.80 31.24
CA LEU C 41 1.06 -5.60 30.44
C LEU C 41 2.16 -5.77 29.40
N SER C 42 2.71 -6.96 29.25
CA SER C 42 3.81 -7.16 28.31
C SER C 42 3.35 -7.31 26.87
N GLY C 43 2.81 -6.21 26.34
CA GLY C 43 2.29 -6.13 24.98
C GLY C 43 0.84 -6.56 24.89
N THR C 65 5.20 -5.21 3.76
CA THR C 65 4.89 -5.57 5.12
C THR C 65 3.78 -4.69 5.68
N VAL C 66 2.54 -5.10 5.46
CA VAL C 66 1.39 -4.36 5.96
C VAL C 66 0.66 -5.12 7.05
N TRP C 67 1.00 -6.40 7.22
CA TRP C 67 0.36 -7.27 8.19
C TRP C 67 0.69 -6.85 9.61
N GLY C 68 1.73 -6.03 9.73
CA GLY C 68 2.23 -5.52 11.00
C GLY C 68 1.18 -4.61 11.65
N ILE C 69 0.17 -4.21 10.89
CA ILE C 69 -0.90 -3.40 11.43
C ILE C 69 -1.58 -4.14 12.56
N LYS C 70 -1.57 -5.47 12.51
CA LYS C 70 -2.17 -6.28 13.53
C LYS C 70 -1.37 -6.30 14.80
N GLN C 71 -0.06 -6.06 14.73
CA GLN C 71 0.68 -6.08 15.96
C GLN C 71 0.24 -4.85 16.73
N LEU C 72 0.06 -3.73 16.04
CA LEU C 72 -0.38 -2.55 16.76
C LEU C 72 -1.80 -2.73 17.26
N GLN C 73 -2.67 -3.34 16.47
CA GLN C 73 -4.03 -3.50 16.95
C GLN C 73 -4.06 -4.36 18.21
N ALA C 74 -3.29 -5.44 18.23
CA ALA C 74 -3.30 -6.30 19.40
C ALA C 74 -2.81 -5.58 20.65
N ARG C 75 -1.80 -4.73 20.48
CA ARG C 75 -1.25 -4.01 21.61
C ARG C 75 -2.24 -2.98 22.13
N VAL C 76 -2.98 -2.33 21.23
CA VAL C 76 -3.98 -1.37 21.65
C VAL C 76 -5.07 -2.08 22.44
N LEU C 77 -5.50 -3.25 21.97
CA LEU C 77 -6.51 -3.98 22.72
C LEU C 77 -6.05 -4.37 24.10
N ALA C 78 -4.80 -4.81 24.24
CA ALA C 78 -4.32 -5.18 25.55
C ALA C 78 -4.38 -3.99 26.52
N VAL C 79 -4.01 -2.80 26.03
CA VAL C 79 -4.03 -1.61 26.85
C VAL C 79 -5.44 -1.19 27.22
N GLU C 80 -6.35 -1.18 26.26
CA GLU C 80 -7.69 -0.76 26.58
C GLU C 80 -8.34 -1.69 27.58
N ARG C 81 -8.11 -2.99 27.47
CA ARG C 81 -8.75 -3.90 28.40
C ARG C 81 -8.19 -3.71 29.79
N TYR C 82 -6.87 -3.49 29.91
CA TYR C 82 -6.30 -3.26 31.21
C TYR C 82 -6.92 -2.07 31.88
N LEU C 83 -7.01 -0.96 31.14
CA LEU C 83 -7.53 0.25 31.73
C LEU C 83 -8.98 0.11 32.14
N ARG C 84 -9.79 -0.60 31.36
CA ARG C 84 -11.17 -0.73 31.77
C ARG C 84 -11.28 -1.43 33.12
N ASP C 85 -10.48 -2.46 33.36
CA ASP C 85 -10.57 -3.12 34.66
C ASP C 85 -10.01 -2.23 35.76
N GLN C 86 -8.95 -1.50 35.47
CA GLN C 86 -8.39 -0.66 36.51
C GLN C 86 -9.35 0.45 36.88
N GLN C 87 -10.06 1.00 35.89
CA GLN C 87 -11.00 2.05 36.18
C GLN C 87 -12.13 1.52 37.04
N LEU C 88 -12.59 0.29 36.75
CA LEU C 88 -13.69 -0.28 37.50
C LEU C 88 -13.30 -0.49 38.95
N LEU C 89 -12.06 -0.94 39.21
CA LEU C 89 -11.68 -1.07 40.60
C LEU C 89 -11.74 0.30 41.24
N GLY C 90 -11.33 1.34 40.53
CA GLY C 90 -11.42 2.68 41.08
C GLY C 90 -12.87 3.07 41.39
N ILE C 91 -13.80 2.75 40.51
CA ILE C 91 -15.22 3.08 40.73
C ILE C 91 -15.73 2.43 42.00
N TRP C 92 -15.28 1.21 42.27
CA TRP C 92 -15.69 0.48 43.47
C TRP C 92 -14.87 0.85 44.72
N GLY C 93 -13.88 1.74 44.60
CA GLY C 93 -13.04 2.13 45.73
C GLY C 93 -11.83 1.23 46.03
N CYS C 94 -11.41 0.42 45.07
CA CYS C 94 -10.31 -0.51 45.27
C CYS C 94 -9.18 -0.30 44.27
N SER C 95 -8.94 0.93 43.83
CA SER C 95 -7.91 1.20 42.81
C SER C 95 -6.49 0.82 43.18
N GLY C 96 -6.16 0.86 44.46
CA GLY C 96 -4.81 0.56 44.87
C GLY C 96 -4.57 -0.86 45.35
N LYS C 97 -5.55 -1.76 45.24
CA LYS C 97 -5.30 -3.06 45.84
C LYS C 97 -5.67 -4.29 45.01
N LEU C 98 -4.86 -5.35 45.18
CA LEU C 98 -5.14 -6.65 44.57
C LEU C 98 -6.19 -7.40 45.35
N ILE C 99 -6.23 -7.13 46.65
CA ILE C 99 -7.21 -7.71 47.54
C ILE C 99 -7.93 -6.55 48.19
N CYS C 100 -9.24 -6.49 48.04
CA CYS C 100 -9.96 -5.37 48.62
C CYS C 100 -11.26 -5.78 49.31
N CYS C 101 -11.41 -5.29 50.52
CA CYS C 101 -12.55 -5.60 51.37
C CYS C 101 -13.60 -4.48 51.34
N THR C 102 -14.87 -4.80 51.06
CA THR C 102 -15.89 -3.75 51.04
C THR C 102 -17.10 -4.09 51.89
N ASN C 103 -18.11 -3.20 51.88
CA ASN C 103 -19.30 -3.37 52.72
C ASN C 103 -20.60 -3.83 52.07
N VAL C 104 -20.53 -4.49 50.94
CA VAL C 104 -21.73 -5.09 50.39
C VAL C 104 -21.85 -6.45 51.06
N PRO C 105 -22.96 -6.78 51.74
CA PRO C 105 -23.14 -8.03 52.44
C PRO C 105 -23.29 -9.16 51.44
N TRP C 106 -22.87 -10.35 51.84
CA TRP C 106 -23.07 -11.54 51.03
C TRP C 106 -24.44 -12.08 51.33
N ASN C 107 -25.13 -12.67 50.37
CA ASN C 107 -26.42 -13.24 50.69
C ASN C 107 -26.69 -14.52 49.92
N SER C 108 -27.85 -15.13 50.20
CA SER C 108 -28.24 -16.41 49.63
C SER C 108 -29.03 -16.33 48.34
N SER C 109 -29.23 -15.13 47.80
CA SER C 109 -29.98 -14.98 46.56
C SER C 109 -29.03 -15.22 45.40
N TRP C 110 -27.76 -15.28 45.76
CA TRP C 110 -26.62 -15.47 44.89
C TRP C 110 -26.26 -16.94 44.92
N SER C 111 -24.98 -17.27 45.02
CA SER C 111 -24.59 -18.67 45.08
C SER C 111 -24.89 -19.19 46.47
N ASN C 112 -24.92 -20.50 46.66
CA ASN C 112 -25.22 -21.02 47.97
C ASN C 112 -24.25 -22.10 48.45
N ARG C 113 -23.21 -21.64 49.14
CA ARG C 113 -22.16 -22.48 49.69
C ARG C 113 -21.78 -21.93 51.05
N ASN C 114 -21.57 -22.81 52.03
CA ASN C 114 -21.13 -22.34 53.34
C ASN C 114 -19.65 -21.97 53.29
N LEU C 115 -18.93 -22.70 52.45
CA LEU C 115 -17.51 -22.53 52.16
C LEU C 115 -16.53 -22.70 53.31
N SER C 116 -16.94 -23.31 54.42
CA SER C 116 -15.98 -23.48 55.51
C SER C 116 -14.82 -24.38 55.08
N GLU C 117 -15.10 -25.31 54.19
CA GLU C 117 -14.07 -26.17 53.64
C GLU C 117 -13.85 -25.84 52.17
N ILE C 118 -14.94 -25.56 51.48
CA ILE C 118 -14.98 -25.34 50.03
C ILE C 118 -14.16 -24.11 49.61
N TRP C 119 -14.09 -23.05 50.42
CA TRP C 119 -13.22 -21.93 50.08
C TRP C 119 -11.83 -22.46 49.70
N ASP C 120 -11.37 -23.45 50.46
CA ASP C 120 -10.05 -23.97 50.28
C ASP C 120 -10.13 -25.35 49.60
N ASN C 121 -11.19 -25.58 48.83
CA ASN C 121 -11.40 -26.83 48.11
C ASN C 121 -12.43 -26.71 46.96
N MET C 122 -12.14 -26.04 45.82
CA MET C 122 -13.21 -25.96 44.81
C MET C 122 -12.79 -25.96 43.33
N THR C 123 -12.07 -24.97 42.77
CA THR C 123 -11.53 -23.76 43.40
C THR C 123 -12.00 -22.49 42.68
N TRP C 124 -11.25 -22.03 41.66
CA TRP C 124 -11.63 -20.77 41.00
C TRP C 124 -12.46 -20.93 39.75
N LEU C 125 -12.17 -21.93 38.95
CA LEU C 125 -12.92 -22.04 37.71
C LEU C 125 -14.33 -22.45 38.02
N GLN C 126 -14.43 -23.36 38.98
CA GLN C 126 -15.69 -23.91 39.40
C GLN C 126 -16.49 -22.87 40.13
N TRP C 127 -15.81 -22.02 40.88
CA TRP C 127 -16.46 -20.95 41.60
C TRP C 127 -17.10 -20.00 40.62
N ASP C 128 -16.35 -19.53 39.61
CA ASP C 128 -16.97 -18.61 38.68
C ASP C 128 -18.15 -19.23 37.97
N LYS C 129 -18.08 -20.53 37.66
CA LYS C 129 -19.24 -21.13 37.02
C LYS C 129 -20.44 -21.14 37.97
N GLU C 130 -20.21 -21.45 39.24
CA GLU C 130 -21.28 -21.53 40.23
C GLU C 130 -21.99 -20.18 40.43
N ILE C 131 -21.22 -19.10 40.36
CA ILE C 131 -21.76 -17.76 40.57
C ILE C 131 -21.79 -16.94 39.27
N SER C 132 -21.79 -17.61 38.12
CA SER C 132 -21.75 -16.94 36.82
C SER C 132 -22.98 -16.12 36.50
N ASN C 133 -24.06 -16.38 37.19
CA ASN C 133 -25.31 -15.70 36.94
C ASN C 133 -25.50 -14.47 37.81
N TYR C 134 -24.49 -14.14 38.62
CA TYR C 134 -24.61 -13.00 39.50
C TYR C 134 -23.60 -11.88 39.35
N THR C 135 -22.67 -11.98 38.42
CA THR C 135 -21.64 -10.94 38.38
C THR C 135 -22.22 -9.58 37.98
N GLN C 136 -23.26 -9.62 37.17
CA GLN C 136 -23.93 -8.42 36.67
C GLN C 136 -24.80 -7.79 37.76
N ILE C 137 -24.98 -8.52 38.85
CA ILE C 137 -25.77 -8.07 39.98
C ILE C 137 -24.85 -7.50 41.07
N ILE C 138 -23.79 -8.24 41.38
CA ILE C 138 -22.87 -7.85 42.43
C ILE C 138 -22.18 -6.55 42.09
N TYR C 139 -21.77 -6.39 40.85
CA TYR C 139 -21.09 -5.17 40.47
C TYR C 139 -21.98 -3.96 40.72
N GLY C 140 -23.29 -4.11 40.49
CA GLY C 140 -24.23 -3.02 40.73
C GLY C 140 -24.26 -2.64 42.22
N LEU C 141 -24.11 -3.64 43.09
CA LEU C 141 -24.14 -3.37 44.52
C LEU C 141 -22.86 -2.67 44.93
N LEU C 142 -21.76 -3.05 44.30
CA LEU C 142 -20.51 -2.44 44.68
C LEU C 142 -20.52 -0.96 44.33
N GLU C 143 -21.09 -0.59 43.17
CA GLU C 143 -21.16 0.82 42.83
C GLU C 143 -22.00 1.60 43.82
N GLU C 144 -23.14 1.05 44.22
CA GLU C 144 -24.00 1.79 45.13
C GLU C 144 -23.32 1.99 46.47
N SER C 145 -22.63 0.97 46.96
CA SER C 145 -21.99 1.09 48.24
C SER C 145 -20.93 2.16 48.24
N GLN C 146 -20.10 2.21 47.19
CA GLN C 146 -19.06 3.21 47.16
C GLN C 146 -19.62 4.62 47.06
N ASN C 147 -20.71 4.82 46.31
CA ASN C 147 -21.24 6.16 46.21
C ASN C 147 -21.78 6.65 47.54
N GLN C 148 -22.38 5.75 48.31
CA GLN C 148 -22.91 6.14 49.60
C GLN C 148 -21.79 6.54 50.54
N GLN C 149 -20.67 5.80 50.49
CA GLN C 149 -19.57 6.13 51.38
C GLN C 149 -18.95 7.47 51.02
N GLU C 150 -18.89 7.78 49.73
CA GLU C 150 -18.32 9.06 49.31
C GLU C 150 -19.20 10.22 49.78
N LYS C 151 -20.52 10.04 49.73
CA LYS C 151 -21.40 11.09 50.23
C LYS C 151 -21.20 11.27 51.71
N ASN C 152 -21.06 10.16 52.45
CA ASN C 152 -20.91 10.27 53.89
C ASN C 152 -19.61 10.99 54.23
N GLU C 153 -18.53 10.73 53.48
CA GLU C 153 -17.27 11.41 53.74
C GLU C 153 -17.41 12.90 53.51
N GLN C 154 -18.08 13.30 52.43
CA GLN C 154 -18.23 14.71 52.15
C GLN C 154 -19.03 15.42 53.21
N ASP C 155 -20.06 14.76 53.76
CA ASP C 155 -20.82 15.43 54.80
C ASP C 155 -20.00 15.57 56.06
N LEU C 156 -19.23 14.54 56.41
CA LEU C 156 -18.43 14.60 57.62
C LEU C 156 -17.36 15.65 57.53
N LEU C 157 -16.74 15.81 56.36
CA LEU C 157 -15.72 16.83 56.21
C LEU C 157 -16.36 18.21 56.23
N ALA C 158 -17.54 18.36 55.61
CA ALA C 158 -18.22 19.65 55.56
C ALA C 158 -18.56 20.14 56.95
N LEU C 159 -18.86 19.22 57.86
CA LEU C 159 -19.21 19.55 59.23
C LEU C 159 -17.99 19.82 60.11
N ASP C 160 -16.79 19.66 59.57
CA ASP C 160 -15.58 19.88 60.33
C ASP C 160 -15.51 21.31 60.84
N GLU D 22 -24.01 -51.75 4.34
CA GLU D 22 -25.35 -51.39 3.92
C GLU D 22 -26.24 -51.09 5.10
N ILE D 23 -26.82 -49.90 5.10
CA ILE D 23 -27.75 -49.53 6.14
C ILE D 23 -29.15 -49.70 5.63
N VAL D 24 -29.90 -50.53 6.33
CA VAL D 24 -31.24 -50.85 5.91
C VAL D 24 -32.27 -50.09 6.70
N MET D 25 -33.08 -49.33 5.98
CA MET D 25 -34.12 -48.52 6.56
C MET D 25 -35.48 -48.81 5.95
N THR D 26 -36.50 -48.93 6.79
CA THR D 26 -37.85 -49.11 6.27
C THR D 26 -38.82 -48.16 6.92
N GLN D 27 -40.01 -48.07 6.35
CA GLN D 27 -41.02 -47.16 6.90
C GLN D 27 -42.42 -47.74 6.99
N SER D 28 -43.20 -47.20 7.91
CA SER D 28 -44.58 -47.64 8.11
C SER D 28 -45.49 -46.52 8.66
N PRO D 29 -46.76 -46.47 8.23
CA PRO D 29 -47.46 -47.26 7.22
C PRO D 29 -47.04 -46.79 5.85
N ALA D 30 -47.20 -47.62 4.82
CA ALA D 30 -46.91 -47.10 3.48
C ALA D 30 -47.83 -45.94 3.14
N THR D 31 -49.08 -46.03 3.57
CA THR D 31 -50.05 -44.97 3.35
C THR D 31 -50.75 -44.63 4.65
N LEU D 32 -50.76 -43.35 4.99
CA LEU D 32 -51.46 -42.89 6.18
C LEU D 32 -52.70 -42.10 5.76
N SER D 33 -53.84 -42.31 6.40
CA SER D 33 -55.05 -41.54 6.06
C SER D 33 -55.38 -40.57 7.18
N VAL D 34 -55.34 -39.28 6.86
CA VAL D 34 -55.55 -38.27 7.89
C VAL D 34 -56.66 -37.29 7.59
N SER D 35 -57.53 -37.10 8.56
CA SER D 35 -58.59 -36.10 8.45
C SER D 35 -57.90 -34.75 8.65
N PRO D 36 -57.99 -33.78 7.74
CA PRO D 36 -57.32 -32.50 7.87
C PRO D 36 -57.71 -31.85 9.18
N GLY D 37 -56.72 -31.27 9.85
CA GLY D 37 -56.88 -30.62 11.13
C GLY D 37 -56.45 -31.51 12.28
N GLU D 38 -56.30 -32.81 12.02
CA GLU D 38 -55.85 -33.74 13.04
C GLU D 38 -54.36 -33.84 12.92
N ARG D 39 -53.68 -34.26 13.97
CA ARG D 39 -52.25 -34.47 13.90
C ARG D 39 -51.98 -35.77 13.17
N ALA D 40 -50.80 -35.89 12.59
CA ALA D 40 -50.44 -37.11 11.88
C ALA D 40 -49.09 -37.66 12.28
N THR D 41 -48.97 -38.98 12.34
CA THR D 41 -47.68 -39.59 12.63
C THR D 41 -47.22 -40.68 11.66
N LEU D 42 -45.90 -40.68 11.42
CA LEU D 42 -45.20 -41.65 10.57
C LEU D 42 -43.96 -42.20 11.27
N SER D 43 -43.56 -43.45 11.02
CA SER D 43 -42.31 -43.87 11.66
C SER D 43 -41.37 -44.65 10.76
N CYS D 44 -40.10 -44.58 11.18
CA CYS D 44 -38.99 -45.24 10.52
C CYS D 44 -38.25 -46.22 11.43
N ARG D 45 -37.76 -47.31 10.83
CA ARG D 45 -36.98 -48.32 11.55
C ARG D 45 -35.71 -48.72 10.82
N ALA D 46 -34.63 -48.90 11.59
CA ALA D 46 -33.35 -49.31 11.01
C ALA D 46 -32.91 -50.64 11.57
N SER D 47 -32.15 -51.38 10.77
CA SER D 47 -31.58 -52.65 11.22
C SER D 47 -30.23 -52.46 11.90
N GLN D 48 -29.69 -51.25 11.81
CA GLN D 48 -28.41 -50.92 12.41
C GLN D 48 -28.61 -49.70 13.29
N SER D 49 -27.55 -49.27 13.97
CA SER D 49 -27.66 -48.05 14.76
C SER D 49 -27.18 -46.88 13.98
N VAL D 50 -28.04 -45.91 13.88
CA VAL D 50 -27.78 -44.72 13.14
C VAL D 50 -28.16 -43.54 14.01
N SER D 51 -27.98 -43.76 15.32
CA SER D 51 -28.45 -42.89 16.37
C SER D 51 -27.98 -41.46 16.38
N SER D 52 -26.82 -41.15 15.83
CA SER D 52 -26.39 -39.79 15.86
C SER D 52 -27.02 -38.93 14.77
N ASN D 53 -27.56 -39.55 13.70
CA ASN D 53 -28.03 -38.76 12.58
C ASN D 53 -29.16 -39.28 11.69
N LEU D 54 -30.39 -39.05 12.10
CA LEU D 54 -31.54 -39.32 11.24
C LEU D 54 -32.05 -38.04 10.64
N ALA D 55 -32.70 -38.14 9.49
CA ALA D 55 -33.35 -36.97 8.91
C ALA D 55 -34.59 -37.32 8.13
N TRP D 56 -35.48 -36.33 8.02
CA TRP D 56 -36.73 -36.46 7.26
C TRP D 56 -36.86 -35.41 6.16
N TYR D 57 -37.37 -35.86 5.03
CA TYR D 57 -37.59 -35.01 3.86
C TYR D 57 -39.03 -35.06 3.36
N GLN D 58 -39.48 -33.95 2.79
CA GLN D 58 -40.82 -33.84 2.21
C GLN D 58 -40.79 -33.64 0.70
N GLN D 59 -41.46 -34.53 -0.02
CA GLN D 59 -41.50 -34.48 -1.48
C GLN D 59 -42.87 -34.12 -2.04
N LYS D 60 -42.86 -33.07 -2.85
CA LYS D 60 -44.04 -32.59 -3.51
C LYS D 60 -44.13 -33.31 -4.83
N PRO D 61 -45.30 -33.68 -5.33
CA PRO D 61 -45.40 -34.28 -6.61
C PRO D 61 -44.98 -33.22 -7.60
N GLY D 62 -44.16 -33.58 -8.58
CA GLY D 62 -43.75 -32.64 -9.61
C GLY D 62 -42.62 -31.68 -9.22
N GLN D 63 -42.07 -31.79 -8.01
CA GLN D 63 -41.02 -30.87 -7.58
C GLN D 63 -39.96 -31.51 -6.68
N ALA D 64 -38.77 -30.92 -6.66
CA ALA D 64 -37.68 -31.38 -5.83
C ALA D 64 -38.09 -31.34 -4.36
N PRO D 65 -37.62 -32.27 -3.51
CA PRO D 65 -37.92 -32.37 -2.10
C PRO D 65 -37.21 -31.31 -1.27
N ARG D 66 -37.71 -31.11 -0.05
CA ARG D 66 -37.07 -30.23 0.90
C ARG D 66 -36.82 -30.91 2.24
N LEU D 67 -35.78 -30.47 2.94
CA LEU D 67 -35.45 -30.99 4.27
C LEU D 67 -36.34 -30.43 5.36
N LEU D 68 -36.87 -31.29 6.21
CA LEU D 68 -37.69 -30.84 7.34
C LEU D 68 -37.03 -31.01 8.68
N ILE D 69 -36.48 -32.20 8.91
CA ILE D 69 -35.86 -32.52 10.20
C ILE D 69 -34.45 -33.08 10.02
N TYR D 70 -33.50 -32.57 10.78
CA TYR D 70 -32.13 -33.07 10.70
C TYR D 70 -31.56 -33.23 12.09
N GLY D 71 -30.52 -34.04 12.24
CA GLY D 71 -29.94 -34.15 13.57
C GLY D 71 -30.92 -34.91 14.45
N ALA D 72 -31.65 -35.82 13.81
CA ALA D 72 -32.70 -36.62 14.38
C ALA D 72 -33.94 -35.78 14.63
N SER D 73 -33.89 -34.80 15.52
CA SER D 73 -35.08 -34.01 15.86
C SER D 73 -35.02 -32.49 15.67
N THR D 74 -34.01 -31.94 15.01
CA THR D 74 -33.93 -30.48 14.87
C THR D 74 -34.67 -30.01 13.63
N ARG D 75 -35.50 -28.97 13.79
CA ARG D 75 -36.21 -28.47 12.62
C ARG D 75 -35.26 -27.74 11.69
N ALA D 76 -35.41 -27.95 10.40
CA ALA D 76 -34.64 -27.25 9.41
C ALA D 76 -35.09 -25.79 9.38
N THR D 77 -34.17 -24.90 9.05
CA THR D 77 -34.51 -23.49 8.97
C THR D 77 -35.63 -23.29 7.96
N GLY D 78 -36.65 -22.53 8.36
CA GLY D 78 -37.79 -22.21 7.49
C GLY D 78 -38.99 -23.13 7.72
N ILE D 79 -38.82 -24.17 8.51
CA ILE D 79 -39.89 -25.12 8.78
C ILE D 79 -40.78 -24.69 9.96
N PRO D 80 -42.11 -24.60 9.79
CA PRO D 80 -43.09 -24.24 10.78
C PRO D 80 -43.06 -25.17 12.00
N ALA D 81 -43.45 -24.62 13.15
CA ALA D 81 -43.46 -25.31 14.45
C ALA D 81 -44.34 -26.55 14.49
N ARG D 82 -45.31 -26.63 13.57
CA ARG D 82 -46.21 -27.78 13.52
C ARG D 82 -45.42 -29.06 13.20
N PHE D 83 -44.22 -28.94 12.63
CA PHE D 83 -43.42 -30.10 12.27
C PHE D 83 -42.45 -30.50 13.38
N SER D 84 -42.54 -31.74 13.85
CA SER D 84 -41.67 -32.21 14.90
C SER D 84 -41.47 -33.72 14.83
N GLY D 85 -40.84 -34.26 15.86
CA GLY D 85 -40.55 -35.70 15.95
C GLY D 85 -39.45 -36.00 16.96
N SER D 86 -39.32 -37.29 17.30
CA SER D 86 -38.32 -37.75 18.26
C SER D 86 -37.98 -39.23 18.16
N GLY D 87 -36.71 -39.53 18.41
CA GLY D 87 -36.20 -40.90 18.39
C GLY D 87 -34.69 -40.96 18.43
N SER D 88 -34.17 -42.17 18.40
CA SER D 88 -32.74 -42.47 18.50
C SER D 88 -32.49 -43.92 18.12
N GLY D 89 -31.24 -44.34 18.04
CA GLY D 89 -30.98 -45.76 17.84
C GLY D 89 -31.49 -46.28 16.51
N THR D 90 -32.43 -47.20 16.62
CA THR D 90 -33.05 -47.87 15.50
C THR D 90 -34.49 -47.44 15.21
N GLU D 91 -35.02 -46.46 15.96
CA GLU D 91 -36.42 -46.06 15.75
C GLU D 91 -36.72 -44.58 15.96
N PHE D 92 -37.52 -44.01 15.05
CA PHE D 92 -37.90 -42.59 15.14
C PHE D 92 -39.30 -42.29 14.60
N THR D 93 -40.04 -41.42 15.31
CA THR D 93 -41.37 -41.02 14.84
C THR D 93 -41.47 -39.52 14.51
N LEU D 94 -42.06 -39.25 13.35
CA LEU D 94 -42.35 -37.88 12.87
C LEU D 94 -43.77 -37.54 13.17
N THR D 95 -44.00 -36.33 13.66
CA THR D 95 -45.35 -35.87 13.93
C THR D 95 -45.63 -34.50 13.33
N ILE D 96 -46.78 -34.36 12.68
CA ILE D 96 -47.17 -33.04 12.23
C ILE D 96 -48.43 -32.65 12.98
N SER D 97 -48.35 -31.58 13.76
CA SER D 97 -49.51 -31.15 14.51
C SER D 97 -50.50 -30.53 13.56
N SER D 98 -51.81 -30.71 13.79
CA SER D 98 -52.80 -30.04 12.95
C SER D 98 -52.46 -30.15 11.46
N LEU D 99 -52.42 -31.36 10.91
CA LEU D 99 -51.98 -31.51 9.54
C LEU D 99 -52.88 -30.70 8.61
N GLN D 100 -52.27 -29.87 7.74
CA GLN D 100 -53.04 -29.04 6.80
C GLN D 100 -53.04 -29.63 5.41
N SER D 101 -53.91 -29.15 4.52
CA SER D 101 -53.94 -29.73 3.18
C SER D 101 -52.61 -29.63 2.42
N GLU D 102 -51.84 -28.58 2.70
CA GLU D 102 -50.54 -28.39 2.06
C GLU D 102 -49.47 -29.34 2.59
N ASP D 103 -49.77 -30.04 3.67
CA ASP D 103 -48.82 -30.93 4.31
C ASP D 103 -49.02 -32.37 3.86
N PHE D 104 -49.95 -32.60 2.94
CA PHE D 104 -50.11 -33.96 2.48
C PHE D 104 -49.06 -34.11 1.40
N ALA D 105 -48.13 -35.02 1.66
CA ALA D 105 -46.94 -35.18 0.84
C ALA D 105 -46.29 -36.53 1.09
N VAL D 106 -45.27 -36.82 0.28
CA VAL D 106 -44.49 -38.01 0.49
C VAL D 106 -43.36 -37.70 1.45
N TYR D 107 -43.18 -38.52 2.47
CA TYR D 107 -42.12 -38.28 3.42
C TYR D 107 -41.08 -39.41 3.39
N TYR D 108 -39.81 -39.05 3.54
CA TYR D 108 -38.74 -40.04 3.54
C TYR D 108 -37.76 -39.95 4.69
N CYS D 109 -37.26 -41.11 5.13
CA CYS D 109 -36.14 -41.16 6.09
C CYS D 109 -34.79 -41.45 5.46
N GLN D 110 -33.78 -40.79 6.02
CA GLN D 110 -32.39 -40.93 5.60
C GLN D 110 -31.40 -41.07 6.77
N GLN D 111 -30.36 -41.90 6.57
CA GLN D 111 -29.37 -42.12 7.64
C GLN D 111 -28.02 -41.53 7.30
N TYR D 112 -27.36 -40.82 8.23
CA TYR D 112 -26.03 -40.25 7.92
C TYR D 112 -24.92 -40.92 8.69
N ASN D 113 -25.14 -42.04 9.33
CA ASN D 113 -24.08 -42.61 10.17
C ASN D 113 -23.09 -43.51 9.43
N ASN D 114 -23.41 -43.82 8.20
CA ASN D 114 -22.65 -44.72 7.34
C ASN D 114 -22.94 -44.29 5.93
N TRP D 115 -22.40 -44.98 4.95
CA TRP D 115 -22.67 -44.56 3.59
C TRP D 115 -24.15 -44.36 3.47
N TRP D 116 -24.52 -43.24 2.88
CA TRP D 116 -25.90 -42.81 2.77
C TRP D 116 -26.81 -43.73 2.00
N THR D 117 -27.94 -44.03 2.61
CA THR D 117 -29.02 -44.80 2.02
C THR D 117 -30.31 -44.10 2.43
N PHE D 118 -31.41 -44.45 1.76
CA PHE D 118 -32.74 -43.94 2.08
C PHE D 118 -33.70 -45.08 2.29
N GLY D 119 -34.77 -44.84 3.03
CA GLY D 119 -35.81 -45.83 3.16
C GLY D 119 -36.73 -45.73 1.95
N GLN D 120 -37.77 -46.56 1.87
CA GLN D 120 -38.67 -46.52 0.73
C GLN D 120 -39.54 -45.28 0.66
N GLY D 121 -39.95 -44.78 1.81
CA GLY D 121 -40.81 -43.61 1.88
C GLY D 121 -42.27 -43.99 2.08
N THR D 122 -43.03 -43.06 2.64
CA THR D 122 -44.46 -43.22 2.90
C THR D 122 -45.22 -42.01 2.40
N LYS D 123 -46.52 -42.14 2.21
CA LYS D 123 -47.29 -40.98 1.78
C LYS D 123 -48.52 -40.76 2.64
N VAL D 124 -48.88 -39.51 2.82
CA VAL D 124 -50.08 -39.23 3.58
C VAL D 124 -51.18 -38.76 2.63
N GLU D 125 -52.33 -39.41 2.70
CA GLU D 125 -53.51 -39.13 1.86
C GLU D 125 -54.63 -38.51 2.69
N ILE D 126 -55.51 -37.76 2.03
CA ILE D 126 -56.61 -37.12 2.73
C ILE D 126 -57.73 -38.12 3.02
N LYS D 127 -58.16 -38.18 4.29
CA LYS D 127 -59.25 -39.05 4.68
C LYS D 127 -60.58 -38.45 4.21
N ARG D 128 -61.42 -39.29 3.59
CA ARG D 128 -62.71 -38.89 3.03
C ARG D 128 -63.78 -39.95 3.28
N THR D 129 -65.04 -39.53 3.23
CA THR D 129 -66.17 -40.44 3.32
C THR D 129 -66.10 -41.47 2.18
N VAL D 130 -66.29 -42.73 2.54
CA VAL D 130 -66.24 -43.85 1.60
C VAL D 130 -67.52 -44.00 0.81
N ALA D 131 -67.37 -44.10 -0.51
CA ALA D 131 -68.54 -44.25 -1.38
C ALA D 131 -68.20 -44.86 -2.72
N ALA D 132 -69.16 -45.61 -3.28
CA ALA D 132 -69.10 -46.25 -4.60
C ALA D 132 -69.02 -45.23 -5.74
N PRO D 133 -68.36 -45.52 -6.88
CA PRO D 133 -68.27 -44.68 -8.05
C PRO D 133 -69.49 -44.79 -8.93
N SER D 134 -69.70 -43.79 -9.78
CA SER D 134 -70.65 -43.96 -10.87
C SER D 134 -69.93 -44.88 -11.85
N VAL D 135 -70.64 -45.83 -12.47
CA VAL D 135 -69.93 -46.75 -13.38
C VAL D 135 -70.45 -46.63 -14.82
N PHE D 136 -69.53 -46.39 -15.75
CA PHE D 136 -69.89 -46.21 -17.15
C PHE D 136 -69.10 -47.15 -18.07
N ILE D 137 -69.68 -47.55 -19.21
CA ILE D 137 -68.93 -48.34 -20.19
C ILE D 137 -69.00 -47.73 -21.59
N PHE D 138 -67.88 -47.75 -22.28
CA PHE D 138 -67.76 -47.29 -23.66
C PHE D 138 -67.29 -48.44 -24.55
N PRO D 139 -68.14 -49.11 -25.32
CA PRO D 139 -67.73 -50.22 -26.14
C PRO D 139 -66.86 -49.59 -27.23
N PRO D 140 -65.97 -50.32 -27.90
CA PRO D 140 -65.12 -49.82 -28.95
C PRO D 140 -65.87 -49.07 -30.03
N SER D 141 -65.36 -47.88 -30.33
CA SER D 141 -65.92 -46.99 -31.31
C SER D 141 -65.54 -47.36 -32.74
N ASP D 142 -66.26 -46.76 -33.69
CA ASP D 142 -66.08 -47.04 -35.09
C ASP D 142 -64.68 -46.81 -35.61
N GLU D 143 -64.02 -45.75 -35.15
CA GLU D 143 -62.70 -45.44 -35.66
C GLU D 143 -61.63 -46.44 -35.22
N GLN D 144 -61.68 -46.90 -33.96
CA GLN D 144 -60.68 -47.87 -33.56
C GLN D 144 -60.93 -49.23 -34.21
N LEU D 145 -62.20 -49.52 -34.51
CA LEU D 145 -62.51 -50.80 -35.14
C LEU D 145 -62.08 -50.76 -36.61
N LYS D 146 -62.24 -49.60 -37.27
CA LYS D 146 -61.78 -49.46 -38.65
C LYS D 146 -60.26 -49.56 -38.70
N SER D 147 -59.60 -49.04 -37.65
CA SER D 147 -58.15 -49.05 -37.55
C SER D 147 -57.60 -50.46 -37.29
N GLY D 148 -58.43 -51.35 -36.73
CA GLY D 148 -58.02 -52.74 -36.52
C GLY D 148 -57.80 -53.18 -35.09
N THR D 149 -58.15 -52.36 -34.11
CA THR D 149 -57.95 -52.74 -32.73
C THR D 149 -59.24 -52.64 -31.97
N ALA D 150 -59.23 -53.08 -30.73
CA ALA D 150 -60.41 -52.90 -29.92
C ALA D 150 -60.01 -52.65 -28.47
N SER D 151 -60.60 -51.61 -27.90
CA SER D 151 -60.39 -51.28 -26.50
C SER D 151 -61.70 -50.84 -25.90
N VAL D 152 -62.17 -51.66 -24.95
CA VAL D 152 -63.47 -51.44 -24.29
C VAL D 152 -63.14 -50.62 -23.06
N VAL D 153 -63.77 -49.44 -22.89
CA VAL D 153 -63.35 -48.58 -21.77
C VAL D 153 -64.33 -48.57 -20.60
N CYS D 154 -63.81 -48.81 -19.41
CA CYS D 154 -64.60 -48.78 -18.18
C CYS D 154 -64.20 -47.58 -17.35
N LEU D 155 -65.18 -46.73 -17.07
CA LEU D 155 -64.94 -45.50 -16.32
C LEU D 155 -65.62 -45.51 -14.96
N LEU D 156 -64.83 -45.27 -13.91
CA LEU D 156 -65.39 -45.24 -12.57
C LEU D 156 -65.16 -43.85 -11.99
N ASN D 157 -66.24 -43.15 -11.65
CA ASN D 157 -66.09 -41.79 -11.13
C ASN D 157 -66.43 -41.62 -9.66
N ASN D 158 -65.51 -40.98 -8.93
CA ASN D 158 -65.57 -40.65 -7.51
C ASN D 158 -65.62 -41.77 -6.49
N PHE D 159 -64.90 -42.86 -6.75
CA PHE D 159 -64.78 -43.87 -5.73
C PHE D 159 -63.73 -43.45 -4.74
N TYR D 160 -64.03 -43.67 -3.47
CA TYR D 160 -63.07 -43.44 -2.40
C TYR D 160 -63.17 -44.61 -1.45
N PRO D 161 -62.04 -45.18 -0.96
CA PRO D 161 -60.59 -44.90 -1.13
C PRO D 161 -60.00 -45.38 -2.43
N ARG D 162 -58.75 -45.06 -2.70
CA ARG D 162 -58.14 -45.59 -3.92
C ARG D 162 -57.67 -47.04 -3.80
N GLU D 163 -58.67 -47.93 -3.73
CA GLU D 163 -58.49 -49.37 -3.64
C GLU D 163 -59.75 -50.08 -4.13
N ALA D 164 -59.68 -50.71 -5.30
CA ALA D 164 -60.86 -51.32 -5.89
C ALA D 164 -60.51 -52.43 -6.84
N LYS D 165 -61.45 -53.34 -7.10
CA LYS D 165 -61.20 -54.37 -8.08
C LYS D 165 -62.05 -54.23 -9.33
N VAL D 166 -61.38 -54.24 -10.48
CA VAL D 166 -62.07 -54.23 -11.76
C VAL D 166 -61.66 -55.42 -12.59
N GLN D 167 -62.65 -56.14 -13.13
CA GLN D 167 -62.37 -57.28 -13.98
C GLN D 167 -63.24 -57.28 -15.21
N TRP D 168 -62.74 -57.88 -16.26
CA TRP D 168 -63.47 -57.93 -17.51
C TRP D 168 -64.04 -59.28 -17.88
N LYS D 169 -65.23 -59.22 -18.51
CA LYS D 169 -65.90 -60.40 -19.05
C LYS D 169 -66.25 -60.30 -20.53
N VAL D 170 -66.21 -61.46 -21.19
CA VAL D 170 -66.67 -61.60 -22.58
C VAL D 170 -67.66 -62.77 -22.65
N ASP D 171 -68.93 -62.48 -22.88
CA ASP D 171 -69.95 -63.52 -22.87
C ASP D 171 -69.86 -64.38 -21.62
N ASN D 172 -69.67 -63.68 -20.50
CA ASN D 172 -69.53 -64.17 -19.14
C ASN D 172 -68.25 -64.96 -18.83
N ALA D 173 -67.29 -65.00 -19.75
CA ALA D 173 -66.02 -65.62 -19.46
C ALA D 173 -65.08 -64.58 -18.91
N LEU D 174 -64.25 -64.92 -17.94
CA LEU D 174 -63.28 -63.96 -17.43
C LEU D 174 -62.03 -63.91 -18.27
N GLN D 175 -61.45 -62.72 -18.36
CA GLN D 175 -60.19 -62.54 -19.05
C GLN D 175 -59.14 -61.94 -18.15
N SER D 176 -57.88 -62.21 -18.47
CA SER D 176 -56.75 -61.64 -17.75
C SER D 176 -55.56 -61.52 -18.68
N GLY D 177 -54.58 -60.68 -18.30
CA GLY D 177 -53.32 -60.53 -19.03
C GLY D 177 -53.45 -59.62 -20.25
N ASN D 178 -54.64 -59.11 -20.45
CA ASN D 178 -55.00 -58.29 -21.58
C ASN D 178 -55.85 -57.09 -21.19
N SER D 179 -55.29 -56.22 -20.34
CA SER D 179 -56.03 -55.07 -19.85
C SER D 179 -55.08 -53.95 -19.45
N GLN D 180 -55.64 -52.76 -19.34
CA GLN D 180 -54.90 -51.58 -18.89
C GLN D 180 -55.64 -50.87 -17.79
N GLU D 181 -54.92 -50.24 -16.87
CA GLU D 181 -55.55 -49.45 -15.83
C GLU D 181 -54.72 -48.23 -15.48
N SER D 182 -55.40 -47.10 -15.33
CA SER D 182 -54.78 -45.84 -14.96
C SER D 182 -55.64 -45.11 -13.94
N VAL D 183 -55.03 -44.67 -12.87
CA VAL D 183 -55.75 -44.01 -11.82
C VAL D 183 -55.16 -42.65 -11.54
N THR D 184 -56.01 -41.66 -11.32
CA THR D 184 -55.58 -40.30 -11.07
C THR D 184 -55.08 -40.12 -9.65
N GLU D 185 -54.44 -38.97 -9.44
CA GLU D 185 -53.97 -38.55 -8.12
C GLU D 185 -55.18 -38.05 -7.34
N GLN D 186 -55.09 -38.07 -6.03
CA GLN D 186 -56.20 -37.58 -5.23
C GLN D 186 -56.44 -36.13 -5.54
N ASP D 187 -57.70 -35.79 -5.71
CA ASP D 187 -58.09 -34.43 -6.00
C ASP D 187 -57.89 -33.49 -4.83
N SER D 188 -57.03 -32.51 -4.98
CA SER D 188 -56.76 -31.58 -3.88
C SER D 188 -57.99 -30.75 -3.52
N LYS D 189 -58.98 -30.68 -4.42
CA LYS D 189 -60.19 -29.94 -4.08
C LYS D 189 -61.23 -30.82 -3.39
N ASP D 190 -61.73 -31.88 -4.06
CA ASP D 190 -62.79 -32.69 -3.45
C ASP D 190 -62.34 -34.01 -2.77
N SER D 191 -61.01 -34.25 -2.71
CA SER D 191 -60.35 -35.42 -2.11
C SER D 191 -60.78 -36.76 -2.71
N THR D 192 -61.20 -36.70 -3.95
CA THR D 192 -61.70 -37.83 -4.70
C THR D 192 -60.77 -38.41 -5.75
N TYR D 193 -61.24 -39.48 -6.39
CA TYR D 193 -60.48 -40.18 -7.43
C TYR D 193 -61.28 -40.52 -8.69
N SER D 194 -60.56 -40.67 -9.80
CA SER D 194 -61.13 -41.16 -11.05
C SER D 194 -60.29 -42.36 -11.55
N LEU D 195 -60.97 -43.39 -12.08
CA LEU D 195 -60.30 -44.59 -12.62
C LEU D 195 -60.73 -44.91 -14.05
N SER D 196 -59.76 -45.25 -14.89
CA SER D 196 -60.04 -45.65 -16.25
C SER D 196 -59.27 -46.89 -16.61
N SER D 197 -59.97 -47.87 -17.13
CA SER D 197 -59.34 -49.12 -17.49
C SER D 197 -59.91 -49.66 -18.78
N THR D 198 -59.15 -50.54 -19.43
CA THR D 198 -59.61 -51.13 -20.68
C THR D 198 -59.46 -52.63 -20.81
N LEU D 199 -60.29 -53.18 -21.68
CA LEU D 199 -60.25 -54.57 -22.13
C LEU D 199 -59.56 -54.50 -23.47
N THR D 200 -58.36 -55.09 -23.63
CA THR D 200 -57.67 -54.91 -24.90
C THR D 200 -57.60 -56.18 -25.74
N LEU D 201 -57.89 -56.03 -27.03
CA LEU D 201 -57.89 -57.14 -27.98
C LEU D 201 -57.83 -56.56 -29.42
N SER D 202 -57.65 -57.39 -30.45
CA SER D 202 -57.67 -56.85 -31.83
C SER D 202 -59.11 -56.75 -32.32
N LYS D 203 -59.39 -56.04 -33.44
CA LYS D 203 -60.82 -56.02 -33.86
C LYS D 203 -61.31 -57.44 -34.15
N ALA D 204 -60.39 -58.30 -34.60
CA ALA D 204 -60.69 -59.67 -34.92
C ALA D 204 -61.14 -60.44 -33.70
N ASP D 205 -60.62 -60.09 -32.54
CA ASP D 205 -60.98 -60.81 -31.35
C ASP D 205 -62.28 -60.24 -30.83
N TYR D 206 -62.46 -58.95 -31.04
CA TYR D 206 -63.67 -58.27 -30.61
C TYR D 206 -64.88 -58.95 -31.26
N GLU D 207 -64.75 -59.27 -32.53
CA GLU D 207 -65.80 -59.91 -33.31
C GLU D 207 -66.13 -61.35 -32.87
N LYS D 208 -65.30 -61.96 -31.99
CA LYS D 208 -65.51 -63.34 -31.53
C LYS D 208 -66.56 -63.45 -30.42
N HIS D 209 -66.96 -62.32 -29.82
CA HIS D 209 -67.89 -62.35 -28.69
C HIS D 209 -68.98 -61.30 -28.88
N LYS D 210 -70.12 -61.48 -28.22
CA LYS D 210 -71.16 -60.48 -28.38
C LYS D 210 -71.29 -59.53 -27.21
N VAL D 211 -71.18 -59.98 -25.97
CA VAL D 211 -71.38 -59.03 -24.89
C VAL D 211 -70.13 -58.76 -24.08
N TYR D 212 -69.76 -57.50 -24.07
CA TYR D 212 -68.59 -57.06 -23.36
C TYR D 212 -69.03 -56.42 -22.07
N ALA D 213 -68.35 -56.73 -20.96
CA ALA D 213 -68.78 -56.15 -19.71
C ALA D 213 -67.67 -55.86 -18.71
N CYS D 214 -67.89 -54.78 -17.96
CA CYS D 214 -66.99 -54.34 -16.89
C CYS D 214 -67.62 -54.61 -15.55
N GLU D 215 -67.00 -55.46 -14.74
CA GLU D 215 -67.55 -55.79 -13.44
C GLU D 215 -66.67 -55.26 -12.32
N VAL D 216 -67.27 -54.49 -11.43
CA VAL D 216 -66.48 -53.93 -10.36
C VAL D 216 -66.97 -54.22 -8.95
N THR D 217 -65.99 -54.37 -8.06
CA THR D 217 -66.22 -54.60 -6.64
C THR D 217 -65.53 -53.52 -5.81
N HIS D 218 -66.30 -52.97 -4.89
CA HIS D 218 -65.84 -51.90 -4.03
C HIS D 218 -66.32 -52.10 -2.60
N GLN D 219 -65.61 -51.55 -1.62
CA GLN D 219 -66.08 -51.61 -0.23
C GLN D 219 -67.31 -50.71 -0.04
N GLY D 220 -67.53 -49.81 -1.00
CA GLY D 220 -68.64 -48.88 -0.98
C GLY D 220 -69.89 -49.48 -1.64
N LEU D 221 -69.80 -50.74 -2.10
CA LEU D 221 -70.92 -51.39 -2.76
C LEU D 221 -71.44 -52.60 -2.01
N SER D 222 -72.76 -52.67 -1.87
CA SER D 222 -73.43 -53.80 -1.23
C SER D 222 -73.46 -55.03 -2.15
N SER D 223 -73.26 -54.80 -3.44
CA SER D 223 -73.26 -55.84 -4.44
C SER D 223 -72.44 -55.37 -5.65
N PRO D 224 -71.83 -56.29 -6.44
CA PRO D 224 -71.07 -55.97 -7.64
C PRO D 224 -71.88 -55.23 -8.68
N VAL D 225 -71.21 -54.32 -9.36
CA VAL D 225 -71.84 -53.53 -10.40
C VAL D 225 -71.29 -53.83 -11.78
N THR D 226 -72.18 -54.18 -12.69
CA THR D 226 -71.74 -54.50 -14.04
C THR D 226 -72.43 -53.67 -15.11
N LYS D 227 -71.62 -53.15 -16.01
CA LYS D 227 -72.13 -52.43 -17.17
C LYS D 227 -71.75 -53.25 -18.39
N SER D 228 -72.60 -53.27 -19.41
CA SER D 228 -72.28 -54.08 -20.58
C SER D 228 -72.87 -53.56 -21.88
N PHE D 229 -72.33 -54.09 -22.98
CA PHE D 229 -72.81 -53.78 -24.33
C PHE D 229 -72.80 -54.98 -25.27
N ASN D 230 -73.90 -55.17 -26.01
CA ASN D 230 -74.05 -56.25 -26.98
C ASN D 230 -73.72 -55.83 -28.42
N ARG D 231 -72.65 -56.41 -28.97
CA ARG D 231 -72.15 -56.13 -30.30
C ARG D 231 -72.34 -57.36 -31.17
N GLU E 26 -19.81 30.41 53.65
CA GLU E 26 -18.50 30.99 53.92
C GLU E 26 -17.43 29.92 53.99
N ASN E 27 -16.18 30.34 54.23
CA ASN E 27 -15.08 29.40 54.39
C ASN E 27 -15.01 28.38 53.27
N LEU E 28 -15.13 28.86 52.03
CA LEU E 28 -15.11 27.99 50.87
C LEU E 28 -13.70 27.63 50.46
N TRP E 29 -13.58 26.39 49.99
CA TRP E 29 -12.35 25.77 49.51
C TRP E 29 -12.59 25.18 48.14
N VAL E 30 -11.51 24.98 47.41
CA VAL E 30 -11.60 24.37 46.09
C VAL E 30 -11.84 22.88 46.17
N THR E 31 -12.80 22.41 45.39
CA THR E 31 -13.03 20.98 45.27
C THR E 31 -13.01 20.65 43.80
N VAL E 32 -12.57 19.45 43.49
CA VAL E 32 -12.47 19.05 42.11
C VAL E 32 -13.38 17.89 41.81
N TYR E 33 -14.04 17.98 40.66
CA TYR E 33 -14.93 16.91 40.24
C TYR E 33 -14.52 16.32 38.92
N TYR E 34 -14.70 15.02 38.79
CA TYR E 34 -14.44 14.36 37.53
C TYR E 34 -15.67 13.61 37.05
N GLY E 35 -16.11 13.90 35.82
CA GLY E 35 -17.31 13.30 35.24
C GLY E 35 -18.42 14.34 35.04
N VAL E 36 -18.02 15.60 34.91
CA VAL E 36 -18.93 16.72 34.69
C VAL E 36 -19.49 16.73 33.26
N PRO E 37 -20.82 16.84 33.04
CA PRO E 37 -21.47 16.83 31.74
C PRO E 37 -21.33 18.14 31.00
N VAL E 38 -20.13 18.44 30.60
CA VAL E 38 -19.83 19.67 29.88
C VAL E 38 -19.13 19.36 28.56
N TRP E 39 -19.48 20.13 27.52
CA TRP E 39 -18.90 19.87 26.21
C TRP E 39 -18.60 21.13 25.40
N LYS E 40 -17.74 20.94 24.40
CA LYS E 40 -17.34 21.98 23.46
C LYS E 40 -17.42 21.53 22.01
N GLU E 41 -17.57 22.46 21.07
CA GLU E 41 -17.56 22.05 19.67
C GLU E 41 -16.19 21.58 19.27
N ALA E 42 -16.10 20.55 18.44
CA ALA E 42 -14.78 20.14 18.01
C ALA E 42 -14.78 19.42 16.69
N LYS E 43 -13.64 19.50 16.02
CA LYS E 43 -13.41 18.78 14.80
C LYS E 43 -12.81 17.43 15.11
N THR E 44 -13.36 16.38 14.53
CA THR E 44 -12.82 15.06 14.77
C THR E 44 -13.06 14.13 13.60
N THR E 45 -12.77 12.86 13.80
CA THR E 45 -12.96 11.84 12.79
C THR E 45 -14.12 10.96 13.18
N LEU E 46 -15.09 10.83 12.31
CA LEU E 46 -16.23 9.98 12.58
C LEU E 46 -16.05 8.69 11.83
N PHE E 47 -16.63 7.63 12.36
CA PHE E 47 -16.52 6.35 11.69
C PHE E 47 -17.84 5.83 11.24
N CYS E 48 -17.79 5.09 10.16
CA CYS E 48 -18.98 4.47 9.62
C CYS E 48 -19.41 3.32 10.49
N ALA E 49 -20.68 2.98 10.35
CA ALA E 49 -21.32 1.83 10.97
C ALA E 49 -22.30 1.30 9.92
N SER E 50 -22.66 0.02 9.97
CA SER E 50 -23.56 -0.45 8.90
C SER E 50 -24.72 -1.30 9.35
N ASP E 51 -25.42 -1.83 8.35
CA ASP E 51 -26.60 -2.67 8.54
C ASP E 51 -26.17 -4.10 8.77
N ALA E 52 -27.06 -4.89 9.34
CA ALA E 52 -26.83 -6.29 9.68
C ALA E 52 -26.49 -7.19 8.49
N LYS E 53 -27.06 -6.93 7.32
CA LYS E 53 -26.80 -7.79 6.18
C LYS E 53 -25.55 -7.39 5.40
N ALA E 54 -24.65 -8.36 5.23
CA ALA E 54 -23.40 -8.21 4.52
C ALA E 54 -23.60 -8.20 3.01
N TYR E 55 -22.66 -7.58 2.31
CA TYR E 55 -22.59 -7.54 0.84
C TYR E 55 -22.33 -8.96 0.30
N GLU E 56 -21.44 -9.66 0.99
CA GLU E 56 -20.99 -11.04 0.75
C GLU E 56 -20.38 -11.34 -0.62
N LYS E 57 -19.65 -10.41 -1.23
CA LYS E 57 -19.03 -10.70 -2.53
C LYS E 57 -17.50 -10.69 -2.47
N GLU E 58 -16.94 -10.52 -1.26
CA GLU E 58 -15.49 -10.42 -1.02
C GLU E 58 -14.84 -9.31 -1.86
N VAL E 59 -15.54 -8.17 -1.94
CA VAL E 59 -15.11 -6.97 -2.62
C VAL E 59 -14.47 -6.01 -1.66
N HIS E 60 -13.24 -5.59 -1.96
CA HIS E 60 -12.47 -4.77 -1.07
C HIS E 60 -13.07 -3.39 -0.83
N ASN E 61 -13.79 -2.84 -1.80
CA ASN E 61 -14.35 -1.51 -1.61
C ASN E 61 -15.74 -1.55 -1.04
N VAL E 62 -16.28 -2.74 -0.79
CA VAL E 62 -17.61 -2.79 -0.23
C VAL E 62 -17.64 -3.81 0.89
N TRP E 63 -17.32 -5.05 0.58
CA TRP E 63 -17.41 -6.07 1.61
C TRP E 63 -16.44 -5.76 2.75
N ALA E 64 -15.22 -5.41 2.40
CA ALA E 64 -14.21 -5.12 3.41
C ALA E 64 -14.30 -3.67 3.91
N THR E 65 -15.20 -2.87 3.33
CA THR E 65 -15.31 -1.46 3.64
C THR E 65 -16.58 -1.11 4.42
N HIS E 66 -17.68 -1.80 4.12
CA HIS E 66 -18.95 -1.59 4.78
C HIS E 66 -19.47 -2.87 5.43
N ALA E 67 -19.27 -4.03 4.79
CA ALA E 67 -19.87 -5.27 5.34
C ALA E 67 -19.07 -5.85 6.50
N CYS E 68 -17.87 -5.34 6.70
CA CYS E 68 -17.00 -5.80 7.77
C CYS E 68 -16.91 -4.75 8.86
N VAL E 69 -17.85 -3.81 8.80
CA VAL E 69 -17.99 -2.73 9.73
C VAL E 69 -18.99 -3.20 10.76
N PRO E 70 -18.83 -2.94 12.07
CA PRO E 70 -19.77 -3.35 13.09
C PRO E 70 -21.13 -2.89 12.64
N THR E 71 -22.11 -3.75 12.86
CA THR E 71 -23.45 -3.50 12.38
C THR E 71 -24.49 -3.23 13.44
N ASP E 72 -25.58 -2.66 12.98
CA ASP E 72 -26.79 -2.39 13.74
C ASP E 72 -26.52 -1.67 15.06
N PRO E 73 -25.94 -0.46 15.04
CA PRO E 73 -25.71 0.32 16.24
C PRO E 73 -27.10 0.67 16.70
N ASN E 74 -27.33 0.76 17.99
CA ASN E 74 -28.68 1.04 18.47
C ASN E 74 -28.84 2.50 18.93
N PRO E 75 -29.60 3.36 18.19
CA PRO E 75 -29.76 4.78 18.44
C PRO E 75 -30.70 5.04 19.61
N GLN E 76 -30.25 4.65 20.78
CA GLN E 76 -31.07 4.84 21.97
C GLN E 76 -30.93 6.25 22.47
N GLU E 77 -31.64 7.11 21.76
CA GLU E 77 -31.62 8.53 21.97
C GLU E 77 -32.01 8.94 23.37
N MET E 78 -31.19 9.80 23.94
CA MET E 78 -31.46 10.35 25.26
C MET E 78 -31.88 11.79 25.09
N VAL E 79 -33.06 12.13 25.61
CA VAL E 79 -33.58 13.49 25.48
C VAL E 79 -33.21 14.28 26.73
N LEU E 80 -32.63 15.46 26.54
CA LEU E 80 -32.16 16.23 27.66
C LEU E 80 -33.09 17.35 28.09
N LYS E 81 -33.52 17.29 29.32
CA LYS E 81 -34.39 18.31 29.83
C LYS E 81 -33.63 19.62 29.91
N ASN E 82 -34.23 20.71 29.51
CA ASN E 82 -33.59 22.02 29.66
C ASN E 82 -32.20 22.18 29.03
N VAL E 83 -32.02 21.69 27.81
CA VAL E 83 -30.77 21.90 27.09
C VAL E 83 -31.02 22.64 25.80
N THR E 84 -30.29 23.74 25.62
CA THR E 84 -30.37 24.55 24.41
C THR E 84 -29.02 24.54 23.72
N GLU E 85 -29.01 24.32 22.40
CA GLU E 85 -27.76 24.27 21.64
C GLU E 85 -27.93 24.86 20.24
N ASN E 86 -26.83 25.37 19.65
CA ASN E 86 -26.83 26.01 18.31
C ASN E 86 -26.42 25.11 17.16
N PHE E 87 -27.30 24.94 16.18
CA PHE E 87 -26.99 24.07 15.07
C PHE E 87 -26.85 24.80 13.74
N ASN E 88 -25.65 24.82 13.21
CA ASN E 88 -25.32 25.49 11.96
C ASN E 88 -25.21 24.46 10.85
N MET E 89 -26.15 24.42 9.91
CA MET E 89 -26.00 23.35 8.92
C MET E 89 -25.21 23.78 7.71
N TRP E 90 -24.79 25.03 7.63
CA TRP E 90 -24.05 25.40 6.44
C TRP E 90 -22.61 25.05 6.66
N LYS E 91 -22.14 25.30 7.88
CA LYS E 91 -20.77 25.03 8.21
C LYS E 91 -20.66 24.06 9.36
N ASN E 92 -20.13 22.88 9.07
CA ASN E 92 -19.96 21.87 10.11
C ASN E 92 -18.78 21.03 9.74
N ASP E 93 -18.41 20.10 10.61
CA ASP E 93 -17.24 19.28 10.36
C ASP E 93 -17.52 17.86 9.89
N MET E 94 -18.76 17.54 9.51
CA MET E 94 -18.98 16.16 9.06
C MET E 94 -19.42 16.02 7.59
N VAL E 95 -19.90 17.07 6.94
CA VAL E 95 -20.32 16.90 5.55
C VAL E 95 -19.12 16.53 4.71
N ASP E 96 -17.99 17.14 5.00
CA ASP E 96 -16.77 16.86 4.28
C ASP E 96 -16.33 15.41 4.41
N GLN E 97 -16.71 14.73 5.48
CA GLN E 97 -16.26 13.36 5.65
C GLN E 97 -17.11 12.50 4.75
N MET E 98 -18.39 12.84 4.62
CA MET E 98 -19.24 12.07 3.74
C MET E 98 -18.70 12.17 2.33
N HIS E 99 -18.22 13.36 1.99
CA HIS E 99 -17.68 13.59 0.67
C HIS E 99 -16.44 12.74 0.45
N GLU E 100 -15.52 12.73 1.41
CA GLU E 100 -14.31 11.94 1.21
C GLU E 100 -14.58 10.45 1.20
N ASP E 101 -15.54 9.96 2.00
CA ASP E 101 -15.81 8.53 2.01
C ASP E 101 -16.38 8.08 0.68
N VAL E 102 -17.24 8.89 0.07
CA VAL E 102 -17.79 8.53 -1.21
C VAL E 102 -16.72 8.49 -2.29
N ILE E 103 -15.81 9.48 -2.29
CA ILE E 103 -14.76 9.47 -3.29
C ILE E 103 -13.88 8.26 -3.12
N SER E 104 -13.49 7.95 -1.89
CA SER E 104 -12.60 6.84 -1.65
C SER E 104 -13.19 5.54 -2.19
N LEU E 105 -14.47 5.30 -1.95
CA LEU E 105 -15.06 4.09 -2.46
C LEU E 105 -15.01 4.03 -3.96
N TRP E 106 -15.36 5.12 -4.64
CA TRP E 106 -15.37 5.06 -6.08
C TRP E 106 -13.98 4.90 -6.67
N ASP E 107 -12.94 5.38 -6.00
CA ASP E 107 -11.62 5.15 -6.56
C ASP E 107 -11.22 3.69 -6.37
N GLN E 108 -11.53 3.13 -5.20
CA GLN E 108 -11.15 1.76 -4.92
C GLN E 108 -11.90 0.75 -5.76
N SER E 109 -13.14 1.05 -6.13
CA SER E 109 -13.94 0.11 -6.89
C SER E 109 -13.35 -0.21 -8.25
N LEU E 110 -12.47 0.63 -8.79
CA LEU E 110 -11.93 0.32 -10.10
C LEU E 110 -10.55 -0.28 -10.02
N LYS E 111 -10.04 -0.42 -8.79
CA LYS E 111 -8.69 -0.90 -8.55
C LYS E 111 -8.34 -2.23 -9.24
N PRO E 112 -9.15 -3.31 -9.14
CA PRO E 112 -8.88 -4.59 -9.75
C PRO E 112 -9.45 -4.74 -11.15
N CYS E 113 -9.97 -3.67 -11.74
CA CYS E 113 -10.73 -3.89 -12.96
C CYS E 113 -9.90 -3.56 -14.20
N VAL E 114 -10.26 -4.20 -15.30
CA VAL E 114 -9.55 -4.04 -16.56
C VAL E 114 -9.59 -2.62 -17.11
N LYS E 115 -8.43 -2.16 -17.59
CA LYS E 115 -8.32 -0.85 -18.21
C LYS E 115 -8.71 -1.01 -19.67
N LEU E 116 -9.25 0.01 -20.30
CA LEU E 116 -9.62 -0.16 -21.70
C LEU E 116 -8.65 0.48 -22.66
N THR E 117 -7.43 0.75 -22.21
CA THR E 117 -6.42 1.34 -23.07
C THR E 117 -6.29 0.67 -24.45
N PRO E 118 -6.29 -0.68 -24.60
CA PRO E 118 -6.19 -1.39 -25.87
C PRO E 118 -7.34 -1.07 -26.84
N LEU E 119 -8.42 -0.50 -26.32
CA LEU E 119 -9.59 -0.15 -27.10
C LEU E 119 -9.46 1.22 -27.74
N CYS E 120 -8.52 2.05 -27.28
CA CYS E 120 -8.43 3.39 -27.81
C CYS E 120 -7.67 3.40 -29.13
N VAL E 121 -8.38 2.93 -30.14
CA VAL E 121 -7.87 2.73 -31.48
C VAL E 121 -8.78 3.44 -32.45
N THR E 122 -8.36 3.61 -33.68
CA THR E 122 -9.23 4.28 -34.61
C THR E 122 -10.42 3.40 -34.92
N LEU E 123 -11.61 3.95 -34.81
CA LEU E 123 -12.84 3.23 -35.05
C LEU E 123 -13.41 3.55 -36.43
N ASN E 124 -14.08 2.57 -37.01
CA ASN E 124 -14.75 2.72 -38.31
C ASN E 124 -16.21 2.36 -38.20
N CYS E 125 -17.03 3.37 -37.88
CA CYS E 125 -18.44 3.17 -37.61
C CYS E 125 -19.28 3.86 -38.67
N THR E 126 -19.94 3.07 -39.51
CA THR E 126 -20.67 3.65 -40.62
C THR E 126 -22.15 3.78 -40.37
N ASN E 127 -22.68 2.99 -39.44
CA ASN E 127 -24.10 2.96 -39.11
C ASN E 127 -24.96 2.60 -40.32
N ALA E 128 -24.39 1.81 -41.24
CA ALA E 128 -25.06 1.39 -42.45
C ALA E 128 -26.36 0.62 -42.21
N THR E 129 -26.40 -0.09 -41.08
CA THR E 129 -27.52 -0.93 -40.72
C THR E 129 -28.43 -0.30 -39.65
N ALA E 130 -28.23 0.98 -39.35
CA ALA E 130 -29.08 1.66 -38.37
C ALA E 130 -30.50 1.77 -38.93
N SER E 131 -31.50 1.55 -38.08
CA SER E 131 -32.91 1.64 -38.47
C SER E 131 -33.65 2.83 -37.88
N ASN E 132 -32.92 3.72 -37.23
CA ASN E 132 -33.54 4.86 -36.57
C ASN E 132 -32.61 6.06 -36.51
N SER E 133 -33.19 7.27 -36.44
CA SER E 133 -32.44 8.52 -36.33
C SER E 133 -31.67 8.63 -35.02
N SER E 134 -32.13 7.90 -33.99
CA SER E 134 -31.48 7.90 -32.68
C SER E 134 -30.28 6.96 -32.67
N ILE E 135 -30.15 6.16 -33.71
CA ILE E 135 -29.11 5.17 -33.80
C ILE E 135 -28.03 5.62 -34.76
N ILE E 136 -28.45 6.03 -35.97
CA ILE E 136 -27.61 6.34 -37.12
C ILE E 136 -26.61 7.45 -36.87
N GLU E 137 -26.86 8.28 -35.87
CA GLU E 137 -25.94 9.35 -35.53
C GLU E 137 -24.58 8.74 -35.14
N GLY E 138 -24.58 7.54 -34.55
CA GLY E 138 -23.35 6.90 -34.13
C GLY E 138 -23.57 5.82 -33.12
N MET E 139 -23.70 4.58 -33.59
CA MET E 139 -23.86 3.43 -32.72
C MET E 139 -23.61 2.08 -33.38
N LYS E 140 -24.15 1.83 -34.57
CA LYS E 140 -24.14 0.49 -35.15
C LYS E 140 -22.88 0.05 -35.86
N ASN E 141 -22.49 -1.18 -35.53
CA ASN E 141 -21.36 -1.83 -36.13
C ASN E 141 -20.12 -0.97 -36.09
N CYS E 142 -19.78 -0.41 -34.95
CA CYS E 142 -18.60 0.41 -34.95
C CYS E 142 -17.45 -0.56 -34.85
N SER E 143 -16.60 -0.60 -35.88
CA SER E 143 -15.56 -1.62 -35.93
C SER E 143 -14.18 -1.19 -35.50
N PHE E 144 -13.38 -2.18 -35.12
CA PHE E 144 -12.00 -2.00 -34.74
C PHE E 144 -11.12 -3.23 -34.90
N ASN E 145 -9.81 -2.99 -34.95
CA ASN E 145 -8.82 -4.07 -35.01
C ASN E 145 -8.20 -4.36 -33.65
N ILE E 146 -8.49 -5.53 -33.10
CA ILE E 146 -7.98 -5.85 -31.76
C ILE E 146 -7.03 -7.05 -31.77
N THR E 147 -5.89 -6.89 -31.10
CA THR E 147 -4.89 -7.96 -30.99
C THR E 147 -5.20 -8.74 -29.74
N THR E 148 -5.42 -10.05 -29.89
CA THR E 148 -5.78 -10.90 -28.75
C THR E 148 -5.85 -12.39 -29.19
N GLU E 149 -5.60 -13.39 -28.31
CA GLU E 149 -5.11 -13.31 -26.93
C GLU E 149 -3.59 -13.44 -26.87
N LEU E 150 -2.96 -13.82 -27.99
CA LEU E 150 -1.53 -14.17 -28.02
C LEU E 150 -0.55 -13.13 -28.50
N ARG E 151 -0.94 -11.87 -28.65
CA ARG E 151 -0.03 -10.78 -29.10
C ARG E 151 0.31 -10.82 -30.62
N ASP E 152 0.40 -12.02 -31.17
CA ASP E 152 0.76 -12.31 -32.55
C ASP E 152 -0.33 -12.02 -33.57
N LYS E 153 -1.59 -12.21 -33.20
CA LYS E 153 -2.66 -12.09 -34.16
C LYS E 153 -3.75 -11.13 -33.74
N ARG E 154 -4.38 -10.52 -34.74
CA ARG E 154 -5.48 -9.61 -34.52
C ARG E 154 -6.67 -9.94 -35.40
N GLU E 155 -7.84 -9.52 -34.93
CA GLU E 155 -9.07 -9.72 -35.67
C GLU E 155 -9.93 -8.47 -35.73
N LYS E 156 -10.76 -8.39 -36.77
CA LYS E 156 -11.71 -7.29 -36.88
C LYS E 156 -12.99 -7.63 -36.13
N LYS E 157 -13.34 -6.76 -35.21
CA LYS E 157 -14.50 -6.90 -34.34
C LYS E 157 -15.36 -5.66 -34.42
N ASN E 158 -16.62 -5.77 -34.02
CA ASN E 158 -17.42 -4.56 -33.94
C ASN E 158 -18.38 -4.65 -32.79
N ALA E 159 -18.92 -3.51 -32.39
CA ALA E 159 -19.86 -3.45 -31.30
C ALA E 159 -20.71 -2.20 -31.33
N LEU E 160 -21.75 -2.18 -30.51
CA LEU E 160 -22.55 -0.99 -30.40
C LEU E 160 -22.21 -0.17 -29.18
N PHE E 161 -22.05 1.12 -29.45
CA PHE E 161 -21.73 2.13 -28.44
C PHE E 161 -22.77 3.24 -28.49
N TYR E 162 -23.12 3.85 -27.36
CA TYR E 162 -24.07 4.95 -27.51
C TYR E 162 -23.40 6.21 -28.03
N LYS E 163 -24.13 6.95 -28.86
CA LYS E 163 -23.63 8.11 -29.58
C LYS E 163 -23.03 9.24 -28.76
N LEU E 164 -23.44 9.42 -27.51
CA LEU E 164 -22.91 10.54 -26.76
C LEU E 164 -21.46 10.34 -26.39
N ASP E 165 -20.97 9.09 -26.48
CA ASP E 165 -19.60 8.78 -26.13
C ASP E 165 -18.67 8.62 -27.32
N ILE E 166 -19.17 8.85 -28.52
CA ILE E 166 -18.32 8.66 -29.70
C ILE E 166 -18.10 9.98 -30.39
N VAL E 167 -16.85 10.29 -30.69
CA VAL E 167 -16.58 11.54 -31.34
C VAL E 167 -15.87 11.34 -32.65
N GLN E 168 -16.00 12.29 -33.53
CA GLN E 168 -15.35 12.22 -34.81
C GLN E 168 -13.88 12.49 -34.63
N LEU E 169 -13.06 11.73 -35.32
CA LEU E 169 -11.62 11.94 -35.30
C LEU E 169 -11.37 13.26 -36.02
N ASP E 170 -10.40 14.06 -35.58
CA ASP E 170 -10.16 15.32 -36.28
C ASP E 170 -9.31 15.04 -37.52
N GLY E 171 -10.01 14.52 -38.53
CA GLY E 171 -9.50 14.05 -39.81
C GLY E 171 -10.70 13.70 -40.67
N ASN E 172 -10.59 12.61 -41.42
CA ASN E 172 -11.67 12.16 -42.28
C ASN E 172 -12.88 11.79 -41.43
N SER E 173 -14.07 12.21 -41.88
CA SER E 173 -15.35 12.02 -41.18
C SER E 173 -15.78 10.56 -41.01
N SER E 174 -15.13 9.65 -41.73
CA SER E 174 -15.42 8.24 -41.60
C SER E 174 -14.69 7.64 -40.38
N GLN E 175 -13.76 8.40 -39.79
CA GLN E 175 -12.96 7.90 -38.68
C GLN E 175 -13.46 8.42 -37.33
N TYR E 176 -13.54 7.53 -36.35
CA TYR E 176 -14.03 7.83 -35.01
C TYR E 176 -13.09 7.45 -33.86
N ARG E 177 -13.27 8.13 -32.75
CA ARG E 177 -12.49 7.91 -31.53
C ARG E 177 -13.39 7.86 -30.30
N LEU E 178 -12.94 7.21 -29.23
CA LEU E 178 -13.70 7.23 -27.99
C LEU E 178 -13.58 8.64 -27.43
N ILE E 179 -14.66 9.17 -26.87
CA ILE E 179 -14.68 10.55 -26.39
C ILE E 179 -13.61 11.00 -25.40
N ASN E 180 -13.16 10.17 -24.49
CA ASN E 180 -12.13 10.62 -23.55
C ASN E 180 -10.78 9.93 -23.72
N CYS E 181 -10.55 9.17 -24.79
CA CYS E 181 -9.31 8.41 -24.68
C CYS E 181 -8.04 9.12 -25.13
N ASN E 182 -8.14 10.31 -25.69
CA ASN E 182 -6.92 10.98 -26.05
C ASN E 182 -6.42 11.87 -24.92
N THR E 183 -7.17 11.94 -23.81
CA THR E 183 -6.74 12.80 -22.70
C THR E 183 -6.68 12.10 -21.36
N SER E 184 -7.38 10.99 -21.19
CA SER E 184 -7.43 10.35 -19.88
C SER E 184 -7.50 8.84 -19.98
N VAL E 185 -7.49 8.18 -18.83
CA VAL E 185 -7.58 6.73 -18.86
C VAL E 185 -9.03 6.36 -18.65
N ILE E 186 -9.51 5.40 -19.43
CA ILE E 186 -10.86 4.92 -19.29
C ILE E 186 -10.76 3.52 -18.80
N THR E 187 -11.46 3.20 -17.71
CA THR E 187 -11.41 1.83 -17.24
C THR E 187 -12.82 1.29 -17.20
N GLN E 188 -12.96 -0.03 -17.14
CA GLN E 188 -14.28 -0.63 -17.07
C GLN E 188 -14.55 -0.99 -15.63
N ALA E 189 -15.71 -1.52 -15.34
CA ALA E 189 -16.02 -1.91 -13.98
C ALA E 189 -16.26 -3.40 -13.92
N CYS E 190 -15.89 -3.97 -12.81
CA CYS E 190 -16.07 -5.37 -12.53
C CYS E 190 -17.55 -5.56 -12.17
N PRO E 191 -18.27 -6.58 -12.64
CA PRO E 191 -19.64 -6.83 -12.25
C PRO E 191 -19.85 -6.85 -10.73
N LYS E 192 -18.86 -7.36 -10.02
CA LYS E 192 -18.90 -7.48 -8.58
C LYS E 192 -18.82 -6.17 -7.82
N VAL E 193 -18.42 -5.09 -8.49
CA VAL E 193 -18.30 -3.84 -7.79
C VAL E 193 -19.43 -2.92 -8.18
N SER E 194 -20.42 -3.42 -8.93
CA SER E 194 -21.51 -2.52 -9.27
C SER E 194 -22.01 -2.03 -7.93
N PHE E 195 -22.16 -0.72 -7.79
CA PHE E 195 -22.51 -0.21 -6.48
C PHE E 195 -23.84 0.50 -6.37
N ASP E 196 -24.76 -0.10 -5.64
CA ASP E 196 -26.03 0.55 -5.43
C ASP E 196 -25.85 1.25 -4.10
N PRO E 197 -26.79 2.06 -3.61
CA PRO E 197 -26.67 2.70 -2.34
C PRO E 197 -26.68 1.72 -1.18
N ILE E 198 -25.84 1.99 -0.19
CA ILE E 198 -25.81 1.28 1.06
C ILE E 198 -25.90 2.37 2.12
N PRO E 199 -26.91 2.40 2.99
CA PRO E 199 -27.02 3.46 3.96
C PRO E 199 -25.86 3.36 4.92
N ILE E 200 -25.21 4.48 5.20
CA ILE E 200 -24.09 4.47 6.12
C ILE E 200 -24.46 5.23 7.36
N HIS E 201 -24.23 4.62 8.51
CA HIS E 201 -24.55 5.24 9.78
C HIS E 201 -23.26 5.81 10.33
N TYR E 202 -23.29 6.93 11.03
CA TYR E 202 -22.04 7.37 11.62
C TYR E 202 -22.03 7.38 13.13
N CYS E 203 -20.88 6.98 13.68
CA CYS E 203 -20.64 6.92 15.11
C CYS E 203 -19.44 7.74 15.56
N ALA E 204 -19.57 8.32 16.75
CA ALA E 204 -18.49 9.07 17.34
C ALA E 204 -17.52 8.14 18.10
N PRO E 205 -16.22 8.46 18.16
CA PRO E 205 -15.19 7.80 18.96
C PRO E 205 -15.40 8.17 20.42
N ALA E 206 -14.84 7.42 21.37
CA ALA E 206 -15.07 7.77 22.76
C ALA E 206 -14.59 9.18 23.06
N GLY E 207 -15.37 9.88 23.87
CA GLY E 207 -15.08 11.26 24.26
C GLY E 207 -15.90 12.22 23.43
N TYR E 208 -16.52 11.72 22.38
CA TYR E 208 -17.33 12.54 21.52
C TYR E 208 -18.79 12.09 21.52
N ALA E 209 -19.67 13.03 21.21
CA ALA E 209 -21.09 12.73 21.14
C ALA E 209 -21.75 13.50 20.01
N ILE E 210 -22.82 12.92 19.46
CA ILE E 210 -23.55 13.57 18.40
C ILE E 210 -24.91 14.05 18.86
N LEU E 211 -25.18 15.33 18.64
CA LEU E 211 -26.43 15.97 19.06
C LEU E 211 -27.35 16.15 17.85
N LYS E 212 -28.68 16.00 18.04
CA LYS E 212 -29.64 16.03 16.90
C LYS E 212 -30.62 17.21 16.59
N CYS E 213 -30.96 18.08 17.55
CA CYS E 213 -31.96 19.14 17.35
C CYS E 213 -33.35 18.63 16.97
N ASN E 214 -34.19 18.33 17.95
CA ASN E 214 -35.53 17.82 17.64
C ASN E 214 -36.53 18.93 17.38
N ASN E 215 -36.38 19.56 16.25
CA ASN E 215 -37.24 20.67 15.89
C ASN E 215 -37.71 20.54 14.45
N LYS E 216 -38.99 20.25 14.32
CA LYS E 216 -39.66 19.95 13.05
C LYS E 216 -39.69 21.13 12.10
N THR E 217 -39.45 22.32 12.61
CA THR E 217 -39.47 23.53 11.82
C THR E 217 -38.08 24.14 11.71
N PHE E 218 -37.05 23.37 12.06
CA PHE E 218 -35.67 23.87 12.00
C PHE E 218 -35.20 24.09 10.57
N THR E 219 -34.63 25.28 10.34
CA THR E 219 -34.19 25.74 9.03
C THR E 219 -32.69 25.77 8.86
N GLY E 220 -31.97 25.19 9.79
CA GLY E 220 -30.52 25.16 9.65
C GLY E 220 -29.71 26.20 10.40
N THR E 221 -30.33 27.01 11.24
CA THR E 221 -29.56 27.99 11.97
C THR E 221 -30.21 28.37 13.27
N GLY E 222 -29.39 28.81 14.21
CA GLY E 222 -29.89 29.27 15.49
C GLY E 222 -30.05 28.10 16.46
N PRO E 223 -30.54 28.38 17.67
CA PRO E 223 -30.73 27.44 18.75
C PRO E 223 -31.88 26.48 18.56
N CYS E 224 -31.74 25.32 19.17
CA CYS E 224 -32.81 24.36 19.27
C CYS E 224 -33.06 24.17 20.74
N ASN E 225 -34.32 24.10 21.15
CA ASN E 225 -34.67 23.93 22.55
C ASN E 225 -35.08 22.51 22.90
N ASN E 226 -34.75 21.58 22.04
CA ASN E 226 -35.02 20.18 22.25
C ASN E 226 -33.78 19.45 21.76
N VAL E 227 -32.93 19.14 22.70
CA VAL E 227 -31.65 18.55 22.40
C VAL E 227 -31.60 17.18 22.96
N SER E 228 -31.09 16.29 22.16
CA SER E 228 -30.93 14.92 22.51
C SER E 228 -29.65 14.42 21.91
N THR E 229 -29.14 13.33 22.47
CA THR E 229 -27.90 12.72 21.98
C THR E 229 -28.06 11.27 21.57
N VAL E 230 -27.21 10.86 20.64
CA VAL E 230 -27.19 9.49 20.16
C VAL E 230 -25.80 8.89 20.12
N GLN E 231 -25.73 7.56 20.06
CA GLN E 231 -24.46 6.85 19.88
C GLN E 231 -24.15 6.66 18.41
N CYS E 232 -25.15 6.89 17.59
CA CYS E 232 -25.04 6.73 16.15
C CYS E 232 -26.13 7.53 15.48
N THR E 233 -25.89 7.90 14.24
CA THR E 233 -26.94 8.52 13.44
C THR E 233 -27.63 7.43 12.69
N HIS E 234 -28.75 7.76 12.08
CA HIS E 234 -29.42 6.81 11.21
C HIS E 234 -28.59 6.74 9.96
N GLY E 235 -28.91 5.80 9.09
CA GLY E 235 -28.12 5.71 7.88
C GLY E 235 -28.51 6.76 6.86
N ILE E 236 -27.50 7.22 6.13
CA ILE E 236 -27.63 8.13 5.01
C ILE E 236 -27.08 7.47 3.77
N LYS E 237 -27.86 7.43 2.71
CA LYS E 237 -27.41 6.78 1.50
C LYS E 237 -26.53 7.68 0.62
N PRO E 238 -25.45 7.18 0.03
CA PRO E 238 -24.53 7.90 -0.85
C PRO E 238 -25.10 8.05 -2.25
N VAL E 239 -26.13 8.83 -2.30
CA VAL E 239 -26.81 8.95 -3.57
C VAL E 239 -26.39 10.28 -4.23
N VAL E 240 -26.07 10.20 -5.51
CA VAL E 240 -25.64 11.39 -6.23
C VAL E 240 -26.56 11.74 -7.38
N SER E 241 -27.02 12.97 -7.36
CA SER E 241 -27.91 13.55 -8.34
C SER E 241 -27.74 15.06 -8.38
N THR E 242 -28.33 15.66 -9.39
CA THR E 242 -28.39 17.11 -9.59
C THR E 242 -29.88 17.43 -9.75
N GLN E 243 -30.28 18.70 -9.58
CA GLN E 243 -31.66 19.17 -9.73
C GLN E 243 -32.66 18.62 -8.71
N LEU E 244 -32.87 17.31 -8.71
CA LEU E 244 -33.82 16.70 -7.79
C LEU E 244 -33.13 15.82 -6.76
N LEU E 245 -33.65 15.88 -5.55
CA LEU E 245 -33.18 15.04 -4.44
C LEU E 245 -34.06 13.81 -4.36
N LEU E 246 -33.55 12.58 -4.49
CA LEU E 246 -34.49 11.42 -4.45
C LEU E 246 -34.14 10.37 -3.39
N ASN E 247 -35.13 9.63 -2.92
CA ASN E 247 -35.14 8.49 -2.00
C ASN E 247 -34.95 8.87 -0.58
N GLY E 248 -34.86 10.14 -0.25
CA GLY E 248 -34.46 10.65 1.08
C GLY E 248 -35.60 10.69 2.07
N SER E 249 -35.40 11.29 3.26
CA SER E 249 -36.49 11.39 4.20
C SER E 249 -37.35 12.58 3.85
N LEU E 250 -38.57 12.61 4.38
CA LEU E 250 -39.47 13.74 4.19
C LEU E 250 -39.55 14.63 5.40
N ALA E 251 -39.87 15.89 5.17
CA ALA E 251 -40.06 16.84 6.26
C ALA E 251 -41.26 16.42 7.09
N GLU E 252 -41.14 16.57 8.41
CA GLU E 252 -42.20 16.18 9.36
C GLU E 252 -43.49 16.98 9.26
N GLY E 253 -43.38 18.27 8.97
CA GLY E 253 -44.51 19.18 8.90
C GLY E 253 -44.82 19.55 7.46
N GLU E 254 -44.58 20.81 7.13
CA GLU E 254 -44.77 21.39 5.81
C GLU E 254 -43.46 21.53 5.06
N ILE E 255 -43.51 22.03 3.84
CA ILE E 255 -42.29 22.14 3.07
C ILE E 255 -41.37 23.15 3.71
N ILE E 256 -40.11 22.77 3.88
CA ILE E 256 -39.15 23.66 4.49
C ILE E 256 -38.11 24.09 3.48
N ILE E 257 -37.94 25.38 3.35
CA ILE E 257 -36.93 25.87 2.44
C ILE E 257 -35.80 26.42 3.27
N ARG E 258 -34.61 25.87 3.05
CA ARG E 258 -33.43 26.24 3.81
C ARG E 258 -32.50 27.06 2.94
N SER E 259 -31.97 28.11 3.50
CA SER E 259 -31.09 29.02 2.76
C SER E 259 -30.09 29.67 3.69
N GLU E 260 -29.19 30.51 3.15
CA GLU E 260 -28.23 31.31 3.96
C GLU E 260 -28.92 32.64 4.32
N ASN E 261 -28.54 33.28 5.43
CA ASN E 261 -29.20 34.54 5.91
C ASN E 261 -28.22 35.70 6.08
N ILE E 262 -27.15 35.78 5.28
CA ILE E 262 -26.17 36.91 5.33
C ILE E 262 -26.49 37.93 4.21
N THR E 263 -26.43 37.48 2.96
CA THR E 263 -26.71 38.25 1.75
C THR E 263 -27.71 37.43 0.96
N LYS E 264 -28.36 38.02 -0.03
CA LYS E 264 -29.27 37.23 -0.85
C LYS E 264 -28.57 36.58 -2.04
N ASN E 265 -27.29 36.88 -2.23
CA ASN E 265 -26.57 36.31 -3.34
C ASN E 265 -26.06 34.96 -2.89
N VAL E 266 -26.89 33.96 -3.07
CA VAL E 266 -26.58 32.64 -2.55
C VAL E 266 -26.36 31.64 -3.65
N LYS E 267 -25.69 30.54 -3.32
CA LYS E 267 -25.42 29.55 -4.32
C LYS E 267 -26.49 28.48 -4.44
N THR E 268 -27.03 28.04 -3.31
CA THR E 268 -28.00 26.96 -3.32
C THR E 268 -29.18 27.25 -2.39
N ILE E 269 -30.38 26.96 -2.87
CA ILE E 269 -31.60 26.98 -2.09
C ILE E 269 -32.08 25.54 -1.99
N ILE E 270 -32.27 25.04 -0.78
CA ILE E 270 -32.66 23.64 -0.65
C ILE E 270 -34.11 23.51 -0.26
N VAL E 271 -34.89 22.84 -1.08
CA VAL E 271 -36.30 22.69 -0.79
C VAL E 271 -36.58 21.27 -0.37
N HIS E 272 -37.05 21.11 0.87
CA HIS E 272 -37.31 19.78 1.42
C HIS E 272 -38.83 19.56 1.55
N LEU E 273 -39.34 18.61 0.78
CA LEU E 273 -40.78 18.38 0.73
C LEU E 273 -41.24 17.53 1.90
N ASN E 274 -42.50 17.69 2.28
CA ASN E 274 -43.13 16.89 3.33
C ASN E 274 -44.01 15.77 2.80
N GLU E 275 -43.94 15.57 1.50
CA GLU E 275 -44.70 14.56 0.80
C GLU E 275 -43.87 14.19 -0.40
N SER E 276 -43.79 12.92 -0.70
CA SER E 276 -43.03 12.53 -1.87
C SER E 276 -43.85 12.56 -3.14
N VAL E 277 -43.14 12.65 -4.26
CA VAL E 277 -43.78 12.51 -5.55
C VAL E 277 -43.13 11.32 -6.22
N LYS E 278 -43.91 10.35 -6.61
CA LYS E 278 -43.35 9.17 -7.23
C LYS E 278 -43.02 9.43 -8.67
N ILE E 279 -41.84 9.02 -9.09
CA ILE E 279 -41.45 9.13 -10.48
C ILE E 279 -41.15 7.76 -11.04
N GLU E 280 -41.73 7.47 -12.19
CA GLU E 280 -41.48 6.17 -12.80
C GLU E 280 -40.70 6.33 -14.10
N CYS E 281 -39.58 5.65 -14.20
CA CYS E 281 -38.73 5.77 -15.38
C CYS E 281 -38.48 4.42 -16.05
N THR E 282 -38.26 4.47 -17.34
CA THR E 282 -37.94 3.26 -18.07
C THR E 282 -37.13 3.47 -19.33
N ARG E 283 -36.46 2.41 -19.71
CA ARG E 283 -35.70 2.30 -20.94
C ARG E 283 -36.32 1.12 -21.67
N PRO E 284 -37.35 1.36 -22.50
CA PRO E 284 -38.26 0.39 -23.11
C PRO E 284 -37.69 -0.61 -24.13
N ASN E 285 -36.50 -0.36 -24.67
CA ASN E 285 -35.97 -1.28 -25.66
C ASN E 285 -35.31 -2.45 -24.94
N ASN E 286 -34.80 -3.42 -25.69
CA ASN E 286 -34.15 -4.58 -25.10
C ASN E 286 -32.79 -4.83 -25.74
N LYS E 287 -31.73 -4.79 -24.95
CA LYS E 287 -30.43 -4.93 -25.58
C LYS E 287 -29.80 -6.30 -25.36
N THR E 288 -29.04 -6.74 -26.36
CA THR E 288 -28.25 -7.95 -26.26
C THR E 288 -26.88 -7.56 -25.79
N ARG E 289 -26.34 -8.28 -24.82
CA ARG E 289 -24.99 -8.00 -24.37
C ARG E 289 -24.01 -8.85 -25.13
N THR E 290 -22.89 -8.26 -25.57
CA THR E 290 -21.87 -9.06 -26.20
C THR E 290 -20.55 -8.88 -25.47
N SER E 291 -19.56 -9.65 -25.87
CA SER E 291 -18.25 -9.58 -25.23
C SER E 291 -17.09 -9.81 -26.17
N ILE E 292 -16.15 -8.87 -26.14
CA ILE E 292 -14.97 -8.97 -26.97
C ILE E 292 -13.77 -9.28 -26.11
N ARG E 293 -13.11 -10.39 -26.35
CA ARG E 293 -12.02 -10.73 -25.46
C ARG E 293 -10.84 -9.80 -25.63
N ILE E 294 -10.18 -9.53 -24.52
CA ILE E 294 -8.97 -8.74 -24.50
C ILE E 294 -7.78 -9.65 -24.22
N GLY E 295 -7.91 -10.50 -23.20
CA GLY E 295 -6.79 -11.31 -22.76
C GLY E 295 -7.13 -12.27 -21.61
N PRO E 296 -6.12 -12.75 -20.86
CA PRO E 296 -6.22 -13.77 -19.82
C PRO E 296 -6.92 -13.28 -18.57
N GLY E 297 -8.25 -13.23 -18.65
CA GLY E 297 -9.11 -12.74 -17.58
C GLY E 297 -9.68 -11.36 -17.88
N GLN E 298 -9.51 -10.89 -19.12
CA GLN E 298 -10.00 -9.58 -19.50
C GLN E 298 -10.92 -9.63 -20.72
N ALA E 299 -12.01 -8.88 -20.65
CA ALA E 299 -12.92 -8.75 -21.77
C ALA E 299 -13.60 -7.41 -21.74
N PHE E 300 -13.92 -6.90 -22.92
CA PHE E 300 -14.65 -5.68 -23.12
C PHE E 300 -16.10 -5.92 -23.37
N TYR E 301 -16.94 -5.27 -22.60
CA TYR E 301 -18.36 -5.46 -22.79
C TYR E 301 -18.96 -4.32 -23.56
N ALA E 302 -19.80 -4.67 -24.51
CA ALA E 302 -20.43 -3.71 -25.40
C ALA E 302 -21.75 -4.24 -25.91
N THR E 303 -22.55 -3.38 -26.55
CA THR E 303 -23.85 -3.81 -27.00
C THR E 303 -23.78 -4.63 -28.30
N GLY E 304 -24.61 -5.67 -28.37
CA GLY E 304 -24.78 -6.53 -29.53
C GLY E 304 -26.11 -6.19 -30.21
N GLN E 305 -26.81 -7.20 -30.71
CA GLN E 305 -28.07 -6.96 -31.40
C GLN E 305 -29.12 -6.26 -30.52
N VAL E 306 -29.75 -5.24 -31.07
CA VAL E 306 -30.81 -4.54 -30.37
C VAL E 306 -32.20 -5.08 -30.75
N ILE E 307 -33.03 -5.31 -29.75
CA ILE E 307 -34.38 -5.79 -29.90
C ILE E 307 -35.28 -4.57 -29.62
N GLY E 308 -36.26 -4.26 -30.48
CA GLY E 308 -36.75 -5.06 -31.62
C GLY E 308 -37.60 -4.10 -32.41
N ASP E 309 -37.92 -3.01 -31.75
CA ASP E 309 -38.53 -1.82 -32.30
C ASP E 309 -37.84 -0.76 -31.49
N ILE E 310 -38.10 0.51 -31.78
CA ILE E 310 -37.40 1.57 -31.05
C ILE E 310 -38.28 2.56 -30.35
N ARG E 311 -38.04 2.74 -29.06
CA ARG E 311 -38.75 3.71 -28.26
C ARG E 311 -37.70 4.46 -27.44
N GLU E 312 -37.92 5.75 -27.21
CA GLU E 312 -36.97 6.54 -26.41
C GLU E 312 -37.20 6.30 -24.94
N ALA E 313 -36.16 6.47 -24.14
CA ALA E 313 -36.28 6.38 -22.69
C ALA E 313 -37.15 7.52 -22.19
N TYR E 314 -37.90 7.27 -21.13
CA TYR E 314 -38.76 8.32 -20.60
C TYR E 314 -39.11 8.15 -19.13
N CYS E 315 -39.60 9.25 -18.57
CA CYS E 315 -40.10 9.26 -17.20
C CYS E 315 -41.50 9.88 -17.08
N ASN E 316 -42.32 9.28 -16.22
CA ASN E 316 -43.70 9.68 -15.92
C ASN E 316 -43.94 10.34 -14.55
N ILE E 317 -44.56 11.53 -14.57
CA ILE E 317 -44.91 12.32 -13.38
C ILE E 317 -46.44 12.65 -13.28
N ASN E 318 -47.09 12.42 -12.13
CA ASN E 318 -48.53 12.74 -12.00
C ASN E 318 -48.76 14.26 -12.10
N GLU E 319 -49.73 14.71 -12.91
CA GLU E 319 -49.85 16.17 -13.07
C GLU E 319 -50.32 16.95 -11.86
N SER E 320 -51.32 16.44 -11.15
CA SER E 320 -51.86 17.25 -10.08
C SER E 320 -50.89 17.36 -8.93
N LYS E 321 -50.08 16.32 -8.73
CA LYS E 321 -49.13 16.39 -7.64
C LYS E 321 -48.00 17.30 -8.01
N TRP E 322 -47.59 17.28 -9.28
CA TRP E 322 -46.51 18.16 -9.68
C TRP E 322 -46.94 19.61 -9.50
N ASN E 323 -48.15 19.94 -9.97
CA ASN E 323 -48.57 21.33 -9.87
C ASN E 323 -48.85 21.74 -8.45
N GLU E 324 -49.46 20.88 -7.64
CA GLU E 324 -49.73 21.27 -6.28
C GLU E 324 -48.46 21.49 -5.51
N THR E 325 -47.49 20.61 -5.72
CA THR E 325 -46.26 20.69 -4.98
C THR E 325 -45.57 21.99 -5.30
N LEU E 326 -45.48 22.35 -6.58
CA LEU E 326 -44.78 23.58 -6.90
C LEU E 326 -45.53 24.80 -6.38
N GLN E 327 -46.87 24.76 -6.36
CA GLN E 327 -47.58 25.91 -5.82
C GLN E 327 -47.27 26.09 -4.34
N ARG E 328 -47.17 24.98 -3.61
CA ARG E 328 -46.83 25.06 -2.19
C ARG E 328 -45.39 25.53 -2.00
N VAL E 329 -44.47 25.12 -2.88
CA VAL E 329 -43.10 25.58 -2.75
C VAL E 329 -43.07 27.08 -2.94
N SER E 330 -43.78 27.59 -3.94
CA SER E 330 -43.80 29.03 -4.22
C SER E 330 -44.33 29.80 -3.01
N LYS E 331 -45.39 29.28 -2.41
CA LYS E 331 -45.95 29.93 -1.24
C LYS E 331 -44.91 30.11 -0.14
N LYS E 332 -44.04 29.12 0.05
CA LYS E 332 -43.01 29.26 1.07
C LYS E 332 -41.78 30.03 0.56
N LEU E 333 -41.46 29.91 -0.72
CA LEU E 333 -40.27 30.56 -1.26
C LEU E 333 -40.37 32.07 -1.13
N LYS E 334 -41.58 32.59 -1.34
CA LYS E 334 -41.79 34.03 -1.25
C LYS E 334 -41.53 34.58 0.15
N GLU E 335 -41.41 33.74 1.18
CA GLU E 335 -41.10 34.24 2.51
C GLU E 335 -39.69 34.86 2.53
N TYR E 336 -38.77 34.28 1.73
CA TYR E 336 -37.40 34.78 1.67
C TYR E 336 -37.35 35.97 0.76
N PHE E 337 -38.29 36.01 -0.17
CA PHE E 337 -38.36 37.12 -1.10
C PHE E 337 -39.77 37.75 -1.05
N PRO E 338 -40.15 38.41 0.07
CA PRO E 338 -41.48 38.90 0.37
C PRO E 338 -41.84 40.19 -0.34
N HIS E 339 -41.99 40.12 -1.65
CA HIS E 339 -42.28 41.32 -2.41
C HIS E 339 -43.11 41.10 -3.68
N LYS E 340 -42.48 40.84 -4.81
CA LYS E 340 -43.14 40.64 -6.08
C LYS E 340 -43.31 39.14 -6.35
N ASN E 341 -43.77 38.80 -7.54
CA ASN E 341 -44.12 37.42 -7.82
C ASN E 341 -42.95 36.49 -8.11
N ILE E 342 -43.27 35.20 -8.33
CA ILE E 342 -42.28 34.16 -8.61
C ILE E 342 -42.42 33.48 -9.95
N THR E 343 -41.32 33.46 -10.67
CA THR E 343 -41.22 32.81 -11.96
C THR E 343 -40.16 31.73 -11.97
N PHE E 344 -40.51 30.57 -12.49
CA PHE E 344 -39.54 29.52 -12.66
C PHE E 344 -39.11 29.44 -14.11
N GLN E 345 -37.85 29.08 -14.32
CA GLN E 345 -37.30 28.88 -15.66
C GLN E 345 -36.53 27.56 -15.78
N PRO E 346 -36.42 27.00 -16.98
CA PRO E 346 -35.65 25.83 -17.34
C PRO E 346 -34.16 26.11 -17.38
N SER E 347 -33.36 25.04 -17.47
CA SER E 347 -31.90 25.12 -17.52
C SER E 347 -31.41 26.07 -18.61
N SER E 348 -30.41 26.90 -18.28
CA SER E 348 -29.86 27.89 -19.21
C SER E 348 -28.60 27.49 -19.98
N GLY E 349 -27.87 26.50 -19.49
CA GLY E 349 -26.62 26.13 -20.15
C GLY E 349 -25.72 25.37 -19.21
N GLY E 350 -24.61 24.85 -19.75
CA GLY E 350 -23.64 24.07 -18.99
C GLY E 350 -23.56 22.67 -19.58
N ASP E 351 -22.82 21.77 -18.94
CA ASP E 351 -22.65 20.43 -19.47
C ASP E 351 -23.89 19.64 -19.09
N LEU E 352 -24.01 18.38 -19.46
CA LEU E 352 -25.28 17.73 -19.15
C LEU E 352 -25.57 17.49 -17.68
N GLU E 353 -24.59 17.15 -16.85
CA GLU E 353 -24.96 16.86 -15.47
C GLU E 353 -25.64 18.03 -14.76
N ILE E 354 -25.21 19.24 -15.08
CA ILE E 354 -25.79 20.42 -14.47
C ILE E 354 -27.09 20.89 -15.16
N THR E 355 -27.44 20.37 -16.35
CA THR E 355 -28.62 20.86 -17.04
C THR E 355 -29.76 19.85 -17.09
N THR E 356 -29.45 18.57 -16.97
CA THR E 356 -30.43 17.49 -17.02
C THR E 356 -30.57 16.83 -15.67
N HIS E 357 -31.57 15.98 -15.53
CA HIS E 357 -31.69 15.21 -14.32
C HIS E 357 -30.95 13.90 -14.47
N SER E 358 -29.88 13.78 -13.72
CA SER E 358 -28.99 12.63 -13.77
C SER E 358 -29.23 11.60 -12.68
N PHE E 359 -29.29 10.35 -13.11
CA PHE E 359 -29.49 9.21 -12.22
C PHE E 359 -28.94 7.94 -12.86
N ASN E 360 -28.80 6.86 -12.08
CA ASN E 360 -28.22 5.62 -12.59
C ASN E 360 -29.10 4.36 -12.50
N CYS E 361 -30.37 4.45 -12.84
CA CYS E 361 -31.23 3.30 -12.71
C CYS E 361 -30.77 2.11 -13.54
N GLY E 362 -30.70 0.96 -12.90
CA GLY E 362 -30.37 -0.27 -13.59
C GLY E 362 -28.88 -0.46 -13.78
N GLY E 363 -28.08 0.53 -13.37
CA GLY E 363 -26.64 0.46 -13.57
C GLY E 363 -26.20 1.27 -14.78
N GLU E 364 -27.15 1.83 -15.54
CA GLU E 364 -26.80 2.66 -16.69
C GLU E 364 -27.07 4.10 -16.32
N PHE E 365 -26.41 5.04 -16.96
CA PHE E 365 -26.62 6.43 -16.63
C PHE E 365 -27.59 7.14 -17.54
N PHE E 366 -28.54 7.82 -16.90
CA PHE E 366 -29.60 8.58 -17.56
C PHE E 366 -29.43 10.06 -17.39
N TYR E 367 -29.77 10.79 -18.45
CA TYR E 367 -29.77 12.25 -18.54
C TYR E 367 -31.12 12.76 -19.04
N CYS E 368 -32.07 12.99 -18.15
CA CYS E 368 -33.42 13.34 -18.60
C CYS E 368 -33.63 14.84 -18.76
N ASN E 369 -34.38 15.19 -19.80
CA ASN E 369 -34.70 16.58 -20.10
C ASN E 369 -35.89 17.06 -19.30
N THR E 370 -35.60 17.88 -18.30
CA THR E 370 -36.55 18.39 -17.34
C THR E 370 -36.95 19.81 -17.65
N SER E 371 -36.59 20.28 -18.83
CA SER E 371 -36.89 21.66 -19.19
C SER E 371 -38.39 21.94 -19.30
N SER E 372 -39.22 20.93 -19.52
CA SER E 372 -40.65 21.16 -19.60
C SER E 372 -41.31 21.30 -18.22
N LEU E 373 -40.61 20.88 -17.16
CA LEU E 373 -41.19 20.84 -15.83
C LEU E 373 -41.18 22.14 -15.02
N PHE E 374 -40.33 23.09 -15.36
CA PHE E 374 -40.22 24.32 -14.57
C PHE E 374 -40.55 25.57 -15.37
N ASN E 375 -41.70 25.58 -16.05
CA ASN E 375 -42.12 26.72 -16.87
C ASN E 375 -43.31 27.43 -16.28
N ARG E 376 -43.54 27.21 -15.01
CA ARG E 376 -44.68 27.78 -14.34
C ARG E 376 -44.39 29.13 -13.73
N THR E 377 -45.45 29.92 -13.62
CA THR E 377 -45.40 31.20 -12.94
C THR E 377 -46.47 31.19 -11.88
N TYR E 378 -46.24 31.93 -10.82
CA TYR E 378 -47.19 32.03 -9.74
C TYR E 378 -47.38 33.49 -9.39
N MET E 379 -48.49 33.84 -8.77
CA MET E 379 -48.69 35.24 -8.43
C MET E 379 -49.38 35.48 -7.11
N ALA E 380 -49.11 36.64 -6.54
CA ALA E 380 -49.81 37.08 -5.36
C ALA E 380 -51.25 37.34 -5.72
N ASN E 381 -52.16 37.06 -4.81
CA ASN E 381 -53.56 37.32 -5.05
C ASN E 381 -53.99 36.78 -6.42
N ASN E 392 -55.00 11.68 -8.72
CA ASN E 392 -53.55 11.78 -8.77
C ASN E 392 -53.01 11.10 -10.00
N SER E 393 -53.38 9.85 -10.19
CA SER E 393 -52.88 9.07 -11.31
C SER E 393 -53.63 9.41 -12.60
N THR E 394 -53.42 10.63 -13.09
CA THR E 394 -54.07 11.17 -14.27
C THR E 394 -53.22 12.21 -14.99
N ARG E 395 -53.46 12.34 -16.30
CA ARG E 395 -52.81 13.36 -17.12
C ARG E 395 -51.31 13.32 -16.94
N THR E 396 -50.74 12.14 -17.08
CA THR E 396 -49.33 11.95 -16.87
C THR E 396 -48.48 12.86 -17.71
N ILE E 397 -47.52 13.51 -17.04
CA ILE E 397 -46.55 14.39 -17.65
C ILE E 397 -45.40 13.53 -18.07
N THR E 398 -44.97 13.64 -19.30
CA THR E 398 -43.86 12.81 -19.67
C THR E 398 -42.70 13.64 -20.12
N ILE E 399 -41.51 13.13 -19.87
CA ILE E 399 -40.29 13.77 -20.34
C ILE E 399 -39.43 12.74 -21.09
N HIS E 400 -38.55 13.23 -21.95
CA HIS E 400 -37.67 12.38 -22.76
C HIS E 400 -36.26 12.30 -22.20
N CYS E 401 -35.70 11.09 -22.21
CA CYS E 401 -34.38 10.85 -21.65
C CYS E 401 -33.36 10.26 -22.62
N ARG E 402 -32.08 10.56 -22.37
CA ARG E 402 -30.97 9.97 -23.10
C ARG E 402 -30.06 9.22 -22.16
N ILE E 403 -29.25 8.30 -22.69
CA ILE E 403 -28.31 7.56 -21.85
C ILE E 403 -26.87 7.65 -22.34
N LYS E 404 -25.94 7.40 -21.45
CA LYS E 404 -24.51 7.49 -21.75
C LYS E 404 -23.73 6.39 -21.04
N GLN E 405 -22.57 5.97 -21.58
CA GLN E 405 -21.78 4.92 -20.93
C GLN E 405 -20.49 5.43 -20.28
N ILE E 406 -19.79 6.37 -20.91
CA ILE E 406 -18.53 6.85 -20.33
C ILE E 406 -18.78 8.07 -19.50
N ILE E 407 -18.57 7.91 -18.21
CA ILE E 407 -18.90 8.93 -17.28
C ILE E 407 -17.69 9.55 -16.60
N ASN E 408 -17.61 10.86 -16.68
CA ASN E 408 -16.59 11.58 -15.96
C ASN E 408 -17.29 11.90 -14.67
N MET E 409 -17.00 11.11 -13.66
CA MET E 409 -17.77 11.22 -12.43
C MET E 409 -17.44 12.47 -11.69
N TRP E 410 -18.42 12.90 -10.91
CA TRP E 410 -18.43 14.09 -10.08
C TRP E 410 -17.26 14.14 -9.10
N GLN E 411 -16.78 12.96 -8.73
CA GLN E 411 -15.72 12.74 -7.79
C GLN E 411 -14.31 13.12 -8.27
N GLU E 412 -14.01 13.04 -9.58
CA GLU E 412 -12.64 13.28 -10.04
C GLU E 412 -12.50 13.63 -11.52
N VAL E 413 -11.28 13.95 -11.97
CA VAL E 413 -11.00 14.14 -13.39
C VAL E 413 -9.77 13.33 -13.80
N GLY E 414 -9.69 12.90 -15.06
CA GLY E 414 -8.49 12.18 -15.54
C GLY E 414 -8.63 10.66 -15.45
N ARG E 415 -9.67 10.20 -14.77
CA ARG E 415 -9.99 8.78 -14.57
C ARG E 415 -11.45 8.54 -14.88
N ALA E 416 -11.77 8.22 -16.14
CA ALA E 416 -13.14 8.06 -16.59
C ALA E 416 -13.60 6.63 -16.36
N MET E 417 -14.88 6.48 -16.04
CA MET E 417 -15.41 5.16 -15.84
C MET E 417 -16.31 4.76 -16.99
N TYR E 418 -16.14 3.55 -17.51
CA TYR E 418 -17.03 3.09 -18.55
C TYR E 418 -18.10 2.24 -17.92
N ALA E 419 -19.03 1.78 -18.70
CA ALA E 419 -20.03 0.92 -18.16
C ALA E 419 -20.53 -0.01 -19.25
N PRO E 420 -20.68 -1.30 -18.95
CA PRO E 420 -21.16 -2.30 -19.84
C PRO E 420 -22.62 -2.04 -19.98
N PRO E 421 -23.27 -2.46 -21.06
CA PRO E 421 -24.69 -2.40 -21.22
C PRO E 421 -25.35 -3.44 -20.36
N ILE E 422 -26.55 -3.15 -19.96
CA ILE E 422 -27.39 -4.08 -19.25
C ILE E 422 -28.36 -4.67 -20.24
N ALA E 423 -28.35 -5.98 -20.33
CA ALA E 423 -29.17 -6.69 -21.30
C ALA E 423 -30.63 -6.60 -20.92
N GLY E 424 -31.48 -6.65 -21.92
CA GLY E 424 -32.92 -6.57 -21.71
C GLY E 424 -33.29 -5.11 -21.52
N ASN E 425 -34.43 -4.85 -20.88
CA ASN E 425 -34.92 -3.48 -20.71
C ASN E 425 -34.67 -3.02 -19.28
N ILE E 426 -34.90 -1.74 -19.01
CA ILE E 426 -34.74 -1.21 -17.66
C ILE E 426 -35.99 -0.57 -17.11
N THR E 427 -36.36 -0.95 -15.90
CA THR E 427 -37.50 -0.32 -15.23
C THR E 427 -37.00 0.22 -13.89
N CYS E 428 -37.54 1.34 -13.45
CA CYS E 428 -37.10 1.92 -12.18
C CYS E 428 -38.10 2.87 -11.53
N ILE E 429 -38.36 2.65 -10.24
CA ILE E 429 -39.28 3.52 -9.52
C ILE E 429 -38.61 4.14 -8.31
N SER E 430 -38.69 5.45 -8.09
CA SER E 430 -38.06 6.08 -6.90
C SER E 430 -38.96 7.19 -6.36
N ASN E 431 -38.65 7.74 -5.21
CA ASN E 431 -39.47 8.83 -4.63
C ASN E 431 -38.71 10.15 -4.69
N ILE E 432 -39.35 11.25 -5.01
CA ILE E 432 -38.72 12.59 -5.16
C ILE E 432 -38.99 13.33 -3.84
N THR E 433 -37.97 13.82 -3.12
CA THR E 433 -38.16 14.41 -1.80
C THR E 433 -37.80 15.87 -1.77
N GLY E 434 -37.07 16.34 -2.77
CA GLY E 434 -36.71 17.75 -2.75
C GLY E 434 -36.09 18.30 -4.02
N LEU E 435 -35.79 19.59 -3.96
CA LEU E 435 -35.26 20.32 -5.11
C LEU E 435 -33.99 21.09 -4.76
N LEU E 436 -33.09 21.22 -5.73
CA LEU E 436 -31.94 22.11 -5.57
C LEU E 436 -32.14 23.26 -6.53
N LEU E 437 -32.41 24.42 -5.98
CA LEU E 437 -32.69 25.58 -6.79
C LEU E 437 -31.63 26.65 -6.65
N THR E 438 -31.48 27.46 -7.68
CA THR E 438 -30.61 28.62 -7.67
C THR E 438 -31.41 29.83 -8.09
N ARG E 439 -30.76 30.98 -8.20
CA ARG E 439 -31.51 32.17 -8.58
C ARG E 439 -30.86 32.88 -9.75
N ASP E 440 -31.65 33.66 -10.48
CA ASP E 440 -31.19 34.39 -11.64
C ASP E 440 -31.95 35.70 -11.82
N TYR E 441 -31.62 36.47 -12.85
CA TYR E 441 -32.28 37.74 -13.08
C TYR E 441 -33.53 37.56 -13.92
N GLY E 442 -34.60 38.25 -13.57
CA GLY E 442 -35.81 38.16 -14.36
C GLY E 442 -35.82 39.24 -15.41
N LYS E 443 -36.89 39.31 -16.19
CA LYS E 443 -37.03 40.33 -17.23
C LYS E 443 -37.75 41.56 -16.72
N ASN E 444 -38.19 41.46 -15.47
CA ASN E 444 -38.97 42.44 -14.77
C ASN E 444 -38.54 42.49 -13.33
N ASN E 445 -39.42 42.94 -12.45
CA ASN E 445 -39.13 43.10 -11.04
C ASN E 445 -39.50 41.89 -10.18
N THR E 446 -39.79 40.77 -10.81
CA THR E 446 -40.13 39.56 -10.07
C THR E 446 -38.87 38.71 -9.88
N GLU E 447 -38.94 37.71 -9.01
CA GLU E 447 -37.79 36.84 -8.78
C GLU E 447 -37.76 35.69 -9.76
N THR E 448 -36.56 35.25 -10.12
CA THR E 448 -36.45 34.12 -11.02
C THR E 448 -35.66 32.98 -10.43
N PHE E 449 -36.24 31.80 -10.50
CA PHE E 449 -35.59 30.61 -9.97
C PHE E 449 -35.50 29.53 -11.01
N ARG E 450 -34.51 28.69 -10.86
CA ARG E 450 -34.35 27.57 -11.77
C ARG E 450 -33.53 26.47 -11.11
N PRO E 451 -33.57 25.23 -11.60
CA PRO E 451 -32.80 24.10 -11.11
C PRO E 451 -31.30 24.33 -11.21
N GLY E 452 -30.59 23.86 -10.20
CA GLY E 452 -29.13 23.91 -10.16
C GLY E 452 -28.57 22.57 -9.71
N GLY E 453 -27.28 22.56 -9.32
CA GLY E 453 -26.68 21.32 -8.86
C GLY E 453 -25.24 21.15 -9.30
N GLY E 454 -24.72 19.96 -9.00
CA GLY E 454 -23.35 19.53 -9.29
C GLY E 454 -22.53 19.53 -8.02
N ASN E 455 -23.01 20.25 -7.02
CA ASN E 455 -22.30 20.26 -5.79
C ASN E 455 -22.78 19.09 -4.99
N MET E 456 -22.02 18.02 -5.03
CA MET E 456 -22.45 16.80 -4.35
C MET E 456 -22.62 17.06 -2.86
N LYS E 457 -21.85 17.99 -2.33
CA LYS E 457 -21.95 18.32 -0.93
C LYS E 457 -23.34 18.82 -0.56
N ASP E 458 -24.11 19.38 -1.49
CA ASP E 458 -25.43 19.88 -1.15
C ASP E 458 -26.44 18.77 -1.06
N ASN E 459 -26.08 17.58 -1.50
CA ASN E 459 -27.00 16.48 -1.34
C ASN E 459 -26.79 15.97 0.06
N TRP E 460 -25.53 15.83 0.44
CA TRP E 460 -25.23 15.26 1.75
C TRP E 460 -25.56 16.23 2.86
N ARG E 461 -25.41 17.51 2.58
CA ARG E 461 -25.71 18.56 3.51
C ARG E 461 -27.20 18.66 3.74
N SER E 462 -28.02 18.03 2.89
CA SER E 462 -29.45 18.11 3.05
C SER E 462 -29.94 17.06 4.03
N GLU E 463 -29.09 16.10 4.41
CA GLU E 463 -29.48 15.08 5.39
C GLU E 463 -28.68 15.21 6.69
N LEU E 464 -27.47 15.76 6.61
CA LEU E 464 -26.59 15.92 7.75
C LEU E 464 -26.82 17.23 8.51
N TYR E 465 -27.83 17.98 8.08
CA TYR E 465 -28.21 19.26 8.66
C TYR E 465 -28.63 19.11 10.11
N LYS E 466 -29.03 17.92 10.49
CA LYS E 466 -29.47 17.67 11.84
C LYS E 466 -28.35 17.30 12.79
N TYR E 467 -27.10 17.16 12.35
CA TYR E 467 -26.14 16.68 13.34
C TYR E 467 -24.94 17.56 13.63
N LYS E 468 -24.56 17.60 14.90
CA LYS E 468 -23.33 18.29 15.32
C LYS E 468 -22.50 17.40 16.22
N VAL E 469 -21.18 17.49 16.13
CA VAL E 469 -20.34 16.68 17.00
C VAL E 469 -19.55 17.51 17.98
N VAL E 470 -19.60 17.10 19.24
CA VAL E 470 -18.93 17.81 20.31
C VAL E 470 -18.02 16.91 21.11
N LYS E 471 -17.08 17.51 21.84
CA LYS E 471 -16.21 16.74 22.71
C LYS E 471 -16.57 16.97 24.16
N ILE E 472 -16.31 15.97 24.99
CA ILE E 472 -16.59 16.04 26.40
C ILE E 472 -15.33 16.25 27.20
N GLU E 473 -15.37 17.23 28.11
CA GLU E 473 -14.24 17.58 28.99
C GLU E 473 -14.65 17.50 30.45
N PRO E 474 -14.63 16.30 31.06
CA PRO E 474 -15.21 15.93 32.34
C PRO E 474 -14.56 16.50 33.58
N LEU E 475 -13.38 17.11 33.49
CA LEU E 475 -12.71 17.62 34.68
C LEU E 475 -12.95 19.10 34.90
N GLY E 476 -13.26 19.49 36.13
CA GLY E 476 -13.43 20.90 36.45
C GLY E 476 -13.51 21.16 37.94
N VAL E 477 -13.58 22.44 38.32
CA VAL E 477 -13.59 22.82 39.74
C VAL E 477 -14.74 23.72 40.10
N ALA E 478 -15.02 23.75 41.40
CA ALA E 478 -16.06 24.57 41.98
C ALA E 478 -15.76 24.76 43.48
N PRO E 479 -16.29 25.78 44.17
CA PRO E 479 -16.16 25.99 45.60
C PRO E 479 -17.00 25.07 46.43
N THR E 480 -16.57 24.78 47.64
CA THR E 480 -17.39 24.02 48.57
C THR E 480 -17.07 24.25 50.03
N ARG E 481 -18.05 23.96 50.87
CA ARG E 481 -17.83 24.04 52.31
C ARG E 481 -17.22 22.74 52.84
N CYS E 482 -15.95 22.53 52.52
CA CYS E 482 -15.17 21.34 52.88
C CYS E 482 -13.67 21.61 52.94
N LYS E 483 -13.02 21.14 54.00
CA LYS E 483 -11.56 21.22 54.05
C LYS E 483 -11.01 19.80 54.19
N ARG E 484 -9.76 19.61 53.80
CA ARG E 484 -9.11 18.31 53.86
C ARG E 484 -8.31 18.12 55.14
N ARG E 485 -8.39 16.94 55.71
CA ARG E 485 -7.62 16.64 56.91
C ARG E 485 -6.15 16.41 56.56
N VAL E 486 -5.25 16.94 57.37
CA VAL E 486 -3.81 16.79 57.17
C VAL E 486 -3.26 15.46 57.65
N VAL E 487 -3.68 15.05 58.84
CA VAL E 487 -3.25 13.83 59.49
C VAL E 487 -3.07 12.65 58.53
N VAL F 14 -29.03 1.01 33.94
CA VAL F 14 -29.47 1.98 32.96
C VAL F 14 -28.30 2.63 32.24
N PHE F 15 -28.29 2.52 30.91
CA PHE F 15 -27.24 3.16 30.14
C PHE F 15 -27.70 4.55 29.76
N LEU F 16 -27.10 5.55 30.38
CA LEU F 16 -27.48 6.94 30.14
C LEU F 16 -26.57 7.58 29.11
N GLY F 17 -25.60 6.82 28.64
CA GLY F 17 -24.65 7.33 27.67
C GLY F 17 -23.88 8.48 28.28
N PHE F 18 -23.89 9.60 27.60
CA PHE F 18 -23.20 10.78 28.06
C PHE F 18 -24.13 11.94 28.10
N LEU F 19 -23.80 12.90 28.95
CA LEU F 19 -24.51 14.15 29.04
C LEU F 19 -25.97 13.93 29.38
N GLY F 20 -26.26 12.95 30.22
CA GLY F 20 -27.65 12.66 30.59
C GLY F 20 -28.30 13.80 31.37
N ALA F 21 -27.52 14.51 32.18
CA ALA F 21 -28.05 15.60 32.99
C ALA F 21 -26.95 16.59 33.38
N ALA F 22 -26.64 17.67 32.63
CA ALA F 22 -27.19 18.23 31.38
C ALA F 22 -28.59 18.78 31.54
N GLY F 23 -28.67 20.02 32.02
CA GLY F 23 -29.94 20.73 32.23
C GLY F 23 -30.34 20.74 33.70
N SER F 24 -29.70 19.87 34.47
CA SER F 24 -29.93 19.74 35.90
C SER F 24 -29.07 20.71 36.65
N THR F 25 -29.33 20.81 37.93
CA THR F 25 -28.60 21.62 38.87
C THR F 25 -27.35 20.86 39.30
N MET F 26 -26.39 21.48 40.03
CA MET F 26 -25.22 20.64 40.35
C MET F 26 -25.63 19.54 41.32
N GLY F 27 -26.65 19.85 42.11
CA GLY F 27 -27.26 19.05 43.17
C GLY F 27 -26.85 17.58 43.34
N ALA F 28 -27.39 16.55 42.63
CA ALA F 28 -28.30 16.38 41.46
C ALA F 28 -27.58 15.94 40.17
N ALA F 29 -26.57 16.67 39.70
CA ALA F 29 -25.91 16.27 38.47
C ALA F 29 -24.79 15.29 38.80
N SER F 30 -24.25 15.43 40.00
CA SER F 30 -23.11 14.63 40.49
C SER F 30 -23.46 13.15 40.66
N MET F 31 -24.75 12.87 40.62
CA MET F 31 -25.29 11.54 40.78
C MET F 31 -24.85 10.58 39.67
N THR F 32 -24.43 11.14 38.53
CA THR F 32 -24.01 10.32 37.39
C THR F 32 -22.53 10.45 37.06
N LEU F 33 -21.68 10.88 38.00
CA LEU F 33 -20.28 11.04 37.64
C LEU F 33 -19.65 9.69 37.20
N THR F 34 -20.14 8.58 37.76
CA THR F 34 -19.63 7.26 37.42
C THR F 34 -20.05 6.82 36.02
N VAL F 35 -21.06 7.47 35.46
CA VAL F 35 -21.53 7.10 34.16
C VAL F 35 -20.61 7.68 33.12
N GLN F 36 -20.33 8.96 33.29
CA GLN F 36 -19.50 9.58 32.29
C GLN F 36 -18.06 9.16 32.45
N ALA F 37 -17.64 8.83 33.67
CA ALA F 37 -16.29 8.37 33.84
C ALA F 37 -16.06 7.05 33.11
N ARG F 38 -17.04 6.11 33.16
CA ARG F 38 -16.85 4.81 32.54
C ARG F 38 -17.14 4.70 31.06
N ASN F 39 -18.03 5.53 30.53
CA ASN F 39 -18.35 5.40 29.13
C ASN F 39 -17.29 6.02 28.25
N LEU F 40 -16.31 6.64 28.90
CA LEU F 40 -15.21 7.33 28.25
C LEU F 40 -14.13 6.37 27.74
N LEU F 41 -14.05 5.14 28.26
CA LEU F 41 -12.99 4.25 27.78
C LEU F 41 -13.40 3.29 26.68
N SER F 42 -14.63 3.37 26.20
CA SER F 42 -15.09 2.42 25.18
C SER F 42 -14.62 2.78 23.78
N GLY F 43 -13.31 2.68 23.58
CA GLY F 43 -12.64 3.00 22.32
C GLY F 43 -12.26 4.46 22.20
N THR F 65 -7.84 -1.73 1.96
CA THR F 65 -8.34 -1.17 3.21
C THR F 65 -7.21 -0.59 4.03
N VAL F 66 -6.90 0.68 3.77
CA VAL F 66 -5.86 1.36 4.52
C VAL F 66 -6.41 2.47 5.41
N TRP F 67 -7.68 2.79 5.21
CA TRP F 67 -8.35 3.85 5.96
C TRP F 67 -8.53 3.47 7.41
N GLY F 68 -8.38 2.17 7.69
CA GLY F 68 -8.50 1.60 9.02
C GLY F 68 -7.42 2.14 9.94
N ILE F 69 -6.39 2.77 9.37
CA ILE F 69 -5.32 3.35 10.17
C ILE F 69 -5.92 4.39 11.09
N LYS F 70 -7.03 5.02 10.69
CA LYS F 70 -7.67 6.03 11.49
C LYS F 70 -8.40 5.43 12.67
N GLN F 71 -8.81 4.17 12.59
CA GLN F 71 -9.50 3.63 13.74
C GLN F 71 -8.47 3.49 14.83
N LEU F 72 -7.26 3.05 14.46
CA LEU F 72 -6.25 2.93 15.49
C LEU F 72 -5.83 4.30 16.00
N GLN F 73 -5.72 5.29 15.13
CA GLN F 73 -5.31 6.59 15.63
C GLN F 73 -6.33 7.13 16.61
N ALA F 74 -7.63 6.99 16.31
CA ALA F 74 -8.64 7.50 17.20
C ALA F 74 -8.60 6.82 18.57
N ARG F 75 -8.34 5.52 18.58
CA ARG F 75 -8.28 4.78 19.83
C ARG F 75 -7.08 5.20 20.66
N VAL F 76 -5.95 5.47 19.99
CA VAL F 76 -4.76 5.91 20.71
C VAL F 76 -5.04 7.27 21.34
N LEU F 77 -5.69 8.17 20.60
CA LEU F 77 -5.99 9.47 21.19
C LEU F 77 -6.90 9.36 22.39
N ALA F 78 -7.91 8.49 22.34
CA ALA F 78 -8.79 8.36 23.48
C ALA F 78 -8.01 7.91 24.73
N VAL F 79 -7.07 6.98 24.55
CA VAL F 79 -6.28 6.50 25.66
C VAL F 79 -5.34 7.55 26.20
N GLU F 80 -4.64 8.26 25.33
CA GLU F 80 -3.72 9.26 25.82
C GLU F 80 -4.43 10.36 26.57
N ARG F 81 -5.61 10.78 26.11
CA ARG F 81 -6.30 11.84 26.80
C ARG F 81 -6.78 11.38 28.16
N TYR F 82 -7.26 10.14 28.26
CA TYR F 82 -7.67 9.63 29.55
C TYR F 82 -6.54 9.65 30.54
N LEU F 83 -5.38 9.14 30.12
CA LEU F 83 -4.27 9.06 31.04
C LEU F 83 -3.79 10.42 31.47
N ARG F 84 -3.79 11.41 30.58
CA ARG F 84 -3.34 12.72 31.02
C ARG F 84 -4.22 13.26 32.14
N ASP F 85 -5.53 13.07 32.05
CA ASP F 85 -6.36 13.57 33.14
C ASP F 85 -6.19 12.75 34.40
N GLN F 86 -6.00 11.45 34.26
CA GLN F 86 -5.84 10.64 35.44
C GLN F 86 -4.53 10.98 36.15
N GLN F 87 -3.49 11.26 35.38
CA GLN F 87 -2.23 11.61 35.99
C GLN F 87 -2.35 12.91 36.73
N LEU F 88 -3.07 13.88 36.15
CA LEU F 88 -3.21 15.17 36.79
C LEU F 88 -3.95 15.05 38.11
N LEU F 89 -4.99 14.21 38.17
CA LEU F 89 -5.64 14.05 39.46
C LEU F 89 -4.63 13.50 40.44
N GLY F 90 -3.77 12.59 40.00
CA GLY F 90 -2.75 12.07 40.89
C GLY F 90 -1.80 13.16 41.38
N ILE F 91 -1.39 14.07 40.49
CA ILE F 91 -0.49 15.16 40.86
C ILE F 91 -1.12 16.02 41.94
N TRP F 92 -2.42 16.25 41.86
CA TRP F 92 -3.14 17.04 42.84
C TRP F 92 -3.54 16.25 44.11
N GLY F 93 -3.24 14.94 44.17
CA GLY F 93 -3.61 14.11 45.31
C GLY F 93 -5.03 13.52 45.30
N CYS F 94 -5.67 13.46 44.14
CA CYS F 94 -7.03 12.97 44.02
C CYS F 94 -7.15 11.79 43.06
N SER F 95 -6.11 10.95 42.95
CA SER F 95 -6.13 9.85 41.98
C SER F 95 -7.23 8.81 42.15
N GLY F 96 -7.68 8.62 43.38
CA GLY F 96 -8.69 7.61 43.63
C GLY F 96 -10.12 8.14 43.70
N LYS F 97 -10.37 9.41 43.41
CA LYS F 97 -11.74 9.86 43.63
C LYS F 97 -12.37 10.70 42.53
N LEU F 98 -13.69 10.52 42.37
CA LEU F 98 -14.50 11.33 41.45
C LEU F 98 -14.81 12.67 42.07
N ILE F 99 -14.90 12.69 43.39
CA ILE F 99 -15.13 13.89 44.15
C ILE F 99 -13.99 14.03 45.11
N CYS F 100 -13.26 15.13 45.06
CA CYS F 100 -12.12 15.27 45.96
C CYS F 100 -12.01 16.65 46.58
N CYS F 101 -11.84 16.66 47.89
CA CYS F 101 -11.76 17.87 48.68
C CYS F 101 -10.32 18.24 49.01
N THR F 102 -9.90 19.48 48.72
CA THR F 102 -8.52 19.87 49.04
C THR F 102 -8.44 21.16 49.83
N ASN F 103 -7.20 21.61 50.10
CA ASN F 103 -6.99 22.81 50.94
C ASN F 103 -6.57 24.11 50.26
N VAL F 104 -6.87 24.27 48.99
CA VAL F 104 -6.65 25.56 48.37
C VAL F 104 -7.90 26.38 48.67
N PRO F 105 -7.82 27.56 49.29
CA PRO F 105 -8.96 28.38 49.64
C PRO F 105 -9.57 28.97 48.40
N TRP F 106 -10.87 29.21 48.44
CA TRP F 106 -11.57 29.87 47.36
C TRP F 106 -11.43 31.36 47.58
N ASN F 107 -11.34 32.16 46.54
CA ASN F 107 -11.27 33.59 46.77
C ASN F 107 -12.03 34.38 45.70
N SER F 108 -12.04 35.70 45.87
CA SER F 108 -12.79 36.61 45.01
C SER F 108 -12.00 37.16 43.83
N SER F 109 -10.77 36.71 43.64
CA SER F 109 -9.96 37.19 42.52
C SER F 109 -10.32 36.39 41.30
N TRP F 110 -11.09 35.34 41.55
CA TRP F 110 -11.57 34.36 40.60
C TRP F 110 -12.98 34.75 40.22
N SER F 111 -13.90 33.80 40.17
CA SER F 111 -15.27 34.13 39.83
C SER F 111 -15.91 34.75 41.06
N ASN F 112 -17.05 35.43 40.89
CA ASN F 112 -17.68 36.05 42.03
C ASN F 112 -19.17 35.75 42.16
N ARG F 113 -19.47 34.69 42.89
CA ARG F 113 -20.82 34.22 43.14
C ARG F 113 -20.90 33.74 44.58
N ASN F 114 -21.99 34.05 45.27
CA ASN F 114 -22.15 33.55 46.63
C ASN F 114 -22.53 32.08 46.60
N LEU F 115 -23.27 31.73 45.56
CA LEU F 115 -23.74 30.39 45.26
C LEU F 115 -24.65 29.70 46.27
N SER F 116 -25.25 30.44 47.20
CA SER F 116 -26.14 29.77 48.14
C SER F 116 -27.34 29.16 47.44
N GLU F 117 -27.76 29.78 46.34
CA GLU F 117 -28.84 29.24 45.53
C GLU F 117 -28.29 28.77 44.20
N ILE F 118 -27.34 29.53 43.66
CA ILE F 118 -26.78 29.35 42.33
C ILE F 118 -26.03 28.01 42.21
N TRP F 119 -25.38 27.51 43.26
CA TRP F 119 -24.78 26.18 43.18
C TRP F 119 -25.81 25.19 42.59
N ASP F 120 -27.06 25.31 43.05
CA ASP F 120 -28.08 24.40 42.66
C ASP F 120 -29.01 25.08 41.64
N ASN F 121 -28.50 26.06 40.90
CA ASN F 121 -29.25 26.77 39.89
C ASN F 121 -28.37 27.52 38.87
N MET F 122 -27.65 26.85 37.93
CA MET F 122 -26.80 27.67 37.04
C MET F 122 -26.63 27.19 35.59
N THR F 123 -26.02 26.03 35.27
CA THR F 123 -25.42 25.03 36.18
C THR F 123 -23.94 24.77 35.84
N TRP F 124 -23.65 23.81 34.94
CA TRP F 124 -22.25 23.50 34.65
C TRP F 124 -21.67 24.19 33.45
N LEU F 125 -22.44 24.36 32.40
CA LEU F 125 -21.85 24.95 31.22
C LEU F 125 -21.60 26.41 31.49
N GLN F 126 -22.55 27.01 32.17
CA GLN F 126 -22.51 28.41 32.51
C GLN F 126 -21.43 28.67 33.53
N TRP F 127 -21.25 27.72 34.44
CA TRP F 127 -20.22 27.85 35.44
C TRP F 127 -18.87 27.87 34.78
N ASP F 128 -18.59 26.91 33.89
CA ASP F 128 -17.27 26.92 33.27
C ASP F 128 -17.05 28.20 32.49
N LYS F 129 -18.09 28.74 31.85
CA LYS F 129 -17.86 29.98 31.14
C LYS F 129 -17.54 31.11 32.11
N GLU F 130 -18.23 31.16 33.24
CA GLU F 130 -18.03 32.22 34.23
C GLU F 130 -16.61 32.20 34.81
N ILE F 131 -16.06 31.02 34.99
CA ILE F 131 -14.73 30.85 35.58
C ILE F 131 -13.69 30.39 34.54
N SER F 132 -13.97 30.62 33.26
CA SER F 132 -13.09 30.15 32.18
C SER F 132 -11.73 30.80 32.16
N ASN F 133 -11.59 31.94 32.81
CA ASN F 133 -10.35 32.68 32.82
C ASN F 133 -9.46 32.32 33.99
N TYR F 134 -9.88 31.35 34.80
CA TYR F 134 -9.09 30.98 35.96
C TYR F 134 -8.60 29.55 36.05
N THR F 135 -8.89 28.69 35.08
CA THR F 135 -8.51 27.31 35.26
C THR F 135 -7.00 27.12 35.26
N GLN F 136 -6.32 27.98 34.53
CA GLN F 136 -4.87 27.95 34.39
C GLN F 136 -4.19 28.50 35.66
N ILE F 137 -4.99 29.10 36.53
CA ILE F 137 -4.54 29.67 37.78
C ILE F 137 -4.77 28.67 38.92
N ILE F 138 -5.98 28.13 38.97
CA ILE F 138 -6.37 27.23 40.04
C ILE F 138 -5.53 25.97 40.01
N TYR F 139 -5.28 25.44 38.84
CA TYR F 139 -4.49 24.23 38.76
C TYR F 139 -3.11 24.45 39.37
N GLY F 140 -2.53 25.64 39.18
CA GLY F 140 -1.23 25.96 39.74
C GLY F 140 -1.28 25.92 41.28
N LEU F 141 -2.42 26.34 41.85
CA LEU F 141 -2.54 26.36 43.30
C LEU F 141 -2.67 24.95 43.81
N LEU F 142 -3.36 24.11 43.05
CA LEU F 142 -3.56 22.75 43.50
C LEU F 142 -2.23 22.03 43.55
N GLU F 143 -1.35 22.25 42.57
CA GLU F 143 -0.05 21.61 42.61
C GLU F 143 0.76 22.05 43.82
N GLU F 144 0.75 23.34 44.12
CA GLU F 144 1.54 23.81 45.24
C GLU F 144 1.05 23.23 46.54
N SER F 145 -0.27 23.16 46.71
CA SER F 145 -0.81 22.64 47.95
C SER F 145 -0.42 21.20 48.17
N GLN F 146 -0.51 20.38 47.12
CA GLN F 146 -0.16 18.98 47.30
C GLN F 146 1.31 18.79 47.60
N ASN F 147 2.19 19.59 46.98
CA ASN F 147 3.60 19.39 47.28
C ASN F 147 3.94 19.74 48.71
N GLN F 148 3.27 20.75 49.25
CA GLN F 148 3.53 21.14 50.63
C GLN F 148 3.08 20.04 51.58
N GLN F 149 1.93 19.41 51.28
CA GLN F 149 1.45 18.37 52.16
C GLN F 149 2.35 17.16 52.13
N GLU F 150 2.92 16.85 50.97
CA GLU F 150 3.82 15.71 50.87
C GLU F 150 5.09 15.97 51.68
N LYS F 151 5.59 17.20 51.66
CA LYS F 151 6.76 17.50 52.45
C LYS F 151 6.44 17.35 53.92
N ASN F 152 5.26 17.83 54.33
CA ASN F 152 4.91 17.76 55.73
C ASN F 152 4.80 16.31 56.19
N GLU F 153 4.26 15.43 55.34
CA GLU F 153 4.15 14.03 55.70
C GLU F 153 5.52 13.41 55.88
N GLN F 154 6.46 13.73 54.98
CA GLN F 154 7.78 13.14 55.09
C GLN F 154 8.49 13.60 56.35
N ASP F 155 8.30 14.86 56.75
CA ASP F 155 8.96 15.29 57.97
C ASP F 155 8.35 14.61 59.18
N LEU F 156 7.03 14.45 59.20
CA LEU F 156 6.39 13.84 60.34
C LEU F 156 6.77 12.38 60.47
N LEU F 157 6.90 11.67 59.34
CA LEU F 157 7.30 10.28 59.43
C LEU F 157 8.77 10.18 59.84
N ALA F 158 9.61 11.08 59.34
CA ALA F 158 11.02 11.04 59.67
C ALA F 158 11.26 11.23 61.16
N LEU F 159 10.40 12.01 61.81
CA LEU F 159 10.49 12.27 63.24
C LEU F 159 9.90 11.15 64.09
N ASP F 160 9.32 10.13 63.47
CA ASP F 160 8.72 9.02 64.19
C ASP F 160 9.76 8.33 65.05
N GLN G 22 0.54 33.11 -4.83
CA GLN G 22 0.90 33.25 -6.23
C GLN G 22 -0.34 33.30 -7.10
N VAL G 23 -1.36 33.99 -6.63
CA VAL G 23 -2.56 34.11 -7.42
C VAL G 23 -2.39 35.19 -8.45
N GLN G 24 -2.58 34.79 -9.70
CA GLN G 24 -2.40 35.63 -10.85
C GLN G 24 -3.52 35.51 -11.86
N LEU G 25 -3.83 36.62 -12.51
CA LEU G 25 -4.77 36.62 -13.60
C LEU G 25 -4.08 37.22 -14.81
N VAL G 26 -4.29 36.61 -15.98
CA VAL G 26 -3.68 37.07 -17.22
C VAL G 26 -4.68 37.30 -18.34
N GLN G 27 -4.61 38.47 -18.95
CA GLN G 27 -5.53 38.79 -20.06
C GLN G 27 -4.80 39.12 -21.35
N SER G 28 -5.43 38.79 -22.48
CA SER G 28 -4.91 39.16 -23.80
C SER G 28 -5.51 40.49 -24.22
N GLY G 29 -4.90 41.14 -25.22
CA GLY G 29 -5.43 42.40 -25.74
C GLY G 29 -6.41 42.16 -26.88
N ALA G 30 -6.90 43.24 -27.48
CA ALA G 30 -7.84 43.11 -28.59
C ALA G 30 -7.76 44.32 -29.51
N GLU G 31 -8.20 44.12 -30.73
CA GLU G 31 -8.26 45.09 -31.79
C GLU G 31 -9.51 45.94 -31.77
N VAL G 32 -9.58 46.83 -32.74
CA VAL G 32 -10.74 47.67 -32.92
C VAL G 32 -11.59 46.98 -33.97
N LYS G 33 -12.84 46.77 -33.66
CA LYS G 33 -13.75 46.06 -34.55
C LYS G 33 -14.72 46.99 -35.23
N LYS G 34 -15.27 46.57 -36.35
CA LYS G 34 -16.29 47.38 -37.00
C LYS G 34 -17.64 47.13 -36.34
N PRO G 35 -18.57 48.08 -36.31
CA PRO G 35 -19.87 47.89 -35.75
C PRO G 35 -20.53 46.67 -36.38
N GLY G 36 -21.16 45.86 -35.53
CA GLY G 36 -21.85 44.64 -35.90
C GLY G 36 -20.98 43.39 -35.73
N ALA G 37 -19.67 43.59 -35.56
CA ALA G 37 -18.66 42.56 -35.40
C ALA G 37 -18.68 41.91 -34.04
N SER G 38 -18.05 40.75 -33.94
CA SER G 38 -17.90 40.12 -32.64
C SER G 38 -16.45 40.17 -32.16
N VAL G 39 -16.29 40.11 -30.83
CA VAL G 39 -14.96 40.04 -30.20
C VAL G 39 -14.93 38.93 -29.16
N LYS G 40 -13.77 38.31 -29.06
CA LYS G 40 -13.55 37.30 -28.05
C LYS G 40 -12.41 37.75 -27.16
N VAL G 41 -12.65 37.72 -25.85
CA VAL G 41 -11.62 38.08 -24.88
C VAL G 41 -11.51 36.94 -23.89
N SER G 42 -10.41 36.86 -23.19
CA SER G 42 -10.27 35.77 -22.25
C SER G 42 -9.39 36.11 -21.10
N CYS G 43 -9.44 35.24 -20.11
CA CYS G 43 -8.61 35.38 -18.94
C CYS G 43 -8.17 34.04 -18.39
N LYS G 44 -6.87 33.94 -18.17
CA LYS G 44 -6.26 32.75 -17.61
C LYS G 44 -5.97 33.01 -16.17
N ALA G 45 -6.09 32.01 -15.32
CA ALA G 45 -5.75 32.30 -13.94
C ALA G 45 -5.13 31.11 -13.25
N SER G 46 -4.29 31.40 -12.27
CA SER G 46 -3.67 30.35 -11.50
C SER G 46 -3.39 30.76 -10.06
N GLY G 47 -2.74 29.85 -9.32
CA GLY G 47 -2.40 30.01 -7.91
C GLY G 47 -3.50 29.53 -6.97
N TYR G 48 -4.58 29.02 -7.55
CA TYR G 48 -5.73 28.53 -6.81
C TYR G 48 -6.44 27.53 -7.72
N THR G 49 -7.03 26.48 -7.17
CA THR G 49 -7.74 25.56 -8.05
C THR G 49 -8.83 26.26 -8.83
N PHE G 50 -8.82 26.10 -10.13
CA PHE G 50 -9.73 26.75 -11.06
C PHE G 50 -11.20 26.46 -10.78
N THR G 51 -11.48 25.22 -10.51
CA THR G 51 -12.85 24.77 -10.36
C THR G 51 -13.39 24.99 -8.97
N SER G 52 -12.59 25.59 -8.09
CA SER G 52 -13.03 25.84 -6.74
C SER G 52 -13.64 27.23 -6.54
N TYR G 53 -13.71 28.08 -7.57
CA TYR G 53 -14.27 29.41 -7.35
C TYR G 53 -15.00 29.98 -8.55
N TYR G 54 -15.82 30.99 -8.33
CA TYR G 54 -16.56 31.68 -9.39
C TYR G 54 -15.79 32.83 -10.00
N MET G 55 -16.04 33.11 -11.28
CA MET G 55 -15.38 34.27 -11.88
C MET G 55 -16.38 35.30 -12.40
N HIS G 56 -16.00 36.56 -12.26
CA HIS G 56 -16.80 37.69 -12.71
C HIS G 56 -16.20 38.48 -13.83
N TRP G 57 -17.08 39.03 -14.65
CA TRP G 57 -16.69 39.99 -15.65
C TRP G 57 -17.41 41.29 -15.40
N VAL G 58 -16.65 42.38 -15.51
CA VAL G 58 -17.16 43.72 -15.33
C VAL G 58 -16.73 44.61 -16.48
N ARG G 59 -17.38 45.76 -16.61
CA ARG G 59 -17.06 46.68 -17.68
C ARG G 59 -17.05 48.14 -17.25
N GLN G 60 -16.07 48.89 -17.74
CA GLN G 60 -16.08 50.34 -17.51
C GLN G 60 -15.51 51.07 -18.72
N ALA G 61 -16.08 52.21 -19.06
CA ALA G 61 -15.58 52.99 -20.17
C ALA G 61 -14.96 54.26 -19.62
N PRO G 62 -13.98 54.87 -20.26
CA PRO G 62 -13.41 56.11 -19.80
C PRO G 62 -14.51 57.12 -19.63
N GLY G 63 -14.49 57.82 -18.50
CA GLY G 63 -15.47 58.85 -18.19
C GLY G 63 -16.74 58.31 -17.55
N GLN G 64 -16.86 56.98 -17.46
CA GLN G 64 -18.06 56.35 -16.92
C GLN G 64 -17.80 55.62 -15.61
N GLY G 65 -18.87 55.06 -15.04
CA GLY G 65 -18.77 54.31 -13.80
C GLY G 65 -18.59 52.84 -14.09
N LEU G 66 -18.86 52.00 -13.11
CA LEU G 66 -18.64 50.58 -13.30
C LEU G 66 -19.96 49.84 -13.49
N GLU G 67 -19.96 48.82 -14.33
CA GLU G 67 -21.13 47.96 -14.49
C GLU G 67 -20.76 46.51 -14.33
N TRP G 68 -21.69 45.72 -13.82
CA TRP G 68 -21.46 44.29 -13.72
C TRP G 68 -22.04 43.61 -14.96
N MET G 69 -21.32 42.66 -15.58
CA MET G 69 -21.86 41.99 -16.77
C MET G 69 -22.36 40.61 -16.51
N GLY G 70 -21.62 39.84 -15.73
CA GLY G 70 -22.03 38.46 -15.52
C GLY G 70 -21.05 37.60 -14.74
N ILE G 71 -21.55 36.42 -14.39
CA ILE G 71 -20.82 35.43 -13.62
C ILE G 71 -20.83 34.07 -14.27
N ILE G 72 -19.68 33.42 -14.25
CA ILE G 72 -19.54 32.06 -14.78
C ILE G 72 -18.96 31.11 -13.75
N ASN G 73 -19.56 29.93 -13.63
CA ASN G 73 -19.04 28.96 -12.67
C ASN G 73 -18.23 27.87 -13.37
N PRO G 74 -16.90 27.92 -13.34
CA PRO G 74 -15.99 27.05 -14.06
C PRO G 74 -16.04 25.62 -13.59
N SER G 75 -16.65 25.41 -12.43
CA SER G 75 -16.75 24.07 -11.87
C SER G 75 -17.58 23.16 -12.76
N GLY G 76 -18.63 23.71 -13.35
CA GLY G 76 -19.54 22.93 -14.16
C GLY G 76 -19.39 23.25 -15.65
N GLY G 77 -20.20 24.19 -16.17
CA GLY G 77 -21.16 24.89 -15.34
C GLY G 77 -21.93 25.94 -16.07
N SER G 78 -22.86 26.51 -15.33
CA SER G 78 -23.80 27.53 -15.73
C SER G 78 -23.30 28.95 -15.61
N THR G 79 -24.07 29.84 -16.22
CA THR G 79 -23.85 31.27 -16.21
C THR G 79 -25.10 32.06 -15.85
N SER G 80 -24.89 33.33 -15.49
CA SER G 80 -25.96 34.30 -15.23
C SER G 80 -25.48 35.69 -15.63
N TYR G 81 -26.35 36.46 -16.29
CA TYR G 81 -25.96 37.76 -16.82
C TYR G 81 -26.88 38.88 -16.47
N ALA G 82 -26.35 40.08 -16.43
CA ALA G 82 -27.18 41.24 -16.25
C ALA G 82 -28.04 41.37 -17.48
N GLN G 83 -29.28 41.84 -17.32
CA GLN G 83 -30.20 41.96 -18.44
C GLN G 83 -29.71 42.93 -19.52
N LYS G 84 -28.80 43.79 -19.14
CA LYS G 84 -28.25 44.80 -20.02
C LYS G 84 -27.57 44.21 -21.25
N PHE G 85 -26.95 43.05 -21.09
CA PHE G 85 -26.21 42.42 -22.18
C PHE G 85 -26.90 41.14 -22.58
N GLN G 86 -28.12 40.93 -22.14
CA GLN G 86 -28.71 39.65 -22.40
C GLN G 86 -28.97 39.49 -23.86
N GLY G 87 -28.47 38.38 -24.39
CA GLY G 87 -28.60 38.06 -25.80
C GLY G 87 -27.37 38.49 -26.59
N ARG G 88 -26.48 39.32 -26.00
CA ARG G 88 -25.30 39.75 -26.74
C ARG G 88 -24.05 39.12 -26.13
N VAL G 89 -24.12 38.76 -24.85
CA VAL G 89 -22.94 38.19 -24.21
C VAL G 89 -23.13 36.73 -23.91
N THR G 90 -22.07 35.99 -24.15
CA THR G 90 -22.06 34.57 -23.83
C THR G 90 -20.74 34.25 -23.14
N MET G 91 -20.72 33.19 -22.33
CA MET G 91 -19.50 32.81 -21.64
C MET G 91 -19.30 31.32 -21.63
N THR G 92 -18.03 30.92 -21.72
CA THR G 92 -17.65 29.52 -21.67
C THR G 92 -16.46 29.34 -20.76
N ARG G 93 -16.16 28.10 -20.42
CA ARG G 93 -15.02 27.77 -19.59
C ARG G 93 -14.28 26.57 -20.12
N ASP G 94 -13.01 26.45 -19.78
CA ASP G 94 -12.24 25.25 -20.11
C ASP G 94 -11.33 24.90 -18.93
N THR G 95 -11.68 23.82 -18.25
CA THR G 95 -11.00 23.43 -17.02
C THR G 95 -9.65 22.81 -17.27
N SER G 96 -9.35 22.48 -18.53
CA SER G 96 -8.06 21.89 -18.84
C SER G 96 -6.97 22.94 -19.05
N THR G 97 -7.37 24.21 -19.20
CA THR G 97 -6.44 25.30 -19.47
C THR G 97 -6.47 26.34 -18.37
N SER G 98 -7.35 26.13 -17.40
CA SER G 98 -7.65 27.05 -16.33
C SER G 98 -8.01 28.44 -16.86
N THR G 99 -8.91 28.46 -17.85
CA THR G 99 -9.34 29.73 -18.45
C THR G 99 -10.85 29.91 -18.56
N VAL G 100 -11.24 31.17 -18.70
CA VAL G 100 -12.62 31.52 -19.01
C VAL G 100 -12.63 32.42 -20.22
N TYR G 101 -13.71 32.36 -20.98
CA TYR G 101 -13.85 33.16 -22.18
C TYR G 101 -15.15 33.94 -22.20
N MET G 102 -15.09 35.12 -22.76
CA MET G 102 -16.29 35.91 -22.95
C MET G 102 -16.38 36.35 -24.39
N GLU G 103 -17.58 36.30 -24.93
CA GLU G 103 -17.74 36.76 -26.30
C GLU G 103 -18.90 37.71 -26.40
N LEU G 104 -18.70 38.77 -27.18
CA LEU G 104 -19.73 39.77 -27.39
C LEU G 104 -20.09 39.88 -28.86
N SER G 105 -21.38 39.73 -29.15
CA SER G 105 -21.87 39.84 -30.51
C SER G 105 -22.42 41.23 -30.76
N SER G 106 -22.62 41.57 -32.03
CA SER G 106 -23.25 42.83 -32.42
C SER G 106 -22.62 44.05 -31.75
N LEU G 107 -21.30 44.19 -31.83
CA LEU G 107 -20.62 45.30 -31.18
C LEU G 107 -20.99 46.66 -31.70
N ARG G 108 -21.08 47.60 -30.78
CA ARG G 108 -21.39 48.99 -31.10
C ARG G 108 -20.37 49.89 -30.41
N SER G 109 -20.26 51.17 -30.82
CA SER G 109 -19.28 52.08 -30.23
C SER G 109 -19.51 52.33 -28.73
N GLU G 110 -20.74 52.07 -28.28
CA GLU G 110 -21.17 52.17 -26.89
C GLU G 110 -20.40 51.19 -26.00
N ASP G 111 -19.83 50.13 -26.59
CA ASP G 111 -19.13 49.11 -25.84
C ASP G 111 -17.63 49.36 -25.79
N THR G 112 -17.19 50.53 -26.27
CA THR G 112 -15.77 50.80 -26.18
C THR G 112 -15.49 50.84 -24.71
N ALA G 113 -14.58 50.01 -24.24
CA ALA G 113 -14.35 49.93 -22.81
C ALA G 113 -13.14 49.10 -22.45
N VAL G 114 -12.80 49.16 -21.16
CA VAL G 114 -11.81 48.27 -20.64
C VAL G 114 -12.56 47.20 -19.87
N TYR G 115 -12.23 45.96 -20.17
CA TYR G 115 -12.89 44.85 -19.55
C TYR G 115 -12.00 44.20 -18.53
N TYR G 116 -12.60 43.81 -17.43
CA TYR G 116 -11.86 43.16 -16.38
C TYR G 116 -12.44 41.83 -16.04
N CYS G 117 -11.58 40.97 -15.57
CA CYS G 117 -11.94 39.66 -15.12
C CYS G 117 -11.39 39.51 -13.72
N ALA G 118 -12.16 38.92 -12.82
CA ALA G 118 -11.70 38.75 -11.45
C ALA G 118 -12.24 37.53 -10.73
N ARG G 119 -11.48 37.07 -9.74
CA ARG G 119 -11.85 35.89 -8.95
C ARG G 119 -12.82 36.23 -7.86
N ASP G 120 -13.86 35.45 -7.62
CA ASP G 120 -14.78 35.78 -6.52
C ASP G 120 -14.33 35.21 -5.18
N VAL G 121 -15.11 35.48 -4.14
CA VAL G 121 -14.83 35.00 -2.79
C VAL G 121 -16.00 34.28 -2.13
N GLY G 122 -15.69 33.10 -1.57
CA GLY G 122 -16.64 32.28 -0.85
C GLY G 122 -16.87 30.93 -1.52
N THR G 123 -16.79 29.87 -0.72
CA THR G 123 -16.97 28.51 -1.17
C THR G 123 -18.01 27.89 -0.26
N GLU G 124 -18.26 28.63 0.82
CA GLU G 124 -19.14 28.25 1.92
C GLU G 124 -20.66 28.18 1.70
N GLY G 125 -21.21 28.82 0.66
CA GLY G 125 -22.66 28.77 0.50
C GLY G 125 -23.25 30.04 -0.10
N SER G 126 -22.56 31.16 0.05
CA SER G 126 -23.01 32.42 -0.50
C SER G 126 -21.80 33.19 -0.97
N LEU G 127 -22.00 34.16 -1.84
CA LEU G 127 -20.85 34.90 -2.38
C LEU G 127 -20.83 36.35 -1.93
N LEU G 128 -19.61 36.88 -1.73
CA LEU G 128 -19.41 38.28 -1.32
C LEU G 128 -18.66 39.04 -2.42
N HIS G 129 -17.36 39.36 -2.20
CA HIS G 129 -16.64 39.97 -3.31
C HIS G 129 -15.15 39.84 -3.13
N PHE G 130 -14.44 40.35 -4.12
CA PHE G 130 -13.03 40.11 -4.31
C PHE G 130 -11.94 41.14 -4.45
N ASP G 131 -10.75 40.64 -4.16
CA ASP G 131 -9.49 41.32 -4.30
C ASP G 131 -8.48 40.83 -5.36
N TYR G 132 -8.83 39.89 -6.23
CA TYR G 132 -7.87 39.49 -7.26
C TYR G 132 -8.38 39.83 -8.63
N TRP G 133 -7.83 40.89 -9.17
CA TRP G 133 -8.26 41.45 -10.44
C TRP G 133 -7.19 41.28 -11.50
N GLY G 134 -7.59 41.13 -12.76
CA GLY G 134 -6.65 41.08 -13.86
C GLY G 134 -6.25 42.50 -14.18
N GLN G 135 -5.45 42.68 -15.22
CA GLN G 135 -4.91 43.98 -15.58
C GLN G 135 -5.86 44.95 -16.26
N GLY G 136 -6.76 44.40 -17.03
CA GLY G 136 -7.70 45.15 -17.82
C GLY G 136 -7.31 45.06 -19.28
N THR G 137 -8.27 44.75 -20.13
CA THR G 137 -8.00 44.63 -21.56
C THR G 137 -8.91 45.56 -22.33
N LEU G 138 -8.40 46.13 -23.41
CA LEU G 138 -9.25 47.03 -24.16
C LEU G 138 -9.87 46.40 -25.36
N VAL G 139 -11.12 46.79 -25.59
CA VAL G 139 -11.87 46.45 -26.77
C VAL G 139 -12.40 47.74 -27.33
N THR G 140 -12.18 48.01 -28.61
CA THR G 140 -12.75 49.24 -29.11
C THR G 140 -13.57 48.92 -30.35
N VAL G 141 -14.50 49.80 -30.68
CA VAL G 141 -15.33 49.61 -31.84
C VAL G 141 -15.35 50.90 -32.65
N SER G 142 -15.09 50.83 -33.94
CA SER G 142 -15.08 52.04 -34.76
C SER G 142 -15.29 51.82 -36.23
N SER G 143 -15.89 52.80 -36.89
CA SER G 143 -16.06 52.77 -38.33
C SER G 143 -14.75 53.10 -39.06
N ALA G 144 -13.81 53.70 -38.33
CA ALA G 144 -12.52 54.09 -38.89
C ALA G 144 -11.65 52.87 -39.13
N SER G 145 -10.77 52.94 -40.14
CA SER G 145 -9.84 51.87 -40.43
C SER G 145 -8.50 52.18 -39.81
N THR G 146 -7.66 52.91 -40.53
CA THR G 146 -6.39 53.37 -40.00
C THR G 146 -5.88 54.57 -40.76
N LYS G 147 -5.19 55.45 -40.05
CA LYS G 147 -4.59 56.64 -40.64
C LYS G 147 -3.25 56.98 -39.99
N GLY G 148 -2.28 57.47 -40.76
CA GLY G 148 -1.06 57.95 -40.14
C GLY G 148 -1.42 59.36 -39.67
N PRO G 149 -0.62 59.99 -38.83
CA PRO G 149 -0.82 61.34 -38.33
C PRO G 149 -0.54 62.41 -39.36
N SER G 150 -1.25 63.52 -39.25
CA SER G 150 -0.94 64.71 -40.03
C SER G 150 -0.37 65.69 -39.02
N VAL G 151 0.89 66.04 -39.17
CA VAL G 151 1.56 66.82 -38.14
C VAL G 151 1.91 68.20 -38.61
N PHE G 152 1.55 69.20 -37.81
CA PHE G 152 1.87 70.56 -38.15
C PHE G 152 2.63 71.17 -36.97
N PRO G 153 3.56 72.08 -37.18
CA PRO G 153 4.26 72.83 -36.15
C PRO G 153 3.35 73.90 -35.57
N LEU G 154 3.60 74.27 -34.31
CA LEU G 154 2.96 75.40 -33.66
C LEU G 154 4.01 76.36 -33.10
N ALA G 155 3.94 77.63 -33.46
CA ALA G 155 4.92 78.54 -32.89
C ALA G 155 4.38 79.98 -32.92
N PRO G 156 4.83 80.88 -32.02
CA PRO G 156 4.55 82.30 -32.00
C PRO G 156 5.15 83.04 -33.17
N SER G 157 4.55 84.15 -33.54
CA SER G 157 5.14 85.02 -34.53
C SER G 157 6.03 85.98 -33.77
N SER G 158 6.95 86.65 -34.46
CA SER G 158 7.81 87.63 -33.82
C SER G 158 8.53 88.50 -34.83
N SER G 162 9.83 89.24 -27.04
CA SER G 162 10.28 88.34 -25.99
C SER G 162 9.14 87.69 -25.23
N GLY G 163 8.58 88.43 -24.27
CA GLY G 163 7.48 87.93 -23.44
C GLY G 163 8.00 87.15 -22.23
N GLY G 164 9.33 87.08 -22.09
CA GLY G 164 9.97 86.34 -21.00
C GLY G 164 10.10 84.88 -21.38
N THR G 165 8.95 84.22 -21.55
CA THR G 165 8.84 82.83 -21.98
C THR G 165 7.78 82.68 -23.05
N ALA G 166 7.85 81.57 -23.76
CA ALA G 166 6.82 81.20 -24.73
C ALA G 166 6.89 79.71 -24.92
N ALA G 167 5.82 79.11 -25.43
CA ALA G 167 5.94 77.69 -25.70
C ALA G 167 5.90 77.45 -27.18
N LEU G 168 6.62 76.43 -27.60
CA LEU G 168 6.57 75.96 -28.98
C LEU G 168 5.86 74.63 -28.95
N GLY G 169 5.28 74.22 -30.04
CA GLY G 169 4.60 72.94 -29.98
C GLY G 169 4.30 72.33 -31.32
N CYS G 170 3.40 71.40 -31.29
CA CYS G 170 2.95 70.72 -32.49
C CYS G 170 1.52 70.24 -32.33
N LEU G 171 0.86 70.13 -33.47
CA LEU G 171 -0.52 69.69 -33.56
C LEU G 171 -0.61 68.48 -34.44
N VAL G 172 -1.16 67.40 -33.91
CA VAL G 172 -1.26 66.20 -34.70
C VAL G 172 -2.72 65.84 -34.86
N LYS G 173 -3.16 65.65 -36.08
CA LYS G 173 -4.56 65.30 -36.25
C LYS G 173 -4.79 64.11 -37.15
N ASP G 174 -6.00 63.58 -37.02
CA ASP G 174 -6.55 62.49 -37.79
C ASP G 174 -5.79 61.17 -37.85
N TYR G 175 -5.28 60.70 -36.72
CA TYR G 175 -4.58 59.40 -36.74
C TYR G 175 -5.48 58.33 -36.17
N PHE G 176 -5.25 57.09 -36.57
CA PHE G 176 -6.06 56.01 -36.03
C PHE G 176 -5.44 54.62 -36.23
N PRO G 177 -5.46 53.75 -35.22
CA PRO G 177 -5.88 53.84 -33.82
C PRO G 177 -4.82 54.55 -33.02
N GLU G 178 -5.09 54.89 -31.79
CA GLU G 178 -4.08 55.49 -30.95
C GLU G 178 -3.31 54.33 -30.33
N PRO G 179 -2.29 54.58 -29.51
CA PRO G 179 -1.59 55.80 -29.13
C PRO G 179 -0.61 56.26 -30.19
N VAL G 180 -0.26 57.53 -30.15
CA VAL G 180 0.89 58.03 -30.91
C VAL G 180 1.83 58.58 -29.84
N THR G 181 3.12 58.26 -29.94
CA THR G 181 4.08 58.70 -28.93
C THR G 181 4.84 59.97 -29.32
N VAL G 182 4.83 60.96 -28.42
CA VAL G 182 5.52 62.22 -28.71
C VAL G 182 6.69 62.46 -27.79
N SER G 183 7.78 62.90 -28.39
CA SER G 183 8.98 63.27 -27.67
C SER G 183 9.57 64.47 -28.37
N TRP G 184 10.48 65.16 -27.70
CA TRP G 184 11.11 66.30 -28.33
C TRP G 184 12.60 66.11 -28.58
N ASN G 185 13.08 66.70 -29.70
CA ASN G 185 14.48 66.69 -30.09
C ASN G 185 15.05 65.27 -30.08
N SER G 186 14.30 64.34 -30.61
CA SER G 186 14.66 62.92 -30.70
C SER G 186 15.04 62.29 -29.36
N GLY G 187 14.40 62.71 -28.26
CA GLY G 187 14.68 62.14 -26.95
C GLY G 187 15.63 63.01 -26.13
N ALA G 188 16.19 64.03 -26.75
CA ALA G 188 17.08 64.94 -26.06
C ALA G 188 16.34 65.94 -25.16
N LEU G 189 15.09 66.30 -25.52
CA LEU G 189 14.36 67.28 -24.73
C LEU G 189 13.27 66.61 -23.93
N THR G 190 13.56 66.46 -22.64
CA THR G 190 12.74 65.69 -21.72
C THR G 190 12.11 66.51 -20.59
N SER G 191 12.27 67.82 -20.64
CA SER G 191 11.72 68.66 -19.58
C SER G 191 11.13 69.94 -20.13
N GLY G 192 10.13 70.46 -19.41
CA GLY G 192 9.41 71.68 -19.80
C GLY G 192 8.32 71.33 -20.79
N VAL G 193 8.21 70.02 -21.06
CA VAL G 193 7.31 69.44 -22.01
C VAL G 193 5.99 69.00 -21.36
N HIS G 194 4.91 69.43 -21.98
CA HIS G 194 3.55 69.11 -21.55
C HIS G 194 2.81 68.43 -22.69
N THR G 195 2.19 67.31 -22.37
CA THR G 195 1.46 66.59 -23.38
C THR G 195 0.05 66.33 -22.92
N PHE G 196 -0.82 66.21 -23.89
CA PHE G 196 -2.22 65.93 -23.69
C PHE G 196 -2.53 64.53 -24.22
N PRO G 197 -3.59 63.88 -23.73
CA PRO G 197 -4.05 62.55 -24.12
C PRO G 197 -4.60 62.56 -25.53
N ALA G 198 -4.66 61.38 -26.15
CA ALA G 198 -5.29 61.31 -27.46
C ALA G 198 -6.76 61.64 -27.31
N VAL G 199 -7.28 62.44 -28.23
CA VAL G 199 -8.69 62.82 -28.22
C VAL G 199 -9.40 62.57 -29.54
N LEU G 200 -10.61 61.99 -29.48
CA LEU G 200 -11.38 61.81 -30.71
C LEU G 200 -12.22 63.01 -31.05
N GLN G 201 -12.30 63.23 -32.35
CA GLN G 201 -13.18 64.23 -32.94
C GLN G 201 -14.29 63.52 -33.70
N SER G 202 -15.20 64.28 -34.30
CA SER G 202 -16.37 63.75 -35.01
C SER G 202 -16.02 62.90 -36.22
N SER G 203 -14.79 63.01 -36.70
CA SER G 203 -14.30 62.24 -37.82
C SER G 203 -14.06 60.78 -37.44
N GLY G 204 -13.98 60.50 -36.14
CA GLY G 204 -13.70 59.17 -35.63
C GLY G 204 -12.20 58.94 -35.51
N LEU G 205 -11.45 59.97 -35.83
CA LEU G 205 -10.00 59.92 -35.80
C LEU G 205 -9.51 60.70 -34.58
N TYR G 206 -8.25 60.45 -34.17
CA TYR G 206 -7.65 61.08 -32.99
C TYR G 206 -6.69 62.24 -33.23
N SER G 207 -6.60 63.14 -32.24
CA SER G 207 -5.60 64.20 -32.24
C SER G 207 -4.68 64.13 -31.02
N LEU G 208 -3.50 64.74 -31.17
CA LEU G 208 -2.47 64.92 -30.13
C LEU G 208 -2.06 66.39 -30.02
N SER G 209 -1.79 66.82 -28.80
CA SER G 209 -1.31 68.17 -28.52
C SER G 209 -0.08 68.11 -27.61
N SER G 210 1.00 68.76 -28.05
CA SER G 210 2.25 68.81 -27.28
C SER G 210 2.96 70.15 -27.38
N VAL G 211 3.33 70.69 -26.22
CA VAL G 211 4.06 71.95 -26.17
C VAL G 211 5.23 71.89 -25.22
N VAL G 212 6.23 72.72 -25.46
CA VAL G 212 7.36 72.84 -24.55
C VAL G 212 7.57 74.30 -24.20
N THR G 213 7.68 74.61 -22.91
CA THR G 213 7.89 75.98 -22.51
C THR G 213 9.38 76.24 -22.40
N VAL G 214 9.83 77.26 -23.10
CA VAL G 214 11.22 77.63 -23.16
C VAL G 214 11.35 79.16 -22.94
N PRO G 215 12.39 79.66 -22.25
CA PRO G 215 12.71 81.08 -22.10
C PRO G 215 12.90 81.71 -23.46
N SER G 216 12.53 82.98 -23.62
CA SER G 216 12.67 83.63 -24.93
C SER G 216 14.13 83.70 -25.39
N SER G 217 15.06 83.74 -24.45
CA SER G 217 16.50 83.77 -24.73
C SER G 217 17.01 82.46 -25.34
N SER G 218 16.20 81.40 -25.24
CA SER G 218 16.49 80.08 -25.76
C SER G 218 15.55 79.72 -26.93
N LEU G 219 14.74 80.69 -27.38
CA LEU G 219 13.81 80.52 -28.49
C LEU G 219 14.16 81.36 -29.70
N GLY G 220 14.47 82.63 -29.49
CA GLY G 220 14.76 83.49 -30.64
C GLY G 220 16.16 83.21 -31.18
N THR G 221 16.86 82.37 -30.44
CA THR G 221 18.21 81.94 -30.63
C THR G 221 18.33 80.45 -30.99
N GLN G 222 17.21 79.70 -31.04
CA GLN G 222 17.30 78.25 -31.28
C GLN G 222 16.10 77.71 -32.05
N THR G 223 16.12 76.41 -32.37
CA THR G 223 14.96 75.76 -32.99
C THR G 223 14.70 74.48 -32.23
N TYR G 224 13.44 74.03 -32.25
CA TYR G 224 13.05 72.79 -31.58
C TYR G 224 12.28 71.84 -32.49
N ILE G 225 12.44 70.53 -32.24
CA ILE G 225 11.76 69.52 -33.06
C ILE G 225 10.72 68.66 -32.32
N CYS G 226 9.52 68.60 -32.89
CA CYS G 226 8.45 67.74 -32.36
C CYS G 226 8.49 66.41 -33.10
N ASN G 227 8.69 65.32 -32.39
CA ASN G 227 8.81 64.00 -33.01
C ASN G 227 7.67 63.05 -32.60
N VAL G 228 6.81 62.65 -33.55
CA VAL G 228 5.72 61.76 -33.19
C VAL G 228 5.79 60.41 -33.93
N ASN G 229 5.81 59.34 -33.13
CA ASN G 229 5.91 57.98 -33.66
C ASN G 229 4.58 57.24 -33.59
N HIS G 230 3.93 57.07 -34.73
CA HIS G 230 2.65 56.41 -34.73
C HIS G 230 2.91 54.94 -34.96
N LYS G 231 3.37 54.28 -33.91
CA LYS G 231 3.74 52.89 -34.00
C LYS G 231 2.67 52.02 -34.69
N PRO G 232 1.36 52.13 -34.37
CA PRO G 232 0.29 51.33 -34.95
C PRO G 232 0.14 51.39 -36.47
N SER G 233 0.70 52.41 -37.13
CA SER G 233 0.59 52.53 -38.58
C SER G 233 1.97 52.44 -39.20
N ASN G 234 2.96 52.07 -38.38
CA ASN G 234 4.35 51.94 -38.77
C ASN G 234 4.96 53.19 -39.40
N THR G 235 4.66 54.38 -38.86
CA THR G 235 5.27 55.57 -39.46
C THR G 235 5.65 56.61 -38.43
N LYS G 236 6.62 57.46 -38.78
CA LYS G 236 7.09 58.53 -37.90
C LYS G 236 7.15 59.85 -38.66
N VAL G 237 6.65 60.90 -38.02
CA VAL G 237 6.60 62.22 -38.61
C VAL G 237 7.16 63.30 -37.68
N ASP G 238 7.90 64.27 -38.21
CA ASP G 238 8.39 65.35 -37.34
C ASP G 238 8.33 66.71 -38.00
N LYS G 239 8.23 67.74 -37.15
CA LYS G 239 8.21 69.14 -37.61
C LYS G 239 9.05 70.08 -36.75
N ARG G 240 9.58 71.12 -37.40
CA ARG G 240 10.38 72.13 -36.73
C ARG G 240 9.61 73.38 -36.33
N VAL G 241 9.88 73.85 -35.11
CA VAL G 241 9.33 75.09 -34.57
C VAL G 241 10.33 76.10 -34.05
N GLU G 242 9.99 77.37 -34.30
CA GLU G 242 10.76 78.52 -33.87
C GLU G 242 9.75 79.67 -33.79
N PRO G 243 9.96 80.72 -32.98
CA PRO G 243 9.08 81.86 -32.86
C PRO G 243 9.27 82.81 -34.04
N LYS G 244 8.89 82.36 -35.22
CA LYS G 244 9.07 83.13 -36.43
C LYS G 244 8.89 84.61 -36.14
N GLU H 22 -32.83 46.15 -8.15
CA GLU H 22 -31.77 47.11 -8.38
C GLU H 22 -31.38 47.85 -7.11
N ILE H 23 -30.10 47.78 -6.78
CA ILE H 23 -29.61 48.50 -5.63
C ILE H 23 -28.94 49.77 -6.09
N VAL H 24 -29.45 50.88 -5.60
CA VAL H 24 -28.96 52.17 -6.01
C VAL H 24 -28.03 52.76 -4.99
N MET H 25 -26.82 53.05 -5.44
CA MET H 25 -25.79 53.62 -4.61
C MET H 25 -25.22 54.89 -5.21
N THR H 26 -25.04 55.91 -4.37
CA THR H 26 -24.41 57.13 -4.85
C THR H 26 -23.31 57.58 -3.91
N GLN H 27 -22.51 58.54 -4.37
CA GLN H 27 -21.41 59.02 -3.56
C GLN H 27 -21.25 60.53 -3.55
N SER H 28 -20.65 61.02 -2.47
CA SER H 28 -20.39 62.45 -2.32
C SER H 28 -19.16 62.77 -1.44
N PRO H 29 -18.40 63.82 -1.78
CA PRO H 29 -18.45 64.72 -2.92
C PRO H 29 -17.92 64.02 -4.14
N ALA H 30 -18.26 64.46 -5.35
CA ALA H 30 -17.64 63.86 -6.51
C ALA H 30 -16.13 64.07 -6.48
N THR H 31 -15.71 65.26 -6.03
CA THR H 31 -14.30 65.57 -5.91
C THR H 31 -14.01 66.12 -4.52
N LEU H 32 -13.01 65.55 -3.86
CA LEU H 32 -12.59 66.03 -2.56
C LEU H 32 -11.23 66.70 -2.69
N SER H 33 -11.02 67.86 -2.06
CA SER H 33 -9.71 68.51 -2.12
C SER H 33 -9.02 68.43 -0.77
N VAL H 34 -7.87 67.76 -0.74
CA VAL H 34 -7.19 67.54 0.53
C VAL H 34 -5.76 68.01 0.55
N SER H 35 -5.43 68.75 1.59
CA SER H 35 -4.05 69.19 1.80
C SER H 35 -3.30 67.96 2.32
N PRO H 36 -2.21 67.49 1.70
CA PRO H 36 -1.50 66.31 2.13
C PRO H 36 -1.11 66.44 3.58
N GLY H 37 -1.27 65.35 4.32
CA GLY H 37 -0.97 65.29 5.74
C GLY H 37 -2.23 65.44 6.59
N GLU H 38 -3.31 65.91 5.98
CA GLU H 38 -4.58 66.05 6.69
C GLU H 38 -5.36 64.78 6.47
N ARG H 39 -6.30 64.48 7.34
CA ARG H 39 -7.14 63.31 7.14
C ARG H 39 -8.17 63.64 6.08
N ALA H 40 -8.70 62.63 5.42
CA ALA H 40 -9.71 62.84 4.40
C ALA H 40 -10.92 61.96 4.57
N THR H 41 -12.12 62.49 4.27
CA THR H 41 -13.32 61.67 4.32
C THR H 41 -14.20 61.72 3.07
N LEU H 42 -14.78 60.56 2.76
CA LEU H 42 -15.71 60.32 1.66
C LEU H 42 -16.95 59.57 2.13
N SER H 43 -18.12 59.80 1.53
CA SER H 43 -19.25 58.97 1.96
C SER H 43 -20.13 58.44 0.85
N CYS H 44 -20.78 57.33 1.20
CA CYS H 44 -21.71 56.62 0.33
C CYS H 44 -23.11 56.52 0.91
N ARG H 45 -24.11 56.56 0.02
CA ARG H 45 -25.51 56.43 0.40
C ARG H 45 -26.29 55.45 -0.48
N ALA H 46 -27.14 54.66 0.17
CA ALA H 46 -27.96 53.70 -0.57
C ALA H 46 -29.44 53.99 -0.41
N SER H 47 -30.22 53.61 -1.41
CA SER H 47 -31.67 53.76 -1.35
C SER H 47 -32.34 52.54 -0.71
N GLN H 48 -31.57 51.49 -0.51
CA GLN H 48 -32.06 50.27 0.09
C GLN H 48 -31.17 49.91 1.26
N SER H 49 -31.49 48.84 1.97
CA SER H 49 -30.63 48.42 3.06
C SER H 49 -29.67 47.37 2.59
N VAL H 50 -28.42 47.65 2.80
CA VAL H 50 -27.36 46.79 2.39
C VAL H 50 -26.43 46.64 3.55
N SER H 51 -27.02 46.68 4.75
CA SER H 51 -26.33 46.76 6.01
C SER H 51 -25.36 45.67 6.38
N SER H 52 -25.53 44.47 5.86
CA SER H 52 -24.60 43.43 6.23
C SER H 52 -23.30 43.49 5.45
N ASN H 53 -23.28 44.17 4.28
CA ASN H 53 -22.10 44.11 3.42
C ASN H 53 -21.76 45.27 2.49
N LEU H 54 -21.08 46.26 3.01
CA LEU H 54 -20.54 47.33 2.18
C LEU H 54 -19.06 47.11 1.96
N ALA H 55 -18.54 47.64 0.86
CA ALA H 55 -17.10 47.59 0.65
C ALA H 55 -16.59 48.79 -0.13
N TRP H 56 -15.30 49.09 0.07
CA TRP H 56 -14.62 50.17 -0.62
C TRP H 56 -13.40 49.70 -1.40
N TYR H 57 -13.23 50.26 -2.58
CA TYR H 57 -12.11 49.96 -3.47
C TYR H 57 -11.33 51.19 -3.88
N GLN H 58 -10.04 51.01 -4.12
CA GLN H 58 -9.15 52.07 -4.58
C GLN H 58 -8.61 51.83 -5.98
N GLN H 59 -8.86 52.78 -6.87
CA GLN H 59 -8.41 52.67 -8.26
C GLN H 59 -7.30 53.64 -8.63
N LYS H 60 -6.22 53.07 -9.13
CA LYS H 60 -5.08 53.81 -9.59
C LYS H 60 -5.31 54.13 -11.05
N PRO H 61 -4.92 55.29 -11.55
CA PRO H 61 -5.04 55.56 -12.94
C PRO H 61 -4.11 54.61 -13.64
N GLY H 62 -4.56 53.98 -14.72
CA GLY H 62 -3.71 53.09 -15.48
C GLY H 62 -3.55 51.67 -14.91
N GLN H 63 -4.22 51.35 -13.81
CA GLN H 63 -4.06 50.02 -13.21
C GLN H 63 -5.34 49.48 -12.57
N ALA H 64 -5.43 48.15 -12.46
CA ALA H 64 -6.55 47.49 -11.84
C ALA H 64 -6.69 47.95 -10.39
N PRO H 65 -7.91 48.07 -9.85
CA PRO H 65 -8.22 48.48 -8.50
C PRO H 65 -7.89 47.43 -7.46
N ARG H 66 -7.80 47.87 -6.21
CA ARG H 66 -7.61 46.95 -5.09
C ARG H 66 -8.64 47.18 -3.99
N LEU H 67 -8.95 46.12 -3.26
CA LEU H 67 -9.88 46.19 -2.13
C LEU H 67 -9.27 46.78 -0.89
N LEU H 68 -9.95 47.74 -0.26
CA LEU H 68 -9.46 48.31 0.99
C LEU H 68 -10.27 47.93 2.20
N ILE H 69 -11.59 48.04 2.08
CA ILE H 69 -12.49 47.76 3.20
C ILE H 69 -13.59 46.79 2.80
N TYR H 70 -13.82 45.77 3.62
CA TYR H 70 -14.88 44.81 3.34
C TYR H 70 -15.65 44.51 4.60
N GLY H 71 -16.87 43.99 4.48
CA GLY H 71 -17.58 43.65 5.70
C GLY H 71 -17.97 44.94 6.40
N ALA H 72 -18.21 45.97 5.58
CA ALA H 72 -18.52 47.32 5.98
C ALA H 72 -17.29 48.02 6.50
N SER H 73 -16.72 47.57 7.62
CA SER H 73 -15.57 48.27 8.21
C SER H 73 -14.27 47.47 8.43
N THR H 74 -14.12 46.27 7.88
CA THR H 74 -12.92 45.49 8.13
C THR H 74 -11.83 45.80 7.11
N ARG H 75 -10.62 46.04 7.57
CA ARG H 75 -9.55 46.32 6.62
C ARG H 75 -9.16 45.06 5.87
N ALA H 76 -8.94 45.20 4.57
CA ALA H 76 -8.46 44.10 3.77
C ALA H 76 -7.02 43.79 4.14
N THR H 77 -6.63 42.54 4.01
CA THR H 77 -5.27 42.16 4.32
C THR H 77 -4.30 42.94 3.46
N GLY H 78 -3.27 43.50 4.10
CA GLY H 78 -2.24 44.28 3.41
C GLY H 78 -2.48 45.79 3.45
N ILE H 79 -3.64 46.21 3.93
CA ILE H 79 -3.98 47.62 4.00
C ILE H 79 -3.50 48.28 5.30
N PRO H 80 -2.74 49.39 5.23
CA PRO H 80 -2.21 50.17 6.34
C PRO H 80 -3.32 50.68 7.26
N ALA H 81 -2.96 50.85 8.54
CA ALA H 81 -3.86 51.30 9.60
C ALA H 81 -4.48 52.67 9.36
N ARG H 82 -3.86 53.47 8.50
CA ARG H 82 -4.37 54.79 8.20
C ARG H 82 -5.75 54.71 7.52
N PHE H 83 -6.08 53.54 6.93
CA PHE H 83 -7.35 53.38 6.24
C PHE H 83 -8.42 52.81 7.16
N SER H 84 -9.53 53.53 7.29
CA SER H 84 -10.63 53.08 8.13
C SER H 84 -11.96 53.61 7.65
N GLY H 85 -13.00 53.41 8.46
CA GLY H 85 -14.36 53.85 8.16
C GLY H 85 -15.40 53.13 8.99
N SER H 86 -16.63 53.65 8.97
CA SER H 86 -17.73 53.08 9.72
C SER H 86 -19.12 53.49 9.21
N GLY H 87 -20.05 52.54 9.31
CA GLY H 87 -21.43 52.76 8.90
C GLY H 87 -22.22 51.46 8.84
N SER H 88 -23.49 51.59 8.47
CA SER H 88 -24.45 50.49 8.41
C SER H 88 -25.70 50.94 7.64
N GLY H 89 -26.63 50.03 7.39
CA GLY H 89 -27.88 50.47 6.81
C GLY H 89 -27.73 51.06 5.42
N THR H 90 -28.09 52.34 5.33
CA THR H 90 -28.06 53.10 4.11
C THR H 90 -26.92 54.13 4.03
N GLU H 91 -26.04 54.19 5.04
CA GLU H 91 -24.97 55.20 5.01
C GLU H 91 -23.64 54.76 5.62
N PHE H 92 -22.54 55.12 4.93
CA PHE H 92 -21.20 54.78 5.42
C PHE H 92 -20.13 55.81 5.06
N THR H 93 -19.23 56.10 6.01
CA THR H 93 -18.13 57.03 5.73
C THR H 93 -16.74 56.38 5.81
N LEU H 94 -15.93 56.66 4.80
CA LEU H 94 -14.53 56.22 4.71
C LEU H 94 -13.63 57.33 5.17
N THR H 95 -12.63 56.98 5.97
CA THR H 95 -11.66 57.97 6.43
C THR H 95 -10.23 57.50 6.22
N ILE H 96 -9.39 58.39 5.70
CA ILE H 96 -7.98 58.05 5.62
C ILE H 96 -7.24 59.03 6.53
N SER H 97 -6.58 58.52 7.55
CA SER H 97 -5.84 59.39 8.46
C SER H 97 -4.61 59.88 7.74
N SER H 98 -4.18 61.11 8.00
CA SER H 98 -2.93 61.60 7.42
C SER H 98 -2.80 61.23 5.94
N LEU H 99 -3.69 61.74 5.09
CA LEU H 99 -3.68 61.32 3.70
C LEU H 99 -2.33 61.62 3.06
N GLN H 100 -1.71 60.63 2.42
CA GLN H 100 -0.40 60.83 1.78
C GLN H 100 -0.53 60.99 0.27
N SER H 101 0.52 61.44 -0.41
CA SER H 101 0.38 61.66 -1.85
C SER H 101 0.02 60.37 -2.62
N GLU H 102 0.45 59.22 -2.13
CA GLU H 102 0.15 57.94 -2.76
C GLU H 102 -1.30 57.51 -2.55
N ASP H 103 -2.02 58.19 -1.68
CA ASP H 103 -3.39 57.84 -1.36
C ASP H 103 -4.37 58.67 -2.16
N PHE H 104 -3.89 59.52 -3.05
CA PHE H 104 -4.84 60.28 -3.84
C PHE H 104 -5.19 59.34 -4.97
N ALA H 105 -6.46 58.98 -5.02
CA ALA H 105 -6.96 57.95 -5.91
C ALA H 105 -8.47 58.05 -6.06
N VAL H 106 -9.00 57.24 -6.98
CA VAL H 106 -10.43 57.14 -7.13
C VAL H 106 -10.96 56.08 -6.18
N TYR H 107 -12.00 56.41 -5.43
CA TYR H 107 -12.55 55.43 -4.50
C TYR H 107 -13.99 55.07 -4.89
N TYR H 108 -14.33 53.79 -4.72
CA TYR H 108 -15.70 53.34 -5.04
C TYR H 108 -16.38 52.53 -3.96
N CYS H 109 -17.70 52.68 -3.86
CA CYS H 109 -18.54 51.81 -3.02
C CYS H 109 -19.27 50.72 -3.77
N GLN H 110 -19.35 49.57 -3.12
CA GLN H 110 -20.03 48.37 -3.63
C GLN H 110 -20.93 47.69 -2.60
N GLN H 111 -22.08 47.15 -3.06
CA GLN H 111 -23.02 46.48 -2.15
C GLN H 111 -23.08 44.99 -2.39
N TYR H 112 -23.05 44.16 -1.34
CA TYR H 112 -23.13 42.71 -1.56
C TYR H 112 -24.43 42.11 -1.06
N ASN H 113 -25.42 42.91 -0.72
CA ASN H 113 -26.63 42.31 -0.12
C ASN H 113 -27.67 41.82 -1.12
N ASN H 114 -27.46 42.13 -2.38
CA ASN H 114 -28.35 41.83 -3.48
C ASN H 114 -27.50 41.77 -4.71
N TRP H 115 -28.09 41.54 -5.87
CA TRP H 115 -27.25 41.47 -7.05
C TRP H 115 -26.34 42.66 -7.02
N TRP H 116 -25.08 42.40 -7.28
CA TRP H 116 -24.02 43.38 -7.20
C TRP H 116 -24.16 44.55 -8.14
N THR H 117 -24.00 45.75 -7.57
CA THR H 117 -23.97 47.00 -8.28
C THR H 117 -22.88 47.84 -7.64
N PHE H 118 -22.47 48.89 -8.31
CA PHE H 118 -21.48 49.84 -7.80
C PHE H 118 -22.03 51.25 -7.84
N GLY H 119 -21.50 52.13 -7.01
CA GLY H 119 -21.86 53.54 -7.09
C GLY H 119 -21.01 54.18 -8.18
N GLN H 120 -21.18 55.48 -8.41
CA GLN H 120 -20.43 56.16 -9.45
C GLN H 120 -18.94 56.32 -9.14
N GLY H 121 -18.62 56.52 -7.89
CA GLY H 121 -17.25 56.73 -7.46
C GLY H 121 -16.92 58.19 -7.30
N THR H 122 -15.91 58.46 -6.46
CA THR H 122 -15.43 59.80 -6.19
C THR H 122 -13.92 59.85 -6.30
N LYS H 123 -13.35 61.04 -6.46
CA LYS H 123 -11.89 61.12 -6.52
C LYS H 123 -11.33 62.16 -5.56
N VAL H 124 -10.15 61.89 -5.04
CA VAL H 124 -9.54 62.85 -4.17
C VAL H 124 -8.36 63.51 -4.90
N GLU H 125 -8.37 64.85 -4.95
CA GLU H 125 -7.35 65.67 -5.62
C GLU H 125 -6.50 66.42 -4.59
N ILE H 126 -5.29 66.77 -4.98
CA ILE H 126 -4.39 67.49 -4.08
C ILE H 126 -4.76 68.96 -4.00
N LYS H 127 -4.93 69.47 -2.77
CA LYS H 127 -5.23 70.88 -2.57
C LYS H 127 -3.97 71.71 -2.79
N ARG H 128 -4.10 72.79 -3.56
CA ARG H 128 -3.00 73.69 -3.93
C ARG H 128 -3.43 75.15 -3.91
N THR H 129 -2.46 76.05 -3.78
CA THR H 129 -2.70 77.48 -3.88
C THR H 129 -3.30 77.81 -5.24
N VAL H 130 -4.36 78.62 -5.22
CA VAL H 130 -5.08 79.03 -6.42
C VAL H 130 -4.38 80.15 -7.15
N ALA H 131 -4.20 79.97 -8.46
CA ALA H 131 -3.54 80.99 -9.27
C ALA H 131 -3.88 80.87 -10.75
N ALA H 132 -3.90 82.02 -11.43
CA ALA H 132 -4.13 82.17 -12.87
C ALA H 132 -3.00 81.52 -13.70
N PRO H 133 -3.28 80.98 -14.91
CA PRO H 133 -2.33 80.41 -15.84
C PRO H 133 -1.60 81.46 -16.63
N SER H 134 -0.45 81.10 -17.18
CA SER H 134 0.15 81.91 -18.22
C SER H 134 -0.71 81.64 -19.46
N VAL H 135 -1.01 82.66 -20.27
CA VAL H 135 -1.89 82.43 -21.41
C VAL H 135 -1.16 82.69 -22.73
N PHE H 136 -1.18 81.70 -23.63
CA PHE H 136 -0.49 81.82 -24.91
C PHE H 136 -1.43 81.50 -26.09
N ILE H 137 -1.18 82.11 -27.25
CA ILE H 137 -1.96 81.75 -28.45
C ILE H 137 -1.05 81.40 -29.63
N PHE H 138 -1.45 80.36 -30.37
CA PHE H 138 -0.75 79.94 -31.57
C PHE H 138 -1.72 80.00 -32.76
N PRO H 139 -1.68 81.00 -33.64
CA PRO H 139 -2.59 81.11 -34.74
C PRO H 139 -2.20 79.96 -35.66
N PRO H 140 -3.08 79.48 -36.55
CA PRO H 140 -2.79 78.41 -37.49
C PRO H 140 -1.53 78.62 -38.28
N SER H 141 -0.71 77.58 -38.28
CA SER H 141 0.56 77.55 -38.98
C SER H 141 0.44 77.29 -40.47
N ASP H 142 1.53 77.55 -41.17
CA ASP H 142 1.56 77.41 -42.62
C ASP H 142 1.21 76.02 -43.13
N GLU H 143 1.65 74.99 -42.45
CA GLU H 143 1.41 73.64 -42.92
C GLU H 143 -0.06 73.23 -42.81
N GLN H 144 -0.73 73.59 -41.72
CA GLN H 144 -2.14 73.22 -41.65
C GLN H 144 -2.99 74.03 -42.61
N LEU H 145 -2.54 75.26 -42.91
CA LEU H 145 -3.30 76.08 -43.84
C LEU H 145 -3.10 75.58 -45.27
N LYS H 146 -1.89 75.10 -45.59
CA LYS H 146 -1.63 74.52 -46.91
C LYS H 146 -2.43 73.24 -47.07
N SER H 147 -2.59 72.51 -45.95
CA SER H 147 -3.32 71.25 -45.93
C SER H 147 -4.84 71.46 -46.09
N GLY H 148 -5.33 72.66 -45.74
CA GLY H 148 -6.74 72.99 -45.92
C GLY H 148 -7.59 73.12 -44.67
N THR H 149 -6.98 73.11 -43.49
CA THR H 149 -7.75 73.24 -42.27
C THR H 149 -7.23 74.38 -41.45
N ALA H 150 -7.92 74.69 -40.37
CA ALA H 150 -7.40 75.68 -39.48
C ALA H 150 -7.76 75.34 -38.04
N SER H 151 -6.76 75.40 -37.18
CA SER H 151 -6.94 75.17 -35.76
C SER H 151 -6.09 76.16 -34.99
N VAL H 152 -6.79 77.05 -34.27
CA VAL H 152 -6.14 78.13 -33.51
C VAL H 152 -5.93 77.54 -32.13
N VAL H 153 -4.69 77.55 -31.61
CA VAL H 153 -4.46 76.86 -30.33
C VAL H 153 -4.27 77.80 -29.15
N CYS H 154 -5.04 77.56 -28.10
CA CYS H 154 -4.94 78.35 -26.86
C CYS H 154 -4.34 77.48 -25.77
N LEU H 155 -3.23 77.96 -25.22
CA LEU H 155 -2.51 77.22 -24.19
C LEU H 155 -2.54 77.93 -22.84
N LEU H 156 -2.98 77.21 -21.82
CA LEU H 156 -3.03 77.78 -20.48
C LEU H 156 -2.12 76.98 -19.57
N ASN H 157 -1.10 77.61 -19.01
CA ASN H 157 -0.18 76.86 -18.15
C ASN H 157 -0.23 77.21 -16.67
N ASN H 158 -0.34 76.15 -15.85
CA ASN H 158 -0.40 76.17 -14.39
C ASN H 158 -1.57 76.83 -13.70
N PHE H 159 -2.76 76.70 -14.29
CA PHE H 159 -3.93 77.16 -13.57
C PHE H 159 -4.34 76.12 -12.56
N TYR H 160 -4.71 76.60 -11.39
CA TYR H 160 -5.25 75.74 -10.35
C TYR H 160 -6.43 76.47 -9.73
N PRO H 161 -7.57 75.79 -9.47
CA PRO H 161 -8.00 74.38 -9.63
C PRO H 161 -8.34 73.98 -11.05
N ARG H 162 -8.62 72.71 -11.29
CA ARG H 162 -9.03 72.33 -12.65
C ARG H 162 -10.51 72.64 -12.93
N GLU H 163 -10.79 73.93 -13.04
CA GLU H 163 -12.11 74.48 -13.34
C GLU H 163 -11.97 75.88 -13.93
N ALA H 164 -12.23 76.03 -15.22
CA ALA H 164 -12.01 77.31 -15.89
C ALA H 164 -12.87 77.44 -17.12
N LYS H 165 -13.12 78.69 -17.56
CA LYS H 165 -13.85 78.87 -18.80
C LYS H 165 -13.01 79.46 -19.91
N VAL H 166 -13.04 78.78 -21.05
CA VAL H 166 -12.36 79.28 -22.24
C VAL H 166 -13.35 79.42 -23.39
N GLN H 167 -13.33 80.58 -24.04
CA GLN H 167 -14.21 80.81 -25.17
C GLN H 167 -13.47 81.47 -26.31
N TRP H 168 -13.95 81.24 -27.51
CA TRP H 168 -13.31 81.79 -28.69
C TRP H 168 -14.07 82.91 -29.36
N LYS H 169 -13.29 83.87 -29.89
CA LYS H 169 -13.81 84.98 -30.68
C LYS H 169 -13.18 85.11 -32.07
N VAL H 170 -14.00 85.57 -33.02
CA VAL H 170 -13.55 85.93 -34.36
C VAL H 170 -14.02 87.35 -34.69
N ASP H 171 -13.10 88.31 -34.76
CA ASP H 171 -13.49 89.70 -34.97
C ASP H 171 -14.58 90.12 -33.99
N ASN H 172 -14.36 89.72 -32.74
CA ASN H 172 -15.19 89.96 -31.57
C ASN H 172 -16.54 89.23 -31.55
N ALA H 173 -16.81 88.35 -32.50
CA ALA H 173 -18.03 87.55 -32.46
C ALA H 173 -17.74 86.27 -31.70
N LEU H 174 -18.68 85.80 -30.90
CA LEU H 174 -18.47 84.53 -30.20
C LEU H 174 -18.83 83.34 -31.07
N GLN H 175 -18.08 82.26 -30.88
CA GLN H 175 -18.37 81.02 -31.56
C GLN H 175 -18.60 79.87 -30.59
N SER H 176 -19.36 78.88 -31.04
CA SER H 176 -19.60 77.68 -30.25
C SER H 176 -19.84 76.51 -31.18
N GLY H 177 -19.71 75.29 -30.65
CA GLY H 177 -20.01 74.05 -31.39
C GLY H 177 -18.88 73.63 -32.31
N ASN H 178 -17.82 74.41 -32.30
CA ASN H 178 -16.66 74.24 -33.16
C ASN H 178 -15.35 74.43 -32.42
N SER H 179 -15.12 73.60 -31.40
CA SER H 179 -13.92 73.73 -30.59
C SER H 179 -13.54 72.40 -29.96
N GLN H 180 -12.31 72.33 -29.51
CA GLN H 180 -11.79 71.15 -28.81
C GLN H 180 -11.13 71.56 -27.52
N GLU H 181 -11.18 70.70 -26.51
CA GLU H 181 -10.47 70.95 -25.26
C GLU H 181 -9.95 69.67 -24.65
N SER H 182 -8.72 69.73 -24.17
CA SER H 182 -8.05 68.62 -23.52
C SER H 182 -7.28 69.11 -22.31
N VAL H 183 -7.49 68.44 -21.19
CA VAL H 183 -6.85 68.85 -19.95
C VAL H 183 -6.08 67.70 -19.36
N THR H 184 -4.89 67.99 -18.84
CA THR H 184 -4.03 66.98 -18.27
C THR H 184 -4.48 66.56 -16.88
N GLU H 185 -3.88 65.48 -16.40
CA GLU H 185 -4.09 64.98 -15.05
C GLU H 185 -3.28 65.85 -14.12
N GLN H 186 -3.68 65.90 -12.85
CA GLN H 186 -2.94 66.69 -11.89
C GLN H 186 -1.53 66.18 -11.79
N ASP H 187 -0.59 67.10 -11.80
CA ASP H 187 0.81 66.77 -11.71
C ASP H 187 1.20 66.25 -10.34
N SER H 188 1.64 65.01 -10.27
CA SER H 188 2.01 64.42 -8.98
C SER H 188 3.21 65.12 -8.35
N LYS H 189 3.98 65.88 -9.14
CA LYS H 189 5.09 66.61 -8.57
C LYS H 189 4.67 68.00 -8.07
N ASP H 190 4.20 68.89 -8.96
CA ASP H 190 3.88 70.25 -8.54
C ASP H 190 2.38 70.54 -8.25
N SER H 191 1.53 69.51 -8.33
CA SER H 191 0.08 69.53 -8.09
C SER H 191 -0.68 70.50 -9.00
N THR H 192 -0.11 70.74 -10.17
CA THR H 192 -0.63 71.67 -11.15
C THR H 192 -1.29 71.03 -12.36
N TYR H 193 -1.80 71.91 -13.24
CA TYR H 193 -2.49 71.49 -14.47
C TYR H 193 -2.06 72.25 -15.73
N SER H 194 -2.26 71.60 -16.87
CA SER H 194 -2.07 72.23 -18.17
C SER H 194 -3.35 72.05 -19.02
N LEU H 195 -3.74 73.09 -19.76
CA LEU H 195 -4.93 73.03 -20.64
C LEU H 195 -4.63 73.44 -22.08
N SER H 196 -5.16 72.68 -23.02
CA SER H 196 -5.01 73.02 -24.43
C SER H 196 -6.33 72.91 -25.14
N SER H 197 -6.68 73.95 -25.86
CA SER H 197 -7.95 73.96 -26.57
C SER H 197 -7.79 74.61 -27.93
N THR H 198 -8.73 74.31 -28.83
CA THR H 198 -8.68 74.90 -30.16
C THR H 198 -9.97 75.48 -30.68
N LEU H 199 -9.81 76.39 -31.64
CA LEU H 199 -10.87 76.98 -32.44
C LEU H 199 -10.80 76.23 -33.75
N THR H 200 -11.84 75.48 -34.11
CA THR H 200 -11.70 74.68 -35.32
C THR H 200 -12.58 75.15 -36.47
N LEU H 201 -11.98 75.23 -37.65
CA LEU H 201 -12.67 75.68 -38.86
C LEU H 201 -11.85 75.24 -40.10
N SER H 202 -12.36 75.39 -41.33
CA SER H 202 -11.55 75.03 -42.50
C SER H 202 -10.64 76.21 -42.87
N LYS H 203 -9.62 76.02 -43.75
CA LYS H 203 -8.81 77.22 -44.07
C LYS H 203 -9.69 78.31 -44.70
N ALA H 204 -10.74 77.88 -45.41
CA ALA H 204 -11.66 78.77 -46.06
C ALA H 204 -12.40 79.64 -45.07
N ASP H 205 -12.65 79.11 -43.88
CA ASP H 205 -13.39 79.87 -42.91
C ASP H 205 -12.42 80.76 -42.19
N TYR H 206 -11.19 80.29 -42.05
CA TYR H 206 -10.15 81.05 -41.39
C TYR H 206 -9.97 82.39 -42.12
N GLU H 207 -9.97 82.32 -43.44
CA GLU H 207 -9.80 83.48 -44.30
C GLU H 207 -10.96 84.50 -44.24
N LYS H 208 -12.09 84.15 -43.60
CA LYS H 208 -13.27 85.02 -43.50
C LYS H 208 -13.14 86.08 -42.41
N HIS H 209 -12.16 85.93 -41.51
CA HIS H 209 -12.01 86.86 -40.37
C HIS H 209 -10.56 87.29 -40.22
N LYS H 210 -10.33 88.43 -39.58
CA LYS H 210 -8.95 88.85 -39.41
C LYS H 210 -8.38 88.60 -38.03
N VAL H 211 -9.14 88.82 -36.96
CA VAL H 211 -8.52 88.63 -35.66
C VAL H 211 -9.11 87.47 -34.87
N TYR H 212 -8.24 86.55 -34.55
CA TYR H 212 -8.62 85.36 -33.81
C TYR H 212 -8.20 85.55 -32.37
N ALA H 213 -9.07 85.20 -31.44
CA ALA H 213 -8.69 85.39 -30.05
C ALA H 213 -9.24 84.37 -29.06
N CYS H 214 -8.42 84.10 -28.05
CA CYS H 214 -8.76 83.21 -26.95
C CYS H 214 -9.03 83.99 -25.70
N GLU H 215 -10.25 83.92 -25.18
CA GLU H 215 -10.59 84.67 -23.98
C GLU H 215 -10.86 83.74 -22.82
N VAL H 216 -10.15 83.96 -21.72
CA VAL H 216 -10.34 83.08 -20.59
C VAL H 216 -10.71 83.78 -19.28
N THR H 217 -11.53 83.07 -18.51
CA THR H 217 -11.98 83.49 -17.19
C THR H 217 -11.63 82.44 -16.14
N HIS H 218 -11.02 82.92 -15.07
CA HIS H 218 -10.57 82.08 -13.98
C HIS H 218 -10.87 82.72 -12.64
N GLN H 219 -11.00 81.91 -11.59
CA GLN H 219 -11.18 82.47 -10.24
C GLN H 219 -9.89 83.12 -9.75
N GLY H 220 -8.78 82.81 -10.43
CA GLY H 220 -7.47 83.33 -10.10
C GLY H 220 -7.19 84.65 -10.83
N LEU H 221 -8.17 85.15 -11.61
CA LEU H 221 -8.01 86.39 -12.35
C LEU H 221 -8.97 87.48 -11.93
N SER H 222 -8.42 88.67 -11.74
CA SER H 222 -9.21 89.85 -11.38
C SER H 222 -9.98 90.40 -12.59
N SER H 223 -9.56 90.00 -13.78
CA SER H 223 -10.18 90.43 -15.02
C SER H 223 -9.88 89.38 -16.11
N PRO H 224 -10.73 89.22 -17.14
CA PRO H 224 -10.54 88.30 -18.26
C PRO H 224 -9.25 88.58 -19.01
N VAL H 225 -8.64 87.50 -19.47
CA VAL H 225 -7.41 87.59 -20.23
C VAL H 225 -7.57 87.14 -21.66
N THR H 226 -7.19 88.01 -22.58
CA THR H 226 -7.32 87.67 -24.00
C THR H 226 -6.03 87.78 -24.76
N LYS H 227 -5.75 86.74 -25.54
CA LYS H 227 -4.61 86.75 -26.44
C LYS H 227 -5.17 86.70 -27.86
N SER H 228 -4.51 87.38 -28.80
CA SER H 228 -5.04 87.39 -30.15
C SER H 228 -4.00 87.56 -31.23
N PHE H 229 -4.41 87.24 -32.47
CA PHE H 229 -3.58 87.40 -33.65
C PHE H 229 -4.35 87.89 -34.87
N ASN H 230 -3.78 88.88 -35.58
CA ASN H 230 -4.37 89.45 -36.79
C ASN H 230 -3.81 88.85 -38.09
N ARG H 231 -4.66 88.14 -38.83
CA ARG H 231 -4.34 87.47 -40.06
C ARG H 231 -5.06 88.14 -41.23
N GLU I 26 21.31 7.12 60.76
CA GLU I 26 21.08 5.72 61.09
C GLU I 26 19.66 5.31 60.83
N ASN I 27 19.34 4.03 61.10
CA ASN I 27 17.98 3.54 60.95
C ASN I 27 17.38 3.87 59.59
N LEU I 28 18.16 3.65 58.54
CA LEU I 28 17.71 3.95 57.19
C LEU I 28 16.83 2.85 56.62
N TRP I 29 15.86 3.31 55.83
CA TRP I 29 14.87 2.50 55.13
C TRP I 29 14.84 2.86 53.68
N VAL I 30 14.34 1.97 52.85
CA VAL I 30 14.21 2.22 51.44
C VAL I 30 13.07 3.16 51.14
N THR I 31 13.32 4.16 50.31
CA THR I 31 12.27 5.04 49.83
C THR I 31 12.36 5.05 48.32
N VAL I 32 11.23 5.23 47.69
CA VAL I 32 11.19 5.21 46.25
C VAL I 32 10.74 6.53 45.70
N TYR I 33 11.43 6.98 44.66
CA TYR I 33 11.08 8.24 44.01
C TYR I 33 10.72 8.05 42.57
N TYR I 34 9.75 8.82 42.11
CA TYR I 34 9.40 8.81 40.71
C TYR I 34 9.48 10.20 40.12
N GLY I 35 10.26 10.35 39.04
CA GLY I 35 10.48 11.63 38.38
C GLY I 35 11.94 12.09 38.52
N VAL I 36 12.84 11.13 38.70
CA VAL I 36 14.27 11.37 38.85
C VAL I 36 14.91 11.74 37.49
N PRO I 37 15.71 12.83 37.39
CA PRO I 37 16.35 13.29 36.17
C PRO I 37 17.57 12.48 35.79
N VAL I 38 17.33 11.25 35.41
CA VAL I 38 18.41 10.34 35.03
C VAL I 38 18.15 9.78 33.64
N TRP I 39 19.22 9.62 32.86
CA TRP I 39 19.07 9.13 31.50
C TRP I 39 20.17 8.21 31.04
N LYS I 40 19.87 7.45 29.98
CA LYS I 40 20.78 6.53 29.32
C LYS I 40 20.81 6.70 27.80
N GLU I 41 21.90 6.31 27.16
CA GLU I 41 21.92 6.38 25.71
C GLU I 41 20.97 5.37 25.13
N ALA I 42 20.27 5.72 24.04
CA ALA I 42 19.39 4.73 23.46
C ALA I 42 19.13 4.96 21.98
N LYS I 43 18.81 3.88 21.31
CA LYS I 43 18.42 3.91 19.92
C LYS I 43 16.91 4.07 19.84
N THR I 44 16.44 5.00 19.03
CA THR I 44 15.01 5.19 18.89
C THR I 44 14.66 5.74 17.53
N THR I 45 13.40 6.12 17.37
CA THR I 45 12.91 6.69 16.14
C THR I 45 12.63 8.16 16.35
N LEU I 46 13.21 9.00 15.52
CA LEU I 46 12.98 10.42 15.61
C LEU I 46 12.01 10.83 14.55
N PHE I 47 11.26 11.88 14.81
CA PHE I 47 10.32 12.34 13.83
C PHE I 47 10.63 13.71 13.33
N CYS I 48 10.27 13.94 12.09
CA CYS I 48 10.46 15.22 11.47
C CYS I 48 9.48 16.23 12.03
N ALA I 49 9.84 17.48 11.88
CA ALA I 49 9.03 18.64 12.20
C ALA I 49 9.33 19.67 11.11
N SER I 50 8.42 20.59 10.83
CA SER I 50 8.74 21.52 9.73
C SER I 50 8.47 22.99 10.00
N ASP I 51 8.62 23.78 8.93
CA ASP I 51 8.45 25.21 8.96
C ASP I 51 6.97 25.55 8.79
N ALA I 52 6.61 26.75 9.17
CA ALA I 52 5.23 27.25 9.12
C ALA I 52 4.61 27.29 7.71
N LYS I 53 5.41 27.57 6.68
CA LYS I 53 4.85 27.65 5.35
C LYS I 53 4.78 26.31 4.64
N ALA I 54 3.58 25.98 4.18
CA ALA I 54 3.29 24.75 3.46
C ALA I 54 3.78 24.80 2.02
N TYR I 55 4.02 23.63 1.45
CA TYR I 55 4.40 23.43 0.05
C TYR I 55 3.23 23.83 -0.86
N GLU I 56 2.02 23.44 -0.43
CA GLU I 56 0.72 23.69 -1.05
C GLU I 56 0.52 23.19 -2.48
N LYS I 57 1.11 22.06 -2.86
CA LYS I 57 0.90 21.55 -4.22
C LYS I 57 0.14 20.20 -4.25
N GLU I 58 -0.30 19.74 -3.07
CA GLU I 58 -0.96 18.44 -2.89
C GLU I 58 -0.14 17.28 -3.44
N VAL I 59 1.16 17.34 -3.18
CA VAL I 59 2.15 16.33 -3.55
C VAL I 59 2.39 15.38 -2.40
N HIS I 60 2.22 14.10 -2.65
CA HIS I 60 2.32 13.10 -1.61
C HIS I 60 3.70 12.97 -0.98
N ASN I 61 4.75 13.26 -1.74
CA ASN I 61 6.08 13.13 -1.17
C ASN I 61 6.58 14.42 -0.56
N VAL I 62 5.79 15.47 -0.60
CA VAL I 62 6.24 16.70 -0.01
C VAL I 62 5.12 17.31 0.81
N TRP I 63 4.00 17.61 0.17
CA TRP I 63 2.93 18.25 0.90
C TRP I 63 2.43 17.35 2.02
N ALA I 64 2.22 16.09 1.71
CA ALA I 64 1.72 15.15 2.70
C ALA I 64 2.85 14.57 3.57
N THR I 65 4.09 14.92 3.28
CA THR I 65 5.26 14.38 3.95
C THR I 65 5.95 15.38 4.86
N HIS I 66 5.99 16.64 4.45
CA HIS I 66 6.62 17.71 5.21
C HIS I 66 5.62 18.84 5.53
N ALA I 67 4.72 19.17 4.59
CA ALA I 67 3.84 20.32 4.83
C ALA I 67 2.67 20.00 5.75
N CYS I 68 2.46 18.72 6.02
CA CYS I 68 1.38 18.27 6.88
C CYS I 68 1.94 17.79 8.20
N VAL I 69 3.18 18.14 8.44
CA VAL I 69 3.92 17.82 9.63
C VAL I 69 3.76 19.01 10.55
N PRO I 70 3.56 18.84 11.87
CA PRO I 70 3.42 19.95 12.79
C PRO I 70 4.56 20.89 12.55
N THR I 71 4.27 22.17 12.60
CA THR I 71 5.24 23.18 12.28
C THR I 71 5.70 24.05 13.42
N ASP I 72 6.83 24.70 13.19
CA ASP I 72 7.44 25.68 14.06
C ASP I 72 7.57 25.21 15.50
N PRO I 73 8.31 24.11 15.77
CA PRO I 73 8.54 23.64 17.12
C PRO I 73 9.39 24.73 17.72
N ASN I 74 9.25 24.99 19.01
CA ASN I 74 10.01 26.07 19.62
C ASN I 74 11.20 25.55 20.45
N PRO I 75 12.47 25.74 20.01
CA PRO I 75 13.67 25.22 20.63
C PRO I 75 14.05 26.01 21.88
N GLN I 76 13.20 25.91 22.88
CA GLN I 76 13.45 26.62 24.12
C GLN I 76 14.44 25.87 24.95
N GLU I 77 15.67 26.02 24.55
CA GLU I 77 16.80 25.34 25.12
C GLU I 77 16.98 25.60 26.60
N MET I 78 17.16 24.51 27.33
CA MET I 78 17.41 24.60 28.76
C MET I 78 18.86 24.25 29.00
N VAL I 79 19.59 25.16 29.65
CA VAL I 79 21.00 24.95 29.92
C VAL I 79 21.17 24.36 31.29
N LEU I 80 21.93 23.28 31.40
CA LEU I 80 22.06 22.58 32.65
C LEU I 80 23.34 22.90 33.40
N LYS I 81 23.17 23.41 34.60
CA LYS I 81 24.33 23.71 35.42
C LYS I 81 25.02 22.43 35.79
N ASN I 82 26.34 22.40 35.74
CA ASN I 82 27.08 21.22 36.19
C ASN I 82 26.71 19.87 35.54
N VAL I 83 26.52 19.86 34.22
CA VAL I 83 26.27 18.59 33.52
C VAL I 83 27.35 18.35 32.49
N THR I 84 27.96 17.17 32.56
CA THR I 84 28.99 16.75 31.61
C THR I 84 28.50 15.53 30.87
N GLU I 85 28.65 15.52 29.55
CA GLU I 85 28.20 14.38 28.73
C GLU I 85 29.13 14.13 27.54
N ASN I 86 29.19 12.88 27.06
CA ASN I 86 30.06 12.47 25.94
C ASN I 86 29.40 12.45 24.57
N PHE I 87 29.94 13.21 23.63
CA PHE I 87 29.34 13.27 22.32
C PHE I 87 30.22 12.70 21.22
N ASN I 88 29.80 11.59 20.65
CA ASN I 88 30.52 10.88 19.60
C ASN I 88 29.89 11.18 18.26
N MET I 89 30.55 11.94 17.39
CA MET I 89 29.83 12.24 16.15
C MET I 89 30.12 11.25 15.04
N TRP I 90 30.98 10.28 15.28
CA TRP I 90 31.24 9.36 14.19
C TRP I 90 30.19 8.28 14.24
N LYS I 91 29.88 7.86 15.44
CA LYS I 91 28.90 6.82 15.62
C LYS I 91 27.73 7.28 16.47
N ASN I 92 26.56 7.36 15.86
CA ASN I 92 25.38 7.78 16.58
C ASN I 92 24.18 7.12 15.93
N ASP I 93 23.02 7.31 16.51
CA ASP I 93 21.82 6.67 15.99
C ASP I 93 20.89 7.56 15.18
N MET I 94 21.32 8.76 14.78
CA MET I 94 20.39 9.57 14.00
C MET I 94 20.84 9.89 12.58
N VAL I 95 22.14 9.77 12.26
CA VAL I 95 22.56 10.11 10.90
C VAL I 95 21.88 9.17 9.92
N ASP I 96 21.77 7.91 10.29
CA ASP I 96 21.13 6.91 9.46
C ASP I 96 19.67 7.23 9.18
N GLN I 97 19.00 7.98 10.06
CA GLN I 97 17.61 8.26 9.84
C GLN I 97 17.52 9.34 8.79
N MET I 98 18.46 10.29 8.83
CA MET I 98 18.44 11.33 7.82
C MET I 98 18.64 10.69 6.46
N HIS I 99 19.48 9.67 6.42
CA HIS I 99 19.75 8.98 5.18
C HIS I 99 18.50 8.29 4.68
N GLU I 100 17.80 7.57 5.55
CA GLU I 100 16.61 6.87 5.09
C GLU I 100 15.49 7.83 4.69
N ASP I 101 15.34 8.96 5.40
CA ASP I 101 14.27 9.88 5.03
C ASP I 101 14.51 10.49 3.66
N VAL I 102 15.76 10.80 3.34
CA VAL I 102 16.06 11.36 2.04
C VAL I 102 15.78 10.34 0.94
N ILE I 103 16.16 9.08 1.14
CA ILE I 103 15.91 8.09 0.12
C ILE I 103 14.41 7.91 -0.08
N SER I 104 13.66 7.81 1.01
CA SER I 104 12.24 7.59 0.89
C SER I 104 11.57 8.68 0.07
N LEU I 105 11.94 9.94 0.30
CA LEU I 105 11.33 11.00 -0.48
C LEU I 105 11.64 10.85 -1.94
N TRP I 106 12.90 10.58 -2.28
CA TRP I 106 13.23 10.49 -3.69
C TRP I 106 12.57 9.32 -4.38
N ASP I 107 12.29 8.23 -3.66
CA ASP I 107 11.61 7.14 -4.33
C ASP I 107 10.14 7.51 -4.55
N GLN I 108 9.52 8.15 -3.56
CA GLN I 108 8.11 8.50 -3.67
C GLN I 108 7.85 9.57 -4.70
N SER I 109 8.80 10.46 -4.91
CA SER I 109 8.59 11.56 -5.85
C SER I 109 8.39 11.09 -7.28
N LEU I 110 8.81 9.87 -7.63
CA LEU I 110 8.63 9.44 -9.00
C LEU I 110 7.43 8.52 -9.15
N LYS I 111 6.75 8.25 -8.04
CA LYS I 111 5.64 7.33 -8.01
C LYS I 111 4.53 7.60 -9.04
N PRO I 112 4.00 8.83 -9.18
CA PRO I 112 2.94 9.16 -10.12
C PRO I 112 3.45 9.62 -11.47
N CYS I 113 4.76 9.50 -11.74
CA CYS I 113 5.26 10.17 -12.93
C CYS I 113 5.44 9.18 -14.08
N VAL I 114 5.36 9.72 -15.28
CA VAL I 114 5.48 8.92 -16.49
C VAL I 114 6.83 8.24 -16.65
N LYS I 115 6.78 6.96 -17.06
CA LYS I 115 7.98 6.18 -17.31
C LYS I 115 8.39 6.48 -18.74
N LEU I 116 9.68 6.41 -19.05
CA LEU I 116 10.07 6.69 -20.42
C LEU I 116 10.38 5.46 -21.23
N THR I 117 9.91 4.31 -20.79
CA THR I 117 10.13 3.06 -21.51
C THR I 117 9.87 3.17 -23.03
N PRO I 118 8.77 3.80 -23.53
CA PRO I 118 8.46 3.95 -24.95
C PRO I 118 9.52 4.72 -25.73
N LEU I 119 10.39 5.44 -25.03
CA LEU I 119 11.45 6.23 -25.63
C LEU I 119 12.70 5.40 -25.88
N CYS I 120 12.82 4.22 -25.27
CA CYS I 120 14.03 3.46 -25.45
C CYS I 120 14.01 2.68 -26.75
N VAL I 121 14.22 3.44 -27.81
CA VAL I 121 14.15 2.97 -29.18
C VAL I 121 15.42 3.35 -29.88
N THR I 122 15.68 2.81 -31.04
CA THR I 122 16.91 3.17 -31.70
C THR I 122 16.81 4.61 -32.18
N LEU I 123 17.83 5.39 -31.86
CA LEU I 123 17.89 6.79 -32.21
C LEU I 123 18.78 7.03 -33.43
N ASN I 124 18.43 8.03 -34.22
CA ASN I 124 19.22 8.45 -35.38
C ASN I 124 19.59 9.90 -35.29
N CYS I 125 20.75 10.15 -34.68
CA CYS I 125 21.20 11.50 -34.39
C CYS I 125 22.45 11.82 -35.19
N THR I 126 22.31 12.71 -36.16
CA THR I 126 23.45 12.98 -37.05
C THR I 126 24.22 14.23 -36.70
N ASN I 127 23.56 15.15 -35.98
CA ASN I 127 24.15 16.42 -35.59
C ASN I 127 24.56 17.25 -36.80
N ALA I 128 23.86 17.06 -37.92
CA ALA I 128 24.15 17.75 -39.18
C ALA I 128 24.07 19.26 -39.06
N THR I 129 23.21 19.74 -38.18
CA THR I 129 22.96 21.16 -37.98
C THR I 129 23.65 21.73 -36.73
N ALA I 130 24.55 20.96 -36.11
CA ALA I 130 25.28 21.46 -34.96
C ALA I 130 26.19 22.60 -35.39
N SER I 131 26.28 23.66 -34.58
CA SER I 131 27.13 24.81 -34.85
C SER I 131 28.34 24.93 -33.92
N ASN I 132 28.56 23.93 -33.10
CA ASN I 132 29.65 23.96 -32.13
C ASN I 132 30.18 22.58 -31.81
N SER I 133 31.46 22.52 -31.39
CA SER I 133 32.11 21.28 -30.99
C SER I 133 31.50 20.66 -29.74
N SER I 134 30.85 21.49 -28.92
CA SER I 134 30.20 21.03 -27.71
C SER I 134 28.83 20.43 -27.99
N ILE I 135 28.37 20.62 -29.22
CA ILE I 135 27.05 20.18 -29.62
C ILE I 135 27.15 18.93 -30.49
N ILE I 136 28.02 19.01 -31.51
CA ILE I 136 28.15 18.03 -32.59
C ILE I 136 28.55 16.65 -32.12
N GLU I 137 29.11 16.55 -30.93
CA GLU I 137 29.47 15.27 -30.36
C GLU I 137 28.20 14.40 -30.21
N GLY I 138 27.03 15.02 -29.96
CA GLY I 138 25.81 14.28 -29.80
C GLY I 138 24.74 15.09 -29.09
N MET I 139 23.89 15.75 -29.87
CA MET I 139 22.79 16.51 -29.32
C MET I 139 21.70 16.90 -30.33
N LYS I 140 22.07 17.37 -31.51
CA LYS I 140 21.08 17.96 -32.43
C LYS I 140 20.29 17.02 -33.28
N ASN I 141 18.99 17.30 -33.31
CA ASN I 141 18.04 16.57 -34.13
C ASN I 141 18.15 15.09 -33.93
N CYS I 142 18.17 14.61 -32.70
CA CYS I 142 18.28 13.19 -32.55
C CYS I 142 16.89 12.65 -32.77
N SER I 143 16.71 11.84 -33.83
CA SER I 143 15.36 11.42 -34.19
C SER I 143 14.94 10.04 -33.74
N PHE I 144 13.63 9.86 -33.69
CA PHE I 144 13.03 8.59 -33.33
C PHE I 144 11.61 8.40 -33.87
N ASN I 145 11.18 7.14 -33.92
CA ASN I 145 9.82 6.79 -34.32
C ASN I 145 8.93 6.49 -33.11
N ILE I 146 7.95 7.35 -32.87
CA ILE I 146 7.09 7.17 -31.71
C ILE I 146 5.63 6.92 -32.08
N THR I 147 5.04 5.89 -31.45
CA THR I 147 3.64 5.55 -31.68
C THR I 147 2.81 6.29 -30.66
N THR I 148 1.86 7.11 -31.14
CA THR I 148 1.03 7.91 -30.25
C THR I 148 -0.06 8.65 -31.06
N GLU I 149 -1.25 8.99 -30.49
CA GLU I 149 -1.77 8.63 -29.16
C GLU I 149 -2.63 7.37 -29.23
N LEU I 150 -2.98 6.92 -30.44
CA LEU I 150 -3.95 5.84 -30.63
C LEU I 150 -3.43 4.45 -30.88
N ARG I 151 -2.14 4.16 -30.67
CA ARG I 151 -1.57 2.81 -30.87
C ARG I 151 -1.37 2.40 -32.36
N ASP I 152 -2.28 2.86 -33.21
CA ASP I 152 -2.34 2.57 -34.63
C ASP I 152 -1.31 3.29 -35.48
N LYS I 153 -0.95 4.51 -35.10
CA LYS I 153 -0.08 5.32 -35.95
C LYS I 153 1.13 5.85 -35.22
N ARG I 154 2.20 6.02 -36.00
CA ARG I 154 3.44 6.57 -35.49
C ARG I 154 3.96 7.69 -36.35
N GLU I 155 4.77 8.54 -35.73
CA GLU I 155 5.39 9.67 -36.43
C GLU I 155 6.86 9.80 -36.10
N LYS I 156 7.60 10.40 -37.04
CA LYS I 156 9.00 10.70 -36.81
C LYS I 156 9.15 12.05 -36.11
N LYS I 157 9.81 12.01 -34.97
CA LYS I 157 10.03 13.16 -34.11
C LYS I 157 11.50 13.31 -33.81
N ASN I 158 11.93 14.50 -33.39
CA ASN I 158 13.30 14.61 -32.95
C ASN I 158 13.39 15.61 -31.81
N ALA I 159 14.50 15.56 -31.10
CA ALA I 159 14.73 16.44 -29.99
C ALA I 159 16.20 16.58 -29.63
N LEU I 160 16.50 17.55 -28.79
CA LEU I 160 17.86 17.69 -28.32
C LEU I 160 18.06 17.08 -26.95
N PHE I 161 19.14 16.32 -26.87
CA PHE I 161 19.58 15.63 -25.65
C PHE I 161 21.01 16.00 -25.35
N TYR I 162 21.41 16.11 -24.10
CA TYR I 162 22.83 16.39 -23.89
C TYR I 162 23.68 15.16 -24.10
N LYS I 163 24.88 15.39 -24.66
CA LYS I 163 25.79 14.32 -25.07
C LYS I 163 26.23 13.32 -24.02
N LEU I 164 26.26 13.70 -22.75
CA LEU I 164 26.75 12.77 -21.76
C LEU I 164 25.79 11.62 -21.53
N ASP I 165 24.53 11.78 -21.98
CA ASP I 165 23.52 10.76 -21.79
C ASP I 165 23.23 9.93 -23.03
N ILE I 166 23.97 10.15 -24.11
CA ILE I 166 23.72 9.41 -25.34
C ILE I 166 24.89 8.53 -25.66
N VAL I 167 24.61 7.27 -25.94
CA VAL I 167 25.70 6.38 -26.25
C VAL I 167 25.52 5.75 -27.60
N GLN I 168 26.61 5.33 -28.20
CA GLN I 168 26.56 4.69 -29.48
C GLN I 168 26.02 3.29 -29.31
N LEU I 169 25.18 2.88 -30.23
CA LEU I 169 24.66 1.53 -30.23
C LEU I 169 25.82 0.61 -30.60
N ASP I 170 25.91 -0.57 -30.00
CA ASP I 170 27.02 -1.45 -30.36
C ASP I 170 26.70 -2.16 -31.69
N GLY I 171 26.86 -1.38 -32.74
CA GLY I 171 26.55 -1.71 -34.13
C GLY I 171 27.06 -0.55 -35.00
N ASN I 172 26.28 -0.20 -36.00
CA ASN I 172 26.65 0.89 -36.89
C ASN I 172 26.71 2.20 -36.10
N SER I 173 27.75 3.01 -36.36
CA SER I 173 28.02 4.28 -35.67
C SER I 173 26.97 5.35 -35.88
N SER I 174 26.08 5.16 -36.84
CA SER I 174 25.00 6.10 -37.06
C SER I 174 23.85 5.86 -36.08
N GLN I 175 23.87 4.72 -35.37
CA GLN I 175 22.78 4.37 -34.47
C GLN I 175 23.11 4.65 -33.01
N TYR I 176 22.15 5.24 -32.30
CA TYR I 176 22.29 5.63 -30.90
C TYR I 176 21.23 5.10 -29.94
N ARG I 177 21.61 5.01 -28.68
CA ARG I 177 20.72 4.53 -27.61
C ARG I 177 20.82 5.44 -26.38
N LEU I 178 19.77 5.45 -25.55
CA LEU I 178 19.83 6.20 -24.32
C LEU I 178 20.82 5.47 -23.41
N ILE I 179 21.65 6.21 -22.68
CA ILE I 179 22.68 5.60 -21.84
C ILE I 179 22.30 4.52 -20.84
N ASN I 180 21.14 4.61 -20.20
CA ASN I 180 20.78 3.58 -19.23
C ASN I 180 19.60 2.71 -19.65
N CYS I 181 19.12 2.78 -20.89
CA CYS I 181 17.85 2.07 -21.06
C CYS I 181 17.96 0.59 -21.36
N ASN I 182 19.14 0.06 -21.59
CA ASN I 182 19.20 -1.36 -21.83
C ASN I 182 19.41 -2.13 -20.52
N THR I 183 19.56 -1.42 -19.40
CA THR I 183 19.79 -2.11 -18.13
C THR I 183 18.82 -1.72 -17.02
N SER I 184 18.18 -0.56 -17.11
CA SER I 184 17.35 -0.11 -16.02
C SER I 184 16.14 0.68 -16.51
N VAL I 185 15.29 1.08 -15.58
CA VAL I 185 14.13 1.85 -15.99
C VAL I 185 14.46 3.31 -15.80
N ILE I 186 14.09 4.11 -16.77
CA ILE I 186 14.31 5.54 -16.70
C ILE I 186 12.95 6.18 -16.60
N THR I 187 12.75 7.01 -15.60
CA THR I 187 11.46 7.68 -15.51
C THR I 187 11.68 9.18 -15.53
N GLN I 188 10.64 9.93 -15.81
CA GLN I 188 10.74 11.38 -15.84
C GLN I 188 10.21 11.90 -14.53
N ALA I 189 10.26 13.20 -14.32
CA ALA I 189 9.73 13.76 -13.10
C ALA I 189 8.59 14.69 -13.42
N CYS I 190 7.63 14.74 -12.53
CA CYS I 190 6.49 15.59 -12.63
C CYS I 190 6.95 17.00 -12.24
N PRO I 191 6.56 18.07 -12.92
CA PRO I 191 6.91 19.43 -12.54
C PRO I 191 6.62 19.74 -11.08
N LYS I 192 5.51 19.17 -10.57
CA LYS I 192 5.06 19.40 -9.21
C LYS I 192 5.95 18.76 -8.14
N VAL I 193 6.82 17.84 -8.52
CA VAL I 193 7.63 17.19 -7.52
C VAL I 193 9.05 17.70 -7.60
N SER I 194 9.30 18.74 -8.40
CA SER I 194 10.67 19.23 -8.43
C SER I 194 10.98 19.55 -6.98
N PHE I 195 12.11 19.07 -6.49
CA PHE I 195 12.37 19.24 -5.07
C PHE I 195 13.58 20.05 -4.71
N ASP I 196 13.34 21.22 -4.12
CA ASP I 196 14.43 22.03 -3.69
C ASP I 196 14.61 21.65 -2.22
N PRO I 197 15.61 22.12 -1.49
CA PRO I 197 15.75 21.81 -0.10
C PRO I 197 14.64 22.38 0.76
N ILE I 198 14.22 21.60 1.74
CA ILE I 198 13.28 22.02 2.75
C ILE I 198 13.96 21.67 4.05
N PRO I 199 14.27 22.59 4.97
CA PRO I 199 14.95 22.27 6.19
C PRO I 199 14.07 21.39 7.02
N ILE I 200 14.61 20.31 7.55
CA ILE I 200 13.83 19.40 8.37
C ILE I 200 14.33 19.45 9.79
N HIS I 201 13.41 19.65 10.71
CA HIS I 201 13.76 19.75 12.13
C HIS I 201 13.46 18.39 12.74
N TYR I 202 14.24 17.92 13.71
CA TYR I 202 13.85 16.67 14.33
C TYR I 202 13.46 16.79 15.78
N CYS I 203 12.44 16.02 16.13
CA CYS I 203 11.90 15.95 17.49
C CYS I 203 11.89 14.55 18.08
N ALA I 204 12.14 14.48 19.37
CA ALA I 204 12.09 13.23 20.09
C ALA I 204 10.66 12.88 20.52
N PRO I 205 10.28 11.60 20.60
CA PRO I 205 9.02 11.08 21.14
C PRO I 205 9.06 11.20 22.66
N ALA I 206 7.92 11.16 23.34
CA ALA I 206 7.97 11.31 24.79
C ALA I 206 8.83 10.23 25.41
N GLY I 207 9.59 10.65 26.43
CA GLY I 207 10.50 9.77 27.14
C GLY I 207 11.92 9.95 26.64
N TYR I 208 12.07 10.64 25.54
CA TYR I 208 13.37 10.90 24.96
C TYR I 208 13.70 12.38 24.93
N ALA I 209 14.99 12.68 24.93
CA ALA I 209 15.44 14.05 24.85
C ALA I 209 16.69 14.17 24.00
N ILE I 210 16.86 15.33 23.38
CA ILE I 210 18.04 15.58 22.57
C ILE I 210 18.98 16.58 23.22
N LEU I 211 20.24 16.17 23.35
CA LEU I 211 21.26 17.00 24.00
C LEU I 211 22.18 17.61 22.92
N LYS I 212 22.64 18.87 23.14
CA LYS I 212 23.44 19.59 22.10
C LYS I 212 24.97 19.85 22.17
N CYS I 213 25.61 19.82 23.34
CA CYS I 213 27.03 20.16 23.49
C CYS I 213 27.38 21.59 23.05
N ASN I 214 27.28 22.55 23.96
CA ASN I 214 27.58 23.93 23.60
C ASN I 214 29.05 24.26 23.70
N ASN I 215 29.81 23.73 22.77
CA ASN I 215 31.25 23.93 22.76
C ASN I 215 31.73 24.28 21.37
N LYS I 216 32.13 25.53 21.23
CA LYS I 216 32.53 26.14 19.97
C LYS I 216 33.79 25.54 19.37
N THR I 217 34.53 24.79 20.16
CA THR I 217 35.76 24.17 19.72
C THR I 217 35.62 22.65 19.69
N PHE I 218 34.40 22.14 19.78
CA PHE I 218 34.16 20.71 19.77
C PHE I 218 34.48 20.06 18.43
N THR I 219 35.26 18.97 18.50
CA THR I 219 35.77 18.27 17.33
C THR I 219 35.11 16.93 17.09
N GLY I 220 34.03 16.65 17.79
CA GLY I 220 33.34 15.39 17.57
C GLY I 220 33.64 14.24 18.53
N THR I 221 34.40 14.47 19.58
CA THR I 221 34.65 13.38 20.50
C THR I 221 34.96 13.86 21.89
N GLY I 222 34.68 13.02 22.86
CA GLY I 222 34.98 13.35 24.24
C GLY I 222 33.84 14.12 24.87
N PRO I 223 34.00 14.52 26.14
CA PRO I 223 33.03 15.22 26.94
C PRO I 223 32.83 16.67 26.57
N CYS I 224 31.64 17.16 26.84
CA CYS I 224 31.32 18.56 26.75
C CYS I 224 30.90 18.99 28.14
N ASN I 225 31.36 20.16 28.56
CA ASN I 225 31.02 20.66 29.90
C ASN I 225 29.95 21.73 29.89
N ASN I 226 29.23 21.81 28.79
CA ASN I 226 28.13 22.74 28.65
C ASN I 226 27.04 21.97 27.91
N VAL I 227 26.13 21.45 28.68
CA VAL I 227 25.11 20.58 28.16
C VAL I 227 23.78 21.25 28.35
N SER I 228 22.99 21.17 27.31
CA SER I 228 21.68 21.72 27.28
C SER I 228 20.80 20.79 26.50
N THR I 229 19.49 20.91 26.72
CA THR I 229 18.52 20.07 26.03
C THR I 229 17.49 20.87 25.27
N VAL I 230 16.97 20.25 24.21
CA VAL I 230 15.93 20.86 23.39
C VAL I 230 14.77 19.93 23.12
N GLN I 231 13.63 20.50 22.70
CA GLN I 231 12.48 19.72 22.28
C GLN I 231 12.54 19.42 20.79
N CYS I 232 13.43 20.11 20.11
CA CYS I 232 13.61 19.97 18.68
C CYS I 232 14.97 20.49 18.30
N THR I 233 15.49 20.00 17.19
CA THR I 233 16.71 20.54 16.65
C THR I 233 16.33 21.62 15.66
N HIS I 234 17.30 22.39 15.24
CA HIS I 234 17.05 23.35 14.18
C HIS I 234 16.91 22.56 12.92
N GLY I 235 16.52 23.22 11.85
CA GLY I 235 16.37 22.48 10.62
C GLY I 235 17.69 22.23 9.93
N ILE I 236 17.77 21.07 9.30
CA ILE I 236 18.89 20.65 8.45
C ILE I 236 18.37 20.39 7.05
N LYS I 237 19.00 20.99 6.07
CA LYS I 237 18.54 20.81 4.71
C LYS I 237 19.10 19.55 4.06
N PRO I 238 18.31 18.79 3.28
CA PRO I 238 18.69 17.58 2.59
C PRO I 238 19.46 17.89 1.31
N VAL I 239 20.61 18.41 1.53
CA VAL I 239 21.37 18.83 0.37
C VAL I 239 22.45 17.78 0.07
N VAL I 240 22.56 17.43 -1.22
CA VAL I 240 23.52 16.42 -1.61
C VAL I 240 24.56 16.97 -2.58
N SER I 241 25.80 16.79 -2.21
CA SER I 241 26.97 17.21 -2.95
C SER I 241 28.16 16.32 -2.60
N THR I 242 29.22 16.47 -3.38
CA THR I 242 30.50 15.82 -3.19
C THR I 242 31.54 16.95 -3.19
N GLN I 243 32.74 16.69 -2.67
CA GLN I 243 33.86 17.67 -2.62
C GLN I 243 33.61 18.89 -1.72
N LEU I 244 32.61 19.69 -2.06
CA LEU I 244 32.33 20.90 -1.28
C LEU I 244 30.99 20.80 -0.55
N LEU I 245 30.98 21.33 0.66
CA LEU I 245 29.77 21.41 1.47
C LEU I 245 29.15 22.77 1.28
N LEU I 246 27.90 22.91 0.81
CA LEU I 246 27.38 24.29 0.59
C LEU I 246 26.06 24.57 1.32
N ASN I 247 25.80 25.84 1.63
CA ASN I 247 24.62 26.47 2.22
C ASN I 247 24.47 26.24 3.67
N GLY I 248 25.41 25.57 4.32
CA GLY I 248 25.30 25.08 5.71
C GLY I 248 25.64 26.15 6.74
N SER I 249 25.73 25.78 8.02
CA SER I 249 26.10 26.77 9.01
C SER I 249 27.60 26.91 9.03
N LEU I 250 28.08 28.00 9.62
CA LEU I 250 29.52 28.22 9.79
C LEU I 250 29.99 27.98 11.19
N ALA I 251 31.26 27.64 11.33
CA ALA I 251 31.88 27.43 12.62
C ALA I 251 31.88 28.74 13.39
N GLU I 252 31.61 28.69 14.69
CA GLU I 252 31.55 29.87 15.55
C GLU I 252 32.88 30.61 15.75
N GLY I 253 33.97 29.86 15.80
CA GLY I 253 35.31 30.41 16.03
C GLY I 253 36.12 30.39 14.76
N GLU I 254 37.16 29.55 14.76
CA GLU I 254 38.07 29.34 13.64
C GLU I 254 37.74 28.06 12.90
N ILE I 255 38.50 27.76 11.86
CA ILE I 255 38.20 26.58 11.07
C ILE I 255 38.43 25.34 11.90
N ILE I 256 37.47 24.44 11.91
CA ILE I 256 37.58 23.22 12.67
C ILE I 256 37.71 22.03 11.76
N ILE I 257 38.74 21.24 11.96
CA ILE I 257 38.89 20.05 11.17
C ILE I 257 38.58 18.87 12.05
N ARG I 258 37.61 18.08 11.61
CA ARG I 258 37.16 16.94 12.38
C ARG I 258 37.62 15.66 11.71
N SER I 259 38.10 14.72 12.50
CA SER I 259 38.62 13.47 11.98
C SER I 259 38.45 12.37 12.99
N GLU I 260 38.84 11.13 12.65
CA GLU I 260 38.85 9.97 13.58
C GLU I 260 40.21 9.96 14.31
N ASN I 261 40.28 9.42 15.54
CA ASN I 261 41.51 9.43 16.37
C ASN I 261 41.98 8.02 16.78
N ILE I 262 41.73 6.99 15.98
CA ILE I 262 42.19 5.60 16.27
C ILE I 262 43.48 5.30 15.47
N THR I 263 43.40 5.35 14.14
CA THR I 263 44.49 5.14 13.20
C THR I 263 44.49 6.33 12.28
N LYS I 264 45.55 6.54 11.51
CA LYS I 264 45.53 7.65 10.56
C LYS I 264 44.95 7.24 9.20
N ASN I 265 44.64 5.97 9.05
CA ASN I 265 44.09 5.52 7.79
C ASN I 265 42.61 5.75 7.82
N VAL I 266 42.21 6.96 7.44
CA VAL I 266 40.82 7.36 7.58
C VAL I 266 40.16 7.55 6.25
N LYS I 267 38.85 7.52 6.24
CA LYS I 267 38.13 7.69 5.00
C LYS I 267 37.79 9.12 4.66
N THR I 268 37.39 9.89 5.66
CA THR I 268 36.96 11.26 5.42
C THR I 268 37.54 12.23 6.44
N ILE I 269 37.99 13.38 5.97
CA ILE I 269 38.40 14.49 6.80
C ILE I 269 37.40 15.60 6.55
N ILE I 270 36.77 16.11 7.59
CA ILE I 270 35.75 17.13 7.36
C ILE I 270 36.24 18.50 7.79
N VAL I 271 36.26 19.43 6.85
CA VAL I 271 36.74 20.77 7.18
C VAL I 271 35.58 21.72 7.23
N HIS I 272 35.36 22.32 8.39
CA HIS I 272 34.24 23.23 8.60
C HIS I 272 34.75 24.66 8.74
N LEU I 273 34.40 25.51 7.78
CA LEU I 273 34.91 26.87 7.76
C LEU I 273 34.13 27.78 8.68
N ASN I 274 34.78 28.84 9.16
CA ASN I 274 34.14 29.84 10.00
C ASN I 274 33.77 31.11 9.23
N GLU I 275 33.90 31.04 7.93
CA GLU I 275 33.60 32.13 7.02
C GLU I 275 33.20 31.50 5.73
N SER I 276 32.17 32.01 5.09
CA SER I 276 31.77 31.43 3.83
C SER I 276 32.52 32.02 2.65
N VAL I 277 32.55 31.28 1.57
CA VAL I 277 33.07 31.79 0.32
C VAL I 277 31.93 31.73 -0.68
N LYS I 278 31.60 32.86 -1.27
CA LYS I 278 30.48 32.87 -2.20
C LYS I 278 30.91 32.35 -3.54
N ILE I 279 30.11 31.48 -4.12
CA ILE I 279 30.37 30.97 -5.45
C ILE I 279 29.22 31.32 -6.36
N GLU I 280 29.56 31.87 -7.53
CA GLU I 280 28.50 32.24 -8.47
C GLU I 280 28.60 31.37 -9.71
N CYS I 281 27.51 30.70 -10.05
CA CYS I 281 27.49 29.81 -11.20
C CYS I 281 26.42 30.18 -12.21
N THR I 282 26.68 29.86 -13.46
CA THR I 282 25.70 30.09 -14.49
C THR I 282 25.81 29.18 -15.70
N ARG I 283 24.69 29.08 -16.39
CA ARG I 283 24.55 28.36 -17.63
C ARG I 283 24.05 29.41 -18.62
N PRO I 284 24.96 30.13 -19.30
CA PRO I 284 24.74 31.34 -20.08
C PRO I 284 23.89 31.23 -21.36
N ASN I 285 23.67 30.03 -21.88
CA ASN I 285 22.90 29.94 -23.10
C ASN I 285 21.41 29.97 -22.76
N ASN I 286 20.54 29.94 -23.77
CA ASN I 286 19.10 29.97 -23.54
C ASN I 286 18.41 28.86 -24.29
N LYS I 287 17.72 27.97 -23.58
CA LYS I 287 17.13 26.85 -24.29
C LYS I 287 15.63 26.97 -24.48
N THR I 288 15.15 26.44 -25.60
CA THR I 288 13.73 26.34 -25.85
C THR I 288 13.27 24.99 -25.38
N ARG I 289 12.16 24.94 -24.66
CA ARG I 289 11.62 23.67 -24.23
C ARG I 289 10.63 23.15 -25.24
N THR I 290 10.71 21.86 -25.57
CA THR I 290 9.69 21.30 -26.44
C THR I 290 9.04 20.12 -25.76
N SER I 291 8.01 19.60 -26.40
CA SER I 291 7.27 18.48 -25.83
C SER I 291 6.75 17.49 -26.87
N ILE I 292 7.06 16.22 -26.64
CA ILE I 292 6.64 15.16 -27.53
C ILE I 292 5.57 14.35 -26.84
N ARG I 293 4.39 14.28 -27.41
CA ARG I 293 3.34 13.55 -26.70
C ARG I 293 3.60 12.07 -26.68
N ILE I 294 3.22 11.45 -25.58
CA ILE I 294 3.29 10.01 -25.41
C ILE I 294 1.89 9.44 -25.45
N GLY I 295 0.98 10.05 -24.69
CA GLY I 295 -0.35 9.49 -24.53
C GLY I 295 -1.29 10.34 -23.66
N PRO I 296 -2.37 9.76 -23.12
CA PRO I 296 -3.44 10.41 -22.38
C PRO I 296 -3.02 10.89 -21.01
N GLY I 297 -2.31 12.02 -21.01
CA GLY I 297 -1.75 12.62 -19.79
C GLY I 297 -0.25 12.44 -19.69
N GLN I 298 0.37 11.96 -20.77
CA GLN I 298 1.80 11.73 -20.77
C GLN I 298 2.52 12.45 -21.90
N ALA I 299 3.66 13.06 -21.58
CA ALA I 299 4.50 13.70 -22.58
C ALA I 299 5.94 13.65 -22.16
N PHE I 300 6.82 13.59 -23.14
CA PHE I 300 8.25 13.61 -22.97
C PHE I 300 8.81 14.99 -23.20
N TYR I 301 9.57 15.47 -22.24
CA TYR I 301 10.14 16.80 -22.40
C TYR I 301 11.58 16.70 -22.82
N ALA I 302 11.93 17.53 -23.77
CA ALA I 302 13.28 17.55 -24.34
C ALA I 302 13.61 18.91 -24.89
N THR I 303 14.86 19.14 -25.24
CA THR I 303 15.25 20.45 -25.73
C THR I 303 14.88 20.67 -27.19
N GLY I 304 14.42 21.89 -27.48
CA GLY I 304 14.07 22.35 -28.82
C GLY I 304 15.18 23.30 -29.31
N GLN I 305 14.80 24.35 -30.03
CA GLN I 305 15.79 25.29 -30.56
C GLN I 305 16.65 25.94 -29.48
N VAL I 306 17.96 25.95 -29.69
CA VAL I 306 18.88 26.60 -28.78
C VAL I 306 19.20 28.04 -29.22
N ILE I 307 19.14 28.96 -28.26
CA ILE I 307 19.43 30.36 -28.46
C ILE I 307 20.81 30.59 -27.82
N GLY I 308 21.76 31.21 -28.51
CA GLY I 308 21.64 31.93 -29.80
C GLY I 308 23.05 32.16 -30.26
N ASP I 309 23.95 31.96 -29.32
CA ASP I 309 25.38 31.88 -29.51
C ASP I 309 25.73 30.84 -28.49
N ILE I 310 26.98 30.43 -28.42
CA ILE I 310 27.35 29.37 -27.47
C ILE I 310 28.43 29.73 -26.49
N ARG I 311 28.12 29.53 -25.22
CA ARG I 311 29.07 29.76 -24.15
C ARG I 311 28.99 28.55 -23.21
N GLU I 312 30.11 28.14 -22.64
CA GLU I 312 30.11 27.01 -21.72
C GLU I 312 29.64 27.44 -20.35
N ALA I 313 29.08 26.50 -19.59
CA ALA I 313 28.69 26.77 -18.21
C ALA I 313 29.93 27.03 -17.38
N TYR I 314 29.82 27.88 -16.38
CA TYR I 314 30.97 28.18 -15.56
C TYR I 314 30.64 28.69 -14.16
N CYS I 315 31.65 28.64 -13.30
CA CYS I 315 31.55 29.18 -11.96
C CYS I 315 32.71 30.12 -11.61
N ASN I 316 32.38 31.18 -10.88
CA ASN I 316 33.31 32.22 -10.42
C ASN I 316 33.62 32.24 -8.91
N ILE I 317 34.92 32.20 -8.59
CA ILE I 317 35.45 32.24 -7.21
C ILE I 317 36.45 33.42 -6.95
N ASN I 318 36.27 34.19 -5.87
CA ASN I 318 37.20 35.30 -5.57
C ASN I 318 38.60 34.76 -5.27
N GLU I 319 39.66 35.32 -5.88
CA GLU I 319 40.99 34.73 -5.63
C GLU I 319 41.56 34.86 -4.24
N SER I 320 41.44 36.04 -3.63
CA SER I 320 42.10 36.21 -2.35
C SER I 320 41.43 35.39 -1.28
N LYS I 321 40.11 35.21 -1.39
CA LYS I 321 39.43 34.44 -0.38
C LYS I 321 39.75 32.97 -0.57
N TRP I 322 39.87 32.52 -1.82
CA TRP I 322 40.16 31.12 -2.03
C TRP I 322 41.54 30.83 -1.46
N ASN I 323 42.52 31.68 -1.76
CA ASN I 323 43.86 31.39 -1.27
C ASN I 323 43.98 31.55 0.24
N GLU I 324 43.35 32.57 0.82
CA GLU I 324 43.46 32.73 2.25
C GLU I 324 42.83 31.58 2.98
N THR I 325 41.68 31.14 2.49
CA THR I 325 40.96 30.08 3.15
C THR I 325 41.79 28.83 3.14
N LEU I 326 42.38 28.47 2.01
CA LEU I 326 43.15 27.25 1.98
C LEU I 326 44.41 27.36 2.85
N GLN I 327 45.02 28.54 2.94
CA GLN I 327 46.19 28.67 3.80
C GLN I 327 45.81 28.42 5.26
N ARG I 328 44.64 28.93 5.66
CA ARG I 328 44.18 28.72 7.01
C ARG I 328 43.83 27.24 7.25
N VAL I 329 43.27 26.58 6.25
CA VAL I 329 42.96 25.16 6.42
C VAL I 329 44.24 24.39 6.63
N SER I 330 45.28 24.69 5.83
CA SER I 330 46.55 24.00 5.95
C SER I 330 47.14 24.19 7.33
N LYS I 331 47.07 25.41 7.85
CA LYS I 331 47.59 25.68 9.18
C LYS I 331 46.96 24.78 10.23
N LYS I 332 45.66 24.51 10.11
CA LYS I 332 45.01 23.61 11.05
C LYS I 332 45.19 22.14 10.70
N LEU I 333 45.27 21.82 9.43
CA LEU I 333 45.37 20.42 9.01
C LEU I 333 46.66 19.80 9.53
N LYS I 334 47.73 20.58 9.53
CA LYS I 334 49.01 20.08 10.01
C LYS I 334 48.98 19.71 11.49
N GLU I 335 47.96 20.09 12.26
CA GLU I 335 47.89 19.68 13.66
C GLU I 335 47.72 18.17 13.76
N TYR I 336 47.00 17.56 12.79
CA TYR I 336 46.77 16.12 12.79
C TYR I 336 47.98 15.43 12.22
N PHE I 337 48.70 16.16 11.39
CA PHE I 337 49.90 15.62 10.79
C PHE I 337 51.10 16.55 11.07
N PRO I 338 51.55 16.66 12.34
CA PRO I 338 52.53 17.61 12.84
C PRO I 338 53.95 17.25 12.52
N HIS I 339 54.31 17.31 11.24
CA HIS I 339 55.65 16.93 10.85
C HIS I 339 56.19 17.65 9.60
N LYS I 340 55.95 17.13 8.42
CA LYS I 340 56.43 17.70 7.17
C LYS I 340 55.34 18.54 6.53
N ASN I 341 55.58 19.01 5.32
CA ASN I 341 54.66 19.96 4.70
C ASN I 341 53.39 19.35 4.12
N ILE I 342 52.53 20.23 3.58
CA ILE I 342 51.24 19.84 3.00
C ILE I 342 51.08 20.18 1.53
N THR I 343 50.71 19.18 0.76
CA THR I 343 50.45 19.29 -0.65
C THR I 343 49.05 18.89 -1.00
N PHE I 344 48.37 19.71 -1.80
CA PHE I 344 47.07 19.34 -2.28
C PHE I 344 47.17 18.89 -3.73
N GLN I 345 46.32 17.94 -4.08
CA GLN I 345 46.22 17.46 -5.46
C GLN I 345 44.77 17.39 -5.96
N PRO I 346 44.56 17.48 -7.27
CA PRO I 346 43.29 17.33 -7.98
C PRO I 346 42.81 15.90 -8.01
N SER I 347 41.57 15.71 -8.43
CA SER I 347 40.94 14.38 -8.53
C SER I 347 41.77 13.42 -9.36
N SER I 348 41.90 12.16 -8.87
CA SER I 348 42.70 11.14 -9.55
C SER I 348 41.95 10.16 -10.45
N GLY I 349 40.65 10.03 -10.28
CA GLY I 349 39.90 9.08 -11.09
C GLY I 349 38.59 8.72 -10.43
N GLY I 350 37.76 7.97 -11.16
CA GLY I 350 36.44 7.56 -10.67
C GLY I 350 35.38 8.11 -11.62
N ASP I 351 34.11 7.93 -11.28
CA ASP I 351 33.03 8.39 -12.15
C ASP I 351 32.87 9.88 -11.93
N LEU I 352 31.97 10.56 -12.60
CA LEU I 352 31.97 12.01 -12.42
C LEU I 352 31.53 12.50 -11.04
N GLU I 353 30.56 11.88 -10.39
CA GLU I 353 30.14 12.46 -9.11
C GLU I 353 31.27 12.53 -8.09
N ILE I 354 32.15 11.56 -8.09
CA ILE I 354 33.26 11.55 -7.16
C ILE I 354 34.47 12.40 -7.64
N THR I 355 34.50 12.86 -8.91
CA THR I 355 35.67 13.61 -9.37
C THR I 355 35.38 15.07 -9.63
N THR I 356 34.13 15.43 -9.86
CA THR I 356 33.71 16.80 -10.15
C THR I 356 32.89 17.35 -9.01
N HIS I 357 32.62 18.64 -9.04
CA HIS I 357 31.72 19.22 -8.07
C HIS I 357 30.30 19.19 -8.61
N SER I 358 29.49 18.37 -7.96
CA SER I 358 28.12 18.13 -8.37
C SER I 358 27.09 18.93 -7.58
N PHE I 359 26.18 19.55 -8.31
CA PHE I 359 25.09 20.34 -7.75
C PHE I 359 23.93 20.42 -8.73
N ASN I 360 22.77 20.88 -8.26
CA ASN I 360 21.56 20.93 -9.12
C ASN I 360 20.91 22.31 -9.33
N CYS I 361 21.70 23.34 -9.55
CA CYS I 361 21.12 24.67 -9.69
C CYS I 361 20.11 24.76 -10.82
N GLY I 362 18.95 25.31 -10.51
CA GLY I 362 17.93 25.54 -11.51
C GLY I 362 17.11 24.31 -11.84
N GLY I 363 17.44 23.18 -11.22
CA GLY I 363 16.74 21.95 -11.51
C GLY I 363 17.53 21.06 -12.49
N GLU I 364 18.64 21.57 -13.02
CA GLU I 364 19.46 20.77 -13.93
C GLU I 364 20.69 20.34 -13.17
N PHE I 365 21.33 19.26 -13.58
CA PHE I 365 22.52 18.81 -12.88
C PHE I 365 23.81 19.24 -13.52
N PHE I 366 24.68 19.80 -12.68
CA PHE I 366 25.98 20.31 -13.05
C PHE I 366 27.11 19.45 -12.51
N TYR I 367 28.16 19.32 -13.31
CA TYR I 367 29.39 18.61 -13.02
C TYR I 367 30.60 19.51 -13.30
N CYS I 368 31.03 20.30 -12.32
CA CYS I 368 32.09 21.27 -12.59
C CYS I 368 33.48 20.73 -12.35
N ASN I 369 34.41 21.12 -13.22
CA ASN I 369 35.80 20.71 -13.11
C ASN I 369 36.57 21.58 -12.15
N THR I 370 36.86 21.03 -10.99
CA THR I 370 37.50 21.68 -9.89
C THR I 370 38.97 21.33 -9.79
N SER I 371 39.49 20.69 -10.81
CA SER I 371 40.89 20.27 -10.78
C SER I 371 41.87 21.42 -10.74
N SER I 372 41.48 22.62 -11.17
CA SER I 372 42.38 23.76 -11.11
C SER I 372 42.46 24.37 -9.71
N LEU I 373 41.51 24.06 -8.84
CA LEU I 373 41.41 24.69 -7.54
C LEU I 373 42.29 24.13 -6.41
N PHE I 374 42.77 22.90 -6.52
CA PHE I 374 43.53 22.27 -5.46
C PHE I 374 44.95 21.90 -5.87
N ASN I 375 45.68 22.84 -6.46
CA ASN I 375 47.05 22.59 -6.93
C ASN I 375 48.08 23.34 -6.12
N ARG I 376 47.67 23.76 -4.93
CA ARG I 376 48.53 24.54 -4.07
C ARG I 376 49.36 23.69 -3.14
N THR I 377 50.51 24.24 -2.77
CA THR I 377 51.39 23.64 -1.80
C THR I 377 51.62 24.66 -0.72
N TYR I 378 51.86 24.20 0.48
CA TYR I 378 52.12 25.07 1.61
C TYR I 378 53.35 24.55 2.34
N MET I 379 54.03 25.42 3.08
CA MET I 379 55.20 24.94 3.80
C MET I 379 55.40 25.54 5.16
N ALA I 380 56.09 24.79 6.01
CA ALA I 380 56.49 25.29 7.30
C ALA I 380 57.51 26.39 7.09
N ASN I 381 57.48 27.40 7.95
CA ASN I 381 58.44 28.48 7.85
C ASN I 381 58.54 29.00 6.42
N ASN I 392 38.61 41.73 -2.34
CA ASN I 392 38.00 40.41 -2.45
C ASN I 392 37.48 40.16 -3.84
N SER I 393 36.67 41.07 -4.33
CA SER I 393 36.06 40.93 -5.65
C SER I 393 37.03 41.31 -6.76
N THR I 394 38.08 40.49 -6.91
CA THR I 394 39.15 40.71 -7.88
C THR I 394 39.79 39.40 -8.34
N ARG I 395 40.35 39.45 -9.55
CA ARG I 395 41.11 38.32 -10.11
C ARG I 395 40.29 37.04 -10.04
N THR I 396 39.07 37.10 -10.52
CA THR I 396 38.17 35.98 -10.43
C THR I 396 38.73 34.72 -11.05
N ILE I 397 38.64 33.64 -10.29
CA ILE I 397 39.06 32.33 -10.69
C ILE I 397 37.91 31.69 -11.38
N THR I 398 38.11 31.16 -12.56
CA THR I 398 36.97 30.56 -13.21
C THR I 398 37.22 29.10 -13.48
N ILE I 399 36.15 28.33 -13.44
CA ILE I 399 36.20 26.92 -13.79
C ILE I 399 35.13 26.61 -14.82
N HIS I 400 35.34 25.53 -15.58
CA HIS I 400 34.41 25.10 -16.63
C HIS I 400 33.52 23.96 -16.18
N CYS I 401 32.23 24.05 -16.55
CA CYS I 401 31.24 23.06 -16.14
C CYS I 401 30.51 22.37 -17.28
N ARG I 402 30.08 21.13 -17.03
CA ARG I 402 29.23 20.37 -17.96
C ARG I 402 27.92 20.02 -17.29
N ILE I 403 26.90 19.72 -18.09
CA ILE I 403 25.61 19.31 -17.53
C ILE I 403 25.12 17.98 -18.05
N LYS I 404 24.23 17.35 -17.30
CA LYS I 404 23.69 16.03 -17.65
C LYS I 404 22.20 15.94 -17.30
N GLN I 405 21.43 15.08 -17.99
CA GLN I 405 20.01 14.94 -17.69
C GLN I 405 19.64 13.64 -17.00
N ILE I 406 20.26 12.53 -17.39
CA ILE I 406 19.90 11.24 -16.78
C ILE I 406 20.83 10.93 -15.64
N ILE I 407 20.26 10.94 -14.45
CA ILE I 407 21.04 10.81 -13.26
C ILE I 407 20.79 9.52 -12.52
N ASN I 408 21.88 8.81 -12.25
CA ASN I 408 21.80 7.63 -11.42
C ASN I 408 22.07 8.20 -10.06
N MET I 409 21.02 8.40 -9.31
CA MET I 409 21.16 9.13 -8.07
C MET I 409 21.87 8.30 -7.03
N TRP I 410 22.50 9.02 -6.11
CA TRP I 410 23.28 8.51 -5.00
C TRP I 410 22.50 7.55 -4.11
N GLN I 411 21.20 7.74 -4.10
CA GLN I 411 20.26 6.98 -3.30
C GLN I 411 20.03 5.53 -3.74
N GLU I 412 20.14 5.21 -5.04
CA GLU I 412 19.79 3.84 -5.49
C GLU I 412 20.41 3.44 -6.83
N VAL I 413 20.19 2.19 -7.24
CA VAL I 413 20.59 1.73 -8.57
C VAL I 413 19.41 1.00 -9.25
N GLY I 414 19.34 1.03 -10.59
CA GLY I 414 18.28 0.30 -11.31
C GLY I 414 17.04 1.16 -11.61
N ARG I 415 16.99 2.35 -11.01
CA ARG I 415 15.92 3.31 -11.18
C ARG I 415 16.50 4.69 -11.46
N ALA I 416 16.69 5.01 -12.75
CA ALA I 416 17.34 6.25 -13.15
C ALA I 416 16.32 7.37 -13.28
N MET I 417 16.73 8.57 -12.94
CA MET I 417 15.83 9.69 -13.07
C MET I 417 16.21 10.57 -14.24
N TYR I 418 15.26 10.97 -15.06
CA TYR I 418 15.57 11.88 -16.14
C TYR I 418 15.22 13.26 -15.69
N ALA I 419 15.48 14.24 -16.52
CA ALA I 419 15.11 15.57 -16.17
C ALA I 419 14.85 16.36 -17.43
N PRO I 420 13.77 17.13 -17.47
CA PRO I 420 13.38 17.96 -18.57
C PRO I 420 14.35 19.11 -18.56
N PRO I 421 14.58 19.78 -19.67
CA PRO I 421 15.36 20.98 -19.75
C PRO I 421 14.59 22.13 -19.14
N ILE I 422 15.32 23.07 -18.63
CA ILE I 422 14.76 24.30 -18.13
C ILE I 422 14.98 25.36 -19.19
N ALA I 423 13.90 25.97 -19.64
CA ALA I 423 13.95 26.94 -20.70
C ALA I 423 14.65 28.21 -20.23
N GLY I 424 15.27 28.90 -21.16
CA GLY I 424 15.98 30.13 -20.86
C GLY I 424 17.33 29.78 -20.28
N ASN I 425 17.94 30.69 -19.53
CA ASN I 425 19.27 30.48 -18.98
C ASN I 425 19.17 30.16 -17.50
N ILE I 426 20.29 29.77 -16.88
CA ILE I 426 20.30 29.48 -15.44
C ILE I 426 21.31 30.32 -14.68
N THR I 427 20.86 30.92 -13.59
CA THR I 427 21.76 31.66 -12.72
C THR I 427 21.63 31.08 -11.32
N CYS I 428 22.73 31.06 -10.56
CA CYS I 428 22.66 30.50 -9.22
C CYS I 428 23.77 30.97 -8.29
N ILE I 429 23.39 31.40 -7.09
CA ILE I 429 24.38 31.85 -6.12
C ILE I 429 24.27 31.06 -4.82
N SER I 430 25.35 30.53 -4.26
CA SER I 430 25.26 29.77 -2.99
C SER I 430 26.48 30.06 -2.13
N ASN I 431 26.51 29.63 -0.88
CA ASN I 431 27.66 29.86 -0.01
C ASN I 431 28.42 28.57 0.25
N ILE I 432 29.73 28.57 0.26
CA ILE I 432 30.58 27.38 0.44
C ILE I 432 30.99 27.36 1.93
N THR I 433 30.72 26.30 2.68
CA THR I 433 30.98 26.28 4.13
C THR I 433 32.03 25.27 4.51
N GLY I 434 32.31 24.32 3.64
CA GLY I 434 33.31 23.33 4.00
C GLY I 434 33.81 22.42 2.89
N LEU I 435 34.72 21.55 3.28
CA LEU I 435 35.37 20.64 2.34
C LEU I 435 35.30 19.19 2.80
N LEU I 436 35.23 18.26 1.85
CA LEU I 436 35.39 16.85 2.17
C LEU I 436 36.68 16.38 1.57
N LEU I 437 37.64 16.11 2.42
CA LEU I 437 38.96 15.74 1.97
C LEU I 437 39.30 14.30 2.31
N THR I 438 40.18 13.71 1.54
CA THR I 438 40.72 12.39 1.81
C THR I 438 42.22 12.48 1.77
N ARG I 439 42.90 11.34 1.93
CA ARG I 439 44.36 11.40 1.92
C ARG I 439 44.93 10.39 0.93
N ASP I 440 46.15 10.65 0.48
CA ASP I 440 46.84 9.80 -0.48
C ASP I 440 48.36 9.81 -0.26
N TYR I 441 49.11 9.09 -1.06
CA TYR I 441 50.56 9.03 -0.92
C TYR I 441 51.21 10.14 -1.71
N GLY I 442 52.22 10.76 -1.12
CA GLY I 442 52.93 11.81 -1.84
C GLY I 442 54.11 11.20 -2.57
N LYS I 443 54.88 12.05 -3.24
CA LYS I 443 56.07 11.60 -3.98
C LYS I 443 57.32 11.69 -3.12
N ASN I 444 57.13 12.21 -1.93
CA ASN I 444 58.15 12.48 -0.95
C ASN I 444 57.60 12.20 0.44
N ASN I 445 58.19 12.83 1.44
CA ASN I 445 57.83 12.61 2.83
C ASN I 445 56.77 13.57 3.36
N THR I 446 56.13 14.33 2.48
CA THR I 446 55.09 15.26 2.88
C THR I 446 53.73 14.58 2.78
N GLU I 447 52.70 15.20 3.35
CA GLU I 447 51.36 14.63 3.29
C GLU I 447 50.63 15.07 2.04
N THR I 448 49.78 14.21 1.51
CA THR I 448 49.01 14.57 0.33
C THR I 448 47.52 14.48 0.57
N PHE I 449 46.83 15.54 0.22
CA PHE I 449 45.39 15.58 0.38
C PHE I 449 44.71 15.95 -0.91
N ARG I 450 43.48 15.50 -1.04
CA ARG I 450 42.70 15.82 -2.22
C ARG I 450 41.22 15.69 -1.92
N PRO I 451 40.32 16.28 -2.72
CA PRO I 451 38.88 16.18 -2.58
C PRO I 451 38.37 14.76 -2.71
N GLY I 452 37.36 14.44 -1.90
CA GLY I 452 36.70 13.15 -1.93
C GLY I 452 35.19 13.34 -1.86
N GLY I 453 34.47 12.26 -1.57
CA GLY I 453 33.02 12.36 -1.47
C GLY I 453 32.29 11.14 -2.02
N GLY I 454 30.97 11.28 -2.08
CA GLY I 454 30.01 10.28 -2.54
C GLY I 454 29.29 9.66 -1.36
N ASN I 455 29.87 9.82 -0.19
CA ASN I 455 29.22 9.29 0.97
C ASN I 455 28.27 10.33 1.45
N MET I 456 27.02 10.18 1.09
CA MET I 456 26.03 11.20 1.45
C MET I 456 25.95 11.35 2.96
N LYS I 457 26.22 10.27 3.68
CA LYS I 457 26.18 10.32 5.12
C LYS I 457 27.18 11.31 5.69
N ASP I 458 28.26 11.64 4.96
CA ASP I 458 29.24 12.58 5.51
C ASP I 458 28.77 14.01 5.35
N ASN I 459 27.71 14.24 4.59
CA ASN I 459 27.21 15.58 4.52
C ASN I 459 26.30 15.75 5.72
N TRP I 460 25.48 14.75 5.97
CA TRP I 460 24.53 14.87 7.07
C TRP I 460 25.22 14.78 8.41
N ARG I 461 26.29 14.01 8.46
CA ARG I 461 27.07 13.84 9.66
C ARG I 461 27.81 15.12 9.99
N SER I 462 27.91 16.07 9.05
CA SER I 462 28.62 17.30 9.30
C SER I 462 27.73 18.31 10.00
N GLU I 463 26.42 18.05 10.06
CA GLU I 463 25.51 18.96 10.75
C GLU I 463 24.89 18.31 12.01
N LEU I 464 24.79 16.99 12.00
CA LEU I 464 24.21 16.23 13.10
C LEU I 464 25.21 15.87 14.18
N TYR I 465 26.43 16.36 14.02
CA TYR I 465 27.55 16.12 14.94
C TYR I 465 27.26 16.68 16.32
N LYS I 466 26.35 17.64 16.39
CA LYS I 466 26.01 18.24 17.65
C LYS I 466 24.91 17.52 18.41
N TYR I 467 24.31 16.46 17.88
CA TYR I 467 23.18 15.93 18.66
C TYR I 467 23.27 14.48 19.10
N LYS I 468 22.79 14.23 20.32
CA LYS I 468 22.68 12.87 20.84
C LYS I 468 21.30 12.65 21.43
N VAL I 469 20.75 11.44 21.29
CA VAL I 469 19.44 11.17 21.87
C VAL I 469 19.52 10.15 22.99
N VAL I 470 18.86 10.51 24.10
CA VAL I 470 18.86 9.66 25.28
C VAL I 470 17.46 9.36 25.76
N LYS I 471 17.33 8.32 26.57
CA LYS I 471 16.03 7.99 27.16
C LYS I 471 16.03 8.31 28.64
N ILE I 472 14.86 8.64 29.15
CA ILE I 472 14.69 8.96 30.55
C ILE I 472 14.05 7.83 31.31
N GLU I 473 14.67 7.48 32.44
CA GLU I 473 14.18 6.40 33.32
C GLU I 473 13.94 6.90 34.73
N PRO I 474 12.77 7.52 34.99
CA PRO I 474 12.40 8.30 36.16
C PRO I 474 12.26 7.56 37.48
N LEU I 475 12.21 6.23 37.48
CA LEU I 475 12.01 5.49 38.73
C LEU I 475 13.31 5.02 39.34
N GLY I 476 13.47 5.21 40.65
CA GLY I 476 14.66 4.70 41.34
C GLY I 476 14.54 4.77 42.85
N VAL I 477 15.55 4.24 43.55
CA VAL I 477 15.50 4.20 45.02
C VAL I 477 16.72 4.79 45.67
N ALA I 478 16.54 5.13 46.94
CA ALA I 478 17.59 5.69 47.78
C ALA I 478 17.21 5.46 49.25
N PRO I 479 18.15 5.49 50.22
CA PRO I 479 17.89 5.39 51.64
C PRO I 479 17.32 6.64 52.24
N THR I 480 16.56 6.49 53.30
CA THR I 480 16.09 7.65 54.05
C THR I 480 15.75 7.39 55.50
N ARG I 481 15.76 8.44 56.29
CA ARG I 481 15.36 8.34 57.67
C ARG I 481 13.84 8.48 57.80
N CYS I 482 13.13 7.44 57.37
CA CYS I 482 11.66 7.36 57.38
C CYS I 482 11.16 5.93 57.42
N LYS I 483 10.17 5.67 58.28
CA LYS I 483 9.51 4.35 58.28
C LYS I 483 8.03 4.56 58.00
N ARG I 484 7.36 3.54 57.52
CA ARG I 484 5.94 3.60 57.20
C ARG I 484 5.07 3.09 58.33
N ARG I 485 3.97 3.78 58.58
CA ARG I 485 3.03 3.34 59.61
C ARG I 485 2.23 2.15 59.12
N VAL I 486 2.04 1.16 60.01
CA VAL I 486 1.27 -0.04 59.69
C VAL I 486 -0.24 0.17 59.77
N VAL I 487 -0.68 0.83 60.84
CA VAL I 487 -2.09 1.08 61.12
C VAL I 487 -2.91 1.42 59.88
N VAL J 14 6.19 27.65 34.53
CA VAL J 14 7.47 27.50 33.86
C VAL J 14 7.63 26.11 33.27
N PHE J 15 7.88 26.04 31.97
CA PHE J 15 8.09 24.75 31.34
C PHE J 15 9.58 24.46 31.36
N LEU J 16 9.97 23.50 32.19
CA LEU J 16 11.38 23.16 32.34
C LEU J 16 11.75 21.97 31.48
N GLY J 17 10.76 21.44 30.76
CA GLY J 17 10.97 20.28 29.92
C GLY J 17 11.41 19.12 30.76
N PHE J 18 12.52 18.53 30.40
CA PHE J 18 13.05 17.40 31.12
C PHE J 18 14.47 17.66 31.51
N LEU J 19 14.90 16.98 32.56
CA LEU J 19 16.25 17.01 33.02
C LEU J 19 16.69 18.41 33.37
N GLY J 20 15.79 19.22 33.94
CA GLY J 20 16.14 20.59 34.30
C GLY J 20 17.21 20.69 35.37
N ALA J 21 17.22 19.73 36.31
CA ALA J 21 18.17 19.73 37.40
C ALA J 21 18.38 18.33 37.98
N ALA J 22 19.33 17.47 37.53
CA ALA J 22 20.37 17.59 36.50
C ALA J 22 21.47 18.57 36.88
N GLY J 23 22.42 18.07 37.65
CA GLY J 23 23.57 18.85 38.13
C GLY J 23 23.40 19.33 39.56
N SER J 24 22.18 19.25 40.04
CA SER J 24 21.81 19.62 41.40
C SER J 24 22.01 18.47 42.32
N THR J 25 21.89 18.75 43.60
CA THR J 25 21.97 17.80 44.69
C THR J 25 20.63 17.11 44.83
N MET J 26 20.49 16.04 45.64
CA MET J 26 19.15 15.45 45.67
C MET J 26 18.17 16.42 46.33
N GLY J 27 18.72 17.22 47.22
CA GLY J 27 18.08 18.22 48.06
C GLY J 27 16.61 18.59 47.83
N ALA J 28 16.19 19.49 46.90
CA ALA J 28 16.78 20.27 45.77
C ALA J 28 16.40 19.74 44.38
N ALA J 29 16.64 18.48 44.07
CA ALA J 29 16.29 17.99 42.73
C ALA J 29 14.86 17.51 42.74
N SER J 30 14.39 17.07 43.91
CA SER J 30 13.06 16.50 44.11
C SER J 30 11.95 17.54 43.90
N MET J 31 12.33 18.78 43.84
CA MET J 31 11.44 19.91 43.68
C MET J 31 10.73 19.89 42.34
N THR J 32 11.26 19.16 41.36
CA THR J 32 10.68 19.09 40.03
C THR J 32 10.16 17.71 39.67
N LEU J 33 9.87 16.85 40.64
CA LEU J 33 9.40 15.51 40.26
C LEU J 33 8.10 15.57 39.45
N THR J 34 7.26 16.58 39.71
CA THR J 34 5.98 16.74 39.01
C THR J 34 6.18 17.20 37.57
N VAL J 35 7.36 17.73 37.26
CA VAL J 35 7.61 18.21 35.93
C VAL J 35 7.91 17.04 35.04
N GLN J 36 8.81 16.19 35.52
CA GLN J 36 9.19 15.09 34.68
C GLN J 36 8.09 14.04 34.64
N ALA J 37 7.30 13.95 35.71
CA ALA J 37 6.22 13.00 35.68
C ALA J 37 5.19 13.37 34.62
N ARG J 38 4.87 14.67 34.47
CA ARG J 38 3.85 15.08 33.52
C ARG J 38 4.28 15.26 32.08
N ASN J 39 5.53 15.60 31.84
CA ASN J 39 5.94 15.84 30.47
C ASN J 39 6.17 14.53 29.74
N LEU J 40 6.04 13.43 30.46
CA LEU J 40 6.26 12.10 29.96
C LEU J 40 5.07 11.57 29.16
N LEU J 41 3.87 12.13 29.33
CA LEU J 41 2.72 11.59 28.58
C LEU J 41 2.40 12.32 27.29
N SER J 42 3.19 13.31 26.91
CA SER J 42 2.88 14.08 25.70
C SER J 42 3.31 13.38 24.43
N GLY J 43 2.65 12.27 24.14
CA GLY J 43 2.91 11.44 22.97
C GLY J 43 3.98 10.40 23.22
N THR J 65 1.83 7.84 1.86
CA THR J 65 2.23 8.11 3.23
C THR J 65 1.96 6.91 4.12
N VAL J 66 2.94 6.01 4.19
CA VAL J 66 2.81 4.83 5.03
C VAL J 66 3.78 4.87 6.20
N TRP J 67 4.72 5.80 6.17
CA TRP J 67 5.73 5.94 7.20
C TRP J 67 5.13 6.39 8.51
N GLY J 68 3.90 6.91 8.43
CA GLY J 68 3.15 7.40 9.57
C GLY J 68 2.82 6.27 10.54
N ILE J 69 3.01 5.03 10.10
CA ILE J 69 2.78 3.89 10.96
C ILE J 69 3.71 3.97 12.16
N LYS J 70 4.87 4.61 12.00
CA LYS J 70 5.81 4.76 13.07
C LYS J 70 5.36 5.77 14.09
N GLN J 71 4.53 6.74 13.71
CA GLN J 71 4.11 7.69 14.70
C GLN J 71 3.22 6.94 15.66
N LEU J 72 2.36 6.06 15.13
CA LEU J 72 1.51 5.32 16.03
C LEU J 72 2.32 4.35 16.86
N GLN J 73 3.33 3.70 16.28
CA GLN J 73 4.09 2.77 17.07
C GLN J 73 4.78 3.48 18.22
N ALA J 74 5.36 4.65 17.96
CA ALA J 74 6.06 5.36 19.01
C ALA J 74 5.11 5.76 20.14
N ARG J 75 3.90 6.16 19.80
CA ARG J 75 2.93 6.57 20.81
C ARG J 75 2.49 5.38 21.65
N VAL J 76 2.33 4.22 21.02
CA VAL J 76 1.95 3.03 21.76
C VAL J 76 3.05 2.67 22.74
N LEU J 77 4.31 2.74 22.31
CA LEU J 77 5.40 2.44 23.22
C LEU J 77 5.44 3.38 24.40
N ALA J 78 5.21 4.67 24.18
CA ALA J 78 5.24 5.59 25.30
C ALA J 78 4.17 5.24 26.33
N VAL J 79 2.98 4.84 25.86
CA VAL J 79 1.91 4.47 26.77
C VAL J 79 2.20 3.19 27.52
N GLU J 80 2.68 2.17 26.83
CA GLU J 80 2.95 0.93 27.51
C GLU J 80 4.02 1.08 28.56
N ARG J 81 5.05 1.88 28.29
CA ARG J 81 6.10 2.02 29.26
C ARG J 81 5.59 2.77 30.49
N TYR J 82 4.76 3.79 30.29
CA TYR J 82 4.21 4.51 31.41
C TYR J 82 3.42 3.59 32.31
N LEU J 83 2.53 2.79 31.71
CA LEU J 83 1.70 1.93 32.51
C LEU J 83 2.50 0.90 33.27
N ARG J 84 3.55 0.35 32.66
CA ARG J 84 4.32 -0.64 33.41
C ARG J 84 4.90 -0.03 34.67
N ASP J 85 5.41 1.20 34.61
CA ASP J 85 5.96 1.77 35.84
C ASP J 85 4.86 2.11 36.83
N GLN J 86 3.72 2.57 36.34
CA GLN J 86 2.66 2.90 37.26
C GLN J 86 2.14 1.66 37.96
N GLN J 87 2.05 0.55 37.23
CA GLN J 87 1.57 -0.66 37.84
C GLN J 87 2.55 -1.13 38.91
N LEU J 88 3.84 -1.00 38.64
CA LEU J 88 4.83 -1.45 39.60
C LEU J 88 4.75 -0.63 40.88
N LEU J 89 4.53 0.68 40.78
CA LEU J 89 4.39 1.42 42.01
C LEU J 89 3.18 0.89 42.75
N GLY J 90 2.12 0.55 42.04
CA GLY J 90 0.97 -0.03 42.71
C GLY J 90 1.30 -1.35 43.42
N ILE J 91 2.09 -2.20 42.78
CA ILE J 91 2.46 -3.49 43.38
C ILE J 91 3.22 -3.27 44.67
N TRP J 92 4.04 -2.24 44.73
CA TRP J 92 4.82 -1.92 45.92
C TRP J 92 4.02 -1.09 46.96
N GLY J 93 2.77 -0.71 46.66
CA GLY J 93 1.96 0.10 47.56
C GLY J 93 2.16 1.62 47.47
N CYS J 94 2.72 2.12 46.36
CA CYS J 94 2.99 3.53 46.20
C CYS J 94 2.31 4.13 44.96
N SER J 95 1.13 3.62 44.58
CA SER J 95 0.46 4.08 43.36
C SER J 95 0.08 5.54 43.32
N GLY J 96 -0.18 6.13 44.47
CA GLY J 96 -0.60 7.52 44.50
C GLY J 96 0.51 8.53 44.78
N LYS J 97 1.78 8.11 44.85
CA LYS J 97 2.76 9.10 45.25
C LYS J 97 4.05 9.16 44.45
N LEU J 98 4.58 10.38 44.32
CA LEU J 98 5.88 10.63 43.69
C LEU J 98 7.00 10.30 44.66
N ILE J 99 6.71 10.49 45.94
CA ILE J 99 7.65 10.18 47.00
C ILE J 99 6.95 9.19 47.91
N CYS J 100 7.54 8.03 48.11
CA CYS J 100 6.88 7.04 48.94
C CYS J 100 7.82 6.33 49.91
N CYS J 101 7.41 6.29 51.15
CA CYS J 101 8.18 5.70 52.24
C CYS J 101 7.72 4.29 52.55
N THR J 102 8.62 3.31 52.59
CA THR J 102 8.20 1.94 52.92
C THR J 102 9.03 1.31 54.03
N ASN J 103 8.74 0.04 54.34
CA ASN J 103 9.43 -0.66 55.45
C ASN J 103 10.49 -1.70 55.11
N VAL J 104 11.10 -1.62 53.95
CA VAL J 104 12.24 -2.48 53.68
C VAL J 104 13.44 -1.76 54.25
N PRO J 105 14.23 -2.34 55.16
CA PRO J 105 15.38 -1.71 55.78
C PRO J 105 16.49 -1.56 54.76
N TRP J 106 17.30 -0.53 54.94
CA TRP J 106 18.48 -0.33 54.11
C TRP J 106 19.60 -1.15 54.71
N ASN J 107 20.49 -1.69 53.91
CA ASN J 107 21.59 -2.42 54.50
C ASN J 107 22.89 -2.24 53.73
N SER J 108 23.96 -2.84 54.23
CA SER J 108 25.31 -2.69 53.68
C SER J 108 25.70 -3.74 52.65
N SER J 109 24.76 -4.62 52.28
CA SER J 109 25.07 -5.65 51.29
C SER J 109 24.88 -5.06 49.92
N TRP J 110 24.30 -3.85 49.92
CA TRP J 110 23.96 -3.04 48.78
C TRP J 110 25.08 -2.03 48.59
N SER J 111 24.74 -0.77 48.33
CA SER J 111 25.76 0.23 48.17
C SER J 111 26.28 0.60 49.56
N ASN J 112 27.44 1.26 49.63
CA ASN J 112 27.96 1.62 50.94
C ASN J 112 28.41 3.07 51.05
N ARG J 113 27.47 3.89 51.49
CA ARG J 113 27.68 5.31 51.68
C ARG J 113 26.93 5.74 52.94
N ASN J 114 27.55 6.58 53.77
CA ASN J 114 26.85 7.08 54.95
C ASN J 114 25.82 8.12 54.56
N LEU J 115 26.15 8.86 53.50
CA LEU J 115 25.32 9.89 52.88
C LEU J 115 24.94 11.09 53.72
N SER J 116 25.61 11.34 54.84
CA SER J 116 25.25 12.51 55.63
C SER J 116 25.48 13.79 54.85
N GLU J 117 26.49 13.77 53.98
CA GLU J 117 26.77 14.90 53.12
C GLU J 117 26.45 14.54 51.67
N ILE J 118 26.77 13.30 51.31
CA ILE J 118 26.68 12.79 49.95
C ILE J 118 25.23 12.77 49.43
N TRP J 119 24.23 12.53 50.27
CA TRP J 119 22.85 12.63 49.82
C TRP J 119 22.66 13.96 49.06
N ASP J 120 23.25 15.02 49.59
CA ASP J 120 23.08 16.33 49.04
C ASP J 120 24.36 16.74 48.27
N ASN J 121 25.12 15.75 47.80
CA ASN J 121 26.34 15.99 47.04
C ASN J 121 26.80 14.77 46.22
N MET J 122 26.14 14.39 45.10
CA MET J 122 26.64 13.19 44.42
C MET J 122 26.53 13.15 42.88
N THR J 123 25.34 13.15 42.23
CA THR J 123 23.99 13.17 42.80
C THR J 123 23.14 11.97 42.33
N TRP J 124 22.43 12.11 41.20
CA TRP J 124 21.56 11.02 40.76
C TRP J 124 22.16 10.08 39.76
N LEU J 125 22.95 10.59 38.83
CA LEU J 125 23.46 9.67 37.81
C LEU J 125 24.49 8.78 38.45
N GLN J 126 25.27 9.39 39.32
CA GLN J 126 26.35 8.71 40.00
C GLN J 126 25.78 7.73 41.00
N TRP J 127 24.67 8.10 41.61
CA TRP J 127 24.01 7.22 42.56
C TRP J 127 23.54 5.97 41.86
N ASP J 128 22.83 6.12 40.74
CA ASP J 128 22.37 4.91 40.07
C ASP J 128 23.52 4.04 39.64
N LYS J 129 24.64 4.64 39.22
CA LYS J 129 25.76 3.79 38.85
C LYS J 129 26.30 3.03 40.06
N GLU J 130 26.38 3.70 41.21
CA GLU J 130 26.93 3.11 42.43
C GLU J 130 26.08 1.93 42.90
N ILE J 131 24.77 2.03 42.74
CA ILE J 131 23.84 0.98 43.19
C ILE J 131 23.21 0.22 42.01
N SER J 132 23.86 0.25 40.84
CA SER J 132 23.33 -0.39 39.64
C SER J 132 23.22 -1.89 39.72
N ASN J 133 23.94 -2.49 40.64
CA ASN J 133 23.96 -3.93 40.78
C ASN J 133 22.93 -4.45 41.76
N TYR J 134 22.11 -3.54 42.31
CA TYR J 134 21.13 -3.97 43.29
C TYR J 134 19.67 -3.69 42.97
N THR J 135 19.34 -3.12 41.83
CA THR J 135 17.94 -2.77 41.61
C THR J 135 17.06 -3.99 41.48
N GLN J 136 17.63 -5.07 40.97
CA GLN J 136 16.94 -6.33 40.75
C GLN J 136 16.76 -7.08 42.08
N ILE J 137 17.42 -6.60 43.12
CA ILE J 137 17.35 -7.17 44.45
C ILE J 137 16.35 -6.39 45.29
N ILE J 138 16.47 -5.07 45.27
CA ILE J 138 15.62 -4.21 46.08
C ILE J 138 14.17 -4.34 45.68
N TYR J 139 13.90 -4.40 44.39
CA TYR J 139 12.53 -4.51 43.96
C TYR J 139 11.89 -5.78 44.53
N GLY J 140 12.66 -6.86 44.62
CA GLY J 140 12.15 -8.11 45.18
C GLY J 140 11.75 -7.93 46.66
N LEU J 141 12.51 -7.09 47.38
CA LEU J 141 12.21 -6.87 48.79
C LEU J 141 10.96 -6.03 48.91
N LEU J 142 10.79 -5.09 47.99
CA LEU J 142 9.64 -4.24 48.08
C LEU J 142 8.37 -5.05 47.87
N GLU J 143 8.38 -6.00 46.93
CA GLU J 143 7.20 -6.83 46.73
C GLU J 143 6.86 -7.65 47.97
N GLU J 144 7.88 -8.23 48.60
CA GLU J 144 7.60 -9.06 49.76
C GLU J 144 7.03 -8.24 50.89
N SER J 145 7.56 -7.05 51.10
CA SER J 145 7.07 -6.22 52.19
C SER J 145 5.62 -5.85 52.00
N GLN J 146 5.24 -5.47 50.78
CA GLN J 146 3.86 -5.08 50.57
C GLN J 146 2.91 -6.25 50.73
N ASN J 147 3.30 -7.45 50.29
CA ASN J 147 2.38 -8.56 50.45
C ASN J 147 2.15 -8.91 51.90
N GLN J 148 3.19 -8.77 52.72
CA GLN J 148 3.03 -9.06 54.14
C GLN J 148 2.08 -8.07 54.79
N GLN J 149 2.19 -6.80 54.40
CA GLN J 149 1.32 -5.80 55.00
C GLN J 149 -0.12 -6.02 54.60
N GLU J 150 -0.36 -6.45 53.37
CA GLU J 150 -1.72 -6.70 52.93
C GLU J 150 -2.33 -7.86 53.70
N LYS J 151 -1.53 -8.90 53.98
CA LYS J 151 -2.05 -10.00 54.77
C LYS J 151 -2.39 -9.53 56.16
N ASN J 152 -1.53 -8.69 56.74
CA ASN J 152 -1.77 -8.24 58.09
C ASN J 152 -3.06 -7.41 58.16
N GLU J 153 -3.30 -6.58 57.14
CA GLU J 153 -4.52 -5.78 57.12
C GLU J 153 -5.74 -6.67 57.06
N GLN J 154 -5.71 -7.71 56.22
CA GLN J 154 -6.86 -8.58 56.10
C GLN J 154 -7.14 -9.32 57.40
N ASP J 155 -6.10 -9.72 58.13
CA ASP J 155 -6.38 -10.41 59.38
C ASP J 155 -6.96 -9.44 60.40
N LEU J 156 -6.46 -8.22 60.45
CA LEU J 156 -6.95 -7.26 61.41
C LEU J 156 -8.39 -6.89 61.14
N LEU J 157 -8.76 -6.75 59.87
CA LEU J 157 -10.14 -6.43 59.55
C LEU J 157 -11.03 -7.63 59.84
N ALA J 158 -10.57 -8.84 59.55
CA ALA J 158 -11.36 -10.04 59.79
C ALA J 158 -11.71 -10.20 61.26
N LEU J 159 -10.80 -9.77 62.13
CA LEU J 159 -10.99 -9.87 63.57
C LEU J 159 -11.86 -8.73 64.13
N ASP J 160 -12.28 -7.79 63.29
CA ASP J 160 -13.09 -6.68 63.73
C ASP J 160 -14.41 -7.19 64.32
N GLN K 22 28.68 -16.75 4.04
CA GLN K 22 28.99 -17.24 2.71
C GLN K 22 29.86 -16.27 1.94
N VAL K 23 30.81 -15.65 2.64
CA VAL K 23 31.69 -14.73 1.98
C VAL K 23 32.77 -15.48 1.25
N GLN K 24 32.85 -15.22 -0.04
CA GLN K 24 33.77 -15.88 -0.95
C GLN K 24 34.46 -14.93 -1.88
N LEU K 25 35.70 -15.24 -2.21
CA LEU K 25 36.45 -14.51 -3.20
C LEU K 25 36.92 -15.51 -4.25
N VAL K 26 36.81 -15.13 -5.52
CA VAL K 26 37.21 -15.98 -6.63
C VAL K 26 38.18 -15.31 -7.58
N GLN K 27 39.28 -15.97 -7.88
CA GLN K 27 40.27 -15.42 -8.81
C GLN K 27 40.53 -16.32 -10.01
N SER K 28 40.85 -15.71 -11.14
CA SER K 28 41.24 -16.43 -12.35
C SER K 28 42.75 -16.61 -12.37
N GLY K 29 43.26 -17.52 -13.20
CA GLY K 29 44.70 -17.71 -13.33
C GLY K 29 45.27 -16.82 -14.44
N ALA K 30 46.57 -16.96 -14.72
CA ALA K 30 47.20 -16.18 -15.77
C ALA K 30 48.41 -16.90 -16.34
N GLU K 31 48.75 -16.51 -17.54
CA GLU K 31 49.88 -17.03 -18.30
C GLU K 31 51.18 -16.33 -17.99
N VAL K 32 52.21 -16.78 -18.68
CA VAL K 32 53.52 -16.18 -18.57
C VAL K 32 53.62 -15.20 -19.73
N LYS K 33 53.97 -13.97 -19.41
CA LYS K 33 54.05 -12.92 -20.40
C LYS K 33 55.46 -12.57 -20.76
N LYS K 34 55.67 -11.97 -21.93
CA LYS K 34 57.01 -11.52 -22.29
C LYS K 34 57.28 -10.17 -21.64
N PRO K 35 58.52 -9.82 -21.31
CA PRO K 35 58.84 -8.53 -20.75
C PRO K 35 58.32 -7.43 -21.65
N GLY K 36 57.71 -6.43 -21.00
CA GLY K 36 57.12 -5.27 -21.65
C GLY K 36 55.61 -5.42 -21.86
N ALA K 37 55.11 -6.64 -21.72
CA ALA K 37 53.71 -7.01 -21.89
C ALA K 37 52.82 -6.58 -20.75
N SER K 38 51.52 -6.57 -20.98
CA SER K 38 50.60 -6.28 -19.91
C SER K 38 49.81 -7.54 -19.50
N VAL K 39 49.33 -7.53 -18.26
CA VAL K 39 48.49 -8.61 -17.73
C VAL K 39 47.27 -8.04 -17.04
N LYS K 40 46.17 -8.72 -17.16
CA LYS K 40 44.96 -8.36 -16.46
C LYS K 40 44.56 -9.49 -15.54
N VAL K 41 44.30 -9.17 -14.28
CA VAL K 41 43.86 -10.15 -13.31
C VAL K 41 42.60 -9.62 -12.66
N SER K 42 41.82 -10.49 -12.06
CA SER K 42 40.60 -10.01 -11.46
C SER K 42 40.18 -10.85 -10.30
N CYS K 43 39.21 -10.31 -9.57
CA CYS K 43 38.63 -11.00 -8.46
C CYS K 43 37.15 -10.70 -8.32
N LYS K 44 36.38 -11.76 -8.19
CA LYS K 44 34.95 -11.68 -8.00
C LYS K 44 34.65 -11.95 -6.55
N ALA K 45 33.65 -11.29 -6.00
CA ALA K 45 33.38 -11.61 -4.61
C ALA K 45 31.92 -11.53 -4.30
N SER K 46 31.50 -12.32 -3.32
CA SER K 46 30.12 -12.29 -2.88
C SER K 46 29.96 -12.62 -1.40
N GLY K 47 28.70 -12.68 -0.98
CA GLY K 47 28.31 -12.95 0.42
C GLY K 47 28.19 -11.68 1.26
N TYR K 48 28.43 -10.54 0.62
CA TYR K 48 28.39 -9.23 1.25
C TYR K 48 28.14 -8.22 0.15
N THR K 49 27.41 -7.14 0.44
CA THR K 49 27.19 -6.16 -0.60
C THR K 49 28.52 -5.60 -1.11
N PHE K 50 28.71 -5.65 -2.42
CA PHE K 50 29.93 -5.24 -3.08
C PHE K 50 30.32 -3.80 -2.81
N THR K 51 29.34 -2.92 -2.87
CA THR K 51 29.59 -1.50 -2.76
C THR K 51 29.69 -1.02 -1.33
N SER K 52 29.58 -1.93 -0.38
CA SER K 52 29.66 -1.56 1.01
C SER K 52 31.06 -1.69 1.62
N TYR K 53 32.06 -2.12 0.84
CA TYR K 53 33.40 -2.24 1.44
C TYR K 53 34.54 -1.98 0.46
N TYR K 54 35.72 -1.72 1.00
CA TYR K 54 36.93 -1.50 0.20
C TYR K 54 37.67 -2.77 -0.14
N MET K 55 38.35 -2.80 -1.28
CA MET K 55 39.17 -3.97 -1.59
C MET K 55 40.64 -3.64 -1.77
N HIS K 56 41.47 -4.57 -1.32
CA HIS K 56 42.92 -4.44 -1.41
C HIS K 56 43.59 -5.44 -2.30
N TRP K 57 44.68 -5.00 -2.91
CA TRP K 57 45.55 -5.88 -3.64
C TRP K 57 46.93 -5.85 -3.02
N VAL K 58 47.49 -7.04 -2.88
CA VAL K 58 48.83 -7.23 -2.33
C VAL K 58 49.65 -8.13 -3.22
N ARG K 59 50.96 -8.12 -3.01
CA ARG K 59 51.86 -8.95 -3.82
C ARG K 59 52.95 -9.60 -3.02
N GLN K 60 53.24 -10.87 -3.34
CA GLN K 60 54.39 -11.54 -2.75
C GLN K 60 55.03 -12.48 -3.74
N ALA K 61 56.35 -12.55 -3.74
CA ALA K 61 57.05 -13.45 -4.64
C ALA K 61 57.67 -14.56 -3.80
N PRO K 62 57.87 -15.76 -4.32
CA PRO K 62 58.51 -16.82 -3.58
C PRO K 62 59.86 -16.33 -3.08
N GLY K 63 60.15 -16.60 -1.81
CA GLY K 63 61.40 -16.20 -1.18
C GLY K 63 61.39 -14.78 -0.65
N GLN K 64 60.32 -14.03 -0.90
CA GLN K 64 60.23 -12.64 -0.49
C GLN K 64 59.15 -12.41 0.56
N GLY K 65 59.06 -11.16 1.02
CA GLY K 65 58.07 -10.78 2.02
C GLY K 65 56.82 -10.25 1.35
N LEU K 66 56.00 -9.54 2.09
CA LEU K 66 54.76 -9.06 1.52
C LEU K 66 54.82 -7.57 1.21
N GLU K 67 54.19 -7.15 0.13
CA GLU K 67 54.08 -5.73 -0.20
C GLU K 67 52.63 -5.35 -0.43
N TRP K 68 52.29 -4.12 -0.10
CA TRP K 68 50.96 -3.62 -0.39
C TRP K 68 50.99 -2.89 -1.74
N MET K 69 50.00 -3.11 -2.63
CA MET K 69 50.02 -2.42 -3.91
C MET K 69 49.04 -1.29 -4.00
N GLY K 70 47.83 -1.51 -3.50
CA GLY K 70 46.82 -0.47 -3.64
C GLY K 70 45.43 -0.85 -3.16
N ILE K 71 44.59 0.18 -3.10
CA ILE K 71 43.22 0.08 -2.67
C ILE K 71 42.24 0.69 -3.65
N ILE K 72 41.14 -0.01 -3.87
CA ILE K 72 40.06 0.48 -4.73
C ILE K 72 38.73 0.51 -4.03
N ASN K 73 37.99 1.62 -4.18
CA ASN K 73 36.70 1.71 -3.54
C ASN K 73 35.57 1.47 -4.55
N PRO K 74 34.96 0.28 -4.59
CA PRO K 74 33.97 -0.15 -5.56
C PRO K 74 32.68 0.61 -5.47
N SER K 75 32.50 1.34 -4.38
CA SER K 75 31.30 2.12 -4.18
C SER K 75 31.15 3.20 -5.24
N GLY K 76 32.28 3.81 -5.62
CA GLY K 76 32.25 4.92 -6.54
C GLY K 76 32.84 4.51 -7.90
N GLY K 77 34.14 4.72 -8.11
CA GLY K 77 34.99 5.30 -7.07
C GLY K 77 36.44 5.40 -7.46
N SER K 78 37.17 6.00 -6.54
CA SER K 78 38.58 6.29 -6.61
C SER K 78 39.50 5.19 -6.16
N THR K 79 40.78 5.39 -6.47
CA THR K 79 41.86 4.50 -6.08
C THR K 79 43.04 5.25 -5.47
N SER K 80 43.89 4.50 -4.80
CA SER K 80 45.16 4.97 -4.23
C SER K 80 46.20 3.86 -4.28
N TYR K 81 47.43 4.20 -4.67
CA TYR K 81 48.46 3.18 -4.85
C TYR K 81 49.75 3.48 -4.17
N ALA K 82 50.49 2.44 -3.84
CA ALA K 82 51.83 2.63 -3.31
C ALA K 82 52.66 3.22 -4.43
N GLN K 83 53.61 4.09 -4.08
CA GLN K 83 54.45 4.75 -5.09
C GLN K 83 55.30 3.77 -5.88
N LYS K 84 55.49 2.59 -5.34
CA LYS K 84 56.28 1.54 -5.95
C LYS K 84 55.78 1.14 -7.33
N PHE K 85 54.46 1.17 -7.52
CA PHE K 85 53.86 0.74 -8.77
C PHE K 85 53.21 1.91 -9.46
N GLN K 86 53.54 3.12 -9.02
CA GLN K 86 52.80 4.22 -9.58
C GLN K 86 53.17 4.42 -11.03
N GLY K 87 52.14 4.47 -11.85
CA GLY K 87 52.29 4.62 -13.28
C GLY K 87 52.27 3.26 -14.00
N ARG K 88 52.37 2.14 -13.26
CA ARG K 88 52.35 0.84 -13.91
C ARG K 88 51.07 0.10 -13.57
N VAL K 89 50.47 0.44 -12.43
CA VAL K 89 49.25 -0.26 -12.01
C VAL K 89 48.05 0.63 -12.12
N THR K 90 46.97 0.05 -12.60
CA THR K 90 45.70 0.73 -12.65
C THR K 90 44.62 -0.20 -12.16
N MET K 91 43.52 0.35 -11.65
CA MET K 91 42.43 -0.48 -11.14
C MET K 91 41.08 0.06 -11.54
N THR K 92 40.16 -0.86 -11.80
CA THR K 92 38.79 -0.52 -12.15
C THR K 92 37.84 -1.40 -11.38
N ARG K 93 36.57 -1.03 -11.41
CA ARG K 93 35.52 -1.81 -10.75
C ARG K 93 34.29 -1.91 -11.61
N ASP K 94 33.49 -2.94 -11.38
CA ASP K 94 32.21 -3.07 -12.05
C ASP K 94 31.16 -3.60 -11.07
N THR K 95 30.25 -2.72 -10.67
CA THR K 95 29.29 -3.02 -9.62
C THR K 95 28.18 -3.93 -10.11
N SER K 96 28.09 -4.14 -11.42
CA SER K 96 27.03 -5.00 -11.95
C SER K 96 27.45 -6.47 -11.94
N THR K 97 28.74 -6.75 -11.72
CA THR K 97 29.27 -8.11 -11.74
C THR K 97 29.88 -8.48 -10.40
N SER K 98 29.88 -7.53 -9.48
CA SER K 98 30.53 -7.64 -8.19
C SER K 98 32.00 -8.02 -8.32
N THR K 99 32.71 -7.32 -9.22
CA THR K 99 34.13 -7.61 -9.44
C THR K 99 35.03 -6.39 -9.42
N VAL K 100 36.31 -6.66 -9.20
CA VAL K 100 37.35 -5.66 -9.34
C VAL K 100 38.42 -6.17 -10.27
N TYR K 101 39.09 -5.26 -10.95
CA TYR K 101 40.14 -5.62 -11.88
C TYR K 101 41.41 -4.87 -11.62
N MET K 102 42.53 -5.53 -11.86
CA MET K 102 43.81 -4.87 -11.76
C MET K 102 44.59 -5.12 -13.03
N GLU K 103 45.27 -4.10 -13.50
CA GLU K 103 46.08 -4.29 -14.69
C GLU K 103 47.47 -3.74 -14.48
N LEU K 104 48.45 -4.49 -14.96
CA LEU K 104 49.84 -4.08 -14.85
C LEU K 104 50.48 -3.94 -16.21
N SER K 105 51.06 -2.77 -16.47
CA SER K 105 51.74 -2.51 -17.71
C SER K 105 53.23 -2.71 -17.56
N SER K 106 53.93 -2.80 -18.68
CA SER K 106 55.39 -2.90 -18.69
C SER K 106 55.94 -3.97 -17.75
N LEU K 107 55.44 -5.19 -17.86
CA LEU K 107 55.86 -6.27 -16.99
C LEU K 107 57.32 -6.64 -17.12
N ARG K 108 57.92 -6.93 -15.98
CA ARG K 108 59.31 -7.36 -15.89
C ARG K 108 59.39 -8.63 -15.04
N SER K 109 60.51 -9.37 -15.11
CA SER K 109 60.66 -10.62 -14.35
C SER K 109 60.59 -10.41 -12.84
N GLU K 110 60.86 -9.18 -12.40
CA GLU K 110 60.78 -8.74 -11.03
C GLU K 110 59.37 -8.86 -10.46
N ASP K 111 58.36 -8.90 -11.34
CA ASP K 111 56.97 -8.97 -10.93
C ASP K 111 56.45 -10.39 -10.89
N THR K 112 57.33 -11.38 -11.07
CA THR K 112 56.86 -12.74 -10.98
C THR K 112 56.38 -12.88 -9.57
N ALA K 113 55.12 -13.25 -9.39
CA ALA K 113 54.57 -13.29 -8.04
C ALA K 113 53.20 -13.91 -7.98
N VAL K 114 52.76 -14.14 -6.75
CA VAL K 114 51.40 -14.52 -6.53
C VAL K 114 50.67 -13.29 -6.03
N TYR K 115 49.56 -13.01 -6.66
CA TYR K 115 48.79 -11.85 -6.32
C TYR K 115 47.55 -12.24 -5.57
N TYR K 116 47.23 -11.44 -4.58
CA TYR K 116 46.05 -11.68 -3.78
C TYR K 116 45.14 -10.50 -3.77
N CYS K 117 43.88 -10.81 -3.58
CA CYS K 117 42.84 -9.83 -3.47
C CYS K 117 42.09 -10.13 -2.19
N ALA K 118 41.73 -9.09 -1.44
CA ALA K 118 41.03 -9.31 -0.18
C ALA K 118 40.08 -8.19 0.21
N ARG K 119 39.07 -8.54 1.01
CA ARG K 119 38.06 -7.59 1.47
C ARG K 119 38.54 -6.82 2.67
N ASP K 120 38.33 -5.51 2.75
CA ASP K 120 38.77 -4.78 3.94
C ASP K 120 37.73 -4.80 5.05
N VAL K 121 38.06 -4.16 6.17
CA VAL K 121 37.18 -4.06 7.33
C VAL K 121 36.97 -2.64 7.84
N GLY K 122 35.71 -2.30 8.05
CA GLY K 122 35.28 -1.01 8.59
C GLY K 122 34.44 -0.23 7.59
N THR K 123 33.31 0.27 8.08
CA THR K 123 32.36 1.05 7.29
C THR K 123 32.13 2.34 8.07
N GLU K 124 32.58 2.29 9.31
CA GLU K 124 32.41 3.33 10.33
C GLU K 124 33.14 4.67 10.17
N GLY K 125 34.21 4.77 9.37
CA GLY K 125 34.92 6.04 9.28
C GLY K 125 36.41 5.89 9.08
N SER K 126 36.97 4.76 9.48
CA SER K 126 38.39 4.51 9.31
C SER K 126 38.58 3.04 8.99
N LEU K 127 39.70 2.68 8.41
CA LEU K 127 39.91 1.29 8.02
C LEU K 127 40.99 0.60 8.83
N LEU K 128 40.79 -0.69 9.11
CA LEU K 128 41.76 -1.50 9.85
C LEU K 128 42.31 -2.62 8.96
N HIS K 129 41.91 -3.89 9.18
CA HIS K 129 42.35 -4.90 8.24
C HIS K 129 41.48 -6.13 8.30
N PHE K 130 41.81 -7.08 7.44
CA PHE K 130 40.98 -8.21 7.12
C PHE K 130 41.36 -9.66 7.19
N ASP K 131 40.28 -10.44 7.27
CA ASP K 131 40.28 -11.87 7.26
C ASP K 131 39.65 -12.61 6.05
N TYR K 132 39.26 -11.93 4.98
CA TYR K 132 38.71 -12.67 3.84
C TYR K 132 39.60 -12.49 2.62
N TRP K 133 40.37 -13.52 2.35
CA TRP K 133 41.36 -13.52 1.31
C TRP K 133 40.97 -14.47 0.19
N GLY K 134 41.36 -14.13 -1.05
CA GLY K 134 41.15 -15.03 -2.17
C GLY K 134 42.23 -16.09 -2.13
N GLN K 135 42.26 -16.95 -3.13
CA GLN K 135 43.17 -18.09 -3.16
C GLN K 135 44.61 -17.78 -3.50
N GLY K 136 44.79 -16.78 -4.34
CA GLY K 136 46.08 -16.39 -4.86
C GLY K 136 46.19 -16.81 -6.31
N THR K 137 46.62 -15.90 -7.16
CA THR K 137 46.75 -16.20 -8.58
C THR K 137 48.15 -15.90 -9.04
N LEU K 138 48.67 -16.70 -9.94
CA LEU K 138 50.03 -16.46 -10.38
C LEU K 138 50.11 -15.70 -11.67
N VAL K 139 51.09 -14.82 -11.72
CA VAL K 139 51.47 -14.11 -12.92
C VAL K 139 52.95 -14.31 -13.08
N THR K 140 53.40 -14.72 -14.25
CA THR K 140 54.83 -14.87 -14.39
C THR K 140 55.29 -14.10 -15.61
N VAL K 141 56.56 -13.73 -15.64
CA VAL K 141 57.09 -13.01 -16.79
C VAL K 141 58.38 -13.68 -17.21
N SER K 142 58.53 -13.98 -18.49
CA SER K 142 59.74 -14.63 -18.96
C SER K 142 60.04 -14.47 -20.43
N SER K 143 61.32 -14.47 -20.76
CA SER K 143 61.75 -14.43 -22.16
C SER K 143 61.58 -15.79 -22.84
N ALA K 144 61.44 -16.84 -22.04
CA ALA K 144 61.29 -18.20 -22.53
C ALA K 144 59.90 -18.39 -23.14
N SER K 145 59.80 -19.27 -24.13
CA SER K 145 58.52 -19.60 -24.76
C SER K 145 57.98 -20.87 -24.15
N THR K 146 58.37 -22.01 -24.69
CA THR K 146 58.00 -23.30 -24.12
C THR K 146 58.96 -24.39 -24.58
N LYS K 147 59.18 -25.35 -23.70
CA LYS K 147 60.04 -26.50 -23.98
C LYS K 147 59.51 -27.77 -23.33
N GLY K 148 59.64 -28.92 -24.01
CA GLY K 148 59.30 -30.15 -23.34
C GLY K 148 60.53 -30.49 -22.51
N PRO K 149 60.46 -31.43 -21.58
CA PRO K 149 61.56 -31.84 -20.72
C PRO K 149 62.57 -32.68 -21.45
N SER K 150 63.82 -32.59 -21.02
CA SER K 150 64.86 -33.50 -21.47
C SER K 150 65.15 -34.38 -20.26
N VAL K 151 64.87 -35.66 -20.38
CA VAL K 151 64.94 -36.54 -19.22
C VAL K 151 66.05 -37.55 -19.33
N PHE K 152 66.85 -37.65 -18.29
CA PHE K 152 67.93 -38.61 -18.28
C PHE K 152 67.76 -39.46 -17.02
N PRO K 153 68.13 -40.73 -17.03
CA PRO K 153 68.15 -41.61 -15.88
C PRO K 153 69.35 -41.30 -14.97
N LEU K 154 69.21 -41.58 -13.69
CA LEU K 154 70.31 -41.51 -12.73
C LEU K 154 70.46 -42.84 -11.99
N ALA K 155 71.64 -43.42 -12.00
CA ALA K 155 71.78 -44.66 -11.27
C ALA K 155 73.25 -44.90 -10.89
N PRO K 156 73.56 -45.64 -9.81
CA PRO K 156 74.88 -46.07 -9.39
C PRO K 156 75.50 -47.04 -10.36
N SER K 157 76.82 -47.08 -10.40
CA SER K 157 77.51 -48.10 -11.16
C SER K 157 77.70 -49.29 -10.22
N SER K 158 77.99 -50.46 -10.76
CA SER K 158 78.23 -51.62 -9.92
C SER K 158 78.87 -52.76 -10.71
N SER K 162 76.87 -53.61 -3.08
CA SER K 162 75.63 -53.49 -2.33
C SER K 162 75.44 -52.12 -1.70
N GLY K 163 76.09 -51.89 -0.56
CA GLY K 163 75.98 -50.64 0.18
C GLY K 163 74.77 -50.61 1.11
N GLY K 164 74.03 -51.72 1.15
CA GLY K 164 72.83 -51.85 1.96
C GLY K 164 71.63 -51.28 1.20
N THR K 165 71.69 -49.98 0.93
CA THR K 165 70.69 -49.25 0.17
C THR K 165 71.34 -48.34 -0.86
N ALA K 166 70.57 -47.93 -1.84
CA ALA K 166 71.00 -46.93 -2.81
C ALA K 166 69.76 -46.29 -3.39
N ALA K 167 69.91 -45.12 -3.97
CA ALA K 167 68.74 -44.56 -4.62
C ALA K 167 68.93 -44.53 -6.10
N LEU K 168 67.84 -44.71 -6.82
CA LEU K 168 67.82 -44.54 -8.27
C LEU K 168 67.05 -43.29 -8.54
N GLY K 169 67.27 -42.67 -9.67
CA GLY K 169 66.50 -41.47 -9.93
C GLY K 169 66.48 -41.02 -11.35
N CYS K 170 66.13 -39.79 -11.52
CA CYS K 170 66.09 -39.16 -12.83
C CYS K 170 66.33 -37.67 -12.73
N LEU K 171 66.85 -37.13 -13.82
CA LEU K 171 67.17 -35.72 -13.95
C LEU K 171 66.43 -35.14 -15.11
N VAL K 172 65.65 -34.09 -14.86
CA VAL K 172 64.91 -33.49 -15.93
C VAL K 172 65.34 -32.07 -16.09
N LYS K 173 65.71 -31.69 -17.29
CA LYS K 173 66.14 -30.31 -17.47
C LYS K 173 65.49 -29.61 -18.64
N ASP K 174 65.59 -28.29 -18.59
CA ASP K 174 65.15 -27.34 -19.60
C ASP K 174 63.69 -27.39 -20.04
N TYR K 175 62.76 -27.52 -19.10
CA TYR K 175 61.34 -27.51 -19.49
C TYR K 175 60.74 -26.15 -19.19
N PHE K 176 59.68 -25.80 -19.91
CA PHE K 176 59.04 -24.53 -19.63
C PHE K 176 57.63 -24.42 -20.21
N PRO K 177 56.64 -23.90 -19.47
CA PRO K 177 56.57 -23.46 -18.08
C PRO K 177 56.44 -24.66 -17.18
N GLU K 178 56.55 -24.49 -15.88
CA GLU K 178 56.35 -25.59 -14.99
C GLU K 178 54.85 -25.65 -14.73
N PRO K 179 54.34 -26.60 -13.93
CA PRO K 179 54.93 -27.77 -13.29
C PRO K 179 55.12 -28.93 -14.22
N VAL K 180 56.00 -29.84 -13.87
CA VAL K 180 56.07 -31.14 -14.53
C VAL K 180 55.79 -32.15 -13.41
N THR K 181 54.92 -33.12 -13.66
CA THR K 181 54.57 -34.09 -12.62
C THR K 181 55.36 -35.39 -12.71
N VAL K 182 55.97 -35.80 -11.59
CA VAL K 182 56.76 -37.02 -11.58
C VAL K 182 56.16 -38.09 -10.68
N SER K 183 56.16 -39.29 -11.20
CA SER K 183 55.70 -40.46 -10.47
C SER K 183 56.59 -41.61 -10.87
N TRP K 184 56.56 -42.68 -10.10
CA TRP K 184 57.38 -43.83 -10.42
C TRP K 184 56.56 -45.07 -10.80
N ASN K 185 57.11 -45.85 -11.74
CA ASN K 185 56.52 -47.10 -12.21
C ASN K 185 55.05 -46.92 -12.60
N SER K 186 54.77 -45.85 -13.32
CA SER K 186 53.44 -45.50 -13.79
C SER K 186 52.38 -45.43 -12.70
N GLY K 187 52.76 -44.97 -11.49
CA GLY K 187 51.81 -44.84 -10.39
C GLY K 187 51.88 -46.01 -9.42
N ALA K 188 52.62 -47.05 -9.78
CA ALA K 188 52.76 -48.21 -8.92
C ALA K 188 53.73 -47.96 -7.76
N LEU K 189 54.73 -47.08 -7.93
CA LEU K 189 55.71 -46.86 -6.88
C LEU K 189 55.47 -45.51 -6.23
N THR K 190 54.86 -45.57 -5.04
CA THR K 190 54.38 -44.42 -4.30
C THR K 190 55.09 -44.17 -2.98
N SER K 191 56.13 -44.94 -2.68
CA SER K 191 56.81 -44.78 -1.41
C SER K 191 58.31 -44.92 -1.57
N GLY K 192 59.05 -44.23 -0.68
CA GLY K 192 60.52 -44.23 -0.70
C GLY K 192 61.00 -43.18 -1.69
N VAL K 193 60.03 -42.49 -2.29
CA VAL K 193 60.22 -41.49 -3.31
C VAL K 193 60.33 -40.09 -2.74
N HIS K 194 61.37 -39.39 -3.15
CA HIS K 194 61.65 -38.02 -2.76
C HIS K 194 61.72 -37.14 -3.98
N THR K 195 61.00 -36.03 -3.93
CA THR K 195 61.01 -35.12 -5.06
C THR K 195 61.37 -33.73 -4.62
N PHE K 196 61.93 -33.00 -5.54
CA PHE K 196 62.33 -31.64 -5.35
C PHE K 196 61.44 -30.73 -6.19
N PRO K 197 61.28 -29.44 -5.84
CA PRO K 197 60.50 -28.44 -6.54
C PRO K 197 61.12 -28.07 -7.87
N ALA K 198 60.32 -27.51 -8.78
CA ALA K 198 60.90 -27.04 -10.02
C ALA K 198 61.86 -25.90 -9.72
N VAL K 199 63.01 -25.91 -10.36
CA VAL K 199 64.01 -24.86 -10.18
C VAL K 199 64.48 -24.22 -11.47
N LEU K 200 64.56 -22.88 -11.50
CA LEU K 200 65.10 -22.23 -12.68
C LEU K 200 66.60 -22.09 -12.66
N GLN K 201 67.16 -22.23 -13.84
CA GLN K 201 68.57 -22.00 -14.10
C GLN K 201 68.70 -20.74 -14.97
N SER K 202 69.93 -20.37 -15.30
CA SER K 202 70.23 -19.15 -16.06
C SER K 202 69.67 -19.14 -17.46
N SER K 203 69.29 -20.31 -17.95
CA SER K 203 68.69 -20.46 -19.27
C SER K 203 67.26 -19.94 -19.30
N GLY K 204 66.65 -19.77 -18.12
CA GLY K 204 65.28 -19.33 -17.99
C GLY K 204 64.33 -20.52 -18.02
N LEU K 205 64.90 -21.70 -18.10
CA LEU K 205 64.15 -22.93 -18.16
C LEU K 205 64.26 -23.64 -16.82
N TYR K 206 63.34 -24.58 -16.55
CA TYR K 206 63.27 -25.31 -15.28
C TYR K 206 63.84 -26.73 -15.26
N SER K 207 64.29 -27.16 -14.07
CA SER K 207 64.70 -28.54 -13.84
C SER K 207 63.87 -29.22 -12.74
N LEU K 208 63.86 -30.56 -12.78
CA LEU K 208 63.25 -31.45 -11.79
C LEU K 208 64.25 -32.51 -11.33
N SER K 209 64.17 -32.85 -10.05
CA SER K 209 64.99 -33.89 -9.44
C SER K 209 64.11 -34.86 -8.65
N SER K 210 64.25 -36.16 -8.97
CA SER K 210 63.48 -37.21 -8.29
C SER K 210 64.29 -38.48 -8.07
N VAL K 211 64.27 -38.96 -6.82
CA VAL K 211 64.96 -40.20 -6.48
C VAL K 211 64.10 -41.12 -5.65
N VAL K 212 64.36 -42.42 -5.72
CA VAL K 212 63.70 -43.37 -4.87
C VAL K 212 64.73 -44.25 -4.16
N THR K 213 64.59 -44.37 -2.83
CA THR K 213 65.55 -45.19 -2.11
C THR K 213 65.01 -46.60 -2.01
N VAL K 214 65.84 -47.54 -2.44
CA VAL K 214 65.48 -48.94 -2.48
C VAL K 214 66.64 -49.76 -1.87
N PRO K 215 66.38 -50.85 -1.12
CA PRO K 215 67.37 -51.81 -0.62
C PRO K 215 68.17 -52.39 -1.78
N SER K 216 69.45 -52.69 -1.58
CA SER K 216 70.26 -53.22 -2.68
C SER K 216 69.73 -54.57 -3.19
N SER K 217 69.06 -55.33 -2.32
CA SER K 217 68.47 -56.62 -2.66
C SER K 217 67.27 -56.50 -3.62
N SER K 218 66.76 -55.27 -3.76
CA SER K 218 65.65 -54.92 -4.61
C SER K 218 66.10 -54.03 -5.79
N LEU K 219 67.43 -53.82 -5.92
CA LEU K 219 68.01 -53.03 -7.00
C LEU K 219 68.86 -53.83 -7.95
N GLY K 220 69.71 -54.70 -7.43
CA GLY K 220 70.59 -55.46 -8.32
C GLY K 220 69.82 -56.59 -8.99
N THR K 221 68.58 -56.74 -8.54
CA THR K 221 67.62 -57.72 -8.90
C THR K 221 66.41 -57.14 -9.66
N GLN K 222 66.33 -55.81 -9.84
CA GLN K 222 65.14 -55.21 -10.46
C GLN K 222 65.47 -53.97 -11.29
N THR K 223 64.45 -53.39 -11.93
CA THR K 223 64.62 -52.12 -12.64
C THR K 223 63.49 -51.21 -12.23
N TYR K 224 63.72 -49.89 -12.30
CA TYR K 224 62.70 -48.90 -11.96
C TYR K 224 62.51 -47.86 -13.04
N ILE K 225 61.27 -47.34 -13.16
CA ILE K 225 60.97 -46.33 -14.17
C ILE K 225 60.56 -44.96 -13.63
N CYS K 226 61.24 -43.91 -14.13
CA CYS K 226 60.90 -42.53 -13.80
C CYS K 226 59.96 -41.99 -14.86
N ASN K 227 58.76 -41.58 -14.46
CA ASN K 227 57.77 -41.10 -15.41
C ASN K 227 57.41 -39.62 -15.21
N VAL K 228 57.73 -38.76 -16.19
CA VAL K 228 57.42 -37.34 -16.03
C VAL K 228 56.44 -36.81 -17.08
N ASN K 229 55.34 -36.24 -16.61
CA ASN K 229 54.29 -35.73 -17.47
C ASN K 229 54.29 -34.20 -17.53
N HIS K 230 54.76 -33.65 -18.65
CA HIS K 230 54.83 -32.22 -18.75
C HIS K 230 53.53 -31.77 -19.36
N LYS K 231 52.49 -31.77 -18.54
CA LYS K 231 51.17 -31.43 -19.03
C LYS K 231 51.12 -30.13 -19.85
N PRO K 232 51.78 -29.00 -19.45
CA PRO K 232 51.77 -27.74 -20.17
C PRO K 232 52.28 -27.77 -21.61
N SER K 233 53.04 -28.79 -21.99
CA SER K 233 53.56 -28.88 -23.36
C SER K 233 52.98 -30.09 -24.07
N ASN K 234 51.98 -30.71 -23.42
CA ASN K 234 51.30 -31.89 -23.90
C ASN K 234 52.21 -33.07 -24.21
N THR K 235 53.21 -33.34 -23.37
CA THR K 235 54.06 -34.49 -23.66
C THR K 235 54.48 -35.24 -22.41
N LYS K 236 54.82 -36.53 -22.57
CA LYS K 236 55.26 -37.38 -21.47
C LYS K 236 56.52 -38.13 -21.86
N VAL K 237 57.48 -38.13 -20.95
CA VAL K 237 58.78 -38.78 -21.17
C VAL K 237 59.16 -39.71 -20.01
N ASP K 238 59.76 -40.86 -20.30
CA ASP K 238 60.20 -41.73 -19.21
C ASP K 238 61.54 -42.39 -19.48
N LYS K 239 62.24 -42.73 -18.39
CA LYS K 239 63.53 -43.41 -18.46
C LYS K 239 63.69 -44.54 -17.44
N ARG K 240 64.46 -45.55 -17.81
CA ARG K 240 64.76 -46.68 -16.94
C ARG K 240 66.08 -46.58 -16.19
N VAL K 241 66.03 -46.94 -14.91
CA VAL K 241 67.19 -46.99 -14.03
C VAL K 241 67.43 -48.32 -13.31
N GLU K 242 68.71 -48.65 -13.21
CA GLU K 242 69.19 -49.84 -12.52
C GLU K 242 70.63 -49.50 -12.10
N PRO K 243 71.18 -50.11 -11.04
CA PRO K 243 72.54 -49.89 -10.58
C PRO K 243 73.54 -50.61 -11.48
N LYS K 244 73.65 -50.15 -12.72
CA LYS K 244 74.52 -50.79 -13.70
C LYS K 244 75.78 -51.32 -13.02
N GLU L 22 56.59 5.88 6.07
CA GLU L 22 56.94 4.47 6.05
C GLU L 22 57.05 3.88 7.44
N ILE L 23 56.29 2.83 7.69
CA ILE L 23 56.36 2.14 8.96
C ILE L 23 57.21 0.92 8.81
N VAL L 24 58.27 0.87 9.60
CA VAL L 24 59.21 -0.20 9.51
C VAL L 24 59.00 -1.21 10.61
N MET L 25 58.77 -2.45 10.18
CA MET L 25 58.53 -3.57 11.08
C MET L 25 59.48 -4.72 10.81
N THR L 26 60.03 -5.30 11.87
CA THR L 26 60.86 -6.47 11.70
C THR L 26 60.47 -7.57 12.66
N GLN L 27 61.00 -8.76 12.42
CA GLN L 27 60.67 -9.89 13.27
C GLN L 27 61.85 -10.76 13.67
N SER L 28 61.70 -11.43 14.81
CA SER L 28 62.73 -12.33 15.32
C SER L 28 62.17 -13.48 16.18
N PRO L 29 62.77 -14.69 16.08
CA PRO L 29 63.84 -15.16 15.23
C PRO L 29 63.31 -15.39 13.84
N ALA L 30 64.16 -15.40 12.82
CA ALA L 30 63.65 -15.75 11.49
C ALA L 30 63.09 -17.18 11.50
N THR L 31 63.76 -18.07 12.23
CA THR L 31 63.31 -19.44 12.35
C THR L 31 63.28 -19.85 13.82
N LEU L 32 62.15 -20.39 14.24
CA LEU L 32 62.02 -20.87 15.61
C LEU L 32 61.95 -22.40 15.58
N SER L 33 62.66 -23.08 16.48
CA SER L 33 62.58 -24.55 16.52
C SER L 33 61.84 -25.01 17.76
N VAL L 34 60.71 -25.68 17.55
CA VAL L 34 59.87 -26.06 18.68
C VAL L 34 59.57 -27.54 18.76
N SER L 35 59.76 -28.11 19.93
CA SER L 35 59.42 -29.50 20.18
C SER L 35 57.89 -29.52 20.31
N PRO L 36 57.13 -30.30 19.52
CA PRO L 36 55.68 -30.32 19.58
C PRO L 36 55.24 -30.61 21.00
N GLY L 37 54.21 -29.89 21.43
CA GLY L 37 53.66 -30.00 22.76
C GLY L 37 54.17 -28.89 23.69
N GLU L 38 55.25 -28.22 23.29
CA GLU L 38 55.79 -27.13 24.08
C GLU L 38 55.15 -25.86 23.58
N ARG L 39 55.14 -24.82 24.39
CA ARG L 39 54.63 -23.53 23.94
C ARG L 39 55.67 -22.88 23.06
N ALA L 40 55.25 -21.99 22.19
CA ALA L 40 56.17 -21.29 21.31
C ALA L 40 55.98 -19.80 21.30
N THR L 41 57.07 -19.04 21.21
CA THR L 41 56.96 -17.58 21.11
C THR L 41 57.74 -16.95 19.98
N LEU L 42 57.13 -15.90 19.40
CA LEU L 42 57.67 -15.07 18.33
C LEU L 42 57.51 -13.59 18.65
N SER L 43 58.42 -12.73 18.19
CA SER L 43 58.16 -11.31 18.46
C SER L 43 58.44 -10.38 17.29
N CYS L 44 57.73 -9.24 17.37
CA CYS L 44 57.81 -8.17 16.39
C CYS L 44 58.26 -6.84 17.01
N ARG L 45 58.99 -6.07 16.22
CA ARG L 45 59.47 -4.74 16.63
C ARG L 45 59.25 -3.67 15.57
N ALA L 46 58.84 -2.48 16.01
CA ALA L 46 58.61 -1.37 15.10
C ALA L 46 59.53 -0.22 15.41
N SER L 47 59.85 0.57 14.39
CA SER L 47 60.66 1.77 14.57
C SER L 47 59.80 2.99 14.89
N GLN L 48 58.50 2.84 14.77
CA GLN L 48 57.55 3.91 15.05
C GLN L 48 56.54 3.40 16.04
N SER L 49 55.61 4.25 16.46
CA SER L 49 54.55 3.78 17.35
C SER L 49 53.34 3.42 16.57
N VAL L 50 52.91 2.20 16.78
CA VAL L 50 51.79 1.65 16.10
C VAL L 50 50.91 1.01 17.13
N SER L 51 50.93 1.61 18.32
CA SER L 51 50.33 1.07 19.53
C SER L 51 48.86 0.77 19.53
N SER L 52 48.07 1.45 18.73
CA SER L 52 46.65 1.17 18.77
C SER L 52 46.28 -0.06 17.95
N ASN L 53 47.13 -0.49 17.01
CA ASN L 53 46.73 -1.57 16.11
C ASN L 53 47.78 -2.50 15.50
N LEU L 54 48.15 -3.52 16.23
CA LEU L 54 48.99 -4.58 15.67
C LEU L 54 48.16 -5.79 15.33
N ALA L 55 48.61 -6.58 14.37
CA ALA L 55 47.93 -7.83 14.07
C ALA L 55 48.90 -8.91 13.61
N TRP L 56 48.47 -10.17 13.83
CA TRP L 56 49.22 -11.35 13.40
C TRP L 56 48.43 -12.24 12.47
N TYR L 57 49.13 -12.76 11.46
CA TYR L 57 48.55 -13.66 10.46
C TYR L 57 49.32 -14.96 10.35
N GLN L 58 48.60 -16.03 10.01
CA GLN L 58 49.18 -17.36 9.80
C GLN L 58 49.08 -17.83 8.36
N GLN L 59 50.22 -18.14 7.76
CA GLN L 59 50.27 -18.59 6.38
C GLN L 59 50.64 -20.06 6.20
N LYS L 60 49.77 -20.76 5.52
CA LYS L 60 49.95 -22.16 5.21
C LYS L 60 50.71 -22.24 3.91
N PRO L 61 51.61 -23.17 3.71
CA PRO L 61 52.26 -23.31 2.44
C PRO L 61 51.18 -23.72 1.47
N GLY L 62 51.16 -23.11 0.29
CA GLY L 62 50.20 -23.50 -0.73
C GLY L 62 48.78 -22.91 -0.57
N GLN L 63 48.56 -22.07 0.45
CA GLN L 63 47.21 -21.53 0.67
C GLN L 63 47.21 -20.09 1.21
N ALA L 64 46.13 -19.37 0.97
CA ALA L 64 45.95 -18.02 1.46
C ALA L 64 46.04 -18.01 2.98
N PRO L 65 46.58 -16.95 3.59
CA PRO L 65 46.73 -16.76 5.03
C PRO L 65 45.42 -16.47 5.73
N ARG L 66 45.43 -16.65 7.05
CA ARG L 66 44.28 -16.29 7.87
C ARG L 66 44.69 -15.41 9.05
N LEU L 67 43.76 -14.56 9.49
CA LEU L 67 43.99 -13.69 10.64
C LEU L 67 43.86 -14.41 11.96
N LEU L 68 44.84 -14.22 12.86
CA LEU L 68 44.76 -14.83 14.18
C LEU L 68 44.52 -13.84 15.30
N ILE L 69 45.29 -12.74 15.27
CA ILE L 69 45.20 -11.73 16.33
C ILE L 69 45.02 -10.34 15.76
N TYR L 70 44.06 -9.58 16.29
CA TYR L 70 43.85 -8.22 15.81
C TYR L 70 43.64 -7.29 17.00
N GLY L 71 43.84 -6.00 16.80
CA GLY L 71 43.58 -5.10 17.94
C GLY L 71 44.67 -5.33 18.96
N ALA L 72 45.85 -5.67 18.47
CA ALA L 72 47.03 -6.02 19.22
C ALA L 72 46.89 -7.39 19.84
N SER L 73 45.95 -7.58 20.77
CA SER L 73 45.83 -8.88 21.46
C SER L 73 44.46 -9.60 21.40
N THR L 74 43.54 -9.20 20.54
CA THR L 74 42.24 -9.86 20.50
C THR L 74 42.24 -11.04 19.55
N ARG L 75 41.73 -12.19 19.98
CA ARG L 75 41.70 -13.32 19.08
C ARG L 75 40.65 -13.13 18.02
N ALA L 76 40.98 -13.49 16.79
CA ALA L 76 40.04 -13.45 15.69
C ALA L 76 39.00 -14.53 15.90
N THR L 77 37.79 -14.28 15.43
CA THR L 77 36.73 -15.26 15.55
C THR L 77 37.13 -16.56 14.88
N GLY L 78 36.95 -17.67 15.59
CA GLY L 78 37.27 -19.00 15.07
C GLY L 78 38.65 -19.51 15.51
N ILE L 79 39.43 -18.67 16.15
CA ILE L 79 40.76 -19.04 16.61
C ILE L 79 40.74 -19.67 18.01
N PRO L 80 41.33 -20.87 18.18
CA PRO L 80 41.43 -21.60 19.43
C PRO L 80 42.16 -20.82 20.52
N ALA L 81 41.81 -21.10 21.77
CA ALA L 81 42.34 -20.43 22.97
C ALA L 81 43.86 -20.57 23.12
N ARG L 82 44.44 -21.57 22.48
CA ARG L 82 45.88 -21.79 22.57
C ARG L 82 46.65 -20.60 21.96
N PHE L 83 45.98 -19.80 21.11
CA PHE L 83 46.64 -18.67 20.47
C PHE L 83 46.45 -17.38 21.26
N SER L 84 47.55 -16.75 21.62
CA SER L 84 47.49 -15.50 22.38
C SER L 84 48.71 -14.63 22.14
N GLY L 85 48.83 -13.56 22.91
CA GLY L 85 49.93 -12.62 22.81
C GLY L 85 49.62 -11.28 23.49
N SER L 86 50.65 -10.47 23.67
CA SER L 86 50.52 -9.16 24.30
C SER L 86 51.65 -8.19 24.00
N GLY L 87 51.29 -6.91 23.88
CA GLY L 87 52.25 -5.85 23.62
C GLY L 87 51.55 -4.54 23.27
N SER L 88 52.37 -3.53 23.02
CA SER L 88 51.94 -2.16 22.72
C SER L 88 53.10 -1.36 22.17
N GLY L 89 52.86 -0.14 21.74
CA GLY L 89 53.99 0.71 21.35
C GLY L 89 54.76 0.18 20.17
N THR L 90 56.03 -0.13 20.43
CA THR L 90 56.97 -0.62 19.45
C THR L 90 57.29 -2.12 19.59
N GLU L 91 56.66 -2.83 20.53
CA GLU L 91 56.99 -4.25 20.71
C GLU L 91 55.84 -5.15 21.11
N PHE L 92 55.78 -6.33 20.49
CA PHE L 92 54.72 -7.31 20.80
C PHE L 92 55.16 -8.77 20.66
N THR L 93 54.72 -9.61 21.60
CA THR L 93 55.03 -11.04 21.52
C THR L 93 53.80 -11.93 21.34
N LEU L 94 53.90 -12.87 20.40
CA LEU L 94 52.88 -13.88 20.13
C LEU L 94 53.26 -15.16 20.81
N THR L 95 52.28 -15.81 21.44
CA THR L 95 52.51 -17.09 22.08
C THR L 95 51.49 -18.13 21.68
N ILE L 96 51.95 -19.33 21.36
CA ILE L 96 51.01 -20.41 21.14
C ILE L 96 51.24 -21.46 22.22
N SER L 97 50.23 -21.70 23.04
CA SER L 97 50.37 -22.69 24.09
C SER L 97 50.36 -24.06 23.48
N SER L 98 51.13 -25.00 24.02
CA SER L 98 51.08 -26.37 23.52
C SER L 98 51.09 -26.43 22.00
N LEU L 99 52.16 -25.96 21.36
CA LEU L 99 52.16 -25.88 19.90
C LEU L 99 51.92 -27.28 19.30
N GLN L 100 50.96 -27.39 18.38
CA GLN L 100 50.66 -28.68 17.75
C GLN L 100 51.24 -28.76 16.36
N SER L 101 51.28 -29.95 15.75
CA SER L 101 51.90 -30.06 14.42
C SER L 101 51.19 -29.19 13.37
N GLU L 102 49.89 -28.97 13.53
CA GLU L 102 49.13 -28.14 12.60
C GLU L 102 49.41 -26.65 12.75
N ASP L 103 50.11 -26.28 13.82
CA ASP L 103 50.39 -24.89 14.11
C ASP L 103 51.78 -24.49 13.61
N PHE L 104 52.48 -25.40 12.95
CA PHE L 104 53.78 -25.00 12.44
C PHE L 104 53.45 -24.33 11.11
N ALA L 105 53.78 -23.06 11.04
CA ALA L 105 53.39 -22.19 9.95
C ALA L 105 54.24 -20.94 9.90
N VAL L 106 54.05 -20.16 8.84
CA VAL L 106 54.70 -18.87 8.73
C VAL L 106 53.83 -17.82 9.41
N TYR L 107 54.41 -17.02 10.27
CA TYR L 107 53.62 -15.99 10.93
C TYR L 107 54.11 -14.60 10.55
N TYR L 108 53.16 -13.66 10.39
CA TYR L 108 53.53 -12.28 10.04
C TYR L 108 52.90 -11.21 10.91
N CYS L 109 53.65 -10.12 11.11
CA CYS L 109 53.11 -8.90 11.74
C CYS L 109 52.74 -7.81 10.77
N GLN L 110 51.64 -7.12 11.10
CA GLN L 110 51.11 -6.00 10.33
C GLN L 110 50.70 -4.80 11.18
N GLN L 111 50.93 -3.58 10.67
CA GLN L 111 50.58 -2.36 11.42
C GLN L 111 49.44 -1.61 10.78
N TYR L 112 48.45 -1.15 11.59
CA TYR L 112 47.32 -0.40 10.99
C TYR L 112 47.33 1.06 11.39
N ASN L 113 48.38 1.58 11.98
CA ASN L 113 48.32 2.95 12.46
C ASN L 113 48.67 4.02 11.43
N ASN L 114 49.15 3.58 10.28
CA ASN L 114 49.62 4.42 9.20
C ASN L 114 49.46 3.60 7.95
N TRP L 115 49.86 4.13 6.81
CA TRP L 115 49.70 3.34 5.61
C TRP L 115 50.24 1.97 5.89
N TRP L 116 49.47 0.97 5.50
CA TRP L 116 49.77 -0.42 5.79
C TRP L 116 51.06 -0.94 5.21
N THR L 117 51.84 -1.59 6.05
CA THR L 117 53.06 -2.28 5.69
C THR L 117 53.05 -3.58 6.48
N PHE L 118 53.92 -4.50 6.09
CA PHE L 118 54.10 -5.78 6.78
C PHE L 118 55.56 -5.98 7.13
N GLY L 119 55.82 -6.79 8.14
CA GLY L 119 57.19 -7.16 8.45
C GLY L 119 57.60 -8.31 7.52
N GLN L 120 58.84 -8.79 7.65
CA GLN L 120 59.31 -9.86 6.79
C GLN L 120 58.64 -11.21 7.04
N GLY L 121 58.33 -11.49 8.30
CA GLY L 121 57.73 -12.75 8.69
C GLY L 121 58.76 -13.74 9.20
N THR L 122 58.29 -14.67 10.03
CA THR L 122 59.10 -15.72 10.62
C THR L 122 58.44 -17.07 10.44
N LYS L 123 59.20 -18.15 10.57
CA LYS L 123 58.58 -19.46 10.46
C LYS L 123 58.94 -20.37 11.62
N VAL L 124 58.00 -21.22 11.99
CA VAL L 124 58.29 -22.16 13.05
C VAL L 124 58.46 -23.56 12.45
N GLU L 125 59.59 -24.19 12.76
CA GLU L 125 59.96 -25.53 12.28
C GLU L 125 59.91 -26.56 13.41
N ILE L 126 59.73 -27.82 13.07
CA ILE L 126 59.66 -28.87 14.08
C ILE L 126 61.05 -29.24 14.57
N LYS L 127 61.24 -29.24 15.89
CA LYS L 127 62.52 -29.63 16.47
C LYS L 127 62.66 -31.16 16.41
N ARG L 128 63.83 -31.62 15.96
CA ARG L 128 64.14 -33.05 15.78
C ARG L 128 65.57 -33.37 16.20
N THR L 129 65.81 -34.63 16.52
CA THR L 129 67.15 -35.11 16.81
C THR L 129 68.08 -34.87 15.61
N VAL L 130 69.25 -34.32 15.91
CA VAL L 130 70.25 -33.99 14.90
C VAL L 130 71.04 -35.21 14.45
N ALA L 131 71.14 -35.38 13.13
CA ALA L 131 71.88 -36.51 12.59
C ALA L 131 72.32 -36.28 11.16
N ALA L 132 73.47 -36.87 10.80
CA ALA L 132 74.07 -36.86 9.46
C ALA L 132 73.20 -37.59 8.43
N PRO L 133 73.20 -37.20 7.14
CA PRO L 133 72.48 -37.83 6.05
C PRO L 133 73.21 -39.05 5.51
N SER L 134 72.49 -39.92 4.83
CA SER L 134 73.15 -40.91 4.01
C SER L 134 73.67 -40.13 2.80
N VAL L 135 74.87 -40.42 2.31
CA VAL L 135 75.38 -39.63 1.18
C VAL L 135 75.59 -40.51 -0.06
N PHE L 136 75.01 -40.10 -1.18
CA PHE L 136 75.10 -40.86 -2.43
C PHE L 136 75.59 -39.98 -3.59
N ILE L 137 76.27 -40.59 -4.57
CA ILE L 137 76.67 -39.83 -5.77
C ILE L 137 76.24 -40.55 -7.05
N PHE L 138 75.75 -39.78 -8.00
CA PHE L 138 75.36 -40.27 -9.31
C PHE L 138 76.18 -39.56 -10.39
N PRO L 139 77.23 -40.14 -10.97
CA PRO L 139 78.04 -39.49 -11.97
C PRO L 139 77.13 -39.35 -13.17
N PRO L 140 77.37 -38.43 -14.12
CA PRO L 140 76.58 -38.24 -15.31
C PRO L 140 76.34 -39.51 -16.09
N SER L 141 75.08 -39.73 -16.41
CA SER L 141 74.62 -40.89 -17.15
C SER L 141 74.84 -40.77 -18.64
N ASP L 142 74.71 -41.90 -19.33
CA ASP L 142 74.96 -41.99 -20.75
C ASP L 142 74.09 -41.06 -21.59
N GLU L 143 72.83 -40.89 -21.22
CA GLU L 143 71.95 -40.07 -22.02
C GLU L 143 72.28 -38.58 -21.96
N GLN L 144 72.64 -38.08 -20.77
CA GLN L 144 72.98 -36.67 -20.71
C GLN L 144 74.31 -36.40 -21.38
N LEU L 145 75.21 -37.40 -21.38
CA LEU L 145 76.50 -37.21 -22.02
C LEU L 145 76.35 -37.26 -23.53
N LYS L 146 75.45 -38.11 -24.04
CA LYS L 146 75.17 -38.16 -25.47
C LYS L 146 74.53 -36.86 -25.92
N SER L 147 73.71 -36.28 -25.04
CA SER L 147 73.01 -35.04 -25.31
C SER L 147 73.96 -33.83 -25.32
N GLY L 148 75.11 -33.95 -24.64
CA GLY L 148 76.11 -32.89 -24.65
C GLY L 148 76.31 -32.11 -23.36
N THR L 149 75.71 -32.54 -22.27
CA THR L 149 75.87 -31.83 -21.01
C THR L 149 76.36 -32.76 -19.95
N ALA L 150 76.68 -32.21 -18.79
CA ALA L 150 77.04 -33.07 -17.70
C ALA L 150 76.56 -32.48 -16.37
N SER L 151 75.90 -33.30 -15.59
CA SER L 151 75.44 -32.93 -14.28
C SER L 151 75.65 -34.09 -13.31
N VAL L 152 76.55 -33.84 -12.35
CA VAL L 152 76.94 -34.85 -11.38
C VAL L 152 76.00 -34.65 -10.20
N VAL L 153 75.27 -35.69 -9.78
CA VAL L 153 74.26 -35.45 -8.74
C VAL L 153 74.65 -35.98 -7.36
N CYS L 154 74.55 -35.11 -6.36
CA CYS L 154 74.84 -35.47 -4.98
C CYS L 154 73.55 -35.48 -4.18
N LEU L 155 73.27 -36.64 -3.59
CA LEU L 155 72.04 -36.82 -2.82
C LEU L 155 72.30 -37.04 -1.35
N LEU L 156 71.65 -36.21 -0.53
CA LEU L 156 71.82 -36.35 0.91
C LEU L 156 70.47 -36.67 1.54
N ASN L 157 70.36 -37.82 2.19
CA ASN L 157 69.07 -38.20 2.77
C ASN L 157 69.01 -38.19 4.29
N ASN L 158 67.97 -37.53 4.81
CA ASN L 158 67.63 -37.37 6.21
C ASN L 158 68.57 -36.60 7.11
N PHE L 159 69.19 -35.55 6.59
CA PHE L 159 69.96 -34.69 7.46
C PHE L 159 69.03 -33.75 8.19
N TYR L 160 69.30 -33.56 9.46
CA TYR L 160 68.58 -32.58 10.26
C TYR L 160 69.61 -31.86 11.11
N PRO L 161 69.52 -30.52 11.24
CA PRO L 161 68.59 -29.48 10.74
C PRO L 161 68.79 -29.10 9.29
N ARG L 162 67.92 -28.28 8.73
CA ARG L 162 68.15 -27.84 7.36
C ARG L 162 69.19 -26.72 7.24
N GLU L 163 70.45 -27.10 7.48
CA GLU L 163 71.61 -26.23 7.42
C GLU L 163 72.87 -27.09 7.20
N ALA L 164 73.44 -27.03 6.01
CA ALA L 164 74.58 -27.89 5.71
C ALA L 164 75.44 -27.30 4.60
N LYS L 165 76.70 -27.72 4.52
CA LYS L 165 77.53 -27.28 3.42
C LYS L 165 77.89 -28.38 2.44
N VAL L 166 77.63 -28.12 1.17
CA VAL L 166 78.03 -29.05 0.12
C VAL L 166 78.92 -28.35 -0.89
N GLN L 167 80.05 -28.98 -1.21
CA GLN L 167 80.96 -28.42 -2.19
C GLN L 167 81.44 -29.47 -3.17
N TRP L 168 81.79 -29.03 -4.36
CA TRP L 168 82.24 -29.95 -5.37
C TRP L 168 83.72 -29.89 -5.69
N LYS L 169 84.28 -31.07 -5.99
CA LYS L 169 85.66 -31.20 -6.44
C LYS L 169 85.82 -31.94 -7.76
N VAL L 170 86.85 -31.52 -8.51
CA VAL L 170 87.27 -32.20 -9.74
C VAL L 170 88.77 -32.49 -9.65
N ASP L 171 89.15 -33.76 -9.51
CA ASP L 171 90.57 -34.10 -9.34
C ASP L 171 91.19 -33.28 -8.22
N ASN L 172 90.43 -33.17 -7.14
CA ASN L 172 90.72 -32.46 -5.89
C ASN L 172 90.77 -30.93 -6.00
N ALA L 173 90.40 -30.35 -7.13
CA ALA L 173 90.31 -28.91 -7.23
C ALA L 173 88.90 -28.48 -6.86
N LEU L 174 88.75 -27.36 -6.16
CA LEU L 174 87.42 -26.87 -5.84
C LEU L 174 86.82 -26.08 -6.96
N GLN L 175 85.51 -26.18 -7.11
CA GLN L 175 84.78 -25.39 -8.08
C GLN L 175 83.69 -24.57 -7.43
N SER L 176 83.33 -23.47 -8.08
CA SER L 176 82.25 -22.62 -7.62
C SER L 176 81.62 -21.91 -8.82
N GLY L 177 80.39 -21.40 -8.64
CA GLY L 177 79.69 -20.61 -9.65
C GLY L 177 79.03 -21.47 -10.72
N ASN L 178 79.16 -22.77 -10.55
CA ASN L 178 78.69 -23.76 -11.49
C ASN L 178 78.02 -24.94 -10.79
N SER L 179 76.96 -24.68 -10.04
CA SER L 179 76.27 -25.71 -9.30
C SER L 179 74.82 -25.35 -9.07
N GLN L 180 74.04 -26.37 -8.71
CA GLN L 180 72.63 -26.18 -8.37
C GLN L 180 72.32 -26.86 -7.07
N GLU L 181 71.37 -26.31 -6.32
CA GLU L 181 70.92 -26.95 -5.09
C GLU L 181 69.44 -26.74 -4.86
N SER L 182 68.77 -27.81 -4.46
CA SER L 182 67.34 -27.80 -4.14
C SER L 182 67.08 -28.62 -2.89
N VAL L 183 66.33 -28.02 -1.98
CA VAL L 183 66.05 -28.67 -0.71
C VAL L 183 64.56 -28.75 -0.50
N THR L 184 64.10 -29.88 0.01
CA THR L 184 62.68 -30.10 0.25
C THR L 184 62.20 -29.40 1.52
N GLU L 185 60.88 -29.36 1.65
CA GLU L 185 60.22 -28.83 2.83
C GLU L 185 60.32 -29.87 3.92
N GLN L 186 60.23 -29.44 5.17
CA GLN L 186 60.29 -30.39 6.26
C GLN L 186 59.15 -31.37 6.14
N ASP L 187 59.47 -32.64 6.34
CA ASP L 187 58.49 -33.70 6.27
C ASP L 187 57.52 -33.67 7.43
N SER L 188 56.25 -33.46 7.13
CA SER L 188 55.26 -33.39 8.20
C SER L 188 55.09 -34.72 8.92
N LYS L 189 55.56 -35.82 8.33
CA LYS L 189 55.49 -37.10 9.01
C LYS L 189 56.73 -37.36 9.87
N ASP L 190 57.92 -37.45 9.27
CA ASP L 190 59.12 -37.79 10.07
C ASP L 190 60.01 -36.60 10.50
N SER L 191 59.57 -35.36 10.20
CA SER L 191 60.24 -34.07 10.51
C SER L 191 61.65 -33.95 9.92
N THR L 192 61.88 -34.67 8.85
CA THR L 192 63.14 -34.74 8.16
C THR L 192 63.24 -33.96 6.87
N TYR L 193 64.45 -34.01 6.28
CA TYR L 193 64.75 -33.31 5.03
C TYR L 193 65.50 -34.15 4.00
N SER L 194 65.35 -33.76 2.73
CA SER L 194 66.11 -34.34 1.62
C SER L 194 66.80 -33.19 0.83
N LEU L 195 68.04 -33.41 0.41
CA LEU L 195 68.79 -32.41 -0.39
C LEU L 195 69.35 -32.99 -1.68
N SER L 196 69.23 -32.24 -2.76
CA SER L 196 69.79 -32.65 -4.03
C SER L 196 70.51 -31.49 -4.68
N SER L 197 71.75 -31.75 -5.08
CA SER L 197 72.55 -30.71 -5.70
C SER L 197 73.37 -31.27 -6.83
N THR L 198 73.81 -30.38 -7.73
CA THR L 198 74.60 -30.82 -8.86
C THR L 198 75.86 -30.01 -9.13
N LEU L 199 76.78 -30.67 -9.82
CA LEU L 199 78.00 -30.09 -10.38
C LEU L 199 77.68 -29.89 -11.84
N THR L 200 77.63 -28.66 -12.34
CA THR L 200 77.20 -28.49 -13.73
C THR L 200 78.32 -28.04 -14.66
N LEU L 201 78.40 -28.70 -15.81
CA LEU L 201 79.42 -28.42 -16.82
C LEU L 201 78.97 -29.02 -18.18
N SER L 202 79.66 -28.75 -19.29
CA SER L 202 79.28 -29.38 -20.56
C SER L 202 79.91 -30.78 -20.64
N LYS L 203 79.50 -31.64 -21.60
CA LYS L 203 80.18 -32.95 -21.64
C LYS L 203 81.67 -32.75 -21.90
N ALA L 204 82.00 -31.69 -22.64
CA ALA L 204 83.37 -31.38 -23.00
C ALA L 204 84.20 -31.06 -21.78
N ASP L 205 83.57 -30.49 -20.75
CA ASP L 205 84.31 -30.13 -19.56
C ASP L 205 84.41 -31.35 -18.70
N TYR L 206 83.39 -32.18 -18.75
CA TYR L 206 83.35 -33.40 -17.97
C TYR L 206 84.56 -34.26 -18.33
N GLU L 207 84.85 -34.33 -19.62
CA GLU L 207 85.96 -35.11 -20.16
C GLU L 207 87.35 -34.58 -19.77
N LYS L 208 87.44 -33.37 -19.18
CA LYS L 208 88.72 -32.76 -18.79
C LYS L 208 89.26 -33.29 -17.47
N HIS L 209 88.43 -34.00 -16.70
CA HIS L 209 88.85 -34.47 -15.37
C HIS L 209 88.46 -35.94 -15.18
N LYS L 210 89.15 -36.63 -14.28
CA LYS L 210 88.78 -38.03 -14.08
C LYS L 210 87.95 -38.29 -12.84
N VAL L 211 88.23 -37.66 -11.72
CA VAL L 211 87.43 -37.99 -10.55
C VAL L 211 86.55 -36.86 -10.06
N TYR L 212 85.27 -37.16 -10.05
CA TYR L 212 84.28 -36.19 -9.62
C TYR L 212 83.86 -36.53 -8.22
N ALA L 213 83.75 -35.51 -7.36
CA ALA L 213 83.37 -35.83 -5.99
C ALA L 213 82.53 -34.77 -5.27
N CYS L 214 81.66 -35.28 -4.41
CA CYS L 214 80.78 -34.45 -3.58
C CYS L 214 81.25 -34.50 -2.15
N GLU L 215 81.65 -33.36 -1.60
CA GLU L 215 82.13 -33.32 -0.23
C GLU L 215 81.18 -32.55 0.66
N VAL L 216 80.74 -33.18 1.73
CA VAL L 216 79.82 -32.51 2.61
C VAL L 216 80.24 -32.41 4.07
N THR L 217 79.85 -31.29 4.66
CA THR L 217 80.08 -30.99 6.07
C THR L 217 78.76 -30.70 6.79
N HIS L 218 78.60 -31.38 7.91
CA HIS L 218 77.40 -31.27 8.72
C HIS L 218 77.73 -31.21 10.19
N GLN L 219 76.85 -30.62 11.00
CA GLN L 219 77.06 -30.62 12.46
C GLN L 219 76.85 -32.03 13.03
N GLY L 220 76.23 -32.90 12.23
CA GLY L 220 75.94 -34.27 12.61
C GLY L 220 77.11 -35.20 12.25
N LEU L 221 78.19 -34.65 11.69
CA LEU L 221 79.35 -35.44 11.28
C LEU L 221 80.62 -35.10 12.03
N SER L 222 81.30 -36.14 12.50
CA SER L 222 82.57 -35.98 13.19
C SER L 222 83.71 -35.66 12.22
N SER L 223 83.48 -35.95 10.94
CA SER L 223 84.46 -35.71 9.89
C SER L 223 83.71 -35.56 8.56
N PRO L 224 84.25 -34.82 7.56
CA PRO L 224 83.68 -34.64 6.23
C PRO L 224 83.48 -35.96 5.51
N VAL L 225 82.40 -36.02 4.75
CA VAL L 225 82.08 -37.20 3.98
C VAL L 225 82.15 -36.95 2.50
N THR L 226 82.93 -37.78 1.81
CA THR L 226 83.06 -37.61 0.36
C THR L 226 82.72 -38.86 -0.42
N LYS L 227 81.93 -38.67 -1.45
CA LYS L 227 81.62 -39.75 -2.38
C LYS L 227 82.21 -39.35 -3.71
N SER L 228 82.70 -40.33 -4.49
CA SER L 228 83.31 -39.98 -5.76
C SER L 228 83.22 -41.06 -6.82
N PHE L 229 83.46 -40.65 -8.06
CA PHE L 229 83.51 -41.56 -9.21
C PHE L 229 84.60 -41.22 -10.22
N ASN L 230 85.33 -42.24 -10.66
CA ASN L 230 86.41 -42.10 -11.65
C ASN L 230 85.96 -42.41 -13.09
N ARG L 231 85.97 -41.39 -13.93
CA ARG L 231 85.57 -41.44 -15.32
C ARG L 231 86.79 -41.25 -16.22
#